data_6ZLF
#
_entry.id   6ZLF
#
_cell.length_a   75.025
_cell.length_b   162.553
_cell.length_c   134.376
_cell.angle_alpha   90.000
_cell.angle_beta   93.750
_cell.angle_gamma   90.000
#
_symmetry.space_group_name_H-M   'P 1 21 1'
#
loop_
_entity.id
_entity.type
_entity.pdbx_description
1 polymer 'Coenzyme F420H2 oxidase (FprA)'
2 non-polymer HEXANE-1,6-DIOL
3 non-polymer MU-OXO-DIIRON
4 non-polymer KRYPTON
5 non-polymer 'FLAVIN MONONUCLEOTIDE'
6 non-polymer 'CHLORIDE ION'
7 water water
#
_entity_poly.entity_id   1
_entity_poly.type   'polypeptide(L)'
_entity_poly.pdbx_seq_one_letter_code
;MKADAVKIADGVYWVGVLDWDIRMYHGYTLNGTTYNAYLVFGDDKVALIDNTYPGTSAQMWGRIKDACEKEGREFKIDVI
VQNHVEKDHSGALPEIHKKFPEAPIYCTEVAVEGLVKHFPSLKGAPFKVVKSLESIDLGGKTLTFLEAPLLHWPDSMFTL
YAEEGILFSNDAFGQHLCFTQRFDHEIPENILMDANQKFYANLITPLSKLVLKKFKEVIELGLLEKIKMIAPSHGQIWTD
PMKVIGAYQDFATGKCKDKVTIVYDTMHGSTQKMAHAFAEGIMSEGVDVKMYFLHNDERSEIVKDILDSKAFLLGAPTIY
DEPFPSVGDLIYYLKGLKFNRTGLKRLALAFGSMGGNGGGTKVLAEKLKECGFEVLDEYELYYVPTEDELEKCYNMGKRL
AVKVKEMKTE
;
_entity_poly.pdbx_strand_id   A,F,G,H,I,J,K,L
#
# COMPACT_ATOMS: atom_id res chain seq x y z
N MET A 1 -6.40 24.80 17.40
N MET A 1 -5.54 22.58 17.33
CA MET A 1 -6.54 23.41 16.95
CA MET A 1 -6.65 23.51 17.41
C MET A 1 -7.81 22.76 17.50
C MET A 1 -7.94 22.74 17.64
N LYS A 2 -8.25 21.71 16.83
CA LYS A 2 -9.43 20.92 17.17
C LYS A 2 -9.00 19.78 18.10
N ALA A 3 -9.60 19.74 19.30
CA ALA A 3 -9.26 18.76 20.32
C ALA A 3 -10.48 18.57 21.22
N ASP A 4 -10.86 17.31 21.51
CA ASP A 4 -12.09 17.04 22.25
C ASP A 4 -11.90 17.17 23.75
N ALA A 5 -12.92 17.71 24.44
CA ALA A 5 -12.97 17.71 25.90
C ALA A 5 -13.39 16.32 26.35
N VAL A 6 -13.14 15.97 27.63
CA VAL A 6 -13.55 14.68 28.19
C VAL A 6 -14.46 14.94 29.38
N LYS A 7 -15.69 14.45 29.34
CA LYS A 7 -16.63 14.66 30.45
C LYS A 7 -16.21 13.81 31.65
N ILE A 8 -16.15 14.42 32.84
CA ILE A 8 -15.80 13.69 34.07
C ILE A 8 -16.98 13.64 35.06
N ALA A 9 -18.01 14.46 34.83
CA ALA A 9 -19.26 14.45 35.60
C ALA A 9 -20.26 15.31 34.84
N ASP A 10 -21.54 15.34 35.26
CA ASP A 10 -22.51 16.19 34.57
C ASP A 10 -22.06 17.65 34.59
N GLY A 11 -21.92 18.24 33.42
CA GLY A 11 -21.47 19.62 33.29
C GLY A 11 -20.05 19.89 33.74
N VAL A 12 -19.19 18.85 33.83
CA VAL A 12 -17.78 19.03 34.24
C VAL A 12 -16.89 18.32 33.22
N TYR A 13 -15.91 19.02 32.67
CA TYR A 13 -15.06 18.45 31.62
C TYR A 13 -13.58 18.65 31.93
N TRP A 14 -12.76 17.67 31.59
CA TRP A 14 -11.31 17.83 31.54
C TRP A 14 -11.03 18.55 30.21
N VAL A 15 -10.35 19.70 30.28
CA VAL A 15 -9.97 20.48 29.10
C VAL A 15 -8.44 20.73 29.16
N GLY A 16 -7.70 19.72 29.58
CA GLY A 16 -6.25 19.82 29.79
C GLY A 16 -5.40 19.65 28.54
N VAL A 17 -4.09 19.50 28.76
CA VAL A 17 -3.10 19.45 27.70
C VAL A 17 -2.26 18.19 27.89
N LEU A 18 -2.08 17.42 26.81
CA LEU A 18 -1.21 16.27 26.78
C LEU A 18 0.17 16.73 26.33
N ASP A 19 1.14 16.79 27.25
CA ASP A 19 2.51 17.11 26.89
C ASP A 19 3.23 15.81 26.53
N TRP A 20 2.94 15.28 25.36
CA TRP A 20 3.44 13.97 24.91
C TRP A 20 4.97 13.85 24.94
N ASP A 21 5.65 14.91 24.57
CA ASP A 21 7.05 14.82 24.19
C ASP A 21 8.06 15.24 25.25
N ILE A 22 7.62 15.89 26.34
CA ILE A 22 8.56 16.29 27.39
C ILE A 22 9.19 15.05 28.06
N ARG A 23 10.51 15.07 28.27
CA ARG A 23 11.20 13.94 28.89
C ARG A 23 11.88 14.32 30.21
N MET A 24 12.08 15.62 30.47
CA MET A 24 12.72 16.12 31.70
C MET A 24 11.96 17.35 32.15
N TYR A 25 11.63 17.49 33.42
CA TYR A 25 10.79 18.60 33.91
C TYR A 25 11.31 19.02 35.28
N HIS A 26 12.24 19.96 35.37
CA HIS A 26 12.94 20.40 36.59
C HIS A 26 13.84 19.30 37.19
N GLY A 27 14.46 18.50 36.33
CA GLY A 27 15.28 17.37 36.78
C GLY A 27 14.50 16.10 37.08
N TYR A 28 13.19 16.11 36.85
CA TYR A 28 12.28 14.96 37.06
C TYR A 28 12.12 14.26 35.70
N THR A 29 12.57 13.03 35.54
CA THR A 29 12.45 12.32 34.27
C THR A 29 11.04 11.77 34.12
N LEU A 30 10.54 11.75 32.91
CA LEU A 30 9.19 11.26 32.69
C LEU A 30 9.00 10.98 31.20
N ASN A 31 7.94 10.23 30.86
CA ASN A 31 7.61 9.93 29.47
C ASN A 31 6.39 10.76 29.12
N GLY A 32 6.56 12.08 29.17
CA GLY A 32 5.48 13.02 28.99
C GLY A 32 4.67 13.22 30.26
N THR A 33 3.86 14.28 30.27
CA THR A 33 2.93 14.51 31.37
C THR A 33 1.71 15.21 30.83
N THR A 34 0.78 15.57 31.71
CA THR A 34 -0.38 16.37 31.32
C THR A 34 -0.47 17.58 32.24
N TYR A 35 -1.11 18.64 31.76
CA TYR A 35 -1.46 19.81 32.56
C TYR A 35 -2.97 19.82 32.60
N ASN A 36 -3.55 19.31 33.67
CA ASN A 36 -4.99 19.13 33.74
C ASN A 36 -5.68 20.43 34.13
N ALA A 37 -6.60 20.87 33.27
CA ALA A 37 -7.47 22.02 33.52
C ALA A 37 -8.89 21.50 33.43
N TYR A 38 -9.84 22.12 34.17
CA TYR A 38 -11.21 21.62 34.23
C TYR A 38 -12.21 22.75 34.02
N LEU A 39 -13.33 22.44 33.36
CA LEU A 39 -14.35 23.42 33.03
C LEU A 39 -15.65 22.99 33.67
N VAL A 40 -16.21 23.82 34.57
CA VAL A 40 -17.41 23.50 35.33
C VAL A 40 -18.55 24.39 34.83
N PHE A 41 -19.60 23.78 34.28
CA PHE A 41 -20.73 24.52 33.72
C PHE A 41 -21.86 24.65 34.74
N GLY A 42 -21.88 25.76 35.44
CA GLY A 42 -23.03 26.12 36.27
C GLY A 42 -24.14 26.64 35.38
N ASP A 43 -25.36 26.75 35.90
CA ASP A 43 -26.49 27.27 35.12
C ASP A 43 -26.25 28.74 34.74
N ASP A 44 -25.60 29.49 35.63
CA ASP A 44 -25.35 30.92 35.43
C ASP A 44 -23.91 31.19 34.97
N LYS A 45 -22.91 30.52 35.56
CA LYS A 45 -21.51 30.81 35.30
C LYS A 45 -20.71 29.58 34.91
N VAL A 46 -19.81 29.72 33.93
CA VAL A 46 -18.88 28.68 33.52
C VAL A 46 -17.52 29.01 34.12
N ALA A 47 -16.95 28.07 34.90
CA ALA A 47 -15.71 28.31 35.62
C ALA A 47 -14.57 27.44 35.08
N LEU A 48 -13.41 28.05 34.81
CA LEU A 48 -12.22 27.31 34.40
C LEU A 48 -11.31 27.14 35.61
N ILE A 49 -10.95 25.89 35.93
CA ILE A 49 -10.07 25.59 37.06
C ILE A 49 -8.70 25.24 36.52
N ASP A 50 -7.71 26.13 36.77
CA ASP A 50 -6.34 25.97 36.31
C ASP A 50 -6.24 25.99 34.78
N ASN A 51 -5.02 26.03 34.26
CA ASN A 51 -4.84 26.06 32.82
C ASN A 51 -3.58 25.31 32.43
N THR A 52 -2.53 25.94 31.85
CA THR A 52 -1.44 25.15 31.31
C THR A 52 -0.14 25.95 31.18
N TYR A 53 0.94 25.24 30.82
CA TYR A 53 2.28 25.79 30.65
C TYR A 53 2.32 26.82 29.52
N PRO A 54 3.10 27.93 29.62
CA PRO A 54 3.12 28.90 28.50
C PRO A 54 3.47 28.28 27.15
N GLY A 55 2.73 28.65 26.12
CA GLY A 55 2.95 28.15 24.77
C GLY A 55 2.28 26.83 24.46
N THR A 56 1.56 26.23 25.43
CA THR A 56 0.93 24.91 25.22
C THR A 56 -0.60 24.98 25.25
N SER A 57 -1.20 26.18 25.08
CA SER A 57 -2.64 26.34 25.25
C SER A 57 -3.49 25.91 24.03
N ALA A 58 -2.88 25.57 22.88
CA ALA A 58 -3.67 25.20 21.69
C ALA A 58 -4.66 24.09 21.99
N GLN A 59 -4.21 22.98 22.60
CA GLN A 59 -5.11 21.89 22.99
C GLN A 59 -6.19 22.39 23.96
N MET A 60 -5.80 23.15 24.99
CA MET A 60 -6.73 23.61 26.02
C MET A 60 -7.88 24.42 25.39
N TRP A 61 -7.56 25.39 24.54
CA TRP A 61 -8.59 26.22 23.90
C TRP A 61 -9.52 25.38 23.02
N GLY A 62 -8.95 24.41 22.30
CA GLY A 62 -9.73 23.46 21.50
C GLY A 62 -10.72 22.68 22.33
N ARG A 63 -10.26 22.17 23.49
CA ARG A 63 -11.13 21.39 24.38
C ARG A 63 -12.19 22.28 25.05
N ILE A 64 -11.85 23.53 25.40
CA ILE A 64 -12.83 24.45 25.98
C ILE A 64 -13.94 24.72 24.95
N LYS A 65 -13.57 25.02 23.71
CA LYS A 65 -14.56 25.25 22.64
C LYS A 65 -15.43 24.02 22.43
N ASP A 66 -14.81 22.81 22.43
CA ASP A 66 -15.56 21.56 22.27
C ASP A 66 -16.58 21.36 23.41
N ALA A 67 -16.16 21.63 24.66
CA ALA A 67 -17.05 21.48 25.82
C ALA A 67 -18.23 22.45 25.75
N CYS A 68 -17.97 23.72 25.42
CA CYS A 68 -19.04 24.71 25.28
C CYS A 68 -20.05 24.28 24.21
N GLU A 69 -19.55 23.78 23.07
CA GLU A 69 -20.39 23.27 21.99
C GLU A 69 -21.24 22.10 22.47
N LYS A 70 -20.65 21.16 23.22
CA LYS A 70 -21.39 20.00 23.75
C LYS A 70 -22.47 20.42 24.76
N GLU A 71 -22.23 21.53 25.48
CA GLU A 71 -23.18 22.03 26.47
C GLU A 71 -24.24 22.98 25.87
N GLY A 72 -24.12 23.30 24.59
CA GLY A 72 -25.01 24.27 23.95
C GLY A 72 -24.83 25.67 24.51
N ARG A 73 -23.60 26.02 24.91
CA ARG A 73 -23.30 27.32 25.50
C ARG A 73 -22.38 28.08 24.56
N GLU A 74 -22.27 29.37 24.79
CA GLU A 74 -21.37 30.26 24.03
C GLU A 74 -19.92 29.97 24.45
N PHE A 75 -18.98 30.21 23.56
CA PHE A 75 -17.57 30.08 23.94
C PHE A 75 -17.24 31.24 24.90
N LYS A 76 -17.45 31.01 26.20
CA LYS A 76 -17.30 32.04 27.21
C LYS A 76 -16.92 31.44 28.57
N ILE A 77 -15.98 32.09 29.26
CA ILE A 77 -15.60 31.75 30.62
C ILE A 77 -16.04 32.91 31.50
N ASP A 78 -16.80 32.62 32.55
CA ASP A 78 -17.29 33.64 33.48
C ASP A 78 -16.44 33.75 34.72
N VAL A 79 -15.79 32.64 35.13
CA VAL A 79 -15.04 32.56 36.38
C VAL A 79 -13.72 31.85 36.12
N ILE A 80 -12.61 32.38 36.66
CA ILE A 80 -11.29 31.75 36.53
C ILE A 80 -10.81 31.38 37.95
N VAL A 81 -10.42 30.12 38.16
CA VAL A 81 -9.85 29.67 39.42
C VAL A 81 -8.38 29.32 39.17
N GLN A 82 -7.48 29.84 40.02
CA GLN A 82 -6.05 29.56 39.90
C GLN A 82 -5.59 28.96 41.22
N ASN A 83 -5.55 27.61 41.27
CA ASN A 83 -5.24 26.87 42.50
C ASN A 83 -3.79 27.05 42.96
N HIS A 84 -2.89 27.40 42.03
CA HIS A 84 -1.45 27.35 42.28
C HIS A 84 -0.78 28.29 41.25
N VAL A 85 0.27 29.02 41.66
CA VAL A 85 0.87 30.02 40.76
C VAL A 85 1.92 29.45 39.81
N GLU A 86 2.46 28.25 40.08
CA GLU A 86 3.52 27.67 39.24
C GLU A 86 3.07 27.63 37.77
N LYS A 87 3.95 28.05 36.85
CA LYS A 87 3.57 28.33 35.46
C LYS A 87 3.10 27.13 34.64
N ASP A 88 3.31 25.89 35.11
CA ASP A 88 2.71 24.72 34.44
C ASP A 88 1.19 24.69 34.61
N HIS A 89 0.63 25.44 35.57
CA HIS A 89 -0.82 25.54 35.74
C HIS A 89 -1.38 26.95 35.57
N SER A 90 -0.51 27.98 35.51
CA SER A 90 -0.95 29.38 35.40
C SER A 90 -0.47 30.05 34.11
N GLY A 91 0.34 29.35 33.31
CA GLY A 91 1.01 29.93 32.15
C GLY A 91 0.09 30.52 31.08
N ALA A 92 -1.15 30.05 30.98
CA ALA A 92 -2.11 30.61 30.01
C ALA A 92 -3.02 31.66 30.66
N LEU A 93 -2.81 31.98 31.95
CA LEU A 93 -3.65 32.97 32.62
C LEU A 93 -3.62 34.35 31.92
N PRO A 94 -2.46 34.83 31.43
CA PRO A 94 -2.46 36.09 30.68
C PRO A 94 -3.37 36.08 29.44
N GLU A 95 -3.38 34.96 28.69
CA GLU A 95 -4.25 34.86 27.50
C GLU A 95 -5.70 34.76 27.91
N ILE A 96 -6.00 33.96 28.95
CA ILE A 96 -7.38 33.77 29.39
C ILE A 96 -7.94 35.11 29.87
N HIS A 97 -7.16 35.86 30.67
CA HIS A 97 -7.58 37.18 31.16
C HIS A 97 -7.78 38.16 30.00
N LYS A 98 -6.87 38.15 29.00
CA LYS A 98 -7.02 39.03 27.83
C LYS A 98 -8.30 38.71 27.06
N LYS A 99 -8.64 37.42 26.90
CA LYS A 99 -9.84 37.01 26.17
C LYS A 99 -11.12 37.31 26.98
N PHE A 100 -11.09 37.09 28.29
CA PHE A 100 -12.25 37.29 29.16
C PHE A 100 -11.87 38.23 30.31
N PRO A 101 -11.72 39.53 30.01
CA PRO A 101 -11.19 40.47 31.02
C PRO A 101 -12.10 40.77 32.21
N GLU A 102 -13.39 40.44 32.11
CA GLU A 102 -14.33 40.68 33.21
C GLU A 102 -14.48 39.46 34.12
N ALA A 103 -13.90 38.31 33.74
CA ALA A 103 -14.01 37.10 34.57
C ALA A 103 -13.15 37.25 35.81
N PRO A 104 -13.71 37.18 37.03
CA PRO A 104 -12.84 37.30 38.22
C PRO A 104 -11.91 36.11 38.39
N ILE A 105 -10.70 36.37 38.89
CA ILE A 105 -9.68 35.34 39.09
C ILE A 105 -9.65 35.02 40.59
N TYR A 106 -10.14 33.83 40.96
CA TYR A 106 -10.13 33.40 42.36
C TYR A 106 -8.81 32.70 42.69
N CYS A 107 -8.14 33.15 43.74
CA CYS A 107 -6.86 32.58 44.17
C CYS A 107 -6.58 33.01 45.61
N THR A 108 -5.52 32.48 46.24
CA THR A 108 -5.18 32.86 47.61
C THR A 108 -4.58 34.27 47.63
N GLU A 109 -4.43 34.87 48.82
CA GLU A 109 -3.88 36.23 48.92
C GLU A 109 -2.45 36.29 48.40
N VAL A 110 -1.59 35.34 48.84
CA VAL A 110 -0.20 35.34 48.38
C VAL A 110 -0.09 35.03 46.88
N ALA A 111 -1.06 34.28 46.31
CA ALA A 111 -1.06 34.00 44.87
C ALA A 111 -1.11 35.27 44.02
N VAL A 112 -1.85 36.31 44.46
CA VAL A 112 -1.99 37.51 43.65
C VAL A 112 -0.63 38.13 43.33
N GLU A 113 0.21 38.37 44.35
CA GLU A 113 1.52 38.97 44.12
C GLU A 113 2.40 38.05 43.29
N GLY A 114 2.31 36.75 43.54
CA GLY A 114 3.08 35.76 42.79
C GLY A 114 2.71 35.71 41.32
N LEU A 115 1.40 35.78 41.02
CA LEU A 115 0.92 35.77 39.63
C LEU A 115 1.31 37.04 38.89
N VAL A 116 1.18 38.20 39.54
CA VAL A 116 1.56 39.46 38.92
C VAL A 116 3.09 39.52 38.71
N LYS A 117 3.88 38.93 39.63
CA LYS A 117 5.35 38.87 39.45
C LYS A 117 5.70 37.96 38.27
N HIS A 118 4.98 36.85 38.07
CA HIS A 118 5.19 35.97 36.92
C HIS A 118 4.73 36.65 35.63
N PHE A 119 3.54 37.29 35.67
CA PHE A 119 2.87 37.81 34.48
C PHE A 119 2.48 39.29 34.67
N PRO A 120 3.37 40.22 34.29
CA PRO A 120 3.09 41.66 34.50
C PRO A 120 1.81 42.18 33.86
N SER A 121 1.31 41.55 32.78
CA SER A 121 0.06 41.96 32.13
C SER A 121 -1.18 41.76 33.03
N LEU A 122 -1.05 40.98 34.12
CA LEU A 122 -2.15 40.77 35.06
C LEU A 122 -2.28 41.89 36.09
N LYS A 123 -1.37 42.88 36.09
CA LYS A 123 -1.51 44.04 36.99
C LYS A 123 -2.83 44.74 36.64
N GLY A 124 -3.71 44.86 37.62
CA GLY A 124 -5.03 45.44 37.41
C GLY A 124 -6.10 44.44 36.98
N ALA A 125 -5.79 43.13 36.97
CA ALA A 125 -6.78 42.11 36.62
C ALA A 125 -7.76 41.93 37.78
N PRO A 126 -8.99 41.46 37.53
CA PRO A 126 -9.98 41.36 38.62
C PRO A 126 -9.75 40.16 39.56
N PHE A 127 -8.68 40.22 40.36
CA PHE A 127 -8.41 39.18 41.34
C PHE A 127 -9.43 39.22 42.46
N LYS A 128 -9.85 38.05 42.94
CA LYS A 128 -10.74 37.94 44.08
C LYS A 128 -10.12 36.97 45.08
N VAL A 129 -9.56 37.50 46.17
CA VAL A 129 -8.87 36.70 47.17
C VAL A 129 -9.88 35.78 47.86
N VAL A 130 -9.50 34.49 48.07
CA VAL A 130 -10.33 33.55 48.81
C VAL A 130 -9.61 33.02 50.04
N LYS A 131 -10.39 32.57 51.03
CA LYS A 131 -9.91 31.95 52.26
C LYS A 131 -10.60 30.60 52.41
N SER A 132 -10.08 29.72 53.27
CA SER A 132 -10.62 28.37 53.46
C SER A 132 -12.11 28.40 53.80
N LEU A 133 -12.88 27.47 53.20
CA LEU A 133 -14.32 27.29 53.41
C LEU A 133 -15.20 28.39 52.80
N GLU A 134 -14.62 29.39 52.11
CA GLU A 134 -15.41 30.36 51.36
C GLU A 134 -15.85 29.68 50.05
N SER A 135 -17.07 30.00 49.58
CA SER A 135 -17.63 29.36 48.39
C SER A 135 -18.15 30.38 47.39
N ILE A 136 -18.37 29.92 46.18
CA ILE A 136 -19.01 30.74 45.12
C ILE A 136 -20.08 29.87 44.47
N ASP A 137 -21.18 30.47 44.07
CA ASP A 137 -22.29 29.77 43.42
C ASP A 137 -22.21 30.00 41.91
N LEU A 138 -22.21 28.92 41.12
CA LEU A 138 -22.19 29.03 39.66
C LEU A 138 -23.60 28.85 39.09
N GLY A 139 -24.56 28.51 39.95
CA GLY A 139 -25.93 28.23 39.55
C GLY A 139 -26.17 26.73 39.51
N GLY A 140 -26.56 26.17 40.65
CA GLY A 140 -26.74 24.74 40.80
C GLY A 140 -25.46 23.97 41.09
N LYS A 141 -24.30 24.65 41.07
CA LYS A 141 -23.00 24.07 41.38
C LYS A 141 -22.25 25.03 42.26
N THR A 142 -21.62 24.53 43.32
CA THR A 142 -20.89 25.35 44.27
C THR A 142 -19.42 24.95 44.26
N LEU A 143 -18.52 25.94 44.22
CA LEU A 143 -17.08 25.71 44.37
C LEU A 143 -16.66 26.22 45.74
N THR A 144 -16.06 25.35 46.58
CA THR A 144 -15.57 25.70 47.90
C THR A 144 -14.06 25.63 47.91
N PHE A 145 -13.41 26.67 48.41
CA PHE A 145 -11.95 26.74 48.42
C PHE A 145 -11.41 26.26 49.76
N LEU A 146 -10.28 25.53 49.74
CA LEU A 146 -9.61 25.03 50.95
C LEU A 146 -8.16 25.45 50.80
N GLU A 147 -7.60 26.21 51.74
CA GLU A 147 -6.22 26.67 51.64
C GLU A 147 -5.32 25.49 51.94
N ALA A 148 -4.24 25.35 51.19
CA ALA A 148 -3.31 24.26 51.44
C ALA A 148 -1.89 24.79 51.31
N PRO A 149 -1.52 25.78 52.16
CA PRO A 149 -0.18 26.38 52.04
C PRO A 149 0.93 25.36 52.25
N LEU A 150 1.97 25.45 51.42
CA LEU A 150 3.10 24.51 51.38
C LEU A 150 2.65 23.08 51.02
N LEU A 151 1.57 22.95 50.22
CA LEU A 151 1.16 21.67 49.63
C LEU A 151 0.87 21.95 48.14
N HIS A 152 1.91 22.32 47.34
CA HIS A 152 3.32 22.30 47.74
C HIS A 152 3.98 23.69 47.85
N TRP A 153 3.30 24.79 47.45
CA TRP A 153 3.83 26.16 47.54
C TRP A 153 2.98 26.99 48.52
N PRO A 154 3.44 28.17 49.01
CA PRO A 154 2.61 28.95 49.95
C PRO A 154 1.28 29.47 49.39
N ASP A 155 1.15 29.55 48.06
CA ASP A 155 -0.05 30.00 47.35
C ASP A 155 -1.07 28.88 47.12
N SER A 156 -0.68 27.62 47.32
CA SER A 156 -1.51 26.49 46.92
C SER A 156 -2.86 26.43 47.63
N MET A 157 -3.89 26.03 46.89
CA MET A 157 -5.21 25.74 47.46
C MET A 157 -5.86 24.61 46.67
N PHE A 158 -6.89 24.01 47.25
CA PHE A 158 -7.74 23.06 46.55
C PHE A 158 -9.09 23.72 46.28
N THR A 159 -9.77 23.27 45.22
CA THR A 159 -11.14 23.71 44.93
C THR A 159 -12.02 22.48 44.95
N LEU A 160 -13.14 22.53 45.70
CA LEU A 160 -14.06 21.41 45.81
C LEU A 160 -15.36 21.76 45.12
N TYR A 161 -15.81 20.94 44.16
CA TYR A 161 -17.16 21.07 43.55
C TYR A 161 -18.03 20.27 44.53
N ALA A 162 -18.64 20.95 45.51
CA ALA A 162 -19.34 20.38 46.67
C ALA A 162 -20.42 19.34 46.35
N GLU A 163 -21.30 19.63 45.38
CA GLU A 163 -22.45 18.75 45.13
C GLU A 163 -22.05 17.34 44.69
N GLU A 164 -20.95 17.21 43.93
CA GLU A 164 -20.49 15.91 43.45
C GLU A 164 -19.27 15.39 44.21
N GLY A 165 -18.74 16.17 45.15
CA GLY A 165 -17.56 15.77 45.92
C GLY A 165 -16.32 15.59 45.06
N ILE A 166 -16.15 16.45 44.04
CA ILE A 166 -14.96 16.39 43.18
C ILE A 166 -13.93 17.36 43.72
N LEU A 167 -12.78 16.85 44.17
CA LEU A 167 -11.72 17.69 44.70
C LEU A 167 -10.69 17.98 43.60
N PHE A 168 -10.56 19.25 43.21
CA PHE A 168 -9.53 19.69 42.30
C PHE A 168 -8.31 20.05 43.15
N SER A 169 -7.41 19.08 43.33
CA SER A 169 -6.33 19.15 44.31
C SER A 169 -5.03 19.79 43.78
N ASN A 170 -5.03 20.24 42.52
CA ASN A 170 -3.82 20.73 41.86
C ASN A 170 -2.70 19.68 41.95
N ASP A 171 -1.45 20.03 42.33
CA ASP A 171 -0.36 19.05 42.31
C ASP A 171 -0.59 17.87 43.25
N ALA A 172 -1.21 18.09 44.42
CA ALA A 172 -1.43 16.98 45.38
C ALA A 172 -2.17 15.82 44.68
N PHE A 173 -1.64 14.58 44.84
CA PHE A 173 -2.20 13.36 44.24
C PHE A 173 -1.98 13.28 42.72
N GLY A 174 -1.18 14.18 42.15
CA GLY A 174 -0.84 14.14 40.73
C GLY A 174 0.22 13.09 40.43
N GLN A 175 0.32 12.67 39.18
CA GLN A 175 1.41 11.79 38.73
C GLN A 175 1.80 12.25 37.33
N HIS A 176 3.07 12.15 37.00
CA HIS A 176 3.54 12.57 35.68
C HIS A 176 3.40 11.42 34.69
N LEU A 177 2.19 11.32 34.12
CA LEU A 177 1.84 10.29 33.14
C LEU A 177 1.11 10.94 32.01
N CYS A 178 1.37 10.51 30.77
CA CYS A 178 0.68 11.05 29.61
C CYS A 178 0.11 9.89 28.78
N PHE A 179 -1.17 9.60 29.00
CA PHE A 179 -1.91 8.56 28.31
C PHE A 179 -3.16 9.17 27.70
N THR A 180 -3.74 8.48 26.70
CA THR A 180 -5.05 8.88 26.15
C THR A 180 -6.13 8.61 27.20
N GLN A 181 -5.91 7.63 28.07
CA GLN A 181 -6.85 7.29 29.14
C GLN A 181 -6.74 8.36 30.24
N ARG A 182 -7.89 8.84 30.77
CA ARG A 182 -7.89 9.94 31.74
C ARG A 182 -8.06 9.50 33.19
N PHE A 183 -8.58 8.29 33.43
CA PHE A 183 -8.93 7.86 34.78
C PHE A 183 -7.97 6.80 35.33
N ASP A 184 -7.89 6.74 36.67
CA ASP A 184 -7.04 5.80 37.38
C ASP A 184 -7.30 4.33 36.97
N HIS A 185 -8.58 3.94 36.86
CA HIS A 185 -8.95 2.54 36.58
C HIS A 185 -8.66 2.08 35.14
N GLU A 186 -8.34 3.02 34.23
CA GLU A 186 -8.13 2.67 32.83
C GLU A 186 -6.68 2.29 32.47
N ILE A 187 -5.73 2.43 33.41
CA ILE A 187 -4.34 2.06 33.13
C ILE A 187 -3.88 0.98 34.13
N PRO A 188 -2.80 0.24 33.84
CA PRO A 188 -2.34 -0.77 34.81
C PRO A 188 -2.02 -0.16 36.17
N GLU A 189 -2.51 -0.79 37.24
CA GLU A 189 -2.29 -0.31 38.62
C GLU A 189 -0.80 -0.09 38.94
N ASN A 190 0.07 -1.01 38.51
CA ASN A 190 1.51 -0.88 38.79
C ASN A 190 2.08 0.44 38.21
N ILE A 191 1.67 0.82 36.99
CA ILE A 191 2.12 2.07 36.36
C ILE A 191 1.63 3.26 37.18
N LEU A 192 0.34 3.25 37.52
CA LEU A 192 -0.30 4.34 38.26
C LEU A 192 0.36 4.54 39.63
N MET A 193 0.49 3.46 40.41
CA MET A 193 1.02 3.58 41.77
C MET A 193 2.54 3.82 41.78
N ASP A 194 3.27 3.35 40.76
CA ASP A 194 4.70 3.66 40.65
C ASP A 194 4.88 5.16 40.36
N ALA A 195 4.05 5.72 39.45
CA ALA A 195 4.14 7.15 39.13
C ALA A 195 3.69 8.00 40.33
N ASN A 196 2.68 7.54 41.06
CA ASN A 196 2.24 8.23 42.26
C ASN A 196 3.36 8.25 43.31
N GLN A 197 4.06 7.11 43.47
CA GLN A 197 5.16 6.99 44.42
C GLN A 197 6.30 7.95 44.03
N LYS A 198 6.61 8.02 42.74
CA LYS A 198 7.66 8.92 42.25
C LYS A 198 7.29 10.37 42.53
N PHE A 199 6.01 10.71 42.33
CA PHE A 199 5.55 12.09 42.54
C PHE A 199 5.63 12.46 44.02
N TYR A 200 5.15 11.59 44.91
CA TYR A 200 5.28 11.80 46.36
C TYR A 200 6.76 11.97 46.74
N ALA A 201 7.63 11.02 46.33
CA ALA A 201 9.04 11.03 46.71
C ALA A 201 9.74 12.34 46.36
N ASN A 202 9.48 12.85 45.15
CA ASN A 202 10.17 14.05 44.67
C ASN A 202 9.53 15.37 45.10
N LEU A 203 8.21 15.39 45.30
CA LEU A 203 7.49 16.64 45.57
C LEU A 203 6.88 16.76 46.96
N ILE A 204 6.55 15.65 47.62
CA ILE A 204 5.79 15.69 48.88
C ILE A 204 6.62 15.31 50.11
N THR A 205 7.68 14.49 49.96
CA THR A 205 8.44 14.00 51.13
C THR A 205 8.68 15.05 52.24
N PRO A 206 9.26 16.23 51.96
CA PRO A 206 9.53 17.18 53.07
C PRO A 206 8.26 17.77 53.69
N LEU A 207 7.11 17.58 53.05
CA LEU A 207 5.81 18.07 53.51
C LEU A 207 5.03 16.97 54.25
N SER A 208 5.67 15.80 54.52
CA SER A 208 4.96 14.64 55.10
C SER A 208 4.19 14.96 56.39
N LYS A 209 4.72 15.82 57.28
CA LYS A 209 4.00 16.21 58.50
C LYS A 209 2.76 17.07 58.18
N LEU A 210 2.87 17.97 57.19
CA LEU A 210 1.75 18.81 56.77
C LEU A 210 0.68 17.97 56.08
N VAL A 211 1.08 16.90 55.36
CA VAL A 211 0.12 15.99 54.73
C VAL A 211 -0.78 15.39 55.81
N LEU A 212 -0.17 14.87 56.87
CA LEU A 212 -0.90 14.27 57.99
C LEU A 212 -1.76 15.31 58.74
N LYS A 213 -1.27 16.55 58.85
CA LYS A 213 -2.03 17.65 59.46
C LYS A 213 -3.25 18.01 58.60
N LYS A 214 -3.07 18.09 57.27
CA LYS A 214 -4.17 18.38 56.34
C LYS A 214 -5.20 17.25 56.36
N PHE A 215 -4.75 16.00 56.53
CA PHE A 215 -5.63 14.84 56.61
C PHE A 215 -6.46 14.89 57.92
N LYS A 216 -5.87 15.34 59.02
CA LYS A 216 -6.57 15.51 60.31
C LYS A 216 -7.65 16.59 60.19
N GLU A 217 -7.31 17.75 59.61
CA GLU A 217 -8.25 18.84 59.36
C GLU A 217 -9.43 18.36 58.51
N VAL A 218 -9.14 17.66 57.40
CA VAL A 218 -10.18 17.17 56.49
C VAL A 218 -11.07 16.12 57.16
N ILE A 219 -10.51 15.26 58.03
CA ILE A 219 -11.30 14.27 58.77
C ILE A 219 -12.15 14.95 59.87
N GLU A 220 -11.62 16.00 60.52
CA GLU A 220 -12.35 16.74 61.55
C GLU A 220 -13.56 17.49 60.97
N LEU A 221 -13.40 18.04 59.75
CA LEU A 221 -14.47 18.69 59.00
C LEU A 221 -15.51 17.68 58.49
N GLY A 222 -15.15 16.39 58.48
CA GLY A 222 -16.01 15.33 58.00
C GLY A 222 -16.06 15.22 56.48
N LEU A 223 -15.13 15.90 55.78
CA LEU A 223 -15.13 15.92 54.32
C LEU A 223 -14.45 14.71 53.68
N LEU A 224 -13.62 13.96 54.42
CA LEU A 224 -12.86 12.84 53.86
C LEU A 224 -13.75 11.83 53.13
N GLU A 225 -14.83 11.37 53.79
CA GLU A 225 -15.73 10.38 53.18
C GLU A 225 -16.66 10.99 52.13
N LYS A 226 -16.76 12.33 52.07
CA LYS A 226 -17.55 13.02 51.03
C LYS A 226 -16.78 13.15 49.69
N ILE A 227 -15.44 12.98 49.68
CA ILE A 227 -14.67 13.07 48.44
C ILE A 227 -14.97 11.86 47.57
N LYS A 228 -15.60 12.06 46.41
CA LYS A 228 -15.95 10.97 45.49
C LYS A 228 -14.95 10.86 44.34
N MET A 229 -14.20 11.93 44.05
CA MET A 229 -13.22 11.92 42.96
C MET A 229 -12.14 12.95 43.26
N ILE A 230 -10.87 12.61 42.96
CA ILE A 230 -9.76 13.57 43.08
C ILE A 230 -9.24 13.82 41.67
N ALA A 231 -9.33 15.06 41.21
CA ALA A 231 -8.94 15.46 39.87
C ALA A 231 -7.70 16.36 39.99
N PRO A 232 -6.48 15.78 39.93
CA PRO A 232 -5.28 16.58 40.20
C PRO A 232 -4.81 17.33 38.95
N SER A 233 -3.73 18.09 39.06
CA SER A 233 -3.24 18.89 37.94
C SER A 233 -2.30 18.14 36.97
N HIS A 234 -1.88 16.90 37.30
CA HIS A 234 -1.07 16.07 36.39
C HIS A 234 -1.57 14.65 36.44
N GLY A 235 -1.63 14.00 35.29
CA GLY A 235 -1.89 12.57 35.21
C GLY A 235 -3.34 12.17 35.38
N GLN A 236 -3.55 10.99 35.97
CA GLN A 236 -4.88 10.37 36.05
C GLN A 236 -5.78 11.01 37.09
N ILE A 237 -7.08 10.92 36.83
CA ILE A 237 -8.12 11.35 37.77
C ILE A 237 -8.50 10.14 38.61
N TRP A 238 -8.52 10.28 39.94
CA TRP A 238 -8.83 9.18 40.86
C TRP A 238 -10.34 9.02 41.03
N THR A 239 -10.90 7.99 40.45
CA THR A 239 -12.29 7.61 40.74
C THR A 239 -12.33 6.81 42.05
N ASP A 240 -11.15 6.39 42.55
CA ASP A 240 -11.00 5.71 43.84
C ASP A 240 -10.09 6.58 44.73
N PRO A 241 -10.63 7.70 45.27
CA PRO A 241 -9.78 8.62 46.04
C PRO A 241 -9.10 8.01 47.26
N MET A 242 -9.76 7.04 47.92
CA MET A 242 -9.14 6.41 49.09
C MET A 242 -7.89 5.60 48.74
N LYS A 243 -7.74 5.18 47.48
CA LYS A 243 -6.52 4.48 47.06
C LYS A 243 -5.29 5.40 47.15
N VAL A 244 -5.40 6.64 46.64
CA VAL A 244 -4.27 7.57 46.68
C VAL A 244 -4.12 8.20 48.08
N ILE A 245 -5.23 8.47 48.78
CA ILE A 245 -5.12 8.99 50.15
C ILE A 245 -4.41 7.96 51.05
N GLY A 246 -4.77 6.68 50.89
CA GLY A 246 -4.11 5.59 51.60
C GLY A 246 -2.63 5.48 51.27
N ALA A 247 -2.25 5.65 49.99
CA ALA A 247 -0.85 5.63 49.58
C ALA A 247 -0.10 6.82 50.24
N TYR A 248 -0.71 8.01 50.25
CA TYR A 248 -0.11 9.18 50.88
C TYR A 248 0.07 8.97 52.40
N GLN A 249 -0.92 8.37 53.06
CA GLN A 249 -0.85 8.06 54.50
C GLN A 249 0.36 7.15 54.77
N ASP A 250 0.55 6.12 53.94
CA ASP A 250 1.66 5.19 54.09
C ASP A 250 3.01 5.88 53.88
N PHE A 251 3.14 6.70 52.83
CA PHE A 251 4.39 7.40 52.55
C PHE A 251 4.67 8.45 53.63
N ALA A 252 3.64 9.11 54.16
CA ALA A 252 3.85 10.15 55.16
C ALA A 252 4.21 9.56 56.54
N THR A 253 3.97 8.25 56.78
CA THR A 253 4.22 7.61 58.09
C THR A 253 5.34 6.55 58.05
N GLY A 254 6.08 6.48 56.95
CA GLY A 254 7.25 5.60 56.89
C GLY A 254 6.97 4.13 56.70
N LYS A 255 5.87 3.78 56.03
CA LYS A 255 5.57 2.37 55.73
C LYS A 255 6.41 1.94 54.51
N CYS A 256 7.41 1.07 54.74
CA CYS A 256 8.39 0.66 53.74
C CYS A 256 8.36 -0.84 53.53
N LYS A 257 9.00 -1.29 52.44
CA LYS A 257 9.16 -2.70 52.11
C LYS A 257 10.49 -3.22 52.65
N ASP A 258 10.66 -4.56 52.65
CA ASP A 258 11.95 -5.18 52.99
C ASP A 258 12.82 -5.05 51.77
N LYS A 259 13.44 -3.87 51.63
CA LYS A 259 14.03 -3.43 50.37
C LYS A 259 15.15 -2.45 50.68
N VAL A 260 16.24 -2.55 49.91
CA VAL A 260 17.40 -1.68 50.06
C VAL A 260 17.64 -1.00 48.72
N THR A 261 17.86 0.32 48.72
CA THR A 261 18.28 1.01 47.52
C THR A 261 19.78 1.24 47.63
N ILE A 262 20.53 0.84 46.59
CA ILE A 262 21.98 0.99 46.56
C ILE A 262 22.32 1.98 45.46
N VAL A 263 23.14 2.98 45.77
CA VAL A 263 23.53 3.99 44.80
C VAL A 263 25.03 4.07 44.85
N TYR A 264 25.70 4.14 43.70
CA TYR A 264 27.14 4.32 43.72
C TYR A 264 27.62 5.04 42.48
N ASP A 265 28.86 5.53 42.52
CA ASP A 265 29.58 5.92 41.32
C ASP A 265 30.97 5.30 41.39
N THR A 266 31.66 5.23 40.25
CA THR A 266 32.96 4.60 40.16
C THR A 266 33.71 5.22 38.98
N MET A 267 35.03 5.20 39.06
CA MET A 267 35.90 5.58 37.94
C MET A 267 36.50 4.32 37.32
N HIS A 268 37.09 3.46 38.15
CA HIS A 268 37.81 2.26 37.71
C HIS A 268 37.10 0.93 38.08
N GLY A 269 35.86 0.99 38.55
CA GLY A 269 35.05 -0.21 38.79
C GLY A 269 35.11 -0.85 40.16
N SER A 270 35.98 -0.38 41.07
CA SER A 270 36.11 -1.05 42.37
C SER A 270 34.91 -0.81 43.29
N THR A 271 34.39 0.43 43.31
CA THR A 271 33.21 0.73 44.13
C THR A 271 31.99 -0.03 43.55
N GLN A 272 31.95 -0.21 42.22
CA GLN A 272 30.90 -1.01 41.58
C GLN A 272 30.94 -2.45 42.06
N LYS A 273 32.13 -3.06 42.08
CA LYS A 273 32.28 -4.44 42.57
C LYS A 273 31.80 -4.57 44.03
N MET A 274 32.14 -3.57 44.87
CA MET A 274 31.67 -3.55 46.25
C MET A 274 30.14 -3.49 46.28
N ALA A 275 29.53 -2.55 45.51
CA ALA A 275 28.07 -2.38 45.47
C ALA A 275 27.37 -3.70 45.14
N HIS A 276 27.88 -4.39 44.10
CA HIS A 276 27.29 -5.66 43.66
C HIS A 276 27.47 -6.75 44.74
N ALA A 277 28.57 -6.73 45.49
CA ALA A 277 28.80 -7.70 46.57
C ALA A 277 27.88 -7.44 47.77
N PHE A 278 27.65 -6.15 48.13
CA PHE A 278 26.65 -5.84 49.17
C PHE A 278 25.28 -6.38 48.75
N ALA A 279 24.89 -6.19 47.48
CA ALA A 279 23.61 -6.67 46.96
C ALA A 279 23.47 -8.18 47.13
N GLU A 280 24.53 -8.94 46.84
CA GLU A 280 24.49 -10.40 46.99
C GLU A 280 24.19 -10.82 48.44
N GLY A 281 24.82 -10.15 49.40
CA GLY A 281 24.57 -10.41 50.81
C GLY A 281 23.14 -10.09 51.22
N ILE A 282 22.61 -8.95 50.73
CA ILE A 282 21.24 -8.55 51.02
C ILE A 282 20.25 -9.58 50.43
N MET A 283 20.47 -9.96 49.16
CA MET A 283 19.60 -10.91 48.49
C MET A 283 19.63 -12.29 49.15
N SER A 284 20.75 -12.69 49.76
CA SER A 284 20.84 -13.97 50.47
C SER A 284 19.82 -14.06 51.64
N GLU A 285 19.31 -12.91 52.11
CA GLU A 285 18.30 -12.86 53.18
C GLU A 285 16.87 -12.64 52.64
N GLY A 286 16.70 -12.75 51.33
CA GLY A 286 15.39 -12.54 50.71
C GLY A 286 14.92 -11.10 50.71
N VAL A 287 15.86 -10.14 50.90
CA VAL A 287 15.53 -8.71 50.90
C VAL A 287 15.75 -8.15 49.48
N ASP A 288 14.83 -7.31 49.00
CA ASP A 288 14.90 -6.79 47.63
C ASP A 288 15.97 -5.71 47.52
N VAL A 289 16.50 -5.52 46.32
CA VAL A 289 17.54 -4.55 46.04
C VAL A 289 17.14 -3.74 44.81
N LYS A 290 17.36 -2.43 44.85
CA LYS A 290 17.35 -1.59 43.65
C LYS A 290 18.75 -0.99 43.54
N MET A 291 19.36 -1.11 42.35
CA MET A 291 20.75 -0.72 42.16
C MET A 291 20.77 0.45 41.19
N TYR A 292 21.49 1.53 41.55
CA TYR A 292 21.61 2.72 40.71
C TYR A 292 23.07 3.10 40.57
N PHE A 293 23.47 3.42 39.34
CA PHE A 293 24.82 3.84 39.01
C PHE A 293 24.72 5.30 38.59
N LEU A 294 25.29 6.22 39.38
CA LEU A 294 25.12 7.66 39.14
C LEU A 294 25.65 8.14 37.79
N HIS A 295 26.55 7.41 37.16
CA HIS A 295 27.00 7.75 35.80
C HIS A 295 25.82 7.80 34.82
N ASN A 296 24.85 6.88 34.97
CA ASN A 296 23.76 6.72 34.02
C ASN A 296 22.44 7.19 34.59
N ASP A 297 22.22 6.96 35.89
CA ASP A 297 20.93 7.13 36.52
C ASP A 297 20.80 8.51 37.14
N GLU A 298 19.57 8.92 37.47
CA GLU A 298 19.36 10.26 37.98
C GLU A 298 18.45 10.29 39.20
N ARG A 299 18.49 11.44 39.86
CA ARG A 299 17.99 11.63 41.19
C ARG A 299 16.51 11.28 41.35
N SER A 300 15.66 11.53 40.34
CA SER A 300 14.21 11.36 40.57
C SER A 300 13.77 9.91 40.70
N GLU A 301 14.42 8.97 40.00
CA GLU A 301 14.10 7.54 40.16
C GLU A 301 14.71 7.01 41.46
N ILE A 302 15.92 7.48 41.79
CA ILE A 302 16.57 7.06 43.02
C ILE A 302 15.69 7.36 44.22
N VAL A 303 15.18 8.60 44.33
CA VAL A 303 14.42 8.98 45.54
C VAL A 303 13.06 8.28 45.56
N LYS A 304 12.49 7.93 44.38
CA LYS A 304 11.28 7.11 44.31
C LYS A 304 11.50 5.80 45.06
N ASP A 305 12.62 5.12 44.82
CA ASP A 305 12.90 3.85 45.46
C ASP A 305 13.31 4.00 46.93
N ILE A 306 14.02 5.07 47.30
CA ILE A 306 14.35 5.30 48.71
C ILE A 306 13.06 5.42 49.55
N LEU A 307 12.02 6.06 48.98
CA LEU A 307 10.77 6.31 49.70
C LEU A 307 10.16 5.05 50.34
N ASP A 308 10.20 3.89 49.66
CA ASP A 308 9.69 2.66 50.30
C ASP A 308 10.80 1.63 50.57
N SER A 309 12.05 2.09 50.72
CA SER A 309 13.17 1.26 51.16
C SER A 309 13.39 1.46 52.64
N LYS A 310 13.72 0.40 53.37
CA LYS A 310 14.06 0.53 54.79
C LYS A 310 15.52 0.90 54.96
N ALA A 311 16.34 0.73 53.91
CA ALA A 311 17.75 1.07 53.98
C ALA A 311 18.28 1.62 52.66
N PHE A 312 19.36 2.39 52.77
CA PHE A 312 19.96 3.09 51.65
C PHE A 312 21.49 2.98 51.76
N LEU A 313 22.14 2.45 50.71
CA LEU A 313 23.60 2.33 50.66
C LEU A 313 24.13 3.36 49.66
N LEU A 314 25.19 4.08 50.01
CA LEU A 314 25.78 5.08 49.10
C LEU A 314 27.27 4.87 49.04
N GLY A 315 27.80 4.69 47.83
CA GLY A 315 29.20 4.39 47.64
C GLY A 315 29.86 5.25 46.59
N ALA A 316 31.12 5.63 46.83
CA ALA A 316 31.85 6.39 45.83
C ALA A 316 33.34 6.31 46.13
N PRO A 317 34.19 6.40 45.11
CA PRO A 317 35.62 6.47 45.38
C PRO A 317 36.03 7.85 45.92
N THR A 318 37.26 7.95 46.43
CA THR A 318 37.80 9.21 46.93
C THR A 318 38.58 9.90 45.80
N ILE A 319 38.35 11.21 45.62
CA ILE A 319 39.07 12.04 44.66
C ILE A 319 39.44 13.37 45.36
N TYR A 320 40.75 13.62 45.54
CA TYR A 320 41.23 14.79 46.28
C TYR A 320 40.60 14.92 47.67
N ASP A 321 40.60 13.82 48.45
CA ASP A 321 40.07 13.75 49.82
C ASP A 321 38.54 13.84 49.91
N GLU A 322 37.84 13.93 48.78
CA GLU A 322 36.38 14.08 48.77
C GLU A 322 35.75 12.87 48.12
N PRO A 323 34.46 12.59 48.36
CA PRO A 323 33.79 11.56 47.55
C PRO A 323 33.63 12.04 46.11
N PHE A 324 33.62 11.10 45.15
CA PHE A 324 33.41 11.41 43.74
C PHE A 324 32.25 12.41 43.59
N PRO A 325 32.40 13.50 42.80
CA PRO A 325 31.47 14.63 42.92
C PRO A 325 30.02 14.40 42.56
N SER A 326 29.72 13.39 41.73
CA SER A 326 28.32 13.12 41.37
C SER A 326 27.43 12.86 42.59
N VAL A 327 27.98 12.36 43.71
CA VAL A 327 27.17 12.16 44.92
C VAL A 327 26.64 13.49 45.49
N GLY A 328 27.37 14.58 45.25
CA GLY A 328 26.98 15.91 45.73
C GLY A 328 25.60 16.34 45.26
N ASP A 329 25.25 16.00 44.01
CA ASP A 329 23.93 16.30 43.48
C ASP A 329 22.85 15.57 44.29
N LEU A 330 22.99 14.24 44.45
CA LEU A 330 22.00 13.47 45.19
C LEU A 330 21.93 13.93 46.66
N ILE A 331 23.08 14.18 47.31
CA ILE A 331 23.10 14.61 48.71
C ILE A 331 22.38 15.96 48.88
N TYR A 332 22.62 16.93 47.98
CA TYR A 332 21.92 18.23 48.05
C TYR A 332 20.42 18.01 47.92
N TYR A 333 20.01 17.08 47.06
CA TYR A 333 18.61 16.78 46.87
C TYR A 333 18.00 16.14 48.13
N LEU A 334 18.70 15.14 48.70
CA LEU A 334 18.23 14.48 49.92
C LEU A 334 18.18 15.45 51.11
N LYS A 335 19.10 16.44 51.15
CA LYS A 335 19.04 17.49 52.19
C LYS A 335 17.75 18.29 52.11
N GLY A 336 17.28 18.56 50.90
CA GLY A 336 16.01 19.25 50.69
C GLY A 336 14.81 18.37 50.98
N LEU A 337 14.85 17.08 50.56
CA LEU A 337 13.70 16.19 50.71
C LEU A 337 13.42 15.77 52.15
N LYS A 338 14.46 15.65 53.00
CA LYS A 338 14.30 15.34 54.43
C LYS A 338 13.42 14.11 54.66
N PHE A 339 13.91 12.94 54.23
CA PHE A 339 13.18 11.67 54.40
C PHE A 339 12.84 11.34 55.87
N ASN A 340 13.60 11.88 56.83
CA ASN A 340 13.29 11.70 58.25
C ASN A 340 11.92 12.25 58.63
N ARG A 341 11.37 13.21 57.85
CA ARG A 341 10.04 13.75 58.10
C ARG A 341 8.91 12.74 57.84
N THR A 342 9.22 11.60 57.23
CA THR A 342 8.25 10.51 57.09
C THR A 342 8.06 9.75 58.43
N GLY A 343 8.85 10.08 59.44
CA GLY A 343 8.76 9.41 60.74
C GLY A 343 9.65 8.18 60.84
N LEU A 344 10.50 7.95 59.83
CA LEU A 344 11.41 6.81 59.82
C LEU A 344 12.81 7.30 59.48
N LYS A 345 13.81 6.90 60.25
CA LYS A 345 15.20 7.11 59.87
C LYS A 345 15.70 5.84 59.23
N ARG A 346 15.67 5.80 57.89
CA ARG A 346 16.09 4.62 57.14
C ARG A 346 17.54 4.29 57.46
N LEU A 347 17.87 2.98 57.51
CA LEU A 347 19.22 2.55 57.82
C LEU A 347 20.13 2.88 56.64
N ALA A 348 21.43 3.08 56.90
CA ALA A 348 22.34 3.38 55.81
C ALA A 348 23.75 2.87 56.07
N LEU A 349 24.48 2.60 54.98
CA LEU A 349 25.90 2.27 55.01
C LEU A 349 26.58 3.15 53.97
N ALA A 350 27.79 3.63 54.25
CA ALA A 350 28.61 4.33 53.26
C ALA A 350 29.77 3.41 52.88
N PHE A 351 30.19 3.42 51.62
CA PHE A 351 31.31 2.57 51.20
C PHE A 351 32.07 3.18 50.04
N GLY A 352 33.22 2.62 49.74
CA GLY A 352 34.00 3.11 48.63
C GLY A 352 35.39 2.55 48.56
N SER A 353 36.04 2.75 47.42
CA SER A 353 37.44 2.37 47.25
C SER A 353 38.27 3.66 47.26
N MET A 354 39.57 3.54 47.58
CA MET A 354 40.45 4.70 47.62
C MET A 354 41.87 4.22 47.31
N GLY A 355 42.80 5.15 47.11
CA GLY A 355 44.16 4.79 46.73
C GLY A 355 45.27 5.50 47.51
N GLY A 356 44.92 6.15 48.61
CA GLY A 356 45.91 6.87 49.40
C GLY A 356 45.42 7.11 50.82
N ASN A 357 45.16 8.37 51.16
CA ASN A 357 44.68 8.71 52.50
C ASN A 357 43.19 8.43 52.69
N GLY A 358 42.44 8.25 51.61
CA GLY A 358 41.01 7.97 51.68
C GLY A 358 40.25 9.14 52.28
N GLY A 359 39.13 8.84 52.95
CA GLY A 359 38.32 9.87 53.59
C GLY A 359 36.94 10.09 52.97
N GLY A 360 36.74 9.66 51.73
CA GLY A 360 35.47 9.83 51.04
C GLY A 360 34.29 9.23 51.78
N THR A 361 34.46 8.01 52.34
CA THR A 361 33.35 7.33 53.02
C THR A 361 33.00 8.00 54.34
N LYS A 362 33.97 8.60 55.04
CA LYS A 362 33.66 9.35 56.26
C LYS A 362 32.86 10.61 55.91
N VAL A 363 33.13 11.22 54.74
CA VAL A 363 32.31 12.33 54.28
C VAL A 363 30.90 11.82 53.97
N LEU A 364 30.80 10.70 53.22
CA LEU A 364 29.48 10.13 52.89
C LEU A 364 28.67 9.84 54.15
N ALA A 365 29.30 9.17 55.15
CA ALA A 365 28.63 8.82 56.40
C ALA A 365 28.10 10.09 57.11
N GLU A 366 28.91 11.14 57.13
CA GLU A 366 28.51 12.42 57.74
C GLU A 366 27.33 13.04 57.00
N LYS A 367 27.37 13.03 55.66
CA LYS A 367 26.29 13.60 54.86
C LYS A 367 25.00 12.78 54.99
N LEU A 368 25.11 11.45 55.03
CA LEU A 368 23.93 10.59 55.20
C LEU A 368 23.23 10.90 56.54
N LYS A 369 24.01 11.17 57.61
CA LYS A 369 23.45 11.53 58.91
C LYS A 369 22.74 12.89 58.84
N GLU A 370 23.33 13.85 58.12
CA GLU A 370 22.69 15.16 57.92
C GLU A 370 21.39 15.04 57.14
N CYS A 371 21.27 14.04 56.26
CA CYS A 371 20.06 13.79 55.48
C CYS A 371 19.02 12.95 56.22
N GLY A 372 19.25 12.64 57.48
CA GLY A 372 18.29 11.95 58.33
C GLY A 372 18.36 10.44 58.31
N PHE A 373 19.41 9.85 57.75
CA PHE A 373 19.55 8.39 57.78
C PHE A 373 20.21 7.94 59.07
N GLU A 374 19.97 6.67 59.44
CA GLU A 374 20.62 6.04 60.57
C GLU A 374 21.82 5.26 60.05
N VAL A 375 23.01 5.88 60.05
CA VAL A 375 24.20 5.25 59.48
C VAL A 375 24.77 4.22 60.45
N LEU A 376 24.84 2.95 60.03
CA LEU A 376 25.31 1.86 60.89
C LEU A 376 26.80 1.60 60.75
N ASP A 377 27.37 1.85 59.56
CA ASP A 377 28.79 1.58 59.35
C ASP A 377 29.29 2.27 58.09
N GLU A 378 30.61 2.23 57.89
CA GLU A 378 31.23 2.69 56.66
C GLU A 378 32.41 1.77 56.36
N TYR A 379 32.55 1.37 55.09
CA TYR A 379 33.62 0.45 54.70
C TYR A 379 34.38 1.01 53.52
N GLU A 380 35.65 1.34 53.73
CA GLU A 380 36.50 1.85 52.65
C GLU A 380 37.67 0.88 52.46
N LEU A 381 38.04 0.58 51.22
CA LEU A 381 39.16 -0.33 50.96
C LEU A 381 40.11 0.24 49.92
N TYR A 382 41.25 -0.41 49.77
CA TYR A 382 42.33 0.06 48.90
C TYR A 382 42.20 -0.53 47.49
N TYR A 383 42.04 0.32 46.46
CA TYR A 383 41.96 -0.10 45.07
C TYR A 383 40.99 -1.29 44.84
N VAL A 384 41.45 -2.37 44.15
CA VAL A 384 40.55 -3.43 43.70
C VAL A 384 40.25 -4.39 44.85
N PRO A 385 38.97 -4.67 45.16
CA PRO A 385 38.68 -5.58 46.29
C PRO A 385 39.24 -6.99 46.07
N THR A 386 39.80 -7.60 47.13
CA THR A 386 40.19 -9.00 47.10
C THR A 386 38.93 -9.85 47.32
N GLU A 387 39.08 -11.17 47.22
CA GLU A 387 37.97 -12.10 47.49
C GLU A 387 37.48 -11.94 48.93
N ASP A 388 38.40 -11.82 49.90
CA ASP A 388 38.01 -11.65 51.31
C ASP A 388 37.25 -10.34 51.51
N GLU A 389 37.64 -9.27 50.80
CA GLU A 389 36.96 -7.97 50.93
C GLU A 389 35.56 -8.00 50.31
N LEU A 390 35.37 -8.74 49.20
CA LEU A 390 34.03 -8.91 48.63
C LEU A 390 33.17 -9.81 49.52
N GLU A 391 33.78 -10.76 50.23
CA GLU A 391 33.03 -11.56 51.19
C GLU A 391 32.62 -10.69 52.40
N LYS A 392 33.47 -9.74 52.81
CA LYS A 392 33.10 -8.79 53.87
C LYS A 392 31.90 -7.94 53.42
N CYS A 393 31.89 -7.44 52.16
CA CYS A 393 30.75 -6.69 51.64
C CYS A 393 29.49 -7.54 51.70
N TYR A 394 29.61 -8.81 51.27
CA TYR A 394 28.49 -9.75 51.30
C TYR A 394 27.99 -9.93 52.74
N ASN A 395 28.90 -10.16 53.69
CA ASN A 395 28.52 -10.33 55.10
C ASN A 395 27.87 -9.09 55.69
N MET A 396 28.37 -7.90 55.35
CA MET A 396 27.77 -6.65 55.84
C MET A 396 26.36 -6.48 55.27
N GLY A 397 26.17 -6.79 53.99
CA GLY A 397 24.85 -6.73 53.36
C GLY A 397 23.89 -7.72 53.99
N LYS A 398 24.38 -8.92 54.28
CA LYS A 398 23.60 -9.96 54.95
C LYS A 398 23.16 -9.49 56.34
N ARG A 399 24.09 -8.95 57.14
CA ARG A 399 23.77 -8.43 58.48
C ARG A 399 22.78 -7.25 58.39
N LEU A 400 22.96 -6.35 57.42
CA LEU A 400 22.02 -5.24 57.22
C LEU A 400 20.63 -5.79 56.91
N ALA A 401 20.54 -6.77 55.99
CA ALA A 401 19.25 -7.33 55.57
C ALA A 401 18.52 -8.00 56.76
N VAL A 402 19.28 -8.61 57.68
CA VAL A 402 18.71 -9.16 58.91
C VAL A 402 18.05 -8.03 59.72
N LYS A 403 18.75 -6.89 59.88
CA LYS A 403 18.21 -5.76 60.65
C LYS A 403 17.02 -5.13 59.96
N VAL A 404 17.03 -5.11 58.63
CA VAL A 404 15.91 -4.58 57.84
C VAL A 404 14.66 -5.41 58.12
N LYS A 405 14.76 -6.74 58.10
CA LYS A 405 13.60 -7.60 58.35
C LYS A 405 13.10 -7.47 59.80
N GLU A 406 13.97 -7.09 60.73
CA GLU A 406 13.58 -6.89 62.12
C GLU A 406 12.85 -5.55 62.33
N MET A 407 13.02 -4.56 61.42
CA MET A 407 12.32 -3.27 61.54
C MET A 407 10.83 -3.45 61.31
N LYS A 408 10.01 -2.82 62.14
CA LYS A 408 8.55 -2.89 62.00
C LYS A 408 8.01 -1.60 61.38
N THR A 409 7.39 -1.67 60.18
CA THR A 409 6.76 -0.48 59.60
C THR A 409 5.32 -0.32 60.03
N MET B 1 34.17 -13.63 43.85
N MET B 1 32.30 -11.73 44.32
CA MET B 1 32.98 -13.00 44.39
CA MET B 1 32.78 -13.09 44.17
C MET B 1 32.06 -14.06 45.01
C MET B 1 31.92 -14.09 44.95
N LYS B 2 31.53 -13.80 46.21
CA LYS B 2 30.57 -14.69 46.87
C LYS B 2 29.17 -14.31 46.37
N ALA B 3 28.46 -15.28 45.78
CA ALA B 3 27.14 -15.03 45.20
C ALA B 3 26.36 -16.33 45.21
N ASP B 4 25.10 -16.31 45.67
CA ASP B 4 24.34 -17.56 45.84
C ASP B 4 23.70 -18.02 44.54
N ALA B 5 23.69 -19.35 44.33
CA ALA B 5 22.92 -19.94 43.24
C ALA B 5 21.45 -19.96 43.63
N VAL B 6 20.54 -20.10 42.67
CA VAL B 6 19.11 -20.19 42.96
C VAL B 6 18.60 -21.51 42.40
N LYS B 7 18.06 -22.37 43.26
CA LYS B 7 17.54 -23.66 42.81
C LYS B 7 16.25 -23.46 42.01
N ILE B 8 16.15 -24.09 40.82
CA ILE B 8 14.94 -23.99 39.99
C ILE B 8 14.25 -25.34 39.84
N ALA B 9 14.92 -26.45 40.21
CA ALA B 9 14.36 -27.80 40.24
C ALA B 9 15.36 -28.68 41.01
N ASP B 10 15.00 -29.94 41.30
CA ASP B 10 15.92 -30.81 42.01
C ASP B 10 17.22 -30.99 41.21
N GLY B 11 18.34 -30.62 41.81
CA GLY B 11 19.65 -30.69 41.15
C GLY B 11 19.82 -29.75 39.96
N VAL B 12 19.00 -28.68 39.86
CA VAL B 12 19.12 -27.69 38.78
C VAL B 12 19.16 -26.29 39.39
N TYR B 13 20.16 -25.49 39.02
CA TYR B 13 20.34 -24.15 39.59
C TYR B 13 20.48 -23.11 38.51
N TRP B 14 19.97 -21.91 38.77
CA TRP B 14 20.32 -20.71 38.01
C TRP B 14 21.65 -20.22 38.60
N VAL B 15 22.65 -20.02 37.74
CA VAL B 15 23.97 -19.53 38.16
C VAL B 15 24.37 -18.36 37.28
N GLY B 16 23.39 -17.53 36.95
CA GLY B 16 23.55 -16.44 36.01
C GLY B 16 24.15 -15.19 36.60
N VAL B 17 24.08 -14.11 35.82
CA VAL B 17 24.72 -12.84 36.15
C VAL B 17 23.66 -11.76 36.07
N LEU B 18 23.60 -10.90 37.10
CA LEU B 18 22.74 -9.73 37.10
C LEU B 18 23.55 -8.56 36.57
N ASP B 19 23.26 -8.11 35.34
CA ASP B 19 23.91 -6.92 34.78
C ASP B 19 23.08 -5.70 35.21
N TRP B 20 23.25 -5.28 36.46
CA TRP B 20 22.43 -4.23 37.06
C TRP B 20 22.47 -2.93 36.27
N ASP B 21 23.66 -2.56 35.80
CA ASP B 21 23.95 -1.19 35.40
C ASP B 21 23.91 -0.91 33.90
N ILE B 22 23.83 -1.92 33.05
CA ILE B 22 23.75 -1.69 31.60
C ILE B 22 22.45 -0.96 31.25
N ARG B 23 22.52 0.09 30.39
CA ARG B 23 21.33 0.85 29.99
C ARG B 23 21.09 0.81 28.48
N MET B 24 22.09 0.39 27.70
CA MET B 24 21.99 0.28 26.24
C MET B 24 22.70 -1.00 25.81
N TYR B 25 22.08 -1.88 25.02
CA TYR B 25 22.72 -3.16 24.58
C TYR B 25 22.42 -3.36 23.09
N HIS B 26 23.31 -2.95 22.16
CA HIS B 26 23.15 -2.97 20.70
C HIS B 26 22.05 -2.03 20.22
N GLY B 27 21.89 -0.89 20.88
CA GLY B 27 20.82 0.05 20.55
C GLY B 27 19.48 -0.26 21.21
N TYR B 28 19.44 -1.31 22.04
CA TYR B 28 18.23 -1.72 22.78
C TYR B 28 18.32 -1.08 24.16
N THR B 29 17.40 -0.20 24.53
CA THR B 29 17.44 0.46 25.81
C THR B 29 16.80 -0.45 26.86
N LEU B 30 17.36 -0.50 28.07
CA LEU B 30 16.86 -1.37 29.14
C LEU B 30 17.36 -0.83 30.49
N ASN B 31 16.70 -1.22 31.55
CA ASN B 31 17.16 -0.92 32.94
CA ASN B 31 17.16 -0.92 32.94
C ASN B 31 17.86 -2.13 33.64
N GLY B 32 18.92 -2.50 32.95
CA GLY B 32 19.74 -3.66 33.28
C GLY B 32 19.20 -4.91 32.62
N THR B 33 19.90 -6.01 32.73
CA THR B 33 19.45 -7.29 32.20
C THR B 33 20.16 -8.43 32.93
N THR B 34 19.90 -9.68 32.56
CA THR B 34 20.61 -10.80 33.15
C THR B 34 21.16 -11.67 32.03
N TYR B 35 22.22 -12.41 32.32
CA TYR B 35 22.74 -13.45 31.43
C TYR B 35 22.54 -14.75 32.17
N ASN B 36 21.46 -15.45 31.84
CA ASN B 36 21.11 -16.64 32.60
C ASN B 36 21.90 -17.83 32.13
N ALA B 37 22.55 -18.52 33.09
CA ALA B 37 23.28 -19.76 32.86
C ALA B 37 22.74 -20.77 33.86
N TYR B 38 22.77 -22.06 33.55
CA TYR B 38 22.13 -23.06 34.41
C TYR B 38 23.05 -24.23 34.65
N LEU B 39 23.00 -24.79 35.85
CA LEU B 39 23.89 -25.89 36.24
C LEU B 39 23.03 -27.08 36.59
N VAL B 40 23.21 -28.20 35.85
CA VAL B 40 22.40 -29.41 36.00
C VAL B 40 23.27 -30.50 36.61
N PHE B 41 22.90 -30.98 37.80
CA PHE B 41 23.66 -31.99 38.53
C PHE B 41 23.10 -33.39 38.26
N GLY B 42 23.68 -34.08 37.29
CA GLY B 42 23.41 -35.49 37.09
C GLY B 42 24.17 -36.29 38.14
N ASP B 43 23.84 -37.57 38.31
CA ASP B 43 24.54 -38.42 39.28
C ASP B 43 26.01 -38.61 38.87
N ASP B 44 26.28 -38.65 37.57
CA ASP B 44 27.62 -38.86 37.04
C ASP B 44 28.27 -37.56 36.59
N LYS B 45 27.53 -36.70 35.87
CA LYS B 45 28.09 -35.50 35.25
C LYS B 45 27.34 -34.21 35.61
N VAL B 46 28.07 -33.12 35.82
CA VAL B 46 27.50 -31.80 36.09
C VAL B 46 27.63 -30.98 34.81
N ALA B 47 26.51 -30.48 34.29
CA ALA B 47 26.48 -29.76 33.02
C ALA B 47 26.24 -28.26 33.24
N LEU B 48 27.04 -27.40 32.62
CA LEU B 48 26.78 -25.96 32.62
C LEU B 48 26.15 -25.59 31.30
N ILE B 49 24.95 -24.97 31.32
CA ILE B 49 24.24 -24.57 30.11
C ILE B 49 24.39 -23.07 29.93
N ASP B 50 25.11 -22.65 28.88
CA ASP B 50 25.41 -21.25 28.59
C ASP B 50 26.21 -20.60 29.73
N ASN B 51 26.66 -19.36 29.51
CA ASN B 51 27.46 -18.68 30.50
C ASN B 51 27.18 -17.18 30.47
N THR B 52 28.15 -16.31 30.14
CA THR B 52 27.89 -14.87 30.31
C THR B 52 28.80 -14.02 29.43
N TYR B 53 28.53 -12.72 29.42
CA TYR B 53 29.26 -11.71 28.64
C TYR B 53 30.73 -11.62 29.09
N PRO B 54 31.71 -11.39 28.20
CA PRO B 54 33.11 -11.31 28.67
C PRO B 54 33.31 -10.26 29.76
N GLY B 55 34.07 -10.62 30.78
CA GLY B 55 34.37 -9.71 31.90
C GLY B 55 33.31 -9.67 32.99
N THR B 56 32.21 -10.46 32.86
CA THR B 56 31.13 -10.43 33.85
C THR B 56 30.97 -11.77 34.58
N SER B 57 31.99 -12.64 34.55
CA SER B 57 31.86 -13.99 35.11
C SER B 57 32.00 -14.07 36.64
N ALA B 58 32.37 -12.99 37.35
CA ALA B 58 32.59 -13.08 38.80
C ALA B 58 31.36 -13.66 39.51
N GLN B 59 30.17 -13.12 39.23
CA GLN B 59 28.94 -13.64 39.84
C GLN B 59 28.73 -15.09 39.46
N MET B 60 28.89 -15.43 38.15
CA MET B 60 28.63 -16.78 37.66
C MET B 60 29.50 -17.82 38.41
N TRP B 61 30.80 -17.56 38.53
CA TRP B 61 31.69 -18.48 39.22
C TRP B 61 31.30 -18.64 40.71
N GLY B 62 30.92 -17.54 41.34
CA GLY B 62 30.45 -17.57 42.72
C GLY B 62 29.23 -18.45 42.89
N ARG B 63 28.28 -18.34 41.95
CA ARG B 63 27.05 -19.13 42.01
C ARG B 63 27.31 -20.61 41.70
N ILE B 64 28.21 -20.91 40.75
CA ILE B 64 28.58 -22.31 40.44
C ILE B 64 29.19 -22.96 41.71
N LYS B 65 30.13 -22.25 42.37
CA LYS B 65 30.76 -22.75 43.60
C LYS B 65 29.72 -22.97 44.69
N ASP B 66 28.78 -22.01 44.85
CA ASP B 66 27.72 -22.14 45.84
C ASP B 66 26.85 -23.38 45.56
N ALA B 67 26.47 -23.60 44.29
CA ALA B 67 25.64 -24.75 43.92
C ALA B 67 26.35 -26.07 44.19
N CYS B 68 27.64 -26.18 43.82
CA CYS B 68 28.42 -27.39 44.04
C CYS B 68 28.50 -27.70 45.55
N GLU B 69 28.71 -26.66 46.36
CA GLU B 69 28.75 -26.78 47.82
C GLU B 69 27.41 -27.30 48.35
N LYS B 70 26.30 -26.73 47.88
CA LYS B 70 24.94 -27.14 48.29
C LYS B 70 24.65 -28.60 47.90
N GLU B 71 25.24 -29.07 46.80
CA GLU B 71 25.03 -30.43 46.31
C GLU B 71 26.02 -31.45 46.91
N GLY B 72 26.98 -30.98 47.70
CA GLY B 72 28.02 -31.86 48.24
C GLY B 72 28.91 -32.42 47.15
N ARG B 73 29.17 -31.62 46.10
CA ARG B 73 29.98 -32.06 44.96
C ARG B 73 31.22 -31.21 44.86
N GLU B 74 32.22 -31.72 44.12
CA GLU B 74 33.42 -30.96 43.76
C GLU B 74 33.04 -29.73 42.96
N PHE B 75 33.88 -28.69 43.01
CA PHE B 75 33.75 -27.54 42.13
C PHE B 75 34.28 -27.98 40.77
N LYS B 76 33.43 -28.66 39.99
CA LYS B 76 33.84 -29.22 38.71
C LYS B 76 32.69 -29.29 37.73
N ILE B 77 32.91 -28.80 36.51
CA ILE B 77 31.96 -28.93 35.40
C ILE B 77 32.47 -30.08 34.55
N ASP B 78 31.64 -31.10 34.32
CA ASP B 78 31.99 -32.24 33.47
C ASP B 78 31.56 -32.04 32.03
N VAL B 79 30.49 -31.26 31.81
CA VAL B 79 29.89 -31.08 30.48
C VAL B 79 29.56 -29.59 30.28
N ILE B 80 29.90 -29.04 29.11
CA ILE B 80 29.59 -27.65 28.78
C ILE B 80 28.63 -27.65 27.60
N VAL B 81 27.49 -26.94 27.73
CA VAL B 81 26.54 -26.79 26.63
C VAL B 81 26.55 -25.32 26.20
N GLN B 82 26.67 -25.07 24.89
CA GLN B 82 26.67 -23.71 24.35
C GLN B 82 25.53 -23.62 23.33
N ASN B 83 24.36 -23.12 23.78
CA ASN B 83 23.17 -23.04 22.93
C ASN B 83 23.30 -22.05 21.78
N HIS B 84 24.15 -21.06 21.93
CA HIS B 84 24.17 -19.90 21.03
C HIS B 84 25.57 -19.29 21.11
N VAL B 85 26.14 -18.83 19.99
CA VAL B 85 27.53 -18.33 19.98
C VAL B 85 27.65 -16.86 20.40
N GLU B 86 26.56 -16.07 20.37
CA GLU B 86 26.64 -14.64 20.71
C GLU B 86 27.29 -14.45 22.08
N LYS B 87 28.23 -13.49 22.19
CA LYS B 87 29.12 -13.38 23.34
C LYS B 87 28.46 -13.03 24.67
N ASP B 88 27.19 -12.58 24.68
CA ASP B 88 26.48 -12.41 25.95
C ASP B 88 26.17 -13.76 26.61
N HIS B 89 26.25 -14.88 25.86
CA HIS B 89 26.05 -16.21 26.44
C HIS B 89 27.28 -17.12 26.32
N SER B 90 28.29 -16.74 25.53
CA SER B 90 29.47 -17.58 25.29
C SER B 90 30.76 -16.91 25.77
N GLY B 91 30.67 -15.67 26.23
CA GLY B 91 31.84 -14.87 26.56
C GLY B 91 32.78 -15.43 27.61
N ALA B 92 32.26 -16.29 28.51
CA ALA B 92 33.11 -16.91 29.53
C ALA B 92 33.57 -18.32 29.08
N LEU B 93 33.20 -18.76 27.87
CA LEU B 93 33.60 -20.10 27.40
C LEU B 93 35.13 -20.28 27.40
N PRO B 94 35.93 -19.30 26.96
CA PRO B 94 37.40 -19.44 27.10
C PRO B 94 37.86 -19.74 28.53
N GLU B 95 37.29 -19.04 29.54
CA GLU B 95 37.65 -19.25 30.95
C GLU B 95 37.24 -20.64 31.40
N ILE B 96 36.01 -21.01 31.06
CA ILE B 96 35.46 -22.29 31.48
C ILE B 96 36.30 -23.43 30.90
N HIS B 97 36.63 -23.34 29.60
CA HIS B 97 37.45 -24.36 28.94
C HIS B 97 38.85 -24.41 29.57
N LYS B 98 39.46 -23.27 29.87
CA LYS B 98 40.78 -23.24 30.49
C LYS B 98 40.76 -23.90 31.87
N LYS B 99 39.69 -23.68 32.65
CA LYS B 99 39.58 -24.29 33.98
C LYS B 99 39.27 -25.79 33.89
N PHE B 100 38.40 -26.18 32.94
CA PHE B 100 37.97 -27.58 32.81
C PHE B 100 38.24 -28.05 31.38
N PRO B 101 39.54 -28.26 31.04
CA PRO B 101 39.88 -28.54 29.62
C PRO B 101 39.40 -29.88 29.07
N GLU B 102 39.02 -30.83 29.93
CA GLU B 102 38.54 -32.14 29.48
C GLU B 102 37.02 -32.18 29.33
N ALA B 103 36.29 -31.13 29.78
CA ALA B 103 34.83 -31.11 29.65
C ALA B 103 34.45 -30.91 28.19
N PRO B 104 33.71 -31.82 27.55
CA PRO B 104 33.31 -31.58 26.17
C PRO B 104 32.36 -30.39 26.03
N ILE B 105 32.41 -29.70 24.89
CA ILE B 105 31.55 -28.55 24.61
C ILE B 105 30.52 -28.97 23.57
N TYR B 106 29.26 -29.11 23.98
CA TYR B 106 28.18 -29.49 23.07
C TYR B 106 27.57 -28.25 22.43
N CYS B 107 27.51 -28.25 21.09
CA CYS B 107 26.98 -27.12 20.32
C CYS B 107 26.64 -27.59 18.90
N THR B 108 26.01 -26.75 18.10
CA THR B 108 25.67 -27.11 16.72
C THR B 108 26.94 -27.12 15.86
N GLU B 109 26.85 -27.68 14.65
CA GLU B 109 27.99 -27.74 13.73
C GLU B 109 28.51 -26.35 13.39
N VAL B 110 27.61 -25.43 12.99
CA VAL B 110 28.03 -24.07 12.63
C VAL B 110 28.55 -23.31 13.87
N ALA B 111 28.09 -23.65 15.08
CA ALA B 111 28.59 -22.99 16.30
C ALA B 111 30.10 -23.19 16.51
N VAL B 112 30.64 -24.36 16.13
CA VAL B 112 32.07 -24.63 16.36
C VAL B 112 32.93 -23.56 15.68
N GLU B 113 32.73 -23.32 14.38
CA GLU B 113 33.53 -22.34 13.66
C GLU B 113 33.28 -20.94 14.20
N GLY B 114 32.03 -20.64 14.54
CA GLY B 114 31.67 -19.34 15.12
C GLY B 114 32.34 -19.08 16.45
N LEU B 115 32.38 -20.10 17.33
CA LEU B 115 33.01 -19.95 18.64
C LEU B 115 34.52 -19.81 18.54
N VAL B 116 35.18 -20.63 17.69
CA VAL B 116 36.63 -20.51 17.50
C VAL B 116 36.95 -19.15 16.85
N LYS B 117 36.09 -18.63 15.94
CA LYS B 117 36.32 -17.31 15.33
C LYS B 117 36.20 -16.20 16.39
N HIS B 118 35.26 -16.33 17.35
CA HIS B 118 35.14 -15.38 18.46
C HIS B 118 36.32 -15.53 19.43
N PHE B 119 36.68 -16.77 19.77
CA PHE B 119 37.65 -17.07 20.82
C PHE B 119 38.77 -17.99 20.28
N PRO B 120 39.87 -17.42 19.76
CA PRO B 120 40.95 -18.27 19.21
C PRO B 120 41.55 -19.30 20.17
N SER B 121 41.50 -19.05 21.50
CA SER B 121 42.03 -20.01 22.47
C SER B 121 41.24 -21.34 22.49
N LEU B 122 40.04 -21.38 21.88
CA LEU B 122 39.24 -22.60 21.83
C LEU B 122 39.68 -23.53 20.68
N LYS B 123 40.62 -23.08 19.82
CA LYS B 123 41.14 -23.97 18.77
C LYS B 123 41.69 -25.21 19.47
N GLY B 124 41.19 -26.38 19.06
CA GLY B 124 41.61 -27.63 19.67
C GLY B 124 40.84 -28.00 20.93
N ALA B 125 39.78 -27.24 21.29
CA ALA B 125 38.95 -27.57 22.45
C ALA B 125 38.08 -28.79 22.13
N PRO B 126 37.65 -29.56 23.13
CA PRO B 126 36.89 -30.79 22.82
C PRO B 126 35.42 -30.54 22.44
N PHE B 127 35.20 -29.96 21.27
CA PHE B 127 33.84 -29.73 20.77
C PHE B 127 33.17 -31.04 20.41
N LYS B 128 31.87 -31.14 20.71
CA LYS B 128 31.05 -32.29 20.35
C LYS B 128 29.82 -31.77 19.59
N VAL B 129 29.79 -31.92 18.27
CA VAL B 129 28.70 -31.42 17.45
C VAL B 129 27.43 -32.23 17.74
N VAL B 130 26.29 -31.54 17.94
CA VAL B 130 25.01 -32.19 18.20
C VAL B 130 24.03 -31.91 17.08
N LYS B 131 23.07 -32.80 16.90
CA LYS B 131 21.98 -32.64 15.94
C LYS B 131 20.68 -32.76 16.70
N SER B 132 19.58 -32.36 16.05
CA SER B 132 18.26 -32.35 16.66
CA SER B 132 18.27 -32.34 16.66
C SER B 132 17.87 -33.74 17.16
N LEU B 133 17.29 -33.83 18.37
CA LEU B 133 16.83 -35.06 19.00
C LEU B 133 17.95 -35.98 19.49
N GLU B 134 19.23 -35.60 19.34
CA GLU B 134 20.32 -36.34 19.97
C GLU B 134 20.34 -35.97 21.45
N SER B 135 20.70 -36.93 22.32
CA SER B 135 20.69 -36.72 23.77
C SER B 135 22.00 -37.14 24.41
N ILE B 136 22.24 -36.66 25.64
CA ILE B 136 23.34 -37.12 26.47
C ILE B 136 22.82 -37.42 27.85
N ASP B 137 23.35 -38.47 28.47
CA ASP B 137 22.95 -38.91 29.81
C ASP B 137 23.93 -38.35 30.83
N LEU B 138 23.42 -37.65 31.85
CA LEU B 138 24.26 -37.12 32.93
C LEU B 138 24.22 -38.05 34.15
N GLY B 139 23.37 -39.07 34.11
CA GLY B 139 23.15 -39.99 35.22
C GLY B 139 21.87 -39.64 35.94
N GLY B 140 20.75 -40.19 35.48
CA GLY B 140 19.44 -39.89 36.02
C GLY B 140 18.81 -38.63 35.45
N LYS B 141 19.55 -37.88 34.62
CA LYS B 141 19.06 -36.68 33.94
C LYS B 141 19.53 -36.71 32.51
N THR B 142 18.64 -36.39 31.56
CA THR B 142 18.94 -36.44 30.14
C THR B 142 18.80 -35.05 29.55
N LEU B 143 19.78 -34.63 28.74
CA LEU B 143 19.69 -33.39 27.98
C LEU B 143 19.47 -33.74 26.52
N THR B 144 18.38 -33.24 25.93
CA THR B 144 18.08 -33.47 24.52
C THR B 144 18.22 -32.15 23.76
N PHE B 145 18.95 -32.18 22.66
CA PHE B 145 19.20 -30.97 21.88
C PHE B 145 18.22 -30.85 20.76
N LEU B 146 17.96 -29.63 20.39
CA LEU B 146 16.94 -29.30 19.41
CA LEU B 146 16.95 -29.29 19.40
C LEU B 146 17.42 -28.11 18.58
N GLU B 147 17.82 -28.35 17.33
CA GLU B 147 18.35 -27.28 16.50
C GLU B 147 17.25 -26.26 16.24
N ALA B 148 17.58 -24.97 16.37
CA ALA B 148 16.63 -23.89 16.15
C ALA B 148 17.33 -22.81 15.31
N PRO B 149 17.78 -23.17 14.10
CA PRO B 149 18.52 -22.20 13.27
C PRO B 149 17.69 -20.97 12.94
N LEU B 150 18.34 -19.80 13.01
CA LEU B 150 17.70 -18.49 12.85
C LEU B 150 16.61 -18.22 13.90
N LEU B 151 16.77 -18.79 15.11
CA LEU B 151 15.95 -18.46 16.27
C LEU B 151 16.91 -18.22 17.46
N HIS B 152 17.76 -17.17 17.40
CA HIS B 152 17.73 -16.11 16.37
C HIS B 152 18.94 -16.09 15.41
N TRP B 153 19.99 -16.93 15.65
CA TRP B 153 21.18 -17.00 14.76
C TRP B 153 21.28 -18.39 14.13
N PRO B 154 22.11 -18.60 13.09
CA PRO B 154 22.21 -19.94 12.46
C PRO B 154 22.68 -21.06 13.39
N ASP B 155 23.45 -20.70 14.42
CA ASP B 155 24.03 -21.62 15.41
C ASP B 155 23.07 -21.99 16.54
N SER B 156 21.94 -21.27 16.66
CA SER B 156 21.07 -21.42 17.82
C SER B 156 20.48 -22.83 17.99
N MET B 157 20.38 -23.27 19.24
CA MET B 157 19.68 -24.50 19.59
C MET B 157 19.03 -24.35 20.96
N PHE B 158 18.09 -25.23 21.27
CA PHE B 158 17.52 -25.32 22.61
C PHE B 158 18.05 -26.61 23.23
N THR B 159 18.14 -26.63 24.57
CA THR B 159 18.48 -27.84 25.32
C THR B 159 17.31 -28.15 26.23
N LEU B 160 16.83 -29.39 26.19
CA LEU B 160 15.70 -29.81 27.01
C LEU B 160 16.18 -30.78 28.06
N TYR B 161 15.90 -30.48 29.34
CA TYR B 161 16.11 -31.43 30.42
C TYR B 161 14.83 -32.28 30.46
N ALA B 162 14.87 -33.42 29.75
CA ALA B 162 13.71 -34.25 29.44
C ALA B 162 12.85 -34.68 30.63
N GLU B 163 13.47 -35.17 31.71
CA GLU B 163 12.71 -35.74 32.84
C GLU B 163 11.79 -34.72 33.51
N GLU B 164 12.21 -33.44 33.59
CA GLU B 164 11.41 -32.40 34.22
C GLU B 164 10.74 -31.44 33.23
N GLY B 165 10.99 -31.62 31.93
CA GLY B 165 10.41 -30.77 30.92
C GLY B 165 10.85 -29.32 31.00
N ILE B 166 12.14 -29.09 31.37
CA ILE B 166 12.68 -27.74 31.45
C ILE B 166 13.35 -27.43 30.14
N LEU B 167 12.84 -26.44 29.40
CA LEU B 167 13.41 -26.04 28.12
C LEU B 167 14.36 -24.86 28.34
N PHE B 168 15.64 -25.07 28.08
CA PHE B 168 16.62 -24.00 28.09
C PHE B 168 16.64 -23.42 26.67
N SER B 169 15.84 -22.36 26.47
CA SER B 169 15.51 -21.83 25.14
C SER B 169 16.50 -20.75 24.66
N ASN B 170 17.53 -20.45 25.43
CA ASN B 170 18.46 -19.36 25.14
C ASN B 170 17.65 -18.04 24.90
N ASP B 171 17.91 -17.28 23.82
CA ASP B 171 17.24 -15.97 23.66
C ASP B 171 15.73 -16.08 23.53
N ALA B 172 15.22 -17.15 22.88
CA ALA B 172 13.78 -17.30 22.69
C ALA B 172 13.05 -17.23 24.04
N PHE B 173 12.00 -16.39 24.13
CA PHE B 173 11.21 -16.19 25.35
C PHE B 173 11.94 -15.41 26.45
N GLY B 174 13.11 -14.85 26.15
CA GLY B 174 13.83 -14.02 27.11
C GLY B 174 13.25 -12.64 27.20
N GLN B 175 13.61 -11.87 28.23
CA GLN B 175 13.22 -10.46 28.32
C GLN B 175 14.34 -9.71 29.03
N HIS B 176 14.62 -8.48 28.64
CA HIS B 176 15.71 -7.73 29.25
C HIS B 176 15.22 -7.06 30.53
N LEU B 177 15.24 -7.83 31.62
CA LEU B 177 14.84 -7.38 32.96
C LEU B 177 15.88 -7.82 33.96
N CYS B 178 16.20 -6.96 34.92
CA CYS B 178 17.15 -7.28 35.97
C CYS B 178 16.53 -7.03 37.33
N PHE B 179 15.99 -8.09 37.94
CA PHE B 179 15.37 -8.07 39.26
C PHE B 179 16.03 -9.11 40.13
N THR B 180 15.87 -8.98 41.46
CA THR B 180 16.32 -10.00 42.40
C THR B 180 15.42 -11.23 42.26
N GLN B 181 14.16 -11.03 41.86
CA GLN B 181 13.20 -12.11 41.65
C GLN B 181 13.55 -12.85 40.34
N ARG B 182 13.55 -14.19 40.34
CA ARG B 182 13.98 -14.98 39.18
C ARG B 182 12.83 -15.51 38.31
N PHE B 183 11.62 -15.58 38.86
CA PHE B 183 10.51 -16.23 38.17
C PHE B 183 9.48 -15.25 37.65
N ASP B 184 8.75 -15.67 36.61
CA ASP B 184 7.70 -14.86 35.98
C ASP B 184 6.64 -14.39 36.98
N HIS B 185 6.19 -15.28 37.87
CA HIS B 185 5.10 -14.97 38.80
C HIS B 185 5.48 -13.99 39.92
N GLU B 186 6.78 -13.71 40.12
CA GLU B 186 7.23 -12.88 41.23
C GLU B 186 7.29 -11.37 40.90
N ILE B 187 7.06 -10.98 39.64
CA ILE B 187 7.07 -9.54 39.30
C ILE B 187 5.72 -9.14 38.73
N PRO B 188 5.39 -7.83 38.68
CA PRO B 188 4.10 -7.43 38.10
C PRO B 188 3.96 -7.89 36.64
N GLU B 189 2.81 -8.49 36.31
CA GLU B 189 2.55 -9.01 34.97
C GLU B 189 2.78 -7.96 33.87
N ASN B 190 2.35 -6.72 34.07
CA ASN B 190 2.51 -5.67 33.06
CA ASN B 190 2.51 -5.69 33.04
C ASN B 190 4.00 -5.45 32.72
N ILE B 191 4.87 -5.47 33.73
CA ILE B 191 6.32 -5.30 33.51
C ILE B 191 6.84 -6.47 32.67
N LEU B 192 6.49 -7.69 33.10
CA LEU B 192 6.93 -8.92 32.42
C LEU B 192 6.48 -8.95 30.95
N MET B 193 5.18 -8.74 30.71
CA MET B 193 4.65 -8.87 29.36
C MET B 193 5.05 -7.69 28.47
N ASP B 194 5.28 -6.49 29.06
CA ASP B 194 5.79 -5.35 28.27
C ASP B 194 7.23 -5.64 27.83
N ALA B 195 8.07 -6.19 28.72
CA ALA B 195 9.45 -6.54 28.38
C ALA B 195 9.50 -7.69 27.36
N ASN B 196 8.58 -8.65 27.50
CA ASN B 196 8.49 -9.75 26.55
C ASN B 196 8.09 -9.22 25.16
N GLN B 197 7.16 -8.27 25.11
CA GLN B 197 6.72 -7.64 23.86
C GLN B 197 7.87 -6.89 23.21
N LYS B 198 8.63 -6.14 24.00
CA LYS B 198 9.78 -5.39 23.49
C LYS B 198 10.83 -6.36 22.92
N PHE B 199 11.06 -7.49 23.60
CA PHE B 199 12.04 -8.47 23.15
C PHE B 199 11.61 -9.11 21.83
N TYR B 200 10.34 -9.54 21.74
CA TYR B 200 9.79 -10.06 20.48
C TYR B 200 9.95 -9.02 19.36
N ALA B 201 9.48 -7.79 19.59
CA ALA B 201 9.47 -6.73 18.56
C ALA B 201 10.86 -6.50 17.96
N ASN B 202 11.88 -6.43 18.81
CA ASN B 202 13.24 -6.11 18.37
C ASN B 202 14.02 -7.31 17.86
N LEU B 203 13.77 -8.51 18.40
CA LEU B 203 14.60 -9.67 18.08
C LEU B 203 13.91 -10.77 17.28
N ILE B 204 12.58 -10.89 17.38
CA ILE B 204 11.86 -12.03 16.79
C ILE B 204 11.00 -11.66 15.57
N THR B 205 10.53 -10.41 15.45
CA THR B 205 9.62 -10.03 14.36
C THR B 205 9.97 -10.64 12.98
N PRO B 206 11.20 -10.48 12.43
CA PRO B 206 11.47 -11.03 11.10
C PRO B 206 11.47 -12.57 11.04
N LEU B 207 11.49 -13.21 12.21
CA LEU B 207 11.49 -14.68 12.33
C LEU B 207 10.07 -15.21 12.61
N SER B 208 9.04 -14.35 12.53
CA SER B 208 7.67 -14.74 12.89
C SER B 208 7.18 -16.01 12.18
N LYS B 209 7.54 -16.20 10.90
CA LYS B 209 7.13 -17.40 10.17
C LYS B 209 7.90 -18.65 10.66
N LEU B 210 9.17 -18.48 11.05
CA LEU B 210 9.97 -19.57 11.64
C LEU B 210 9.47 -19.94 13.05
N VAL B 211 8.94 -18.95 13.80
CA VAL B 211 8.36 -19.20 15.13
C VAL B 211 7.18 -20.17 14.97
N LEU B 212 6.25 -19.84 14.05
CA LEU B 212 5.07 -20.68 13.81
C LEU B 212 5.47 -22.07 13.27
N LYS B 213 6.52 -22.14 12.43
CA LYS B 213 7.05 -23.41 11.93
C LYS B 213 7.65 -24.25 13.07
N LYS B 214 8.41 -23.61 13.98
CA LYS B 214 9.00 -24.31 15.13
C LYS B 214 7.90 -24.81 16.07
N PHE B 215 6.81 -24.03 16.22
CA PHE B 215 5.67 -24.43 17.06
C PHE B 215 4.95 -25.63 16.43
N LYS B 216 4.91 -25.72 15.09
CA LYS B 216 4.32 -26.86 14.39
C LYS B 216 5.13 -28.12 14.68
N GLU B 217 6.46 -28.04 14.58
CA GLU B 217 7.37 -29.15 14.87
C GLU B 217 7.25 -29.62 16.32
N VAL B 218 7.23 -28.66 17.27
CA VAL B 218 7.12 -28.96 18.70
C VAL B 218 5.80 -29.68 19.02
N ILE B 219 4.69 -29.27 18.39
CA ILE B 219 3.39 -29.93 18.56
C ILE B 219 3.38 -31.32 17.88
N GLU B 220 4.04 -31.45 16.71
CA GLU B 220 4.11 -32.74 15.99
C GLU B 220 4.88 -33.79 16.78
N LEU B 221 5.90 -33.38 17.55
CA LEU B 221 6.66 -34.29 18.41
C LEU B 221 5.90 -34.61 19.73
N GLY B 222 4.78 -33.91 19.97
CA GLY B 222 3.99 -34.08 21.17
C GLY B 222 4.64 -33.47 22.40
N LEU B 223 5.54 -32.49 22.20
CA LEU B 223 6.35 -31.92 23.28
C LEU B 223 5.77 -30.66 23.92
N LEU B 224 4.81 -29.98 23.28
CA LEU B 224 4.32 -28.68 23.76
C LEU B 224 3.73 -28.73 25.17
N GLU B 225 2.81 -29.67 25.40
CA GLU B 225 2.15 -29.83 26.71
C GLU B 225 3.09 -30.42 27.75
N LYS B 226 4.20 -31.05 27.34
CA LYS B 226 5.19 -31.59 28.26
C LYS B 226 6.15 -30.53 28.79
N ILE B 227 6.17 -29.33 28.18
CA ILE B 227 7.06 -28.26 28.65
C ILE B 227 6.51 -27.73 29.96
N LYS B 228 7.24 -27.94 31.05
CA LYS B 228 6.79 -27.48 32.37
C LYS B 228 7.41 -26.13 32.73
N MET B 229 8.56 -25.79 32.16
CA MET B 229 9.23 -24.53 32.50
C MET B 229 10.09 -24.11 31.31
N ILE B 230 10.10 -22.80 31.01
CA ILE B 230 10.99 -22.24 30.00
C ILE B 230 11.99 -21.36 30.72
N ALA B 231 13.28 -21.71 30.63
CA ALA B 231 14.36 -21.00 31.32
C ALA B 231 15.21 -20.34 30.24
N PRO B 232 14.86 -19.09 29.85
CA PRO B 232 15.57 -18.43 28.75
C PRO B 232 16.90 -17.81 29.21
N SER B 233 17.64 -17.22 28.27
CA SER B 233 18.96 -16.69 28.56
C SER B 233 18.96 -15.23 29.10
N HIS B 234 17.80 -14.55 29.12
CA HIS B 234 17.67 -13.21 29.74
C HIS B 234 16.37 -13.14 30.51
N GLY B 235 16.42 -12.50 31.66
CA GLY B 235 15.21 -12.16 32.40
C GLY B 235 14.60 -13.31 33.18
N GLN B 236 13.27 -13.27 33.30
CA GLN B 236 12.54 -14.20 34.16
C GLN B 236 12.42 -15.62 33.58
N ILE B 237 12.32 -16.60 34.48
CA ILE B 237 12.07 -18.00 34.12
C ILE B 237 10.54 -18.20 34.13
N TRP B 238 10.01 -18.80 33.07
CA TRP B 238 8.57 -18.98 32.94
C TRP B 238 8.14 -20.28 33.63
N THR B 239 7.47 -20.16 34.76
CA THR B 239 6.81 -21.30 35.41
C THR B 239 5.45 -21.53 34.72
N ASP B 240 4.98 -20.55 33.93
CA ASP B 240 3.75 -20.67 33.12
C ASP B 240 4.16 -20.56 31.65
N PRO B 241 4.76 -21.63 31.08
CA PRO B 241 5.24 -21.54 29.68
C PRO B 241 4.18 -21.20 28.65
N MET B 242 2.91 -21.64 28.85
CA MET B 242 1.86 -21.34 27.89
C MET B 242 1.52 -19.84 27.83
N LYS B 243 1.86 -19.07 28.88
CA LYS B 243 1.67 -17.63 28.85
C LYS B 243 2.57 -16.97 27.79
N VAL B 244 3.85 -17.34 27.76
CA VAL B 244 4.77 -16.74 26.78
C VAL B 244 4.61 -17.37 25.39
N ILE B 245 4.32 -18.67 25.32
CA ILE B 245 4.06 -19.31 24.02
C ILE B 245 2.84 -18.66 23.37
N GLY B 246 1.79 -18.42 24.16
CA GLY B 246 0.59 -17.74 23.71
C GLY B 246 0.85 -16.32 23.23
N ALA B 247 1.71 -15.57 23.96
CA ALA B 247 2.09 -14.22 23.54
C ALA B 247 2.85 -14.28 22.21
N TYR B 248 3.77 -15.25 22.05
CA TYR B 248 4.53 -15.40 20.81
C TYR B 248 3.60 -15.75 19.64
N GLN B 249 2.61 -16.62 19.88
CA GLN B 249 1.61 -17.00 18.85
C GLN B 249 0.87 -15.75 18.39
N ASP B 250 0.44 -14.89 19.33
CA ASP B 250 -0.28 -13.65 19.01
C ASP B 250 0.59 -12.68 18.20
N PHE B 251 1.85 -12.48 18.61
CA PHE B 251 2.76 -11.58 17.90
C PHE B 251 3.12 -12.13 16.51
N ALA B 252 3.28 -13.46 16.39
CA ALA B 252 3.67 -14.05 15.12
C ALA B 252 2.51 -14.07 14.11
N THR B 253 1.25 -13.87 14.55
CA THR B 253 0.07 -13.92 13.67
C THR B 253 -0.66 -12.57 13.52
N GLY B 254 -0.05 -11.49 13.99
CA GLY B 254 -0.58 -10.15 13.78
C GLY B 254 -1.78 -9.77 14.64
N LYS B 255 -1.89 -10.32 15.86
CA LYS B 255 -2.96 -9.92 16.77
C LYS B 255 -2.59 -8.57 17.41
N CYS B 256 -3.31 -7.50 17.04
CA CYS B 256 -3.01 -6.12 17.47
C CYS B 256 -4.18 -5.51 18.23
N LYS B 257 -3.91 -4.39 18.91
CA LYS B 257 -4.91 -3.59 19.62
C LYS B 257 -5.44 -2.48 18.70
N ASP B 258 -6.56 -1.84 19.11
CA ASP B 258 -7.07 -0.66 18.42
C ASP B 258 -6.21 0.51 18.88
N LYS B 259 -5.06 0.64 18.23
CA LYS B 259 -3.96 1.46 18.71
C LYS B 259 -3.13 1.93 17.52
N VAL B 260 -2.70 3.20 17.56
CA VAL B 260 -1.86 3.78 16.52
C VAL B 260 -0.56 4.25 17.17
N THR B 261 0.59 3.93 16.58
CA THR B 261 1.87 4.49 17.02
C THR B 261 2.19 5.65 16.08
N ILE B 262 2.51 6.82 16.64
CA ILE B 262 2.86 8.00 15.83
C ILE B 262 4.30 8.35 16.12
N VAL B 263 5.11 8.52 15.06
CA VAL B 263 6.52 8.86 15.21
C VAL B 263 6.77 10.10 14.35
N TYR B 264 7.51 11.07 14.86
CA TYR B 264 7.85 12.21 14.04
C TYR B 264 9.17 12.84 14.46
N ASP B 265 9.72 13.69 13.61
CA ASP B 265 10.78 14.62 14.00
C ASP B 265 10.40 16.00 13.45
N THR B 266 11.03 17.02 13.99
CA THR B 266 10.71 18.40 13.65
C THR B 266 11.94 19.26 13.92
N MET B 267 12.09 20.35 13.18
CA MET B 267 13.11 21.36 13.44
C MET B 267 12.43 22.58 14.08
N HIS B 268 11.35 23.08 13.45
CA HIS B 268 10.66 24.29 13.88
C HIS B 268 9.26 24.07 14.46
N GLY B 269 8.88 22.81 14.72
CA GLY B 269 7.65 22.49 15.44
C GLY B 269 6.40 22.25 14.60
N SER B 270 6.45 22.47 13.28
CA SER B 270 5.23 22.33 12.47
C SER B 270 4.80 20.88 12.30
N THR B 271 5.74 19.97 12.07
CA THR B 271 5.42 18.54 11.95
C THR B 271 4.92 18.02 13.31
N GLN B 272 5.44 18.57 14.42
CA GLN B 272 4.97 18.22 15.76
C GLN B 272 3.50 18.60 15.94
N LYS B 273 3.13 19.83 15.54
CA LYS B 273 1.73 20.27 15.62
C LYS B 273 0.81 19.36 14.80
N MET B 274 1.28 18.92 13.61
CA MET B 274 0.51 17.99 12.79
C MET B 274 0.34 16.67 13.54
N ALA B 275 1.45 16.10 14.06
CA ALA B 275 1.41 14.82 14.78
C ALA B 275 0.37 14.87 15.92
N HIS B 276 0.41 15.94 16.71
CA HIS B 276 -0.53 16.08 17.83
C HIS B 276 -1.99 16.22 17.34
N ALA B 277 -2.20 16.85 16.18
CA ALA B 277 -3.55 16.99 15.61
C ALA B 277 -4.08 15.65 15.07
N PHE B 278 -3.23 14.85 14.42
CA PHE B 278 -3.62 13.48 14.02
C PHE B 278 -4.05 12.68 15.25
N ALA B 279 -3.29 12.79 16.35
CA ALA B 279 -3.60 12.07 17.59
C ALA B 279 -4.99 12.45 18.11
N GLU B 280 -5.35 13.74 18.08
CA GLU B 280 -6.66 14.19 18.55
C GLU B 280 -7.80 13.54 17.76
N GLY B 281 -7.63 13.46 16.45
CA GLY B 281 -8.61 12.80 15.58
C GLY B 281 -8.75 11.31 15.89
N ILE B 282 -7.61 10.63 16.10
CA ILE B 282 -7.62 9.21 16.45
C ILE B 282 -8.32 8.98 17.80
N MET B 283 -7.97 9.80 18.79
CA MET B 283 -8.54 9.67 20.14
C MET B 283 -10.04 9.96 20.15
N SER B 284 -10.54 10.84 19.25
CA SER B 284 -11.98 11.11 19.14
C SER B 284 -12.79 9.85 18.82
N GLU B 285 -12.15 8.79 18.28
CA GLU B 285 -12.79 7.52 17.95
C GLU B 285 -12.53 6.43 19.01
N GLY B 286 -11.96 6.81 20.16
CA GLY B 286 -11.64 5.87 21.22
C GLY B 286 -10.49 4.93 20.90
N VAL B 287 -9.65 5.30 19.91
CA VAL B 287 -8.50 4.48 19.52
C VAL B 287 -7.27 5.01 20.28
N ASP B 288 -6.43 4.10 20.81
CA ASP B 288 -5.27 4.50 21.63
C ASP B 288 -4.15 5.07 20.76
N VAL B 289 -3.29 5.91 21.35
CA VAL B 289 -2.18 6.55 20.65
C VAL B 289 -0.93 6.42 21.50
N LYS B 290 0.20 6.08 20.86
CA LYS B 290 1.52 6.21 21.45
C LYS B 290 2.31 7.20 20.59
N MET B 291 2.89 8.21 21.22
CA MET B 291 3.53 9.32 20.50
C MET B 291 5.03 9.27 20.75
N TYR B 292 5.82 9.32 19.69
CA TYR B 292 7.29 9.31 19.81
C TYR B 292 7.89 10.46 19.02
N PHE B 293 8.84 11.14 19.63
CA PHE B 293 9.55 12.25 19.03
C PHE B 293 10.99 11.80 18.84
N LEU B 294 11.43 11.63 17.59
CA LEU B 294 12.75 11.03 17.30
C LEU B 294 13.93 11.80 17.89
N HIS B 295 13.77 13.09 18.17
CA HIS B 295 14.82 13.86 18.84
C HIS B 295 15.21 13.22 20.18
N ASN B 296 14.22 12.70 20.92
CA ASN B 296 14.43 12.19 22.28
C ASN B 296 14.35 10.67 22.35
N ASP B 297 13.44 10.10 21.56
CA ASP B 297 13.09 8.70 21.68
C ASP B 297 13.92 7.84 20.77
N GLU B 298 13.94 6.53 21.02
CA GLU B 298 14.78 5.66 20.24
C GLU B 298 14.05 4.40 19.76
N ARG B 299 14.66 3.77 18.76
CA ARG B 299 14.02 2.75 17.94
C ARG B 299 13.46 1.57 18.71
N SER B 300 14.09 1.13 19.82
CA SER B 300 13.64 -0.12 20.46
C SER B 300 12.27 0.00 21.16
N GLU B 301 11.94 1.17 21.71
CA GLU B 301 10.61 1.38 22.30
C GLU B 301 9.58 1.59 21.18
N ILE B 302 9.96 2.32 20.13
CA ILE B 302 9.06 2.55 19.01
C ILE B 302 8.56 1.22 18.43
N VAL B 303 9.49 0.28 18.14
CA VAL B 303 9.09 -0.96 17.47
C VAL B 303 8.30 -1.86 18.42
N LYS B 304 8.53 -1.76 19.76
CA LYS B 304 7.70 -2.45 20.75
C LYS B 304 6.23 -2.08 20.57
N ASP B 305 5.95 -0.78 20.43
CA ASP B 305 4.57 -0.32 20.29
C ASP B 305 4.00 -0.57 18.90
N ILE B 306 4.82 -0.53 17.83
CA ILE B 306 4.33 -0.89 16.49
C ILE B 306 3.83 -2.34 16.48
N LEU B 307 4.52 -3.24 17.20
CA LEU B 307 4.18 -4.66 17.20
C LEU B 307 2.70 -4.95 17.51
N ASP B 308 2.07 -4.23 18.45
CA ASP B 308 0.63 -4.46 18.70
C ASP B 308 -0.22 -3.23 18.31
N SER B 309 0.26 -2.41 17.38
CA SER B 309 -0.51 -1.33 16.79
C SER B 309 -1.07 -1.79 15.45
N LYS B 310 -2.28 -1.38 15.12
CA LYS B 310 -2.86 -1.69 13.82
C LYS B 310 -2.43 -0.66 12.78
N ALA B 311 -1.98 0.54 13.23
CA ALA B 311 -1.53 1.58 12.31
C ALA B 311 -0.31 2.31 12.83
N PHE B 312 0.46 2.88 11.90
CA PHE B 312 1.72 3.55 12.19
C PHE B 312 1.79 4.84 11.37
N LEU B 313 1.97 6.00 12.03
CA LEU B 313 2.10 7.29 11.35
C LEU B 313 3.56 7.73 11.44
N LEU B 314 4.13 8.25 10.34
CA LEU B 314 5.51 8.72 10.34
C LEU B 314 5.54 10.08 9.69
N GLY B 315 6.08 11.06 10.42
CA GLY B 315 6.14 12.44 9.95
C GLY B 315 7.50 13.07 10.08
N ALA B 316 7.87 13.91 9.11
CA ALA B 316 9.14 14.63 9.19
C ALA B 316 9.11 15.78 8.21
N PRO B 317 9.84 16.88 8.53
CA PRO B 317 9.95 17.96 7.55
C PRO B 317 10.88 17.60 6.40
N THR B 318 10.85 18.38 5.31
CA THR B 318 11.74 18.19 4.17
C THR B 318 13.00 19.01 4.36
N ILE B 319 14.16 18.41 4.09
CA ILE B 319 15.45 19.09 4.14
C ILE B 319 16.25 18.65 2.92
N TYR B 320 16.60 19.58 2.03
CA TYR B 320 17.24 19.29 0.74
C TYR B 320 16.55 18.16 -0.03
N ASP B 321 15.22 18.27 -0.23
CA ASP B 321 14.39 17.30 -0.97
C ASP B 321 14.21 15.95 -0.27
N GLU B 322 14.79 15.75 0.91
CA GLU B 322 14.73 14.46 1.61
C GLU B 322 13.95 14.63 2.91
N PRO B 323 13.42 13.55 3.51
CA PRO B 323 12.88 13.69 4.87
C PRO B 323 14.00 13.92 5.87
N PHE B 324 13.71 14.63 6.98
CA PHE B 324 14.68 14.87 8.04
C PHE B 324 15.45 13.57 8.36
N PRO B 325 16.80 13.60 8.45
CA PRO B 325 17.56 12.34 8.40
C PRO B 325 17.36 11.36 9.53
N SER B 326 16.88 11.79 10.70
CA SER B 326 16.66 10.85 11.82
C SER B 326 15.69 9.71 11.46
N VAL B 327 14.76 9.94 10.50
CA VAL B 327 13.85 8.86 10.09
C VAL B 327 14.61 7.71 9.41
N GLY B 328 15.77 8.01 8.81
CA GLY B 328 16.57 7.01 8.13
C GLY B 328 16.98 5.85 9.03
N ASP B 329 17.30 6.15 10.30
CA ASP B 329 17.63 5.14 11.28
C ASP B 329 16.44 4.19 11.50
N LEU B 330 15.27 4.75 11.83
CA LEU B 330 14.09 3.92 12.06
C LEU B 330 13.70 3.12 10.80
N ILE B 331 13.76 3.75 9.60
CA ILE B 331 13.40 3.07 8.36
CA ILE B 331 13.39 3.05 8.37
C ILE B 331 14.34 1.88 8.10
N TYR B 332 15.66 2.09 8.27
CA TYR B 332 16.62 0.98 8.09
C TYR B 332 16.30 -0.15 9.05
N TYR B 333 15.92 0.17 10.29
CA TYR B 333 15.56 -0.84 11.28
C TYR B 333 14.29 -1.58 10.88
N LEU B 334 13.25 -0.85 10.45
CA LEU B 334 11.99 -1.48 10.02
C LEU B 334 12.20 -2.34 8.77
N LYS B 335 13.12 -1.95 7.88
CA LYS B 335 13.46 -2.76 6.71
C LYS B 335 14.00 -4.13 7.13
N GLY B 336 14.79 -4.16 8.19
CA GLY B 336 15.30 -5.40 8.74
C GLY B 336 14.25 -6.20 9.48
N LEU B 337 13.40 -5.53 10.29
CA LEU B 337 12.41 -6.24 11.11
C LEU B 337 11.28 -6.87 10.31
N LYS B 338 10.89 -6.27 9.17
CA LYS B 338 9.87 -6.84 8.28
C LYS B 338 8.59 -7.21 9.04
N PHE B 339 7.87 -6.20 9.55
CA PHE B 339 6.63 -6.41 10.29
C PHE B 339 5.54 -7.13 9.49
N ASN B 340 5.60 -7.08 8.15
CA ASN B 340 4.67 -7.83 7.28
C ASN B 340 4.78 -9.34 7.49
N ARG B 341 5.92 -9.85 8.00
CA ARG B 341 6.06 -11.27 8.29
C ARG B 341 5.20 -11.75 9.47
N THR B 342 4.58 -10.84 10.20
CA THR B 342 3.60 -11.21 11.23
C THR B 342 2.25 -11.61 10.60
N GLY B 343 2.10 -11.46 9.29
CA GLY B 343 0.86 -11.78 8.60
C GLY B 343 -0.11 -10.63 8.53
N LEU B 344 0.32 -9.43 8.97
CA LEU B 344 -0.51 -8.23 8.94
C LEU B 344 0.27 -7.10 8.28
N LYS B 345 -0.38 -6.38 7.35
CA LYS B 345 0.18 -5.15 6.79
C LYS B 345 -0.46 -4.01 7.54
N ARG B 346 0.21 -3.49 8.57
CA ARG B 346 -0.35 -2.41 9.37
C ARG B 346 -0.60 -1.18 8.51
N LEU B 347 -1.67 -0.44 8.82
CA LEU B 347 -2.01 0.77 8.05
C LEU B 347 -1.00 1.87 8.37
N ALA B 348 -0.81 2.82 7.45
CA ALA B 348 0.15 3.89 7.72
C ALA B 348 -0.20 5.18 6.99
N LEU B 349 0.19 6.31 7.56
CA LEU B 349 0.10 7.61 6.88
C LEU B 349 1.46 8.25 6.98
N ALA B 350 1.83 9.01 5.96
CA ALA B 350 3.07 9.79 5.98
C ALA B 350 2.68 11.26 5.98
N PHE B 351 3.39 12.09 6.74
CA PHE B 351 3.04 13.51 6.82
C PHE B 351 4.27 14.36 7.07
N GLY B 352 4.10 15.66 6.94
CA GLY B 352 5.21 16.57 7.18
C GLY B 352 4.95 17.99 6.73
N SER B 353 5.82 18.89 7.17
CA SER B 353 5.80 20.26 6.74
C SER B 353 6.98 20.51 5.80
N MET B 354 6.86 21.51 4.94
CA MET B 354 7.93 21.86 4.01
C MET B 354 7.89 23.35 3.70
N GLY B 355 8.90 23.86 3.02
CA GLY B 355 8.98 25.28 2.72
C GLY B 355 9.34 25.65 1.30
N GLY B 356 9.25 24.69 0.37
CA GLY B 356 9.56 24.95 -1.02
C GLY B 356 8.94 23.93 -1.95
N ASN B 357 9.78 23.09 -2.57
CA ASN B 357 9.29 22.04 -3.46
C ASN B 357 8.74 20.82 -2.70
N GLY B 358 9.11 20.68 -1.42
CA GLY B 358 8.66 19.54 -0.62
C GLY B 358 9.25 18.24 -1.12
N GLY B 359 8.51 17.15 -0.96
CA GLY B 359 8.94 15.84 -1.41
C GLY B 359 9.28 14.86 -0.31
N GLY B 360 9.53 15.34 0.90
CA GLY B 360 9.86 14.48 2.03
C GLY B 360 8.78 13.46 2.34
N THR B 361 7.51 13.87 2.28
CA THR B 361 6.38 12.98 2.58
C THR B 361 6.26 11.87 1.53
N LYS B 362 6.53 12.18 0.25
CA LYS B 362 6.50 11.18 -0.82
C LYS B 362 7.57 10.12 -0.59
N VAL B 363 8.76 10.53 -0.13
CA VAL B 363 9.82 9.57 0.21
C VAL B 363 9.36 8.71 1.38
N LEU B 364 8.80 9.32 2.43
CA LEU B 364 8.32 8.55 3.59
C LEU B 364 7.30 7.49 3.17
N ALA B 365 6.32 7.89 2.34
CA ALA B 365 5.30 6.96 1.85
C ALA B 365 5.94 5.80 1.08
N GLU B 366 6.93 6.08 0.20
CA GLU B 366 7.69 5.06 -0.54
C GLU B 366 8.31 4.07 0.45
N LYS B 367 9.05 4.62 1.44
CA LYS B 367 9.79 3.80 2.39
C LYS B 367 8.87 2.98 3.29
N LEU B 368 7.73 3.54 3.71
CA LEU B 368 6.76 2.79 4.51
C LEU B 368 6.24 1.58 3.73
N LYS B 369 6.01 1.73 2.41
CA LYS B 369 5.59 0.62 1.57
C LYS B 369 6.69 -0.46 1.50
N GLU B 370 7.94 -0.05 1.36
CA GLU B 370 9.06 -1.00 1.34
C GLU B 370 9.17 -1.77 2.66
N CYS B 371 8.77 -1.14 3.79
CA CYS B 371 8.78 -1.77 5.10
C CYS B 371 7.54 -2.63 5.39
N GLY B 372 6.67 -2.81 4.41
CA GLY B 372 5.52 -3.69 4.53
C GLY B 372 4.25 -3.06 5.07
N PHE B 373 4.19 -1.72 5.17
CA PHE B 373 2.96 -1.07 5.65
C PHE B 373 2.00 -0.82 4.50
N GLU B 374 0.71 -0.72 4.83
CA GLU B 374 -0.33 -0.36 3.87
C GLU B 374 -0.55 1.15 3.97
N VAL B 375 0.12 1.94 3.11
CA VAL B 375 0.05 3.41 3.20
C VAL B 375 -1.27 3.90 2.59
N LEU B 376 -2.14 4.50 3.40
CA LEU B 376 -3.47 4.95 2.98
C LEU B 376 -3.48 6.38 2.46
N ASP B 377 -2.67 7.25 3.08
CA ASP B 377 -2.63 8.65 2.69
C ASP B 377 -1.33 9.30 3.08
N GLU B 378 -1.16 10.48 2.53
CA GLU B 378 0.06 11.25 2.41
C GLU B 378 -0.41 12.71 2.70
N TYR B 379 0.19 13.46 3.63
CA TYR B 379 -0.20 14.87 3.76
C TYR B 379 0.97 15.78 4.08
N GLU B 380 1.28 16.68 3.14
CA GLU B 380 2.37 17.63 3.29
C GLU B 380 1.81 19.05 3.20
N LEU B 381 2.26 19.94 4.09
CA LEU B 381 1.79 21.34 4.06
C LEU B 381 2.95 22.32 4.14
N TYR B 382 2.63 23.59 3.91
CA TYR B 382 3.61 24.67 3.83
C TYR B 382 3.83 25.32 5.20
N TYR B 383 5.06 25.23 5.75
CA TYR B 383 5.41 25.87 7.01
C TYR B 383 4.40 25.60 8.16
N VAL B 384 3.92 26.64 8.86
CA VAL B 384 3.12 26.45 10.08
C VAL B 384 1.67 26.10 9.71
N PRO B 385 1.11 25.01 10.26
CA PRO B 385 -0.29 24.68 9.92
C PRO B 385 -1.29 25.74 10.34
N THR B 386 -2.27 26.03 9.49
CA THR B 386 -3.39 26.89 9.87
C THR B 386 -4.39 26.07 10.68
N GLU B 387 -5.42 26.71 11.22
CA GLU B 387 -6.50 26.02 11.93
C GLU B 387 -7.18 24.99 11.01
N ASP B 388 -7.46 25.36 9.75
CA ASP B 388 -8.09 24.43 8.80
C ASP B 388 -7.19 23.23 8.50
N GLU B 389 -5.88 23.44 8.42
CA GLU B 389 -4.94 22.35 8.18
C GLU B 389 -4.83 21.40 9.38
N LEU B 390 -4.90 21.92 10.62
CA LEU B 390 -4.92 21.06 11.80
C LEU B 390 -6.26 20.33 11.90
N GLU B 391 -7.35 20.93 11.42
CA GLU B 391 -8.63 20.22 11.37
C GLU B 391 -8.58 19.09 10.32
N LYS B 392 -7.85 19.30 9.21
CA LYS B 392 -7.64 18.24 8.22
C LYS B 392 -6.86 17.07 8.85
N CYS B 393 -5.79 17.37 9.64
CA CYS B 393 -5.04 16.32 10.34
C CYS B 393 -5.98 15.56 11.26
N TYR B 394 -6.80 16.29 12.03
CA TYR B 394 -7.77 15.68 12.94
C TYR B 394 -8.72 14.76 12.15
N ASN B 395 -9.30 15.25 11.03
CA ASN B 395 -10.22 14.45 10.23
C ASN B 395 -9.56 13.21 9.64
N MET B 396 -8.32 13.34 9.16
CA MET B 396 -7.59 12.19 8.64
C MET B 396 -7.34 11.14 9.72
N GLY B 397 -6.97 11.57 10.92
CA GLY B 397 -6.78 10.68 12.06
C GLY B 397 -8.06 10.00 12.46
N LYS B 398 -9.17 10.75 12.46
CA LYS B 398 -10.49 10.22 12.76
C LYS B 398 -10.88 9.14 11.74
N ARG B 399 -10.69 9.41 10.44
CA ARG B 399 -11.00 8.43 9.38
C ARG B 399 -10.10 7.20 9.49
N LEU B 400 -8.81 7.39 9.81
CA LEU B 400 -7.90 6.25 10.03
C LEU B 400 -8.37 5.39 11.20
N ALA B 401 -8.76 6.04 12.29
CA ALA B 401 -9.18 5.31 13.48
C ALA B 401 -10.45 4.48 13.21
N VAL B 402 -11.35 4.98 12.35
CA VAL B 402 -12.52 4.20 11.93
C VAL B 402 -12.06 2.95 11.17
N LYS B 403 -11.10 3.09 10.25
CA LYS B 403 -10.55 1.94 9.52
C LYS B 403 -9.84 0.97 10.45
N VAL B 404 -9.08 1.48 11.44
CA VAL B 404 -8.41 0.64 12.44
C VAL B 404 -9.43 -0.26 13.14
N LYS B 405 -10.51 0.33 13.63
CA LYS B 405 -11.57 -0.40 14.33
C LYS B 405 -12.27 -1.43 13.42
N GLU B 406 -12.25 -1.22 12.09
CA GLU B 406 -12.86 -2.14 11.13
C GLU B 406 -11.94 -3.34 10.81
N MET B 407 -10.66 -3.26 11.14
CA MET B 407 -9.71 -4.36 10.85
C MET B 407 -10.04 -5.49 11.81
N LYS B 408 -10.31 -6.72 11.32
CA LYS B 408 -10.67 -7.87 12.14
C LYS B 408 -9.45 -8.40 12.91
N MET C 1 -11.71 -38.91 -10.58
N MET C 1 -13.73 -36.76 -9.80
CA MET C 1 -12.90 -38.27 -10.03
CA MET C 1 -13.61 -38.08 -10.40
C MET C 1 -13.86 -39.31 -9.43
C MET C 1 -14.22 -39.20 -9.57
N LYS C 2 -14.41 -39.04 -8.25
CA LYS C 2 -15.35 -39.93 -7.59
C LYS C 2 -16.75 -39.43 -8.01
N ALA C 3 -17.54 -40.31 -8.62
CA ALA C 3 -18.86 -39.95 -9.16
C ALA C 3 -19.71 -41.19 -9.18
N ASP C 4 -20.95 -41.12 -8.69
CA ASP C 4 -21.79 -42.30 -8.54
C ASP C 4 -22.50 -42.69 -9.84
N ALA C 5 -22.60 -43.98 -10.11
CA ALA C 5 -23.43 -44.50 -11.20
C ALA C 5 -24.89 -44.44 -10.75
N VAL C 6 -25.84 -44.50 -11.70
CA VAL C 6 -27.27 -44.51 -11.37
C VAL C 6 -27.87 -45.78 -11.96
N LYS C 7 -28.44 -46.65 -11.12
CA LYS C 7 -29.06 -47.88 -11.59
C LYS C 7 -30.35 -47.58 -12.36
N ILE C 8 -30.52 -48.16 -13.55
CA ILE C 8 -31.75 -47.96 -14.35
C ILE C 8 -32.54 -49.28 -14.50
N ALA C 9 -31.91 -50.42 -14.19
CA ALA C 9 -32.54 -51.74 -14.17
C ALA C 9 -31.58 -52.70 -13.45
N ASP C 10 -32.00 -53.94 -13.20
CA ASP C 10 -31.10 -54.88 -12.54
C ASP C 10 -29.84 -55.10 -13.39
N GLY C 11 -28.68 -54.81 -12.82
CA GLY C 11 -27.40 -54.93 -13.52
C GLY C 11 -27.20 -53.95 -14.67
N VAL C 12 -27.96 -52.84 -14.72
CA VAL C 12 -27.81 -51.84 -15.78
C VAL C 12 -27.68 -50.47 -15.14
N TYR C 13 -26.65 -49.71 -15.51
CA TYR C 13 -26.38 -48.41 -14.91
C TYR C 13 -26.19 -47.34 -15.96
N TRP C 14 -26.61 -46.12 -15.64
CA TRP C 14 -26.21 -44.94 -16.36
C TRP C 14 -24.83 -44.56 -15.80
N VAL C 15 -23.84 -44.38 -16.68
CA VAL C 15 -22.47 -44.03 -16.31
C VAL C 15 -22.02 -42.82 -17.16
N GLY C 16 -22.98 -41.94 -17.43
CA GLY C 16 -22.79 -40.81 -18.32
C GLY C 16 -22.09 -39.61 -17.70
N VAL C 17 -22.12 -38.50 -18.44
CA VAL C 17 -21.39 -37.29 -18.08
C VAL C 17 -22.39 -36.13 -18.08
N LEU C 18 -22.38 -35.33 -17.01
CA LEU C 18 -23.16 -34.11 -16.93
C LEU C 18 -22.29 -32.97 -17.45
N ASP C 19 -22.62 -32.45 -18.65
CA ASP C 19 -21.93 -31.27 -19.17
C ASP C 19 -22.67 -30.03 -18.68
N TRP C 20 -22.44 -29.68 -17.41
CA TRP C 20 -23.18 -28.61 -16.74
C TRP C 20 -23.09 -27.29 -17.47
N ASP C 21 -21.90 -26.95 -17.95
CA ASP C 21 -21.54 -25.58 -18.31
C ASP C 21 -21.60 -25.24 -19.79
N ILE C 22 -21.76 -26.22 -20.69
CA ILE C 22 -21.86 -25.91 -22.12
C ILE C 22 -23.13 -25.08 -22.41
N ARG C 23 -23.02 -24.03 -23.23
CA ARG C 23 -24.17 -23.19 -23.57
C ARG C 23 -24.50 -23.17 -25.09
N MET C 24 -23.55 -23.62 -25.93
CA MET C 24 -23.69 -23.66 -27.38
C MET C 24 -23.03 -24.95 -27.87
N TYR C 25 -23.70 -25.77 -28.66
CA TYR C 25 -23.14 -27.05 -29.17
C TYR C 25 -23.49 -27.14 -30.67
N HIS C 26 -22.62 -26.74 -31.61
CA HIS C 26 -22.84 -26.72 -33.06
C HIS C 26 -23.91 -25.70 -33.50
N GLY C 27 -24.00 -24.57 -32.81
CA GLY C 27 -25.03 -23.58 -33.09
C GLY C 27 -26.36 -23.84 -32.41
N TYR C 28 -26.44 -24.91 -31.60
CA TYR C 28 -27.65 -25.28 -30.85
C TYR C 28 -27.49 -24.72 -29.44
N THR C 29 -28.35 -23.79 -29.02
CA THR C 29 -28.26 -23.21 -27.69
C THR C 29 -28.88 -24.14 -26.66
N LEU C 30 -28.29 -24.18 -25.46
CA LEU C 30 -28.77 -25.06 -24.40
C LEU C 30 -28.24 -24.59 -23.05
N ASN C 31 -28.82 -25.14 -21.96
CA ASN C 31 -28.36 -24.87 -20.60
C ASN C 31 -27.69 -26.13 -20.09
N GLY C 32 -26.62 -26.52 -20.76
CA GLY C 32 -25.93 -27.77 -20.49
C GLY C 32 -26.60 -28.95 -21.17
N THR C 33 -25.89 -30.06 -21.23
CA THR C 33 -26.48 -31.32 -21.72
C THR C 33 -25.81 -32.48 -21.00
N THR C 34 -26.14 -33.70 -21.38
CA THR C 34 -25.47 -34.88 -20.86
C THR C 34 -25.00 -35.73 -22.03
N TYR C 35 -23.97 -36.54 -21.81
CA TYR C 35 -23.53 -37.57 -22.75
C TYR C 35 -23.78 -38.89 -22.05
N ASN C 36 -24.91 -39.52 -22.38
CA ASN C 36 -25.34 -40.71 -21.66
C ASN C 36 -24.62 -41.95 -22.18
N ALA C 37 -23.99 -42.66 -21.27
CA ALA C 37 -23.34 -43.95 -21.54
C ALA C 37 -23.90 -44.94 -20.55
N TYR C 38 -23.95 -46.22 -20.91
CA TYR C 38 -24.62 -47.22 -20.08
C TYR C 38 -23.74 -48.46 -19.90
N LEU C 39 -23.77 -49.05 -18.71
CA LEU C 39 -22.96 -50.22 -18.37
C LEU C 39 -23.90 -51.39 -18.03
N VAL C 40 -23.83 -52.47 -18.83
CA VAL C 40 -24.71 -53.64 -18.69
C VAL C 40 -23.89 -54.80 -18.14
N PHE C 41 -24.26 -55.30 -16.95
CA PHE C 41 -23.54 -56.38 -16.29
C PHE C 41 -24.18 -57.72 -16.59
N GLY C 42 -23.68 -58.42 -17.59
CA GLY C 42 -24.03 -59.81 -17.81
C GLY C 42 -23.31 -60.69 -16.82
N ASP C 43 -23.72 -61.95 -16.67
CA ASP C 43 -23.04 -62.86 -15.75
C ASP C 43 -21.60 -63.11 -16.19
N ASP C 44 -21.36 -63.15 -17.51
CA ASP C 44 -20.05 -63.42 -18.08
C ASP C 44 -19.32 -62.14 -18.52
N LYS C 45 -20.03 -61.21 -19.19
CA LYS C 45 -19.40 -60.04 -19.80
C LYS C 45 -20.07 -58.75 -19.36
N VAL C 46 -19.25 -57.70 -19.15
CA VAL C 46 -19.74 -56.36 -18.83
C VAL C 46 -19.57 -55.52 -20.09
N ALA C 47 -20.66 -54.91 -20.58
CA ALA C 47 -20.68 -54.17 -21.83
C ALA C 47 -20.87 -52.70 -21.56
N LEU C 48 -20.06 -51.83 -22.22
CA LEU C 48 -20.24 -50.38 -22.15
C LEU C 48 -20.89 -49.92 -23.44
N ILE C 49 -22.03 -49.22 -23.33
CA ILE C 49 -22.75 -48.71 -24.49
C ILE C 49 -22.51 -47.21 -24.60
N ASP C 50 -21.78 -46.79 -25.65
CA ASP C 50 -21.41 -45.40 -25.91
C ASP C 50 -20.53 -44.84 -24.79
N ASN C 51 -20.01 -43.63 -24.98
CA ASN C 51 -19.15 -43.04 -23.99
C ASN C 51 -19.34 -41.52 -23.97
N THR C 52 -18.33 -40.69 -24.26
CA THR C 52 -18.50 -39.26 -24.04
C THR C 52 -17.55 -38.42 -24.91
N TYR C 53 -17.75 -37.09 -24.85
CA TYR C 53 -16.99 -36.10 -25.61
C TYR C 53 -15.51 -36.09 -25.20
N PRO C 54 -14.54 -35.87 -26.11
CA PRO C 54 -13.12 -35.91 -25.68
C PRO C 54 -12.83 -34.91 -24.56
N GLY C 55 -12.05 -35.34 -23.57
CA GLY C 55 -11.68 -34.52 -22.43
C GLY C 55 -12.70 -34.48 -21.31
N THR C 56 -13.85 -35.19 -21.45
CA THR C 56 -14.92 -35.15 -20.42
C THR C 56 -15.10 -36.51 -19.73
N SER C 57 -14.15 -37.43 -19.83
CA SER C 57 -14.33 -38.80 -19.34
C SER C 57 -14.16 -38.97 -17.82
N ALA C 58 -13.70 -37.94 -17.08
CA ALA C 58 -13.47 -38.09 -15.64
C ALA C 58 -14.71 -38.60 -14.91
N GLN C 59 -15.88 -37.98 -15.15
CA GLN C 59 -17.13 -38.46 -14.53
C GLN C 59 -17.43 -39.89 -14.95
N MET C 60 -17.32 -40.19 -16.27
CA MET C 60 -17.66 -41.50 -16.80
C MET C 60 -16.86 -42.61 -16.12
N TRP C 61 -15.53 -42.43 -16.01
CA TRP C 61 -14.68 -43.44 -15.39
C TRP C 61 -15.03 -43.63 -13.91
N GLY C 62 -15.31 -42.53 -13.22
CA GLY C 62 -15.76 -42.58 -11.84
C GLY C 62 -17.03 -43.39 -11.66
N ARG C 63 -18.02 -43.18 -12.56
CA ARG C 63 -19.29 -43.89 -12.49
C ARG C 63 -19.12 -45.37 -12.87
N ILE C 64 -18.23 -45.69 -13.82
CA ILE C 64 -17.96 -47.08 -14.20
C ILE C 64 -17.37 -47.82 -12.99
N LYS C 65 -16.37 -47.21 -12.33
CA LYS C 65 -15.75 -47.80 -11.13
C LYS C 65 -16.78 -47.99 -10.02
N ASP C 66 -17.66 -47.00 -9.82
CA ASP C 66 -18.71 -47.08 -8.80
C ASP C 66 -19.67 -48.25 -9.09
N ALA C 67 -20.08 -48.40 -10.36
CA ALA C 67 -21.00 -49.47 -10.75
C ALA C 67 -20.38 -50.85 -10.53
N CYS C 68 -19.10 -51.02 -10.93
CA CYS C 68 -18.39 -52.29 -10.74
C CYS C 68 -18.31 -52.65 -9.26
N GLU C 69 -18.02 -51.65 -8.40
CA GLU C 69 -17.97 -51.83 -6.96
C GLU C 69 -19.35 -52.24 -6.42
N LYS C 70 -20.42 -51.59 -6.88
CA LYS C 70 -21.78 -51.94 -6.45
C LYS C 70 -22.17 -53.35 -6.87
N GLU C 71 -21.65 -53.83 -8.00
CA GLU C 71 -21.94 -55.16 -8.51
C GLU C 71 -21.02 -56.25 -7.95
N GLY C 72 -20.00 -55.87 -7.17
CA GLY C 72 -19.02 -56.82 -6.66
C GLY C 72 -18.17 -57.41 -7.77
N ARG C 73 -17.88 -56.61 -8.81
CA ARG C 73 -17.12 -57.07 -9.97
C ARG C 73 -15.83 -56.29 -10.08
N GLU C 74 -14.83 -56.83 -10.81
CA GLU C 74 -13.60 -56.08 -11.01
C GLU C 74 -13.85 -54.91 -11.96
N PHE C 75 -12.99 -53.88 -11.87
CA PHE C 75 -13.08 -52.74 -12.76
C PHE C 75 -12.62 -53.20 -14.14
N LYS C 76 -13.55 -53.71 -14.93
CA LYS C 76 -13.23 -54.28 -16.23
C LYS C 76 -14.40 -54.18 -17.20
N ILE C 77 -14.09 -53.83 -18.45
CA ILE C 77 -15.06 -53.80 -19.52
C ILE C 77 -14.69 -54.91 -20.50
N ASP C 78 -15.62 -55.82 -20.79
CA ASP C 78 -15.38 -56.96 -21.69
C ASP C 78 -15.85 -56.66 -23.10
N VAL C 79 -16.86 -55.79 -23.25
CA VAL C 79 -17.50 -55.53 -24.53
C VAL C 79 -17.72 -54.03 -24.67
N ILE C 80 -17.40 -53.45 -25.83
CA ILE C 80 -17.63 -52.02 -26.10
C ILE C 80 -18.63 -51.92 -27.25
N VAL C 81 -19.72 -51.16 -27.06
CA VAL C 81 -20.69 -50.90 -28.12
C VAL C 81 -20.59 -49.42 -28.49
N GLN C 82 -20.50 -49.12 -29.78
CA GLN C 82 -20.44 -47.75 -30.28
C GLN C 82 -21.59 -47.56 -31.26
N ASN C 83 -22.71 -47.00 -30.77
CA ASN C 83 -23.92 -46.83 -31.56
C ASN C 83 -23.76 -45.81 -32.69
N HIS C 84 -22.84 -44.87 -32.52
CA HIS C 84 -22.78 -43.68 -33.37
C HIS C 84 -21.34 -43.15 -33.29
N VAL C 85 -20.80 -42.65 -34.41
CA VAL C 85 -19.39 -42.25 -34.41
C VAL C 85 -19.15 -40.81 -33.99
N GLU C 86 -20.18 -39.96 -33.95
CA GLU C 86 -20.00 -38.54 -33.58
C GLU C 86 -19.29 -38.43 -32.22
N LYS C 87 -18.30 -37.53 -32.11
CA LYS C 87 -17.36 -37.54 -30.99
C LYS C 87 -17.97 -37.21 -29.62
N ASP C 88 -19.20 -36.67 -29.55
CA ASP C 88 -19.88 -36.52 -28.26
C ASP C 88 -20.23 -37.87 -27.64
N HIS C 89 -20.27 -38.97 -28.45
CA HIS C 89 -20.52 -40.32 -27.91
C HIS C 89 -19.36 -41.29 -28.11
N SER C 90 -18.34 -40.93 -28.91
CA SER C 90 -17.22 -41.82 -29.22
C SER C 90 -15.87 -41.25 -28.76
N GLY C 91 -15.87 -40.03 -28.23
CA GLY C 91 -14.64 -39.32 -27.89
C GLY C 91 -13.74 -39.98 -26.88
N ALA C 92 -14.27 -40.85 -26.01
CA ALA C 92 -13.43 -41.56 -25.04
C ALA C 92 -13.08 -42.97 -25.54
N LEU C 93 -13.51 -43.34 -26.77
CA LEU C 93 -13.20 -44.68 -27.31
C LEU C 93 -11.70 -44.97 -27.37
N PRO C 94 -10.83 -43.99 -27.75
CA PRO C 94 -9.38 -44.25 -27.69
C PRO C 94 -8.89 -44.60 -26.30
N GLU C 95 -9.38 -43.90 -25.24
CA GLU C 95 -8.98 -44.21 -23.86
C GLU C 95 -9.48 -45.59 -23.44
N ILE C 96 -10.74 -45.89 -23.78
CA ILE C 96 -11.36 -47.16 -23.36
C ILE C 96 -10.61 -48.32 -24.03
N HIS C 97 -10.33 -48.20 -25.34
CA HIS C 97 -9.59 -49.23 -26.07
C HIS C 97 -8.18 -49.41 -25.50
N LYS C 98 -7.50 -48.33 -25.17
CA LYS C 98 -6.16 -48.40 -24.59
C LYS C 98 -6.17 -49.13 -23.24
N LYS C 99 -7.20 -48.88 -22.41
CA LYS C 99 -7.32 -49.51 -21.09
C LYS C 99 -7.74 -50.98 -21.22
N PHE C 100 -8.65 -51.30 -22.16
CA PHE C 100 -9.17 -52.65 -22.34
C PHE C 100 -8.98 -53.09 -23.80
N PRO C 101 -7.72 -53.37 -24.19
CA PRO C 101 -7.44 -53.60 -25.62
C PRO C 101 -8.01 -54.88 -26.23
N GLU C 102 -8.42 -55.85 -25.40
CA GLU C 102 -8.99 -57.10 -25.88
C GLU C 102 -10.52 -57.04 -25.98
N ALA C 103 -11.15 -55.95 -25.47
CA ALA C 103 -12.61 -55.85 -25.55
C ALA C 103 -13.03 -55.55 -26.99
N PRO C 104 -13.84 -56.41 -27.63
CA PRO C 104 -14.27 -56.08 -29.00
C PRO C 104 -15.14 -54.83 -29.05
N ILE C 105 -15.07 -54.09 -30.15
CA ILE C 105 -15.86 -52.87 -30.37
C ILE C 105 -16.95 -53.18 -31.39
N TYR C 106 -18.21 -53.27 -30.93
CA TYR C 106 -19.34 -53.55 -31.81
C TYR C 106 -19.88 -52.26 -32.40
N CYS C 107 -19.98 -52.19 -33.73
CA CYS C 107 -20.47 -51.00 -34.44
C CYS C 107 -20.86 -51.40 -35.86
N THR C 108 -21.47 -50.49 -36.61
CA THR C 108 -21.87 -50.78 -37.99
C THR C 108 -20.62 -50.82 -38.89
N GLU C 109 -20.78 -51.32 -40.12
CA GLU C 109 -19.68 -51.43 -41.07
C GLU C 109 -19.09 -50.06 -41.37
N VAL C 110 -19.93 -49.08 -41.71
CA VAL C 110 -19.42 -47.74 -42.03
C VAL C 110 -18.83 -47.03 -40.79
N ALA C 111 -19.29 -47.38 -39.57
CA ALA C 111 -18.71 -46.80 -38.35
C ALA C 111 -17.22 -47.07 -38.21
N VAL C 112 -16.75 -48.27 -38.63
CA VAL C 112 -15.34 -48.62 -38.47
C VAL C 112 -14.44 -47.56 -39.12
N GLU C 113 -14.67 -47.25 -40.41
CA GLU C 113 -13.82 -46.28 -41.11
C GLU C 113 -13.98 -44.88 -40.52
N GLY C 114 -15.20 -44.53 -40.13
CA GLY C 114 -15.46 -43.24 -39.50
C GLY C 114 -14.75 -43.07 -38.17
N LEU C 115 -14.75 -44.13 -37.33
CA LEU C 115 -14.06 -44.08 -36.04
C LEU C 115 -12.55 -44.01 -36.20
N VAL C 116 -11.98 -44.81 -37.13
CA VAL C 116 -10.54 -44.76 -37.38
C VAL C 116 -10.14 -43.38 -37.96
N LYS C 117 -10.99 -42.78 -38.81
CA LYS C 117 -10.70 -41.44 -39.36
C LYS C 117 -10.72 -40.39 -38.22
N HIS C 118 -11.64 -40.52 -37.26
CA HIS C 118 -11.67 -39.61 -36.10
C HIS C 118 -10.49 -39.87 -35.18
N PHE C 119 -10.18 -41.15 -34.91
CA PHE C 119 -9.22 -41.56 -33.90
C PHE C 119 -8.18 -42.53 -34.49
N PRO C 120 -7.05 -42.00 -35.01
CA PRO C 120 -6.05 -42.88 -35.65
C PRO C 120 -5.46 -43.99 -34.77
N SER C 121 -5.47 -43.82 -33.43
CA SER C 121 -4.98 -44.86 -32.51
C SER C 121 -5.87 -46.13 -32.52
N LEU C 122 -7.09 -46.05 -33.09
CA LEU C 122 -7.96 -47.23 -33.19
C LEU C 122 -7.63 -48.11 -34.39
N LYS C 123 -6.67 -47.72 -35.25
CA LYS C 123 -6.25 -48.59 -36.35
C LYS C 123 -5.70 -49.89 -35.76
N GLY C 124 -6.30 -51.02 -36.14
CA GLY C 124 -5.94 -52.31 -35.58
C GLY C 124 -6.70 -52.72 -34.33
N ALA C 125 -7.70 -51.92 -33.91
CA ALA C 125 -8.50 -52.26 -32.74
C ALA C 125 -9.45 -53.40 -33.08
N PRO C 126 -9.90 -54.20 -32.09
CA PRO C 126 -10.76 -55.36 -32.43
C PRO C 126 -12.21 -55.00 -32.74
N PHE C 127 -12.43 -54.35 -33.89
CA PHE C 127 -13.78 -54.02 -34.33
C PHE C 127 -14.54 -55.28 -34.70
N LYS C 128 -15.83 -55.33 -34.37
CA LYS C 128 -16.74 -56.42 -34.74
C LYS C 128 -17.94 -55.80 -35.43
N VAL C 129 -18.01 -55.90 -36.75
CA VAL C 129 -19.10 -55.29 -37.51
C VAL C 129 -20.41 -56.03 -37.22
N VAL C 130 -21.49 -55.28 -36.94
CA VAL C 130 -22.81 -55.87 -36.66
C VAL C 130 -23.83 -55.48 -37.72
N LYS C 131 -24.89 -56.27 -37.83
CA LYS C 131 -25.99 -56.06 -38.77
C LYS C 131 -27.31 -56.13 -37.99
N SER C 132 -28.39 -55.59 -38.58
CA SER C 132 -29.70 -55.59 -37.90
C SER C 132 -30.10 -56.99 -37.46
N LEU C 133 -30.64 -57.09 -36.25
CA LEU C 133 -31.13 -58.33 -35.63
C LEU C 133 -30.03 -59.30 -35.20
N GLU C 134 -28.75 -58.91 -35.30
CA GLU C 134 -27.64 -59.72 -34.77
C GLU C 134 -27.56 -59.47 -33.29
N SER C 135 -27.25 -60.51 -32.51
CA SER C 135 -27.21 -60.38 -31.06
C SER C 135 -25.91 -60.90 -30.49
N ILE C 136 -25.61 -60.48 -29.25
CA ILE C 136 -24.50 -61.03 -28.47
C ILE C 136 -25.01 -61.36 -27.08
N ASP C 137 -24.50 -62.46 -26.51
CA ASP C 137 -24.89 -62.93 -25.19
C ASP C 137 -23.86 -62.47 -24.18
N LEU C 138 -24.30 -61.78 -23.12
CA LEU C 138 -23.40 -61.34 -22.05
C LEU C 138 -23.46 -62.30 -20.87
N GLY C 139 -24.37 -63.27 -20.92
CA GLY C 139 -24.61 -64.20 -19.81
C GLY C 139 -25.84 -63.80 -19.05
N GLY C 140 -27.00 -64.28 -19.49
CA GLY C 140 -28.29 -63.91 -18.90
C GLY C 140 -28.85 -62.59 -19.41
N LYS C 141 -28.09 -61.86 -20.23
CA LYS C 141 -28.54 -60.61 -20.85
C LYS C 141 -28.11 -60.65 -22.31
N THR C 142 -29.01 -60.23 -23.20
CA THR C 142 -28.75 -60.24 -24.63
C THR C 142 -28.81 -58.82 -25.16
N LEU C 143 -27.83 -58.43 -25.98
CA LEU C 143 -27.88 -57.15 -26.71
C LEU C 143 -28.15 -57.45 -28.17
N THR C 144 -29.22 -56.86 -28.72
CA THR C 144 -29.58 -57.01 -30.13
C THR C 144 -29.39 -55.68 -30.84
N PHE C 145 -28.71 -55.69 -31.98
CA PHE C 145 -28.42 -54.46 -32.72
C PHE C 145 -29.45 -54.23 -33.81
N LEU C 146 -29.74 -52.95 -34.08
CA LEU C 146 -30.67 -52.56 -35.13
CA LEU C 146 -30.66 -52.55 -35.14
C LEU C 146 -30.06 -51.38 -35.88
N GLU C 147 -29.53 -51.63 -37.07
CA GLU C 147 -28.96 -50.55 -37.86
C GLU C 147 -30.06 -49.53 -38.13
N ALA C 148 -29.72 -48.24 -38.00
CA ALA C 148 -30.68 -47.17 -38.19
C ALA C 148 -29.97 -46.05 -38.99
N PRO C 149 -29.54 -46.36 -40.23
CA PRO C 149 -28.76 -45.39 -41.03
C PRO C 149 -29.49 -44.09 -41.34
N LEU C 150 -28.77 -42.96 -41.25
CA LEU C 150 -29.32 -41.61 -41.37
C LEU C 150 -30.36 -41.31 -40.29
N LEU C 151 -30.21 -41.92 -39.09
CA LEU C 151 -31.00 -41.58 -37.90
C LEU C 151 -30.01 -41.44 -36.72
N HIS C 152 -29.10 -40.43 -36.77
CA HIS C 152 -29.09 -39.35 -37.77
C HIS C 152 -27.89 -39.37 -38.74
N TRP C 153 -26.90 -40.26 -38.55
CA TRP C 153 -25.74 -40.37 -39.46
C TRP C 153 -25.73 -41.76 -40.13
N PRO C 154 -24.93 -41.95 -41.21
CA PRO C 154 -24.94 -43.29 -41.89
C PRO C 154 -24.52 -44.46 -41.00
N ASP C 155 -23.72 -44.18 -39.98
CA ASP C 155 -23.18 -45.17 -39.03
C ASP C 155 -24.14 -45.52 -37.90
N SER C 156 -25.21 -44.75 -37.71
CA SER C 156 -26.06 -44.89 -36.54
C SER C 156 -26.72 -46.26 -36.41
N MET C 157 -26.83 -46.76 -35.17
CA MET C 157 -27.59 -47.96 -34.85
C MET C 157 -28.19 -47.82 -33.46
N PHE C 158 -29.15 -48.67 -33.14
CA PHE C 158 -29.69 -48.78 -31.79
C PHE C 158 -29.24 -50.12 -31.21
N THR C 159 -29.13 -50.20 -29.89
CA THR C 159 -28.84 -51.44 -29.18
C THR C 159 -30.00 -51.73 -28.25
N LEU C 160 -30.55 -52.94 -28.30
CA LEU C 160 -31.68 -53.33 -27.47
C LEU C 160 -31.22 -54.36 -26.44
N TYR C 161 -31.46 -54.09 -25.15
CA TYR C 161 -31.27 -55.09 -24.11
C TYR C 161 -32.60 -55.86 -24.07
N ALA C 162 -32.65 -56.98 -24.79
CA ALA C 162 -33.87 -57.71 -25.11
C ALA C 162 -34.72 -58.14 -23.90
N GLU C 163 -34.10 -58.69 -22.85
CA GLU C 163 -34.85 -59.25 -21.73
C GLU C 163 -35.69 -58.21 -20.99
N GLU C 164 -35.21 -56.96 -20.89
CA GLU C 164 -35.94 -55.90 -20.21
C GLU C 164 -36.59 -54.88 -21.16
N GLY C 165 -36.37 -55.04 -22.47
CA GLY C 165 -36.91 -54.13 -23.46
C GLY C 165 -36.38 -52.72 -23.34
N ILE C 166 -35.09 -52.57 -22.99
CA ILE C 166 -34.46 -51.25 -22.89
C ILE C 166 -33.79 -50.94 -24.22
N LEU C 167 -34.26 -49.89 -24.90
CA LEU C 167 -33.70 -49.48 -26.19
C LEU C 167 -32.68 -48.35 -25.99
N PHE C 168 -31.42 -48.62 -26.28
CA PHE C 168 -30.37 -47.60 -26.26
C PHE C 168 -30.35 -46.97 -27.65
N SER C 169 -31.04 -45.83 -27.81
CA SER C 169 -31.37 -45.28 -29.13
C SER C 169 -30.35 -44.24 -29.60
N ASN C 170 -29.29 -44.02 -28.83
CA ASN C 170 -28.32 -42.97 -29.11
C ASN C 170 -29.05 -41.62 -29.30
N ASP C 171 -28.76 -40.81 -30.34
CA ASP C 171 -29.36 -39.47 -30.44
C ASP C 171 -30.88 -39.51 -30.55
N ALA C 172 -31.46 -40.49 -31.25
CA ALA C 172 -32.91 -40.57 -31.41
C ALA C 172 -33.61 -40.52 -30.05
N PHE C 173 -34.60 -39.63 -29.91
CA PHE C 173 -35.37 -39.43 -28.66
C PHE C 173 -34.58 -38.72 -27.54
N GLY C 174 -33.38 -38.23 -27.86
CA GLY C 174 -32.60 -37.47 -26.89
C GLY C 174 -33.09 -36.04 -26.75
N GLN C 175 -32.70 -35.38 -25.66
CA GLN C 175 -32.98 -33.95 -25.51
C GLN C 175 -31.78 -33.32 -24.81
N HIS C 176 -31.47 -32.07 -25.16
CA HIS C 176 -30.32 -31.42 -24.53
C HIS C 176 -30.71 -30.76 -23.22
N LEU C 177 -30.70 -31.56 -22.15
CA LEU C 177 -31.06 -31.14 -20.79
C LEU C 177 -30.02 -31.68 -19.83
N CYS C 178 -29.64 -30.88 -18.84
CA CYS C 178 -28.67 -31.32 -17.83
C CYS C 178 -29.24 -31.11 -16.43
N PHE C 179 -29.82 -32.17 -15.86
CA PHE C 179 -30.41 -32.15 -14.53
C PHE C 179 -29.78 -33.25 -13.70
N THR C 180 -29.88 -33.17 -12.36
CA THR C 180 -29.48 -34.27 -11.49
C THR C 180 -30.47 -35.44 -11.67
N GLN C 181 -31.72 -35.13 -12.03
CA GLN C 181 -32.76 -36.14 -12.25
C GLN C 181 -32.48 -36.84 -13.59
N ARG C 182 -32.55 -38.17 -13.64
CA ARG C 182 -32.20 -38.93 -14.85
C ARG C 182 -33.39 -39.37 -15.70
N PHE C 183 -34.61 -39.40 -15.12
CA PHE C 183 -35.77 -39.95 -15.82
C PHE C 183 -36.76 -38.89 -16.27
N ASP C 184 -37.53 -39.23 -17.31
CA ASP C 184 -38.56 -38.35 -17.88
C ASP C 184 -39.57 -37.85 -16.83
N HIS C 185 -40.05 -38.75 -15.96
CA HIS C 185 -41.10 -38.41 -14.99
C HIS C 185 -40.62 -37.51 -13.84
N GLU C 186 -39.32 -37.31 -13.68
CA GLU C 186 -38.77 -36.54 -12.55
C GLU C 186 -38.63 -35.03 -12.82
N ILE C 187 -38.89 -34.57 -14.05
CA ILE C 187 -38.81 -33.14 -14.35
C ILE C 187 -40.15 -32.64 -14.88
N PRO C 188 -40.39 -31.33 -14.90
CA PRO C 188 -41.68 -30.84 -15.45
C PRO C 188 -41.88 -31.25 -16.91
N GLU C 189 -43.08 -31.78 -17.24
CA GLU C 189 -43.39 -32.23 -18.60
C GLU C 189 -43.14 -31.17 -19.67
N ASN C 190 -43.48 -29.89 -19.41
CA ASN C 190 -43.27 -28.82 -20.39
CA ASN C 190 -43.27 -28.85 -20.41
C ASN C 190 -41.78 -28.68 -20.75
N ILE C 191 -40.88 -28.79 -19.77
CA ILE C 191 -39.43 -28.68 -20.01
C ILE C 191 -39.00 -29.86 -20.89
N LEU C 192 -39.43 -31.07 -20.52
CA LEU C 192 -39.06 -32.28 -21.24
C LEU C 192 -39.54 -32.24 -22.70
N MET C 193 -40.83 -31.95 -22.91
CA MET C 193 -41.40 -31.98 -24.26
C MET C 193 -40.96 -30.78 -25.11
N ASP C 194 -40.66 -29.63 -24.47
CA ASP C 194 -40.10 -28.49 -25.22
C ASP C 194 -38.69 -28.84 -25.72
N ALA C 195 -37.87 -29.47 -24.87
CA ALA C 195 -36.51 -29.87 -25.25
C ALA C 195 -36.55 -30.97 -26.32
N ASN C 196 -37.50 -31.90 -26.20
CA ASN C 196 -37.70 -32.95 -27.19
C ASN C 196 -38.09 -32.35 -28.55
N GLN C 197 -38.98 -31.33 -28.53
CA GLN C 197 -39.41 -30.64 -29.75
C GLN C 197 -38.24 -29.93 -30.42
N LYS C 198 -37.42 -29.25 -29.61
CA LYS C 198 -36.25 -28.55 -30.12
C LYS C 198 -35.28 -29.53 -30.76
N PHE C 199 -35.07 -30.68 -30.13
CA PHE C 199 -34.15 -31.71 -30.63
C PHE C 199 -34.66 -32.27 -31.97
N TYR C 200 -35.95 -32.62 -32.05
CA TYR C 200 -36.54 -33.07 -33.31
C TYR C 200 -36.36 -32.00 -34.40
N ALA C 201 -36.77 -30.75 -34.10
CA ALA C 201 -36.74 -29.65 -35.10
C ALA C 201 -35.36 -29.47 -35.72
N ASN C 202 -34.31 -29.49 -34.89
CA ASN C 202 -32.94 -29.21 -35.35
C ASN C 202 -32.22 -30.44 -35.93
N LEU C 203 -32.53 -31.63 -35.43
CA LEU C 203 -31.79 -32.83 -35.80
C LEU C 203 -32.56 -33.85 -36.63
N ILE C 204 -33.89 -33.90 -36.51
CA ILE C 204 -34.68 -34.98 -37.13
C ILE C 204 -35.54 -34.51 -38.31
N THR C 205 -35.94 -33.23 -38.38
CA THR C 205 -36.86 -32.77 -39.44
C THR C 205 -36.58 -33.33 -40.85
N PRO C 206 -35.37 -33.20 -41.42
CA PRO C 206 -35.16 -33.72 -42.78
C PRO C 206 -35.22 -35.25 -42.90
N LEU C 207 -35.21 -35.95 -41.75
CA LEU C 207 -35.27 -37.41 -41.67
C LEU C 207 -36.72 -37.89 -41.38
N SER C 208 -37.71 -36.98 -41.42
CA SER C 208 -39.09 -37.31 -41.04
C SER C 208 -39.66 -38.54 -41.78
N LYS C 209 -39.36 -38.71 -43.08
CA LYS C 209 -39.84 -39.90 -43.81
C LYS C 209 -39.12 -41.18 -43.35
N LEU C 210 -37.83 -41.07 -43.02
CA LEU C 210 -37.08 -42.22 -42.49
C LEU C 210 -37.56 -42.60 -41.08
N VAL C 211 -38.01 -41.62 -40.28
CA VAL C 211 -38.57 -41.89 -38.95
C VAL C 211 -39.80 -42.80 -39.10
N LEU C 212 -40.72 -42.41 -39.99
CA LEU C 212 -41.95 -43.17 -40.22
C LEU C 212 -41.65 -44.57 -40.79
N LYS C 213 -40.62 -44.69 -41.64
CA LYS C 213 -40.19 -45.99 -42.17
C LYS C 213 -39.59 -46.86 -41.06
N LYS C 214 -38.81 -46.28 -40.14
CA LYS C 214 -38.25 -47.04 -39.02
C LYS C 214 -39.34 -47.47 -38.04
N PHE C 215 -40.38 -46.63 -37.85
CA PHE C 215 -41.51 -46.98 -37.00
C PHE C 215 -42.32 -48.14 -37.59
N LYS C 216 -42.47 -48.17 -38.92
CA LYS C 216 -43.19 -49.25 -39.62
C LYS C 216 -42.43 -50.56 -39.47
N GLU C 217 -41.11 -50.53 -39.70
CA GLU C 217 -40.23 -51.68 -39.52
C GLU C 217 -40.30 -52.23 -38.10
N VAL C 218 -40.28 -51.35 -37.08
CA VAL C 218 -40.34 -51.76 -35.67
C VAL C 218 -41.69 -52.41 -35.35
N ILE C 219 -42.79 -51.86 -35.88
CA ILE C 219 -44.14 -52.42 -35.67
C ILE C 219 -44.28 -53.79 -36.36
N GLU C 220 -43.61 -53.99 -37.50
CA GLU C 220 -43.69 -55.24 -38.30
C GLU C 220 -43.01 -56.39 -37.57
N LEU C 221 -42.02 -56.09 -36.73
CA LEU C 221 -41.29 -57.11 -35.94
C LEU C 221 -41.96 -57.33 -34.59
N GLY C 222 -43.08 -56.68 -34.31
CA GLY C 222 -43.83 -56.79 -33.05
C GLY C 222 -42.98 -56.26 -31.94
N LEU C 223 -42.16 -55.25 -32.23
CA LEU C 223 -41.21 -54.76 -31.23
C LEU C 223 -41.68 -53.49 -30.51
N LEU C 224 -42.68 -52.77 -31.04
CA LEU C 224 -43.10 -51.50 -30.44
C LEU C 224 -43.62 -51.67 -29.02
N GLU C 225 -44.52 -52.65 -28.80
CA GLU C 225 -45.07 -52.93 -27.48
C GLU C 225 -44.02 -53.47 -26.51
N LYS C 226 -42.95 -54.09 -27.05
CA LYS C 226 -41.87 -54.67 -26.25
C LYS C 226 -40.88 -53.62 -25.72
N ILE C 227 -40.91 -52.36 -26.24
CA ILE C 227 -40.01 -51.31 -25.74
C ILE C 227 -40.56 -50.84 -24.39
N LYS C 228 -39.88 -51.14 -23.29
CA LYS C 228 -40.32 -50.70 -21.96
C LYS C 228 -39.63 -49.40 -21.53
N MET C 229 -38.45 -49.11 -22.07
CA MET C 229 -37.71 -47.91 -21.70
C MET C 229 -36.85 -47.48 -22.89
N ILE C 230 -36.74 -46.16 -23.13
CA ILE C 230 -35.84 -45.64 -24.16
C ILE C 230 -34.77 -44.83 -23.44
N ALA C 231 -33.51 -45.26 -23.57
CA ALA C 231 -32.38 -44.64 -22.90
C ALA C 231 -31.51 -43.96 -23.96
N PRO C 232 -31.76 -42.67 -24.27
CA PRO C 232 -31.04 -42.04 -25.38
C PRO C 232 -29.68 -41.51 -24.96
N SER C 233 -28.93 -40.94 -25.90
CA SER C 233 -27.56 -40.48 -25.63
C SER C 233 -27.48 -39.06 -25.01
N HIS C 234 -28.59 -38.32 -24.93
CA HIS C 234 -28.62 -37.01 -24.29
C HIS C 234 -29.90 -36.89 -23.48
N GLY C 235 -29.80 -36.28 -22.31
CA GLY C 235 -30.97 -35.91 -21.52
C GLY C 235 -31.63 -37.06 -20.79
N GLN C 236 -32.96 -36.97 -20.66
CA GLN C 236 -33.72 -37.88 -19.81
C GLN C 236 -33.94 -39.26 -20.43
N ILE C 237 -34.07 -40.28 -19.56
CA ILE C 237 -34.43 -41.63 -19.95
C ILE C 237 -35.96 -41.75 -19.91
N TRP C 238 -36.55 -42.27 -20.99
CA TRP C 238 -38.00 -42.37 -21.09
C TRP C 238 -38.50 -43.66 -20.44
N THR C 239 -39.14 -43.55 -19.27
CA THR C 239 -39.85 -44.67 -18.65
C THR C 239 -41.23 -44.81 -19.30
N ASP C 240 -41.66 -43.79 -20.09
CA ASP C 240 -42.89 -43.82 -20.88
C ASP C 240 -42.51 -43.68 -22.38
N PRO C 241 -41.97 -44.76 -22.99
CA PRO C 241 -41.51 -44.64 -24.38
C PRO C 241 -42.58 -44.18 -25.37
N MET C 242 -43.84 -44.60 -25.19
CA MET C 242 -44.90 -44.21 -26.13
C MET C 242 -45.16 -42.70 -26.12
N LYS C 243 -44.79 -41.99 -25.06
CA LYS C 243 -44.90 -40.53 -25.03
C LYS C 243 -43.99 -39.88 -26.08
N VAL C 244 -42.71 -40.30 -26.15
CA VAL C 244 -41.79 -39.71 -27.13
C VAL C 244 -42.01 -40.29 -28.53
N ILE C 245 -42.36 -41.57 -28.65
CA ILE C 245 -42.68 -42.14 -29.97
C ILE C 245 -43.88 -41.40 -30.56
N GLY C 246 -44.90 -41.15 -29.75
CA GLY C 246 -46.07 -40.38 -30.15
C GLY C 246 -45.73 -38.96 -30.58
N ALA C 247 -44.83 -38.29 -29.84
CA ALA C 247 -44.39 -36.94 -30.22
C ALA C 247 -43.66 -36.97 -31.56
N TYR C 248 -42.79 -37.98 -31.78
CA TYR C 248 -42.07 -38.13 -33.05
C TYR C 248 -43.04 -38.38 -34.20
N GLN C 249 -44.06 -39.23 -33.97
CA GLN C 249 -45.09 -39.53 -34.99
C GLN C 249 -45.79 -38.22 -35.40
N ASP C 250 -46.16 -37.38 -34.42
CA ASP C 250 -46.82 -36.10 -34.68
C ASP C 250 -45.93 -35.16 -35.49
N PHE C 251 -44.65 -35.02 -35.09
CA PHE C 251 -43.72 -34.13 -35.79
C PHE C 251 -43.41 -34.65 -37.20
N ALA C 252 -43.31 -35.97 -37.37
CA ALA C 252 -42.99 -36.53 -38.68
C ALA C 252 -44.16 -36.46 -39.67
N THR C 253 -45.40 -36.22 -39.18
CA THR C 253 -46.59 -36.18 -40.05
C THR C 253 -47.25 -34.80 -40.14
N GLY C 254 -46.58 -33.76 -39.64
CA GLY C 254 -47.06 -32.40 -39.80
C GLY C 254 -48.22 -32.01 -38.91
N LYS C 255 -48.33 -32.59 -37.71
CA LYS C 255 -49.37 -32.18 -36.76
C LYS C 255 -48.90 -30.88 -36.07
N CYS C 256 -49.56 -29.76 -36.40
CA CYS C 256 -49.19 -28.43 -35.92
C CYS C 256 -50.31 -27.80 -35.12
N LYS C 257 -49.97 -26.73 -34.40
CA LYS C 257 -50.92 -25.93 -33.64
C LYS C 257 -51.43 -24.77 -34.49
N ASP C 258 -52.50 -24.10 -34.04
CA ASP C 258 -52.99 -22.85 -34.64
C ASP C 258 -52.03 -21.77 -34.16
N LYS C 259 -50.90 -21.66 -34.85
CA LYS C 259 -49.74 -20.91 -34.36
C LYS C 259 -48.93 -20.42 -35.54
N VAL C 260 -48.37 -19.20 -35.42
CA VAL C 260 -47.56 -18.59 -36.44
C VAL C 260 -46.23 -18.22 -35.80
N THR C 261 -45.11 -18.53 -36.46
CA THR C 261 -43.81 -18.05 -36.03
C THR C 261 -43.44 -16.86 -36.91
N ILE C 262 -43.06 -15.74 -36.31
CA ILE C 262 -42.68 -14.53 -37.05
C ILE C 262 -41.22 -14.26 -36.78
N VAL C 263 -40.44 -14.07 -37.84
CA VAL C 263 -39.02 -13.78 -37.71
C VAL C 263 -38.74 -12.52 -38.51
N TYR C 264 -37.94 -11.60 -37.96
CA TYR C 264 -37.56 -10.42 -38.73
C TYR C 264 -36.22 -9.89 -38.30
N ASP C 265 -35.65 -9.00 -39.13
CA ASP C 265 -34.54 -8.15 -38.72
C ASP C 265 -34.84 -6.73 -39.18
N THR C 266 -34.15 -5.75 -38.59
CA THR C 266 -34.41 -4.35 -38.86
C THR C 266 -33.15 -3.57 -38.57
N MET C 267 -32.97 -2.44 -39.25
CA MET C 267 -31.89 -1.49 -38.98
C MET C 267 -32.48 -0.28 -38.25
N HIS C 268 -33.55 0.29 -38.80
CA HIS C 268 -34.16 1.52 -38.28
C HIS C 268 -35.55 1.32 -37.66
N GLY C 269 -35.97 0.06 -37.46
CA GLY C 269 -37.20 -0.26 -36.73
C GLY C 269 -38.49 -0.38 -37.53
N SER C 270 -38.48 -0.06 -38.84
CA SER C 270 -39.71 -0.10 -39.62
C SER C 270 -40.22 -1.52 -39.86
N THR C 271 -39.32 -2.46 -40.19
CA THR C 271 -39.71 -3.86 -40.38
C THR C 271 -40.20 -4.45 -39.04
N GLN C 272 -39.62 -4.00 -37.92
CA GLN C 272 -40.08 -4.42 -36.58
C GLN C 272 -41.53 -3.98 -36.35
N LYS C 273 -41.85 -2.72 -36.65
CA LYS C 273 -43.22 -2.22 -36.51
C LYS C 273 -44.19 -3.05 -37.37
N MET C 274 -43.78 -3.40 -38.60
CA MET C 274 -44.61 -4.25 -39.46
C MET C 274 -44.82 -5.61 -38.80
N ALA C 275 -43.74 -6.27 -38.32
CA ALA C 275 -43.81 -7.59 -37.69
C ALA C 275 -44.81 -7.58 -36.54
N HIS C 276 -44.72 -6.56 -35.67
CA HIS C 276 -45.62 -6.46 -34.52
C HIS C 276 -47.07 -6.23 -34.96
N ALA C 277 -47.29 -5.51 -36.07
CA ALA C 277 -48.64 -5.28 -36.59
C ALA C 277 -49.24 -6.55 -37.21
N PHE C 278 -48.42 -7.37 -37.92
CA PHE C 278 -48.90 -8.67 -38.40
C PHE C 278 -49.34 -9.54 -37.22
N ALA C 279 -48.55 -9.54 -36.12
CA ALA C 279 -48.87 -10.32 -34.93
C ALA C 279 -50.22 -9.91 -34.35
N GLU C 280 -50.51 -8.60 -34.31
CA GLU C 280 -51.79 -8.13 -33.76
C GLU C 280 -52.97 -8.67 -34.58
N GLY C 281 -52.85 -8.68 -35.91
CA GLY C 281 -53.87 -9.24 -36.78
C GLY C 281 -54.07 -10.73 -36.56
N ILE C 282 -52.97 -11.47 -36.42
CA ILE C 282 -53.04 -12.91 -36.17
C ILE C 282 -53.72 -13.19 -34.83
N MET C 283 -53.30 -12.45 -33.78
CA MET C 283 -53.85 -12.64 -32.43
C MET C 283 -55.33 -12.31 -32.38
N SER C 284 -55.81 -11.36 -33.22
CA SER C 284 -57.24 -11.00 -33.26
C SER C 284 -58.12 -12.20 -33.64
N GLU C 285 -57.54 -13.25 -34.26
CA GLU C 285 -58.24 -14.47 -34.65
C GLU C 285 -58.02 -15.62 -33.65
N GLY C 286 -57.42 -15.33 -32.49
CA GLY C 286 -57.14 -16.34 -31.48
C GLY C 286 -56.03 -17.31 -31.87
N VAL C 287 -55.19 -16.92 -32.84
CA VAL C 287 -54.08 -17.76 -33.30
C VAL C 287 -52.81 -17.32 -32.54
N ASP C 288 -52.02 -18.29 -32.05
CA ASP C 288 -50.85 -17.99 -31.24
C ASP C 288 -49.70 -17.45 -32.12
N VAL C 289 -48.79 -16.70 -31.50
CA VAL C 289 -47.67 -16.07 -32.20
C VAL C 289 -46.41 -16.29 -31.38
N LYS C 290 -45.31 -16.63 -32.07
CA LYS C 290 -43.97 -16.57 -31.50
C LYS C 290 -43.16 -15.58 -32.33
N MET C 291 -42.53 -14.62 -31.65
CA MET C 291 -41.86 -13.51 -32.32
C MET C 291 -40.36 -13.63 -32.12
N TYR C 292 -39.58 -13.54 -33.20
CA TYR C 292 -38.12 -13.63 -33.10
C TYR C 292 -37.48 -12.47 -33.84
N PHE C 293 -36.47 -11.86 -33.23
CA PHE C 293 -35.73 -10.74 -33.78
C PHE C 293 -34.33 -11.28 -34.03
N LEU C 294 -33.92 -11.39 -35.32
CA LEU C 294 -32.64 -12.02 -35.67
C LEU C 294 -31.42 -11.34 -35.08
N HIS C 295 -31.52 -10.06 -34.71
CA HIS C 295 -30.41 -9.39 -34.03
C HIS C 295 -30.02 -10.12 -32.73
N ASN C 296 -31.01 -10.63 -31.99
CA ASN C 296 -30.79 -11.23 -30.67
C ASN C 296 -30.94 -12.73 -30.69
N ASP C 297 -31.89 -13.22 -31.48
CA ASP C 297 -32.30 -14.61 -31.42
C ASP C 297 -31.53 -15.46 -32.40
N GLU C 298 -31.58 -16.79 -32.20
CA GLU C 298 -30.78 -17.67 -33.05
C GLU C 298 -31.59 -18.86 -33.56
N ARG C 299 -31.04 -19.47 -34.60
CA ARG C 299 -31.75 -20.41 -35.44
C ARG C 299 -32.36 -21.60 -34.70
N SER C 300 -31.71 -22.12 -33.64
CA SER C 300 -32.21 -23.37 -33.04
C SER C 300 -33.54 -23.21 -32.31
N GLU C 301 -33.81 -22.06 -31.69
CA GLU C 301 -35.11 -21.80 -31.07
C GLU C 301 -36.15 -21.49 -32.15
N ILE C 302 -35.75 -20.74 -33.18
CA ILE C 302 -36.67 -20.41 -34.27
C ILE C 302 -37.25 -21.68 -34.90
N VAL C 303 -36.39 -22.64 -35.26
CA VAL C 303 -36.87 -23.83 -35.97
C VAL C 303 -37.68 -24.75 -35.03
N LYS C 304 -37.41 -24.71 -33.71
CA LYS C 304 -38.25 -25.40 -32.72
C LYS C 304 -39.70 -24.95 -32.87
N ASP C 305 -39.92 -23.63 -32.94
CA ASP C 305 -41.28 -23.11 -33.03
C ASP C 305 -41.90 -23.28 -34.43
N ILE C 306 -41.09 -23.22 -35.51
CA ILE C 306 -41.63 -23.48 -36.85
C ILE C 306 -42.21 -24.90 -36.91
N LEU C 307 -41.55 -25.87 -36.24
CA LEU C 307 -41.95 -27.28 -36.29
C LEU C 307 -43.43 -27.51 -35.98
N ASP C 308 -44.01 -26.81 -34.99
CA ASP C 308 -45.44 -26.98 -34.73
C ASP C 308 -46.25 -25.71 -35.05
N SER C 309 -45.75 -24.87 -35.97
CA SER C 309 -46.48 -23.72 -36.48
C SER C 309 -47.09 -24.10 -37.84
N LYS C 310 -48.31 -23.62 -38.12
CA LYS C 310 -48.92 -23.83 -39.43
C LYS C 310 -48.46 -22.78 -40.42
N ALA C 311 -47.87 -21.67 -39.92
CA ALA C 311 -47.41 -20.60 -40.79
C ALA C 311 -46.14 -19.94 -40.27
N PHE C 312 -45.41 -19.32 -41.18
CA PHE C 312 -44.11 -18.71 -40.90
C PHE C 312 -44.00 -17.38 -41.65
N LEU C 313 -43.77 -16.28 -40.93
CA LEU C 313 -43.58 -14.96 -41.55
C LEU C 313 -42.11 -14.58 -41.47
N LEU C 314 -41.56 -14.03 -42.56
CA LEU C 314 -40.15 -13.61 -42.57
C LEU C 314 -40.04 -12.21 -43.14
N GLY C 315 -39.44 -11.30 -42.37
CA GLY C 315 -39.35 -9.90 -42.76
C GLY C 315 -37.95 -9.33 -42.62
N ALA C 316 -37.57 -8.47 -43.55
CA ALA C 316 -36.27 -7.80 -43.49
C ALA C 316 -36.28 -6.57 -44.38
N PRO C 317 -35.48 -5.55 -44.04
CA PRO C 317 -35.35 -4.41 -44.94
C PRO C 317 -34.47 -4.75 -46.15
N THR C 318 -34.51 -3.89 -47.18
CA THR C 318 -33.65 -4.06 -48.35
C THR C 318 -32.35 -3.31 -48.15
N ILE C 319 -31.22 -3.96 -48.46
CA ILE C 319 -29.90 -3.35 -48.42
C ILE C 319 -29.16 -3.77 -49.70
N TYR C 320 -28.83 -2.80 -50.57
CA TYR C 320 -28.20 -3.07 -51.88
C TYR C 320 -28.95 -4.10 -52.70
N ASP C 321 -30.29 -3.94 -52.82
CA ASP C 321 -31.17 -4.81 -53.60
C ASP C 321 -31.39 -6.20 -52.98
N GLU C 322 -30.82 -6.48 -51.80
CA GLU C 322 -30.93 -7.79 -51.18
C GLU C 322 -31.67 -7.66 -49.86
N PRO C 323 -32.22 -8.76 -49.31
CA PRO C 323 -32.73 -8.68 -47.94
C PRO C 323 -31.57 -8.56 -46.95
N PHE C 324 -31.79 -7.90 -45.81
CA PHE C 324 -30.79 -7.77 -44.75
C PHE C 324 -30.08 -9.13 -44.52
N PRO C 325 -28.74 -9.18 -44.46
CA PRO C 325 -28.05 -10.47 -44.62
C PRO C 325 -28.26 -11.52 -43.53
N SER C 326 -28.67 -11.12 -42.31
CA SER C 326 -28.91 -12.10 -41.25
C SER C 326 -29.95 -13.17 -41.63
N VAL C 327 -30.89 -12.85 -42.54
CA VAL C 327 -31.86 -13.86 -43.00
C VAL C 327 -31.17 -15.02 -43.73
N GLY C 328 -30.03 -14.75 -44.35
CA GLY C 328 -29.28 -15.76 -45.09
C GLY C 328 -28.92 -16.97 -44.26
N ASP C 329 -28.56 -16.76 -42.98
CA ASP C 329 -28.24 -17.84 -42.06
C ASP C 329 -29.46 -18.75 -41.86
N LEU C 330 -30.59 -18.15 -41.50
CA LEU C 330 -31.81 -18.94 -41.27
C LEU C 330 -32.26 -19.64 -42.55
N ILE C 331 -32.21 -18.96 -43.71
CA ILE C 331 -32.64 -19.56 -44.97
C ILE C 331 -31.76 -20.77 -45.32
N TYR C 332 -30.43 -20.65 -45.17
CA TYR C 332 -29.52 -21.79 -45.42
C TYR C 332 -29.87 -22.97 -44.52
N TYR C 333 -30.21 -22.68 -43.26
CA TYR C 333 -30.59 -23.72 -42.32
C TYR C 333 -31.91 -24.38 -42.71
N LEU C 334 -32.92 -23.58 -43.09
CA LEU C 334 -34.21 -24.13 -43.52
C LEU C 334 -34.08 -24.94 -44.81
N LYS C 335 -33.14 -24.55 -45.70
CA LYS C 335 -32.88 -25.32 -46.93
C LYS C 335 -32.39 -26.73 -46.59
N GLY C 336 -31.59 -26.85 -45.53
CA GLY C 336 -31.12 -28.15 -45.04
C GLY C 336 -32.19 -28.93 -44.30
N LEU C 337 -32.99 -28.27 -43.44
CA LEU C 337 -33.97 -28.97 -42.61
C LEU C 337 -35.16 -29.52 -43.42
N LYS C 338 -35.54 -28.85 -44.53
CA LYS C 338 -36.61 -29.32 -45.42
C LYS C 338 -37.88 -29.66 -44.66
N PHE C 339 -38.54 -28.64 -44.09
CA PHE C 339 -39.77 -28.82 -43.31
C PHE C 339 -40.90 -29.47 -44.13
N ASN C 340 -40.88 -29.32 -45.47
CA ASN C 340 -41.86 -29.99 -46.34
C ASN C 340 -41.83 -31.53 -46.18
N ARG C 341 -40.70 -32.12 -45.71
CA ARG C 341 -40.61 -33.56 -45.48
C ARG C 341 -41.48 -34.07 -44.31
N THR C 342 -42.03 -33.15 -43.51
CA THR C 342 -43.00 -33.51 -42.48
C THR C 342 -44.38 -33.82 -43.08
N GLY C 343 -44.54 -33.63 -44.39
CA GLY C 343 -45.80 -33.87 -45.07
C GLY C 343 -46.72 -32.66 -45.08
N LEU C 344 -46.23 -31.49 -44.59
CA LEU C 344 -47.00 -30.26 -44.57
C LEU C 344 -46.21 -29.14 -45.21
N LYS C 345 -46.90 -28.34 -46.04
CA LYS C 345 -46.34 -27.17 -46.68
C LYS C 345 -46.84 -25.96 -45.87
N ARG C 346 -46.08 -25.52 -44.84
CA ARG C 346 -46.55 -24.44 -43.96
C ARG C 346 -46.77 -23.15 -44.76
N LEU C 347 -47.77 -22.35 -44.38
CA LEU C 347 -48.08 -21.09 -45.07
C LEU C 347 -47.01 -20.05 -44.74
N ALA C 348 -46.80 -19.07 -45.62
CA ALA C 348 -45.81 -18.05 -45.34
C ALA C 348 -46.13 -16.71 -45.99
N LEU C 349 -45.59 -15.64 -45.40
CA LEU C 349 -45.67 -14.28 -45.95
C LEU C 349 -44.28 -13.67 -45.86
N ALA C 350 -43.91 -12.85 -46.84
CA ALA C 350 -42.65 -12.14 -46.82
C ALA C 350 -42.96 -10.65 -46.67
N PHE C 351 -42.16 -9.90 -45.91
CA PHE C 351 -42.43 -8.48 -45.75
C PHE C 351 -41.16 -7.70 -45.48
N GLY C 352 -41.27 -6.38 -45.53
CA GLY C 352 -40.13 -5.54 -45.26
C GLY C 352 -40.31 -4.08 -45.63
N SER C 353 -39.40 -3.25 -45.15
CA SER C 353 -39.37 -1.83 -45.48
C SER C 353 -38.22 -1.58 -46.43
N MET C 354 -38.32 -0.53 -47.24
CA MET C 354 -37.26 -0.18 -48.19
C MET C 354 -37.25 1.33 -48.42
N GLY C 355 -36.23 1.83 -49.10
CA GLY C 355 -36.09 3.26 -49.32
C GLY C 355 -35.76 3.69 -50.73
N GLY C 356 -35.91 2.79 -51.70
CA GLY C 356 -35.65 3.11 -53.09
C GLY C 356 -36.32 2.15 -54.05
N ASN C 357 -35.54 1.30 -54.73
CA ASN C 357 -36.10 0.34 -55.67
C ASN C 357 -36.67 -0.90 -54.96
N GLY C 358 -36.28 -1.12 -53.70
CA GLY C 358 -36.77 -2.29 -52.96
C GLY C 358 -36.24 -3.58 -53.55
N GLY C 359 -37.01 -4.66 -53.40
CA GLY C 359 -36.65 -5.96 -53.96
C GLY C 359 -36.33 -7.04 -52.94
N GLY C 360 -36.01 -6.65 -51.71
CA GLY C 360 -35.70 -7.60 -50.65
C GLY C 360 -36.84 -8.58 -50.38
N THR C 361 -38.09 -8.09 -50.37
CA THR C 361 -39.25 -8.94 -50.09
C THR C 361 -39.46 -9.98 -51.20
N LYS C 362 -39.18 -9.61 -52.47
CA LYS C 362 -39.31 -10.54 -53.59
C LYS C 362 -38.28 -11.67 -53.45
N VAL C 363 -37.06 -11.35 -52.99
CA VAL C 363 -36.05 -12.38 -52.74
C VAL C 363 -36.53 -13.30 -51.62
N LEU C 364 -37.03 -12.73 -50.51
CA LEU C 364 -37.53 -13.54 -49.38
C LEU C 364 -38.61 -14.52 -49.84
N ALA C 365 -39.58 -14.03 -50.63
CA ALA C 365 -40.65 -14.88 -51.15
C ALA C 365 -40.10 -16.04 -51.98
N GLU C 366 -39.12 -15.78 -52.84
CA GLU C 366 -38.48 -16.81 -53.65
C GLU C 366 -37.75 -17.84 -52.77
N LYS C 367 -37.04 -17.38 -51.74
CA LYS C 367 -36.31 -18.28 -50.85
C LYS C 367 -37.26 -19.13 -49.98
N LEU C 368 -38.36 -18.52 -49.50
CA LEU C 368 -39.34 -19.27 -48.72
C LEU C 368 -39.94 -20.42 -49.56
N LYS C 369 -40.19 -20.17 -50.86
CA LYS C 369 -40.69 -21.22 -51.74
C LYS C 369 -39.65 -22.34 -51.90
N GLU C 370 -38.37 -21.98 -52.04
CA GLU C 370 -37.31 -22.99 -52.15
C GLU C 370 -37.21 -23.83 -50.86
N CYS C 371 -37.56 -23.25 -49.70
CA CYS C 371 -37.53 -23.97 -48.42
C CYS C 371 -38.80 -24.80 -48.14
N GLY C 372 -39.71 -24.88 -49.10
CA GLY C 372 -40.89 -25.73 -48.98
C GLY C 372 -42.12 -25.06 -48.40
N PHE C 373 -42.12 -23.72 -48.24
CA PHE C 373 -43.29 -23.03 -47.70
C PHE C 373 -44.28 -22.64 -48.81
N GLU C 374 -45.57 -22.49 -48.46
CA GLU C 374 -46.58 -21.94 -49.38
C GLU C 374 -46.67 -20.43 -49.13
N VAL C 375 -46.04 -19.66 -50.00
CA VAL C 375 -46.02 -18.21 -49.84
C VAL C 375 -47.33 -17.61 -50.38
N LEU C 376 -48.14 -17.02 -49.51
CA LEU C 376 -49.44 -16.48 -49.88
C LEU C 376 -49.39 -15.03 -50.34
N ASP C 377 -48.46 -14.23 -49.82
CA ASP C 377 -48.40 -12.82 -50.17
C ASP C 377 -47.07 -12.20 -49.79
N GLU C 378 -46.86 -10.99 -50.27
CA GLU C 378 -45.65 -10.19 -50.05
C GLU C 378 -46.09 -8.78 -49.73
N TYR C 379 -45.41 -8.09 -48.81
CA TYR C 379 -45.73 -6.70 -48.60
C TYR C 379 -44.49 -5.89 -48.28
N GLU C 380 -44.14 -4.96 -49.17
CA GLU C 380 -43.00 -4.09 -49.00
C GLU C 380 -43.49 -2.64 -48.98
N LEU C 381 -42.99 -1.82 -48.04
CA LEU C 381 -43.39 -0.41 -47.97
C LEU C 381 -42.20 0.52 -47.86
N TYR C 382 -42.45 1.82 -47.99
CA TYR C 382 -41.44 2.85 -48.05
C TYR C 382 -41.13 3.41 -46.65
N TYR C 383 -39.89 3.23 -46.15
CA TYR C 383 -39.47 3.76 -44.85
C TYR C 383 -40.47 3.46 -43.70
N VAL C 384 -40.89 4.48 -42.94
CA VAL C 384 -41.66 4.25 -41.70
C VAL C 384 -43.13 4.01 -42.03
N PRO C 385 -43.74 2.90 -41.54
CA PRO C 385 -45.15 2.65 -41.85
C PRO C 385 -46.09 3.74 -41.33
N THR C 386 -47.09 4.12 -42.13
CA THR C 386 -48.15 5.00 -41.66
C THR C 386 -49.17 4.16 -40.89
N GLU C 387 -50.16 4.81 -40.28
CA GLU C 387 -51.24 4.12 -39.58
C GLU C 387 -52.01 3.18 -40.54
N ASP C 388 -52.29 3.64 -41.76
CA ASP C 388 -53.00 2.81 -42.75
C ASP C 388 -52.16 1.59 -43.15
N GLU C 389 -50.83 1.75 -43.25
CA GLU C 389 -49.96 0.64 -43.61
C GLU C 389 -49.86 -0.40 -42.48
N LEU C 390 -49.88 0.04 -41.21
CA LEU C 390 -49.92 -0.90 -40.09
C LEU C 390 -51.26 -1.59 -39.99
N GLU C 391 -52.34 -0.91 -40.40
CA GLU C 391 -53.65 -1.56 -40.47
C GLU C 391 -53.67 -2.61 -41.60
N LYS C 392 -52.97 -2.35 -42.72
CA LYS C 392 -52.84 -3.35 -43.78
C LYS C 392 -52.09 -4.59 -43.26
N CYS C 393 -51.00 -4.39 -42.49
CA CYS C 393 -50.28 -5.52 -41.87
C CYS C 393 -51.21 -6.31 -40.98
N TYR C 394 -51.99 -5.61 -40.16
CA TYR C 394 -52.96 -6.23 -39.26
C TYR C 394 -53.97 -7.06 -40.07
N ASN C 395 -54.53 -6.47 -41.14
CA ASN C 395 -55.52 -7.17 -41.98
C ASN C 395 -54.92 -8.39 -42.66
N MET C 396 -53.68 -8.29 -43.15
CA MET C 396 -53.02 -9.43 -43.78
C MET C 396 -52.80 -10.57 -42.77
N GLY C 397 -52.38 -10.23 -41.55
CA GLY C 397 -52.21 -11.20 -40.48
C GLY C 397 -53.51 -11.85 -40.10
N LYS C 398 -54.58 -11.05 -40.02
CA LYS C 398 -55.93 -11.55 -39.74
C LYS C 398 -56.37 -12.56 -40.82
N ARG C 399 -56.14 -12.24 -42.10
CA ARG C 399 -56.54 -13.16 -43.18
C ARG C 399 -55.68 -14.42 -43.19
N LEU C 400 -54.39 -14.29 -42.87
CA LEU C 400 -53.52 -15.46 -42.78
C LEU C 400 -54.04 -16.36 -41.68
N ALA C 401 -54.39 -15.78 -40.52
CA ALA C 401 -54.84 -16.55 -39.37
C ALA C 401 -56.12 -17.32 -39.66
N VAL C 402 -57.04 -16.73 -40.44
CA VAL C 402 -58.27 -17.43 -40.84
C VAL C 402 -57.89 -18.67 -41.65
N LYS C 403 -56.94 -18.53 -42.60
CA LYS C 403 -56.47 -19.66 -43.40
C LYS C 403 -55.78 -20.70 -42.53
N VAL C 404 -55.02 -20.25 -41.52
CA VAL C 404 -54.36 -21.16 -40.57
C VAL C 404 -55.40 -22.06 -39.87
N LYS C 405 -56.46 -21.47 -39.33
CA LYS C 405 -57.50 -22.24 -38.64
C LYS C 405 -58.26 -23.18 -39.59
N GLU C 406 -58.33 -22.86 -40.89
CA GLU C 406 -59.02 -23.70 -41.87
C GLU C 406 -58.17 -24.91 -42.31
N MET C 407 -56.84 -24.87 -42.09
CA MET C 407 -55.97 -26.00 -42.45
C MET C 407 -56.26 -27.20 -41.57
N LYS C 408 -56.49 -28.38 -42.18
CA LYS C 408 -56.73 -29.62 -41.43
C LYS C 408 -55.44 -30.07 -40.72
N MET D 1 15.32 44.14 29.44
N MET D 1 17.71 42.62 30.28
CA MET D 1 16.71 43.77 29.69
CA MET D 1 17.14 43.42 29.22
C MET D 1 17.66 44.87 29.20
C MET D 1 17.86 44.74 29.03
N LYS D 2 18.67 45.20 30.00
CA LYS D 2 19.68 46.19 29.66
C LYS D 2 20.81 45.41 28.98
N ALA D 3 21.14 45.78 27.74
CA ALA D 3 22.17 45.09 26.96
C ALA D 3 22.73 46.08 25.96
N ASP D 4 24.07 46.16 25.85
CA ASP D 4 24.70 47.16 24.99
C ASP D 4 24.74 46.75 23.53
N ALA D 5 24.53 47.70 22.62
CA ALA D 5 24.76 47.49 21.20
C ALA D 5 26.27 47.56 20.95
N VAL D 6 26.73 47.02 19.81
CA VAL D 6 28.14 47.07 19.43
C VAL D 6 28.24 47.79 18.09
N LYS D 7 28.96 48.91 18.05
CA LYS D 7 29.13 49.65 16.81
C LYS D 7 30.04 48.88 15.85
N ILE D 8 29.62 48.71 14.58
CA ILE D 8 30.43 48.03 13.57
C ILE D 8 30.87 48.98 12.44
N ALA D 9 30.26 50.17 12.36
CA ALA D 9 30.65 51.24 11.44
C ALA D 9 29.92 52.51 11.88
N ASP D 10 30.22 53.67 11.26
CA ASP D 10 29.54 54.89 11.65
C ASP D 10 28.03 54.75 11.43
N GLY D 11 27.25 54.91 12.51
CA GLY D 11 25.81 54.77 12.45
C GLY D 11 25.31 53.36 12.16
N VAL D 12 26.14 52.31 12.38
CA VAL D 12 25.73 50.91 12.16
C VAL D 12 26.08 50.12 13.41
N TYR D 13 25.10 49.36 13.93
CA TYR D 13 25.29 48.60 15.17
C TYR D 13 24.87 47.17 15.00
N TRP D 14 25.58 46.27 15.70
CA TRP D 14 25.10 44.92 15.93
C TRP D 14 24.14 45.03 17.12
N VAL D 15 22.89 44.56 16.93
CA VAL D 15 21.88 44.53 17.99
C VAL D 15 21.32 43.11 18.12
N GLY D 16 22.21 42.12 18.00
CA GLY D 16 21.85 40.71 18.00
C GLY D 16 21.65 40.09 19.36
N VAL D 17 21.52 38.75 19.36
CA VAL D 17 21.23 37.98 20.55
C VAL D 17 22.29 36.91 20.72
N LEU D 18 22.84 36.78 21.92
CA LEU D 18 23.76 35.71 22.28
C LEU D 18 22.93 34.56 22.83
N ASP D 19 22.80 33.47 22.07
CA ASP D 19 22.13 32.27 22.57
C ASP D 19 23.18 31.40 23.26
N TRP D 20 23.55 31.78 24.48
CA TRP D 20 24.64 31.14 25.20
C TRP D 20 24.45 29.65 25.36
N ASP D 21 23.22 29.24 25.68
CA ASP D 21 22.96 27.92 26.26
C ASP D 21 22.47 26.84 25.29
N ILE D 22 22.11 27.20 24.06
CA ILE D 22 21.66 26.18 23.09
C ILE D 22 22.82 25.22 22.76
N ARG D 23 22.53 23.90 22.72
CA ARG D 23 23.57 22.91 22.43
C ARG D 23 23.26 22.07 21.18
N MET D 24 22.00 22.09 20.70
CA MET D 24 21.57 21.38 19.49
C MET D 24 20.56 22.25 18.74
N TYR D 25 20.72 22.49 17.44
CA TYR D 25 19.81 23.37 16.67
C TYR D 25 19.50 22.67 15.34
N HIS D 26 18.41 21.91 15.21
CA HIS D 26 18.01 21.09 14.06
C HIS D 26 18.96 19.92 13.82
N GLY D 27 19.48 19.32 14.89
CA GLY D 27 20.46 18.24 14.77
C GLY D 27 21.90 18.69 14.57
N TYR D 28 22.14 20.02 14.59
CA TYR D 28 23.47 20.60 14.45
C TYR D 28 23.97 20.87 15.88
N THR D 29 25.08 20.22 16.29
CA THR D 29 25.59 20.38 17.64
C THR D 29 26.43 21.66 17.69
N LEU D 30 26.36 22.40 18.80
CA LEU D 30 27.11 23.65 18.92
C LEU D 30 27.27 24.03 20.39
N ASN D 31 28.16 24.98 20.69
CA ASN D 31 28.33 25.50 22.04
C ASN D 31 27.73 26.90 22.08
N GLY D 32 26.43 26.98 21.82
CA GLY D 32 25.73 28.24 21.67
C GLY D 32 25.88 28.82 20.28
N THR D 33 25.05 29.81 19.97
CA THR D 33 25.19 30.56 18.72
C THR D 33 24.71 31.98 18.95
N THR D 34 24.67 32.77 17.89
CA THR D 34 24.11 34.11 17.96
C THR D 34 23.08 34.26 16.84
N TYR D 35 22.14 35.18 17.03
CA TYR D 35 21.20 35.59 16.00
C TYR D 35 21.52 37.04 15.75
N ASN D 36 22.31 37.31 14.70
CA ASN D 36 22.80 38.66 14.46
C ASN D 36 21.74 39.50 13.73
N ALA D 37 21.38 40.63 14.33
CA ALA D 37 20.50 41.63 13.73
C ALA D 37 21.28 42.95 13.74
N TYR D 38 21.02 43.83 12.78
CA TYR D 38 21.81 45.06 12.64
C TYR D 38 20.89 46.27 12.51
N LEU D 39 21.31 47.40 13.08
CA LEU D 39 20.56 48.65 13.07
C LEU D 39 21.37 49.71 12.31
N VAL D 40 20.80 50.24 11.21
CA VAL D 40 21.49 51.21 10.34
C VAL D 40 20.81 52.56 10.50
N PHE D 41 21.54 53.57 10.99
CA PHE D 41 20.99 54.88 11.24
C PHE D 41 21.26 55.81 10.07
N GLY D 42 20.29 55.92 9.18
CA GLY D 42 20.32 56.95 8.15
C GLY D 42 19.93 58.28 8.76
N ASP D 43 20.17 59.40 8.05
CA ASP D 43 19.79 60.71 8.56
C ASP D 43 18.28 60.83 8.69
N ASP D 44 17.53 60.18 7.79
CA ASP D 44 16.07 60.25 7.78
C ASP D 44 15.43 59.00 8.38
N LYS D 45 15.94 57.79 8.06
CA LYS D 45 15.31 56.54 8.46
C LYS D 45 16.28 55.59 9.17
N VAL D 46 15.78 54.86 10.17
CA VAL D 46 16.53 53.83 10.88
C VAL D 46 16.06 52.47 10.39
N ALA D 47 16.98 51.65 9.86
CA ALA D 47 16.63 50.34 9.34
C ALA D 47 17.10 49.22 10.27
N LEU D 48 16.23 48.26 10.59
CA LEU D 48 16.60 47.04 11.33
C LEU D 48 16.72 45.90 10.33
N ILE D 49 17.91 45.27 10.24
CA ILE D 49 18.14 44.18 9.29
C ILE D 49 18.08 42.85 10.03
N ASP D 50 17.03 42.03 9.77
CA ASP D 50 16.77 40.75 10.44
C ASP D 50 16.54 40.94 11.95
N ASN D 51 16.16 39.88 12.65
CA ASN D 51 15.91 40.01 14.09
C ASN D 51 16.34 38.73 14.85
N THR D 52 15.44 37.96 15.48
CA THR D 52 15.89 36.82 16.27
C THR D 52 14.83 35.72 16.41
N TYR D 53 15.21 34.63 17.08
CA TYR D 53 14.36 33.47 17.33
C TYR D 53 13.19 33.83 18.26
N PRO D 54 11.97 33.28 18.09
CA PRO D 54 10.87 33.65 19.00
C PRO D 54 11.19 33.42 20.47
N GLY D 55 10.84 34.38 21.32
CA GLY D 55 11.10 34.29 22.75
C GLY D 55 12.49 34.73 23.19
N THR D 56 13.36 35.15 22.25
CA THR D 56 14.74 35.54 22.60
C THR D 56 15.01 37.03 22.34
N SER D 57 13.95 37.86 22.22
CA SER D 57 14.13 39.25 21.82
C SER D 57 14.56 40.20 22.96
N ALA D 58 14.60 39.76 24.22
CA ALA D 58 14.95 40.66 25.32
C ALA D 58 16.30 41.37 25.08
N GLN D 59 17.34 40.60 24.74
CA GLN D 59 18.63 41.21 24.42
C GLN D 59 18.51 42.17 23.24
N MET D 60 17.85 41.75 22.15
CA MET D 60 17.74 42.55 20.93
C MET D 60 17.13 43.93 21.23
N TRP D 61 16.00 43.96 21.95
CA TRP D 61 15.33 45.22 22.28
C TRP D 61 16.23 46.11 23.16
N GLY D 62 16.93 45.50 24.11
CA GLY D 62 17.88 46.22 24.93
C GLY D 62 18.98 46.88 24.11
N ARG D 63 19.53 46.15 23.14
CA ARG D 63 20.59 46.68 22.28
C ARG D 63 20.05 47.76 21.32
N ILE D 64 18.82 47.61 20.83
CA ILE D 64 18.21 48.63 19.95
C ILE D 64 18.03 49.94 20.72
N LYS D 65 17.52 49.84 21.96
CA LYS D 65 17.35 51.01 22.81
C LYS D 65 18.70 51.67 23.12
N ASP D 66 19.72 50.85 23.42
CA ASP D 66 21.07 51.37 23.68
C ASP D 66 21.63 52.11 22.47
N ALA D 67 21.47 51.54 21.26
CA ALA D 67 21.98 52.16 20.03
C ALA D 67 21.28 53.50 19.74
N CYS D 68 19.95 53.54 19.90
CA CYS D 68 19.18 54.78 19.70
C CYS D 68 19.64 55.87 20.66
N GLU D 69 19.87 55.50 21.93
CA GLU D 69 20.40 56.40 22.95
C GLU D 69 21.77 56.93 22.56
N LYS D 70 22.68 56.05 22.10
CA LYS D 70 24.02 56.44 21.67
C LYS D 70 24.00 57.39 20.47
N GLU D 71 22.98 57.24 19.60
CA GLU D 71 22.84 58.07 18.41
C GLU D 71 22.07 59.38 18.66
N GLY D 72 21.54 59.56 19.87
CA GLY D 72 20.71 60.71 20.19
C GLY D 72 19.39 60.71 19.44
N ARG D 73 18.86 59.51 19.16
CA ARG D 73 17.62 59.36 18.40
C ARG D 73 16.55 58.77 19.30
N GLU D 74 15.29 58.94 18.94
CA GLU D 74 14.22 58.31 19.71
C GLU D 74 14.20 56.80 19.45
N PHE D 75 13.63 56.04 20.39
CA PHE D 75 13.50 54.60 20.24
C PHE D 75 12.45 54.33 19.16
N LYS D 76 12.89 54.28 17.90
CA LYS D 76 12.00 54.18 16.75
C LYS D 76 12.68 53.45 15.60
N ILE D 77 11.95 52.56 14.92
CA ILE D 77 12.43 51.87 13.72
C ILE D 77 11.55 52.29 12.53
N ASP D 78 12.17 52.78 11.47
CA ASP D 78 11.44 53.28 10.29
C ASP D 78 11.35 52.22 9.19
N VAL D 79 12.39 51.39 9.03
CA VAL D 79 12.48 50.42 7.95
C VAL D 79 12.83 49.04 8.54
N ILE D 80 12.09 47.99 8.14
CA ILE D 80 12.39 46.63 8.57
C ILE D 80 12.84 45.84 7.34
N VAL D 81 14.01 45.20 7.41
CA VAL D 81 14.50 44.34 6.34
C VAL D 81 14.48 42.89 6.84
N GLN D 82 13.86 41.98 6.08
CA GLN D 82 13.83 40.56 6.41
C GLN D 82 14.51 39.79 5.28
N ASN D 83 15.81 39.47 5.47
CA ASN D 83 16.61 38.79 4.46
C ASN D 83 16.15 37.37 4.20
N HIS D 84 15.53 36.74 5.19
CA HIS D 84 15.30 35.30 5.19
C HIS D 84 14.11 35.02 6.11
N VAL D 85 13.22 34.08 5.73
CA VAL D 85 11.99 33.84 6.51
C VAL D 85 12.19 32.89 7.70
N GLU D 86 13.27 32.09 7.73
CA GLU D 86 13.48 31.13 8.81
C GLU D 86 13.41 31.81 10.19
N LYS D 87 12.68 31.20 11.14
CA LYS D 87 12.30 31.87 12.38
C LYS D 87 13.45 32.24 13.33
N ASP D 88 14.68 31.69 13.13
CA ASP D 88 15.83 32.16 13.90
C ASP D 88 16.22 33.60 13.52
N HIS D 89 15.74 34.12 12.36
CA HIS D 89 15.98 35.51 11.96
C HIS D 89 14.71 36.34 11.81
N SER D 90 13.52 35.70 11.75
CA SER D 90 12.26 36.42 11.57
C SER D 90 11.32 36.30 12.77
N GLY D 91 11.71 35.53 13.79
CA GLY D 91 10.87 35.21 14.94
C GLY D 91 10.36 36.40 15.74
N ALA D 92 11.08 37.52 15.71
CA ALA D 92 10.62 38.72 16.42
C ALA D 92 9.84 39.67 15.50
N LEU D 93 9.65 39.32 14.21
CA LEU D 93 8.97 40.20 13.25
C LEU D 93 7.54 40.57 13.70
N PRO D 94 6.76 39.64 14.29
CA PRO D 94 5.43 40.01 14.78
C PRO D 94 5.45 41.11 15.83
N GLU D 95 6.39 41.03 16.77
CA GLU D 95 6.48 42.02 17.84
C GLU D 95 7.11 43.32 17.34
N ILE D 96 8.00 43.26 16.33
CA ILE D 96 8.55 44.47 15.71
C ILE D 96 7.43 45.19 14.95
N HIS D 97 6.60 44.44 14.21
CA HIS D 97 5.48 45.01 13.47
C HIS D 97 4.43 45.59 14.42
N LYS D 98 4.15 44.91 15.53
CA LYS D 98 3.16 45.41 16.49
C LYS D 98 3.62 46.75 17.09
N LYS D 99 4.92 46.86 17.43
CA LYS D 99 5.46 48.10 18.01
C LYS D 99 5.59 49.22 16.97
N PHE D 100 5.97 48.89 15.73
CA PHE D 100 6.17 49.88 14.66
C PHE D 100 5.34 49.49 13.43
N PRO D 101 4.01 49.64 13.52
CA PRO D 101 3.14 49.13 12.44
C PRO D 101 3.22 49.86 11.11
N GLU D 102 3.79 51.07 11.07
CA GLU D 102 3.92 51.83 9.83
C GLU D 102 5.27 51.59 9.14
N ALA D 103 6.21 50.89 9.80
CA ALA D 103 7.51 50.62 9.18
C ALA D 103 7.35 49.60 8.06
N PRO D 104 7.69 49.91 6.81
CA PRO D 104 7.58 48.88 5.75
C PRO D 104 8.53 47.71 5.99
N ILE D 105 8.13 46.50 5.55
CA ILE D 105 8.93 45.29 5.68
C ILE D 105 9.45 44.92 4.30
N TYR D 106 10.75 45.12 4.06
CA TYR D 106 11.37 44.79 2.78
C TYR D 106 11.82 43.33 2.76
N CYS D 107 11.36 42.57 1.74
CA CYS D 107 11.69 41.16 1.60
C CYS D 107 11.44 40.72 0.16
N THR D 108 11.80 39.48 -0.18
CA THR D 108 11.56 38.97 -1.54
C THR D 108 10.08 38.66 -1.72
N GLU D 109 9.67 38.44 -2.98
CA GLU D 109 8.28 38.14 -3.33
C GLU D 109 7.77 36.89 -2.61
N VAL D 110 8.55 35.79 -2.67
CA VAL D 110 8.16 34.54 -2.01
C VAL D 110 8.22 34.66 -0.48
N ALA D 111 9.07 35.54 0.08
CA ALA D 111 9.14 35.74 1.53
C ALA D 111 7.81 36.19 2.12
N VAL D 112 7.03 37.03 1.42
CA VAL D 112 5.77 37.56 1.94
C VAL D 112 4.84 36.42 2.35
N GLU D 113 4.58 35.47 1.45
CA GLU D 113 3.68 34.35 1.76
C GLU D 113 4.26 33.45 2.87
N GLY D 114 5.57 33.25 2.84
CA GLY D 114 6.26 32.45 3.86
C GLY D 114 6.17 33.08 5.23
N LEU D 115 6.34 34.41 5.33
CA LEU D 115 6.27 35.10 6.62
C LEU D 115 4.86 35.10 7.17
N VAL D 116 3.86 35.33 6.31
CA VAL D 116 2.47 35.31 6.75
C VAL D 116 2.06 33.88 7.17
N LYS D 117 2.58 32.85 6.49
CA LYS D 117 2.30 31.47 6.89
C LYS D 117 2.94 31.15 8.26
N HIS D 118 4.13 31.69 8.53
CA HIS D 118 4.77 31.52 9.85
C HIS D 118 4.04 32.33 10.91
N PHE D 119 3.69 33.58 10.58
CA PHE D 119 3.15 34.55 11.55
C PHE D 119 1.83 35.15 11.05
N PRO D 120 0.67 34.53 11.39
CA PRO D 120 -0.61 35.04 10.88
C PRO D 120 -0.94 36.50 11.22
N SER D 121 -0.38 37.05 12.31
CA SER D 121 -0.62 38.45 12.68
C SER D 121 -0.01 39.44 11.67
N LEU D 122 0.88 38.98 10.77
CA LEU D 122 1.46 39.84 9.73
C LEU D 122 0.55 39.99 8.51
N LYS D 123 -0.61 39.31 8.47
CA LYS D 123 -1.56 39.50 7.37
C LYS D 123 -2.00 40.97 7.38
N GLY D 124 -1.78 41.67 6.27
CA GLY D 124 -2.06 43.09 6.16
C GLY D 124 -0.93 44.01 6.60
N ALA D 125 0.26 43.45 6.91
CA ALA D 125 1.42 44.27 7.29
C ALA D 125 1.97 44.96 6.05
N PRO D 126 2.66 46.11 6.19
CA PRO D 126 3.13 46.83 5.00
C PRO D 126 4.36 46.21 4.33
N PHE D 127 4.17 45.07 3.66
CA PHE D 127 5.24 44.38 2.94
C PHE D 127 5.62 45.15 1.67
N LYS D 128 6.92 45.24 1.38
CA LYS D 128 7.44 45.88 0.18
C LYS D 128 8.35 44.91 -0.53
N VAL D 129 7.85 44.29 -1.61
CA VAL D 129 8.62 43.30 -2.34
C VAL D 129 9.81 43.96 -3.03
N VAL D 130 11.01 43.37 -2.90
CA VAL D 130 12.22 43.89 -3.53
C VAL D 130 12.78 42.89 -4.55
N LYS D 131 13.52 43.41 -5.53
CA LYS D 131 14.17 42.62 -6.57
C LYS D 131 15.66 42.96 -6.59
N SER D 132 16.49 42.11 -7.22
CA SER D 132 17.94 42.33 -7.25
C SER D 132 18.30 43.71 -7.78
N LEU D 133 19.28 44.37 -7.14
CA LEU D 133 19.79 45.68 -7.53
C LEU D 133 18.84 46.85 -7.23
N GLU D 134 17.65 46.60 -6.67
CA GLU D 134 16.78 47.69 -6.22
C GLU D 134 17.34 48.23 -4.90
N SER D 135 17.23 49.54 -4.67
CA SER D 135 17.78 50.18 -3.48
C SER D 135 16.78 51.06 -2.78
N ILE D 136 17.05 51.39 -1.51
CA ILE D 136 16.29 52.37 -0.74
C ILE D 136 17.26 53.32 -0.07
N ASP D 137 16.87 54.61 0.02
CA ASP D 137 17.69 55.66 0.62
C ASP D 137 17.22 55.89 2.06
N LEU D 138 18.14 55.82 3.03
CA LEU D 138 17.82 56.09 4.43
C LEU D 138 18.21 57.53 4.82
N GLY D 139 18.87 58.24 3.90
CA GLY D 139 19.39 59.58 4.15
C GLY D 139 20.88 59.53 4.43
N GLY D 140 21.67 59.60 3.36
CA GLY D 140 23.12 59.46 3.45
C GLY D 140 23.62 58.03 3.47
N LYS D 141 22.69 57.05 3.52
CA LYS D 141 23.02 55.64 3.52
C LYS D 141 22.06 54.92 2.58
N THR D 142 22.58 54.03 1.75
CA THR D 142 21.77 53.30 0.78
C THR D 142 21.82 51.82 1.08
N LEU D 143 20.67 51.14 1.07
CA LEU D 143 20.61 49.69 1.17
C LEU D 143 20.23 49.13 -0.20
N THR D 144 21.06 48.24 -0.75
CA THR D 144 20.80 47.60 -2.04
C THR D 144 20.51 46.12 -1.81
N PHE D 145 19.36 45.65 -2.31
CA PHE D 145 18.94 44.26 -2.16
C PHE D 145 19.43 43.46 -3.33
N LEU D 146 19.83 42.21 -3.05
CA LEU D 146 20.41 41.29 -4.04
C LEU D 146 19.73 39.95 -3.78
N GLU D 147 18.95 39.41 -4.71
CA GLU D 147 18.24 38.12 -4.49
C GLU D 147 19.26 36.97 -4.56
N ALA D 148 19.20 35.97 -3.66
CA ALA D 148 20.03 34.79 -3.43
C ALA D 148 19.13 33.59 -3.21
N PRO D 149 18.21 33.32 -4.15
CA PRO D 149 17.32 32.16 -3.97
C PRO D 149 18.08 30.85 -3.84
N LEU D 150 17.66 30.02 -2.88
CA LEU D 150 18.32 28.78 -2.51
C LEU D 150 19.75 29.01 -1.98
N LEU D 151 19.99 30.17 -1.34
CA LEU D 151 21.22 30.43 -0.59
C LEU D 151 20.82 31.02 0.78
N HIS D 152 20.12 30.23 1.63
CA HIS D 152 19.89 28.79 1.45
C HIS D 152 18.42 28.39 1.19
N TRP D 153 17.45 29.33 1.30
CA TRP D 153 16.02 29.05 1.05
C TRP D 153 15.54 29.85 -0.18
N PRO D 154 14.35 29.54 -0.75
CA PRO D 154 13.89 30.30 -1.93
C PRO D 154 13.68 31.80 -1.69
N ASP D 155 13.41 32.17 -0.44
CA ASP D 155 13.16 33.55 -0.01
C ASP D 155 14.42 34.36 0.27
N SER D 156 15.58 33.71 0.35
CA SER D 156 16.81 34.35 0.80
C SER D 156 17.28 35.52 -0.08
N MET D 157 17.78 36.58 0.56
CA MET D 157 18.43 37.69 -0.12
C MET D 157 19.53 38.25 0.75
N PHE D 158 20.43 39.05 0.16
CA PHE D 158 21.43 39.81 0.89
C PHE D 158 21.06 41.27 0.83
N THR D 159 21.51 42.05 1.82
CA THR D 159 21.33 43.50 1.87
C THR D 159 22.71 44.11 1.94
N LEU D 160 23.00 45.04 1.03
CA LEU D 160 24.30 45.70 0.98
C LEU D 160 24.15 47.15 1.40
N TYR D 161 24.91 47.58 2.42
CA TYR D 161 25.02 48.99 2.76
C TYR D 161 26.12 49.54 1.85
N ALA D 162 25.71 50.09 0.70
CA ALA D 162 26.58 50.45 -0.42
C ALA D 162 27.76 51.35 -0.08
N GLU D 163 27.54 52.44 0.68
CA GLU D 163 28.59 53.43 0.93
C GLU D 163 29.80 52.85 1.66
N GLU D 164 29.59 51.90 2.57
CA GLU D 164 30.68 51.30 3.34
C GLU D 164 31.04 49.88 2.88
N GLY D 165 30.30 49.35 1.91
CA GLY D 165 30.53 48.00 1.40
C GLY D 165 30.31 46.92 2.45
N ILE D 166 29.29 47.10 3.32
CA ILE D 166 28.97 46.10 4.33
C ILE D 166 27.88 45.21 3.77
N LEU D 167 28.18 43.91 3.59
CA LEU D 167 27.22 42.94 3.07
C LEU D 167 26.57 42.20 4.23
N PHE D 168 25.25 42.40 4.41
CA PHE D 168 24.46 41.64 5.38
C PHE D 168 23.97 40.40 4.64
N SER D 169 24.73 39.32 4.77
CA SER D 169 24.58 38.10 3.96
C SER D 169 23.61 37.06 4.56
N ASN D 170 22.98 37.38 5.70
CA ASN D 170 22.14 36.43 6.44
C ASN D 170 22.93 35.11 6.70
N ASP D 171 22.38 33.91 6.44
CA ASP D 171 23.08 32.67 6.78
C ASP D 171 24.41 32.49 6.06
N ALA D 172 24.52 32.93 4.80
CA ALA D 172 25.75 32.77 4.03
C ALA D 172 26.93 33.38 4.80
N PHE D 173 28.03 32.60 4.94
CA PHE D 173 29.24 33.02 5.65
C PHE D 173 29.06 33.07 7.18
N GLY D 174 27.93 32.59 7.70
CA GLY D 174 27.71 32.53 9.15
C GLY D 174 28.43 31.35 9.78
N GLN D 175 28.59 31.38 11.09
CA GLN D 175 29.15 30.25 11.84
C GLN D 175 28.47 30.17 13.19
N HIS D 176 28.20 28.95 13.68
CA HIS D 176 27.51 28.82 14.95
C HIS D 176 28.51 28.91 16.11
N LEU D 177 28.80 30.15 16.53
CA LEU D 177 29.75 30.46 17.60
C LEU D 177 29.11 31.52 18.48
N CYS D 178 29.29 31.40 19.80
CA CYS D 178 28.76 32.38 20.74
C CYS D 178 29.88 32.85 21.66
N PHE D 179 30.46 34.00 21.32
CA PHE D 179 31.54 34.63 22.07
C PHE D 179 31.13 36.07 22.39
N THR D 180 31.79 36.67 23.40
CA THR D 180 31.61 38.09 23.67
C THR D 180 32.25 38.89 22.53
N GLN D 181 33.29 38.34 21.89
CA GLN D 181 33.97 38.98 20.77
C GLN D 181 33.09 38.90 19.52
N ARG D 182 32.93 40.00 18.76
CA ARG D 182 32.00 40.04 17.62
C ARG D 182 32.68 39.87 16.26
N PHE D 183 33.99 40.10 16.18
CA PHE D 183 34.69 40.10 14.89
C PHE D 183 35.57 38.88 14.67
N ASP D 184 35.80 38.56 13.40
CA ASP D 184 36.63 37.42 12.98
C ASP D 184 38.03 37.44 13.60
N HIS D 185 38.69 38.61 13.59
CA HIS D 185 40.08 38.74 14.06
C HIS D 185 40.24 38.61 15.59
N GLU D 186 39.15 38.64 16.36
CA GLU D 186 39.23 38.63 17.82
C GLU D 186 39.22 37.22 18.43
N ILE D 187 39.03 36.17 17.64
CA ILE D 187 39.03 34.80 18.18
C ILE D 187 40.11 33.98 17.45
N PRO D 188 40.54 32.85 18.01
CA PRO D 188 41.55 32.03 17.31
C PRO D 188 41.08 31.59 15.93
N GLU D 189 41.95 31.75 14.92
CA GLU D 189 41.63 31.41 13.53
C GLU D 189 41.12 29.97 13.38
N ASN D 190 41.73 29.00 14.07
CA ASN D 190 41.31 27.59 13.97
CA ASN D 190 41.31 27.59 13.98
C ASN D 190 39.84 27.40 14.40
N ILE D 191 39.42 28.09 15.46
CA ILE D 191 38.02 28.01 15.93
C ILE D 191 37.10 28.58 14.85
N LEU D 192 37.44 29.77 14.33
CA LEU D 192 36.65 30.47 13.33
C LEU D 192 36.50 29.63 12.06
N MET D 193 37.62 29.16 11.50
CA MET D 193 37.58 28.45 10.23
C MET D 193 37.03 27.03 10.38
N ASP D 194 37.17 26.41 11.55
CA ASP D 194 36.54 25.10 11.81
C ASP D 194 35.02 25.26 11.86
N ALA D 195 34.52 26.32 12.54
CA ALA D 195 33.08 26.58 12.61
C ALA D 195 32.53 26.97 11.24
N ASN D 196 33.30 27.74 10.46
CA ASN D 196 32.90 28.09 9.10
C ASN D 196 32.80 26.83 8.22
N GLN D 197 33.75 25.90 8.36
CA GLN D 197 33.76 24.64 7.62
C GLN D 197 32.53 23.80 7.99
N LYS D 198 32.23 23.73 9.28
CA LYS D 198 31.06 22.97 9.74
C LYS D 198 29.77 23.57 9.17
N PHE D 199 29.69 24.91 9.13
CA PHE D 199 28.50 25.59 8.64
C PHE D 199 28.33 25.33 7.13
N TYR D 200 29.41 25.45 6.35
CA TYR D 200 29.38 25.12 4.93
C TYR D 200 28.94 23.66 4.73
N ALA D 201 29.60 22.72 5.42
CA ALA D 201 29.33 21.29 5.24
C ALA D 201 27.86 20.93 5.44
N ASN D 202 27.25 21.49 6.49
CA ASN D 202 25.88 21.14 6.86
C ASN D 202 24.83 21.94 6.10
N LEU D 203 25.12 23.18 5.73
CA LEU D 203 24.11 24.07 5.15
C LEU D 203 24.32 24.43 3.69
N ILE D 204 25.56 24.42 3.20
CA ILE D 204 25.87 24.94 1.86
C ILE D 204 26.24 23.86 0.85
N THR D 205 26.77 22.70 1.28
CA THR D 205 27.24 21.67 0.34
C THR D 205 26.33 21.45 -0.89
N PRO D 206 25.02 21.16 -0.75
CA PRO D 206 24.21 20.91 -1.95
C PRO D 206 24.01 22.13 -2.86
N LEU D 207 24.36 23.33 -2.35
CA LEU D 207 24.24 24.60 -3.07
C LEU D 207 25.58 25.01 -3.70
N SER D 208 26.60 24.13 -3.67
CA SER D 208 27.95 24.47 -4.13
C SER D 208 27.99 25.08 -5.55
N LYS D 209 27.18 24.57 -6.49
CA LYS D 209 27.14 25.15 -7.85
C LYS D 209 26.50 26.54 -7.85
N LEU D 210 25.48 26.75 -7.02
CA LEU D 210 24.84 28.06 -6.89
C LEU D 210 25.78 29.08 -6.22
N VAL D 211 26.66 28.62 -5.31
CA VAL D 211 27.67 29.48 -4.68
C VAL D 211 28.59 30.04 -5.76
N LEU D 212 29.13 29.17 -6.60
CA LEU D 212 30.03 29.57 -7.69
C LEU D 212 29.32 30.46 -8.71
N LYS D 213 28.05 30.17 -9.00
CA LYS D 213 27.26 31.02 -9.90
C LYS D 213 27.07 32.41 -9.29
N LYS D 214 26.76 32.48 -7.98
CA LYS D 214 26.61 33.76 -7.28
C LYS D 214 27.93 34.53 -7.23
N PHE D 215 29.07 33.83 -7.15
CA PHE D 215 30.37 34.51 -7.13
C PHE D 215 30.70 35.09 -8.49
N LYS D 216 30.41 34.38 -9.59
CA LYS D 216 30.64 34.91 -10.96
C LYS D 216 29.79 36.16 -11.18
N GLU D 217 28.52 36.13 -10.76
CA GLU D 217 27.61 37.27 -10.87
CA GLU D 217 27.62 37.28 -10.89
C GLU D 217 28.14 38.49 -10.10
N VAL D 218 28.68 38.25 -8.89
CA VAL D 218 29.23 39.32 -8.06
C VAL D 218 30.49 39.92 -8.70
N ILE D 219 31.34 39.08 -9.33
CA ILE D 219 32.53 39.56 -10.03
C ILE D 219 32.13 40.31 -11.33
N GLU D 220 31.08 39.85 -12.02
CA GLU D 220 30.61 40.51 -13.25
C GLU D 220 30.04 41.91 -12.98
N LEU D 221 29.48 42.12 -11.78
CA LEU D 221 29.01 43.44 -11.35
C LEU D 221 30.16 44.35 -10.87
N GLY D 222 31.38 43.80 -10.79
CA GLY D 222 32.54 44.52 -10.28
C GLY D 222 32.42 44.81 -8.80
N LEU D 223 31.66 43.98 -8.07
CA LEU D 223 31.26 44.23 -6.70
C LEU D 223 32.04 43.40 -5.66
N LEU D 224 32.82 42.39 -6.07
CA LEU D 224 33.55 41.55 -5.12
C LEU D 224 34.60 42.33 -4.35
N GLU D 225 35.44 43.10 -5.06
CA GLU D 225 36.48 43.92 -4.43
C GLU D 225 35.90 45.06 -3.57
N LYS D 226 34.64 45.44 -3.83
CA LYS D 226 33.99 46.52 -3.07
C LYS D 226 33.40 46.03 -1.71
N ILE D 227 33.39 44.71 -1.45
CA ILE D 227 32.90 44.21 -0.15
C ILE D 227 34.01 44.43 0.88
N LYS D 228 33.76 45.31 1.87
CA LYS D 228 34.74 45.59 2.91
C LYS D 228 34.47 44.80 4.19
N MET D 229 33.22 44.36 4.39
CA MET D 229 32.87 43.61 5.59
C MET D 229 31.68 42.71 5.27
N ILE D 230 31.68 41.47 5.80
CA ILE D 230 30.54 40.58 5.67
C ILE D 230 29.99 40.36 7.08
N ALA D 231 28.73 40.78 7.28
CA ALA D 231 28.07 40.70 8.58
C ALA D 231 26.95 39.66 8.48
N PRO D 232 27.25 38.38 8.81
CA PRO D 232 26.25 37.32 8.58
C PRO D 232 25.24 37.24 9.73
N SER D 233 24.29 36.32 9.64
CA SER D 233 23.25 36.19 10.65
C SER D 233 23.63 35.31 11.87
N HIS D 234 24.78 34.61 11.84
CA HIS D 234 25.27 33.83 12.99
C HIS D 234 26.76 34.04 13.12
N GLY D 235 27.23 34.15 14.35
CA GLY D 235 28.65 34.14 14.65
C GLY D 235 29.37 35.45 14.34
N GLN D 236 30.64 35.32 13.94
CA GLN D 236 31.54 36.46 13.78
C GLN D 236 31.29 37.28 12.52
N ILE D 237 31.60 38.58 12.61
CA ILE D 237 31.56 39.50 11.48
C ILE D 237 32.94 39.48 10.81
N TRP D 238 32.96 39.31 9.49
CA TRP D 238 34.22 39.21 8.76
C TRP D 238 34.74 40.61 8.39
N THR D 239 35.79 41.06 9.07
CA THR D 239 36.52 42.27 8.66
C THR D 239 37.47 41.92 7.51
N ASP D 240 37.71 40.61 7.27
CA ASP D 240 38.51 40.10 6.15
C ASP D 240 37.60 39.24 5.26
N PRO D 241 36.73 39.90 4.46
CA PRO D 241 35.78 39.14 3.63
C PRO D 241 36.40 38.12 2.68
N MET D 242 37.56 38.44 2.11
CA MET D 242 38.21 37.52 1.17
C MET D 242 38.66 36.21 1.83
N LYS D 243 38.84 36.20 3.16
CA LYS D 243 39.17 34.97 3.87
C LYS D 243 38.01 33.95 3.79
N VAL D 244 36.78 34.39 4.05
CA VAL D 244 35.63 33.48 4.01
C VAL D 244 35.19 33.20 2.57
N ILE D 245 35.29 34.20 1.67
CA ILE D 245 34.96 33.96 0.26
C ILE D 245 35.91 32.91 -0.31
N GLY D 246 37.20 33.04 0.01
CA GLY D 246 38.22 32.07 -0.39
C GLY D 246 37.94 30.67 0.15
N ALA D 247 37.51 30.57 1.42
CA ALA D 247 37.15 29.28 2.01
C ALA D 247 35.95 28.67 1.26
N TYR D 248 34.93 29.49 0.96
CA TYR D 248 33.76 29.03 0.22
C TYR D 248 34.13 28.56 -1.19
N GLN D 249 35.03 29.29 -1.87
CA GLN D 249 35.50 28.90 -3.21
C GLN D 249 36.15 27.51 -3.14
N ASP D 250 37.00 27.28 -2.12
CA ASP D 250 37.68 25.99 -1.94
C ASP D 250 36.69 24.87 -1.68
N PHE D 251 35.72 25.08 -0.79
CA PHE D 251 34.71 24.07 -0.48
C PHE D 251 33.80 23.79 -1.67
N ALA D 252 33.45 24.83 -2.44
CA ALA D 252 32.54 24.66 -3.57
C ALA D 252 33.22 23.97 -4.76
N THR D 253 34.56 23.91 -4.81
CA THR D 253 35.30 23.31 -5.93
C THR D 253 36.06 22.03 -5.57
N GLY D 254 35.81 21.47 -4.39
CA GLY D 254 36.38 20.20 -4.00
C GLY D 254 37.84 20.21 -3.62
N LYS D 255 38.34 21.32 -3.05
CA LYS D 255 39.72 21.38 -2.57
C LYS D 255 39.78 20.68 -1.21
N CYS D 256 40.42 19.50 -1.15
CA CYS D 256 40.45 18.66 0.04
C CYS D 256 41.88 18.44 0.50
N LYS D 257 42.03 17.92 1.72
CA LYS D 257 43.31 17.55 2.30
C LYS D 257 43.59 16.07 2.05
N ASP D 258 44.85 15.64 2.26
CA ASP D 258 45.20 14.22 2.24
C ASP D 258 44.71 13.63 3.55
N LYS D 259 43.42 13.29 3.56
CA LYS D 259 42.70 13.02 4.81
C LYS D 259 41.55 12.06 4.51
N VAL D 260 41.33 11.10 5.41
CA VAL D 260 40.25 10.11 5.32
C VAL D 260 39.35 10.27 6.54
N THR D 261 38.03 10.35 6.34
CA THR D 261 37.08 10.29 7.45
C THR D 261 36.55 8.86 7.53
N ILE D 262 36.63 8.25 8.72
CA ILE D 262 36.15 6.88 8.93
C ILE D 262 34.96 6.93 9.87
N VAL D 263 33.86 6.30 9.48
CA VAL D 263 32.65 6.27 10.30
C VAL D 263 32.24 4.84 10.45
N TYR D 264 31.86 4.40 11.65
CA TYR D 264 31.39 3.04 11.82
CA TYR D 264 31.39 3.04 11.81
C TYR D 264 30.42 2.94 12.97
N ASP D 265 29.71 1.81 13.05
CA ASP D 265 28.98 1.41 14.24
C ASP D 265 29.29 -0.07 14.47
N THR D 266 29.04 -0.53 15.68
CA THR D 266 29.37 -1.89 16.08
C THR D 266 28.43 -2.29 17.21
N MET D 267 28.16 -3.58 17.33
CA MET D 267 27.45 -4.13 18.48
C MET D 267 28.47 -4.85 19.38
N HIS D 268 29.28 -5.73 18.78
CA HIS D 268 30.24 -6.58 19.54
C HIS D 268 31.72 -6.21 19.34
N GLY D 269 32.00 -5.10 18.68
CA GLY D 269 33.35 -4.59 18.56
C GLY D 269 34.16 -5.02 17.34
N SER D 270 33.63 -5.92 16.51
CA SER D 270 34.41 -6.41 15.36
C SER D 270 34.60 -5.37 14.27
N THR D 271 33.53 -4.64 13.93
CA THR D 271 33.60 -3.58 12.92
C THR D 271 34.51 -2.46 13.44
N GLN D 272 34.50 -2.22 14.77
CA GLN D 272 35.39 -1.23 15.38
C GLN D 272 36.86 -1.63 15.17
N LYS D 273 37.19 -2.91 15.40
CA LYS D 273 38.56 -3.41 15.18
C LYS D 273 38.98 -3.23 13.73
N MET D 274 38.07 -3.49 12.79
CA MET D 274 38.34 -3.27 11.37
C MET D 274 38.63 -1.80 11.12
N ALA D 275 37.75 -0.90 11.62
CA ALA D 275 37.89 0.56 11.41
C ALA D 275 39.27 1.02 11.88
N HIS D 276 39.67 0.59 13.08
CA HIS D 276 40.97 0.99 13.65
C HIS D 276 42.14 0.42 12.82
N ALA D 277 41.97 -0.77 12.24
CA ALA D 277 43.02 -1.36 11.39
C ALA D 277 43.15 -0.63 10.04
N PHE D 278 42.02 -0.23 9.42
CA PHE D 278 42.07 0.60 8.22
C PHE D 278 42.83 1.89 8.51
N ALA D 279 42.55 2.53 9.67
CA ALA D 279 43.23 3.78 10.06
C ALA D 279 44.74 3.57 10.14
N GLU D 280 45.19 2.44 10.70
CA GLU D 280 46.64 2.20 10.81
C GLU D 280 47.31 2.15 9.44
N GLY D 281 46.67 1.50 8.48
CA GLY D 281 47.16 1.43 7.11
C GLY D 281 47.22 2.80 6.46
N ILE D 282 46.19 3.63 6.67
CA ILE D 282 46.14 4.97 6.10
C ILE D 282 47.26 5.84 6.71
N MET D 283 47.41 5.77 8.03
CA MET D 283 48.43 6.56 8.74
C MET D 283 49.84 6.16 8.34
N SER D 284 50.07 4.87 7.98
CA SER D 284 51.39 4.42 7.52
C SER D 284 51.85 5.17 6.26
N GLU D 285 50.92 5.80 5.51
CA GLU D 285 51.24 6.58 4.31
C GLU D 285 51.28 8.10 4.57
N GLY D 286 51.22 8.50 5.84
CA GLY D 286 51.22 9.91 6.21
C GLY D 286 49.92 10.63 5.88
N VAL D 287 48.83 9.88 5.70
CA VAL D 287 47.52 10.46 5.40
C VAL D 287 46.73 10.61 6.72
N ASP D 288 46.07 11.76 6.92
CA ASP D 288 45.36 12.02 8.18
C ASP D 288 44.06 11.22 8.26
N VAL D 289 43.59 10.99 9.49
CA VAL D 289 42.40 10.18 9.75
C VAL D 289 41.54 10.87 10.82
N LYS D 290 40.23 10.97 10.55
CA LYS D 290 39.26 11.35 11.57
C LYS D 290 38.33 10.15 11.76
N MET D 291 38.18 9.72 13.00
CA MET D 291 37.45 8.50 13.32
C MET D 291 36.17 8.86 14.06
N TYR D 292 35.03 8.33 13.61
CA TYR D 292 33.74 8.58 14.25
C TYR D 292 33.01 7.28 14.54
N PHE D 293 32.45 7.18 15.73
CA PHE D 293 31.70 6.01 16.18
C PHE D 293 30.25 6.47 16.32
N LEU D 294 29.34 5.95 15.47
CA LEU D 294 27.96 6.44 15.42
C LEU D 294 27.18 6.29 16.72
N HIS D 295 27.60 5.38 17.59
CA HIS D 295 26.97 5.25 18.91
C HIS D 295 27.03 6.57 19.68
N ASN D 296 28.16 7.28 19.58
CA ASN D 296 28.42 8.49 20.38
C ASN D 296 28.34 9.75 19.54
N ASP D 297 28.84 9.67 18.31
CA ASP D 297 29.03 10.84 17.48
C ASP D 297 27.82 11.13 16.62
N GLU D 298 27.74 12.35 16.10
CA GLU D 298 26.55 12.72 15.35
C GLU D 298 26.89 13.40 14.02
N ARG D 299 25.88 13.43 13.17
CA ARG D 299 26.03 13.73 11.76
C ARG D 299 26.72 15.06 11.45
N SER D 300 26.51 16.11 12.25
CA SER D 300 27.00 17.44 11.86
C SER D 300 28.53 17.57 11.93
N GLU D 301 29.18 16.88 12.87
CA GLU D 301 30.65 16.87 12.93
C GLU D 301 31.21 15.95 11.83
N ILE D 302 30.54 14.82 11.60
CA ILE D 302 30.97 13.89 10.55
C ILE D 302 31.05 14.60 9.21
N VAL D 303 29.99 15.31 8.81
CA VAL D 303 29.96 15.90 7.48
C VAL D 303 30.93 17.09 7.38
N LYS D 304 31.24 17.77 8.52
CA LYS D 304 32.28 18.79 8.56
C LYS D 304 33.61 18.18 8.07
N ASP D 305 33.97 17.00 8.59
CA ASP D 305 35.24 16.38 8.23
C ASP D 305 35.22 15.74 6.83
N ILE D 306 34.07 15.21 6.38
CA ILE D 306 33.96 14.70 5.00
C ILE D 306 34.27 15.83 4.00
N LEU D 307 33.79 17.05 4.29
CA LEU D 307 33.93 18.17 3.37
C LEU D 307 35.36 18.40 2.89
N ASP D 308 36.38 18.26 3.74
CA ASP D 308 37.76 18.40 3.25
C ASP D 308 38.56 17.09 3.32
N SER D 309 37.86 15.96 3.27
CA SER D 309 38.48 14.63 3.15
C SER D 309 38.43 14.20 1.68
N LYS D 310 39.49 13.56 1.20
CA LYS D 310 39.49 13.00 -0.15
C LYS D 310 38.82 11.63 -0.17
N ALA D 311 38.66 10.99 1.00
CA ALA D 311 38.04 9.68 1.06
C ALA D 311 37.20 9.51 2.32
N PHE D 312 36.25 8.58 2.25
CA PHE D 312 35.28 8.34 3.30
C PHE D 312 35.07 6.83 3.45
N LEU D 313 35.28 6.29 4.64
CA LEU D 313 35.07 4.86 4.91
C LEU D 313 33.83 4.73 5.77
N LEU D 314 32.95 3.77 5.44
CA LEU D 314 31.73 3.56 6.22
C LEU D 314 31.57 2.08 6.53
N GLY D 315 31.48 1.76 7.81
CA GLY D 315 31.45 0.37 8.27
C GLY D 315 30.31 0.09 9.23
N ALA D 316 29.71 -1.09 9.14
CA ALA D 316 28.67 -1.47 10.08
C ALA D 316 28.45 -2.96 10.01
N PRO D 317 28.03 -3.59 11.11
CA PRO D 317 27.70 -5.02 11.04
C PRO D 317 26.37 -5.25 10.32
N THR D 318 26.09 -6.51 9.96
CA THR D 318 24.82 -6.88 9.36
C THR D 318 23.83 -7.29 10.45
N ILE D 319 22.59 -6.78 10.36
CA ILE D 319 21.50 -7.18 11.26
C ILE D 319 20.24 -7.38 10.39
N TYR D 320 19.72 -8.63 10.36
CA TYR D 320 18.58 -8.99 9.51
C TYR D 320 18.79 -8.60 8.04
N ASP D 321 19.96 -8.96 7.48
CA ASP D 321 20.33 -8.70 6.08
C ASP D 321 20.59 -7.22 5.76
N GLU D 322 20.51 -6.32 6.75
CA GLU D 322 20.67 -4.88 6.51
C GLU D 322 21.88 -4.39 7.27
N PRO D 323 22.45 -3.23 6.91
CA PRO D 323 23.48 -2.65 7.77
C PRO D 323 22.87 -2.14 9.07
N PHE D 324 23.65 -2.15 10.17
CA PHE D 324 23.19 -1.64 11.46
C PHE D 324 22.45 -0.30 11.26
N PRO D 325 21.24 -0.11 11.84
CA PRO D 325 20.38 0.98 11.39
C PRO D 325 20.85 2.41 11.60
N SER D 326 21.79 2.66 12.53
CA SER D 326 22.30 4.01 12.73
C SER D 326 22.92 4.61 11.46
N VAL D 327 23.43 3.79 10.54
CA VAL D 327 23.98 4.33 9.28
C VAL D 327 22.90 5.00 8.44
N GLY D 328 21.65 4.55 8.59
CA GLY D 328 20.52 5.09 7.84
C GLY D 328 20.33 6.58 8.02
N ASP D 329 20.57 7.08 9.23
CA ASP D 329 20.50 8.51 9.52
C ASP D 329 21.56 9.26 8.71
N LEU D 330 22.83 8.84 8.82
CA LEU D 330 23.90 9.51 8.08
C LEU D 330 23.69 9.40 6.56
N ILE D 331 23.26 8.23 6.04
CA ILE D 331 23.02 8.05 4.60
CA ILE D 331 23.05 8.06 4.60
C ILE D 331 21.93 8.99 4.11
N TYR D 332 20.81 9.09 4.85
CA TYR D 332 19.73 10.02 4.46
C TYR D 332 20.24 11.45 4.42
N TYR D 333 21.08 11.83 5.38
CA TYR D 333 21.68 13.16 5.40
C TYR D 333 22.62 13.35 4.19
N LEU D 334 23.50 12.38 3.91
CA LEU D 334 24.43 12.51 2.76
C LEU D 334 23.66 12.55 1.44
N LYS D 335 22.52 11.85 1.36
CA LYS D 335 21.68 11.90 0.15
C LYS D 335 21.17 13.33 -0.10
N GLY D 336 20.85 14.05 0.98
CA GLY D 336 20.44 15.44 0.89
C GLY D 336 21.59 16.39 0.61
N LEU D 337 22.76 16.17 1.25
CA LEU D 337 23.89 17.09 1.09
C LEU D 337 24.56 17.02 -0.29
N LYS D 338 24.56 15.85 -0.93
CA LYS D 338 25.09 15.69 -2.30
C LYS D 338 26.51 16.26 -2.43
N PHE D 339 27.48 15.61 -1.76
CA PHE D 339 28.88 16.06 -1.79
C PHE D 339 29.49 16.08 -3.20
N ASN D 340 28.94 15.29 -4.13
CA ASN D 340 29.38 15.31 -5.54
C ASN D 340 29.19 16.69 -6.19
N ARG D 341 28.28 17.52 -5.66
CA ARG D 341 28.07 18.87 -6.18
C ARG D 341 29.25 19.81 -5.93
N THR D 342 30.21 19.41 -5.09
CA THR D 342 31.46 20.15 -4.90
C THR D 342 32.42 19.95 -6.09
N GLY D 343 32.06 19.10 -7.04
CA GLY D 343 32.89 18.83 -8.20
C GLY D 343 33.89 17.71 -7.98
N LEU D 344 33.81 17.02 -6.82
CA LEU D 344 34.71 15.92 -6.50
C LEU D 344 33.89 14.71 -6.07
N LYS D 345 34.21 13.53 -6.59
CA LYS D 345 33.64 12.27 -6.12
C LYS D 345 34.65 11.67 -5.15
N ARG D 346 34.47 11.90 -3.86
CA ARG D 346 35.42 11.40 -2.87
C ARG D 346 35.48 9.88 -2.91
N LEU D 347 36.67 9.32 -2.68
CA LEU D 347 36.84 7.86 -2.71
C LEU D 347 36.16 7.25 -1.48
N ALA D 348 35.74 5.99 -1.59
CA ALA D 348 35.09 5.35 -0.45
C ALA D 348 35.30 3.85 -0.41
N LEU D 349 35.21 3.29 0.79
CA LEU D 349 35.25 1.84 1.02
C LEU D 349 34.12 1.53 1.98
N ALA D 350 33.47 0.37 1.78
CA ALA D 350 32.44 -0.11 2.70
C ALA D 350 32.99 -1.33 3.40
N PHE D 351 32.70 -1.49 4.69
CA PHE D 351 33.22 -2.64 5.41
C PHE D 351 32.29 -3.05 6.54
N GLY D 352 32.56 -4.22 7.11
CA GLY D 352 31.75 -4.68 8.22
C GLY D 352 31.95 -6.12 8.58
N SER D 353 31.44 -6.50 9.75
CA SER D 353 31.48 -7.87 10.21
C SER D 353 30.08 -8.46 10.09
N MET D 354 29.99 -9.78 9.97
CA MET D 354 28.70 -10.45 9.88
C MET D 354 28.81 -11.86 10.46
N GLY D 355 27.68 -12.54 10.60
CA GLY D 355 27.67 -13.85 11.24
C GLY D 355 26.85 -14.91 10.53
N GLY D 356 26.47 -14.66 9.28
CA GLY D 356 25.68 -15.62 8.51
C GLY D 356 25.77 -15.37 7.02
N ASN D 357 24.67 -14.91 6.41
CA ASN D 357 24.64 -14.61 4.99
C ASN D 357 25.28 -13.25 4.66
N GLY D 358 25.43 -12.37 5.66
CA GLY D 358 25.99 -11.05 5.44
C GLY D 358 25.09 -10.19 4.57
N GLY D 359 25.69 -9.28 3.82
CA GLY D 359 24.96 -8.42 2.90
C GLY D 359 24.95 -6.95 3.27
N GLY D 360 25.22 -6.62 4.53
CA GLY D 360 25.24 -5.24 4.98
C GLY D 360 26.24 -4.38 4.23
N THR D 361 27.43 -4.92 3.95
CA THR D 361 28.49 -4.17 3.25
C THR D 361 28.07 -3.86 1.79
N LYS D 362 27.36 -4.81 1.14
CA LYS D 362 26.89 -4.59 -0.23
C LYS D 362 25.86 -3.46 -0.25
N VAL D 363 25.00 -3.37 0.77
CA VAL D 363 24.03 -2.28 0.87
C VAL D 363 24.78 -0.96 1.07
N LEU D 364 25.78 -0.94 1.97
CA LEU D 364 26.58 0.27 2.22
C LEU D 364 27.22 0.76 0.93
N ALA D 365 27.85 -0.15 0.16
CA ALA D 365 28.51 0.21 -1.10
C ALA D 365 27.51 0.83 -2.09
N GLU D 366 26.31 0.26 -2.20
CA GLU D 366 25.26 0.79 -3.06
C GLU D 366 24.83 2.19 -2.60
N LYS D 367 24.65 2.38 -1.28
CA LYS D 367 24.22 3.68 -0.75
C LYS D 367 25.31 4.74 -0.92
N LEU D 368 26.58 4.37 -0.72
CA LEU D 368 27.69 5.31 -0.92
C LEU D 368 27.73 5.80 -2.37
N LYS D 369 27.46 4.90 -3.34
CA LYS D 369 27.40 5.31 -4.75
C LYS D 369 26.25 6.27 -4.99
N GLU D 370 25.08 6.01 -4.39
CA GLU D 370 23.93 6.92 -4.51
C GLU D 370 24.23 8.30 -3.92
N CYS D 371 25.10 8.36 -2.90
CA CYS D 371 25.50 9.62 -2.25
C CYS D 371 26.64 10.34 -2.99
N GLY D 372 27.07 9.83 -4.14
CA GLY D 372 28.07 10.48 -4.97
C GLY D 372 29.51 10.12 -4.69
N PHE D 373 29.77 9.06 -3.90
CA PHE D 373 31.14 8.64 -3.65
C PHE D 373 31.63 7.67 -4.71
N GLU D 374 32.95 7.61 -4.91
CA GLU D 374 33.58 6.64 -5.80
C GLU D 374 34.01 5.43 -4.97
N VAL D 375 33.18 4.38 -4.92
CA VAL D 375 33.43 3.22 -4.06
C VAL D 375 34.47 2.30 -4.72
N LEU D 376 35.64 2.15 -4.09
CA LEU D 376 36.74 1.37 -4.65
C LEU D 376 36.71 -0.10 -4.25
N ASP D 377 36.19 -0.43 -3.07
CA ASP D 377 36.18 -1.81 -2.61
C ASP D 377 35.19 -2.01 -1.46
N GLU D 378 34.94 -3.27 -1.13
CA GLU D 378 34.06 -3.71 -0.07
C GLU D 378 34.80 -4.77 0.70
N TYR D 379 34.70 -4.81 2.04
CA TYR D 379 35.28 -5.92 2.75
C TYR D 379 34.40 -6.33 3.92
N GLU D 380 33.84 -7.54 3.84
CA GLU D 380 33.00 -8.08 4.89
C GLU D 380 33.67 -9.35 5.41
N LEU D 381 33.71 -9.54 6.74
CA LEU D 381 34.30 -10.74 7.32
C LEU D 381 33.38 -11.36 8.37
N TYR D 382 33.74 -12.57 8.81
CA TYR D 382 32.94 -13.38 9.71
C TYR D 382 33.34 -13.11 11.17
N TYR D 383 32.41 -12.59 11.99
CA TYR D 383 32.63 -12.34 13.42
C TYR D 383 33.94 -11.59 13.74
N VAL D 384 34.79 -12.11 14.65
CA VAL D 384 35.95 -11.37 15.13
C VAL D 384 37.11 -11.47 14.12
N PRO D 385 37.70 -10.34 13.70
CA PRO D 385 38.81 -10.43 12.73
C PRO D 385 40.01 -11.20 13.27
N THR D 386 40.64 -12.02 12.44
CA THR D 386 41.89 -12.66 12.79
C THR D 386 43.01 -11.65 12.56
N GLU D 387 44.24 -12.00 12.94
CA GLU D 387 45.41 -11.17 12.68
C GLU D 387 45.60 -10.92 11.17
N ASP D 388 45.42 -11.96 10.34
CA ASP D 388 45.54 -11.81 8.88
C ASP D 388 44.47 -10.88 8.31
N GLU D 389 43.25 -10.93 8.86
CA GLU D 389 42.17 -10.07 8.40
C GLU D 389 42.40 -8.61 8.79
N LEU D 390 42.99 -8.36 9.97
CA LEU D 390 43.37 -6.99 10.36
C LEU D 390 44.55 -6.48 9.51
N GLU D 391 45.44 -7.38 9.11
CA GLU D 391 46.50 -6.99 8.18
C GLU D 391 45.92 -6.66 6.80
N LYS D 392 44.86 -7.37 6.36
CA LYS D 392 44.17 -7.03 5.11
C LYS D 392 43.54 -5.63 5.21
N CYS D 393 42.91 -5.29 6.35
CA CYS D 393 42.35 -3.95 6.55
C CYS D 393 43.47 -2.92 6.45
N TYR D 394 44.60 -3.19 7.12
CA TYR D 394 45.75 -2.30 7.09
C TYR D 394 46.23 -2.10 5.64
N ASN D 395 46.37 -3.20 4.89
CA ASN D 395 46.83 -3.12 3.48
C ASN D 395 45.83 -2.35 2.60
N MET D 396 44.53 -2.57 2.79
CA MET D 396 43.51 -1.84 2.04
C MET D 396 43.58 -0.34 2.34
N GLY D 397 43.75 0.01 3.61
CA GLY D 397 43.89 1.41 4.02
C GLY D 397 45.14 2.04 3.44
N LYS D 398 46.24 1.28 3.42
CA LYS D 398 47.50 1.73 2.84
C LYS D 398 47.34 2.00 1.35
N ARG D 399 46.72 1.07 0.61
CA ARG D 399 46.48 1.23 -0.83
C ARG D 399 45.55 2.43 -1.10
N LEU D 400 44.51 2.61 -0.27
CA LEU D 400 43.63 3.76 -0.40
C LEU D 400 44.41 5.06 -0.21
N ALA D 401 45.22 5.13 0.85
CA ALA D 401 46.01 6.32 1.14
C ALA D 401 46.98 6.68 -0.01
N VAL D 402 47.52 5.68 -0.72
CA VAL D 402 48.36 5.95 -1.91
C VAL D 402 47.49 6.61 -3.00
N LYS D 403 46.27 6.10 -3.23
CA LYS D 403 45.36 6.69 -4.21
C LYS D 403 44.94 8.11 -3.80
N VAL D 404 44.71 8.34 -2.49
CA VAL D 404 44.37 9.68 -1.97
C VAL D 404 45.49 10.67 -2.29
N LYS D 405 46.75 10.28 -2.06
CA LYS D 405 47.88 11.19 -2.31
C LYS D 405 48.10 11.44 -3.80
N GLU D 406 47.68 10.50 -4.68
CA GLU D 406 47.77 10.66 -6.13
C GLU D 406 46.67 11.56 -6.70
N MET D 407 45.54 11.72 -5.96
CA MET D 407 44.46 12.62 -6.40
C MET D 407 44.96 14.06 -6.43
N LYS D 408 44.26 14.86 -7.22
CA LYS D 408 44.57 16.28 -7.42
C LYS D 408 43.85 17.13 -6.37
N MET E 1 47.15 -7.25 15.77
N MET E 1 45.92 -5.13 14.91
CA MET E 1 46.92 -6.02 15.01
CA MET E 1 47.07 -6.01 15.14
C MET E 1 48.25 -5.48 14.46
C MET E 1 48.32 -5.46 14.48
N LYS E 2 48.25 -5.05 13.20
CA LYS E 2 49.40 -4.40 12.58
C LYS E 2 49.26 -2.88 12.80
N ALA E 3 50.26 -2.27 13.44
CA ALA E 3 50.21 -0.85 13.77
C ALA E 3 51.64 -0.34 13.87
N ASP E 4 51.94 0.80 13.25
CA ASP E 4 53.32 1.28 13.18
C ASP E 4 53.74 2.05 14.43
N ALA E 5 54.99 1.85 14.87
CA ALA E 5 55.59 2.67 15.93
C ALA E 5 55.98 4.02 15.31
N VAL E 6 56.19 5.04 16.16
CA VAL E 6 56.61 6.36 15.69
C VAL E 6 57.91 6.71 16.39
N LYS E 7 58.98 6.92 15.62
CA LYS E 7 60.26 7.27 16.21
C LYS E 7 60.22 8.69 16.77
N ILE E 8 60.69 8.88 18.02
CA ILE E 8 60.76 10.21 18.64
C ILE E 8 62.20 10.66 18.90
N ALA E 9 63.17 9.74 18.81
CA ALA E 9 64.60 10.03 18.91
C ALA E 9 65.33 8.77 18.45
N ASP E 10 66.67 8.82 18.33
CA ASP E 10 67.41 7.64 17.91
C ASP E 10 67.18 6.50 18.90
N GLY E 11 66.68 5.37 18.42
CA GLY E 11 66.39 4.21 19.26
C GLY E 11 65.28 4.42 20.29
N VAL E 12 64.41 5.44 20.10
CA VAL E 12 63.28 5.69 21.02
C VAL E 12 62.00 5.81 20.20
N TYR E 13 60.96 5.05 20.58
CA TYR E 13 59.72 5.03 19.83
C TYR E 13 58.53 5.26 20.72
N TRP E 14 57.51 5.93 20.19
CA TRP E 14 56.19 5.93 20.78
C TRP E 14 55.53 4.63 20.32
N VAL E 15 55.00 3.84 21.27
CA VAL E 15 54.32 2.57 20.98
C VAL E 15 52.97 2.57 21.70
N GLY E 16 52.34 3.73 21.74
CA GLY E 16 51.10 3.96 22.48
C GLY E 16 49.84 3.50 21.78
N VAL E 17 48.71 3.90 22.36
CA VAL E 17 47.39 3.48 21.90
C VAL E 17 46.54 4.72 21.64
N LEU E 18 45.87 4.76 20.48
CA LEU E 18 44.93 5.80 20.14
C LEU E 18 43.55 5.34 20.58
N ASP E 19 43.02 5.93 21.66
CA ASP E 19 41.65 5.62 22.08
C ASP E 19 40.72 6.57 21.34
N TRP E 20 40.45 6.28 20.06
CA TRP E 20 39.69 7.16 19.19
C TRP E 20 38.32 7.49 19.73
N ASP E 21 37.64 6.49 20.28
CA ASP E 21 36.19 6.55 20.48
C ASP E 21 35.72 6.93 21.87
N ILE E 22 36.60 6.95 22.87
CA ILE E 22 36.18 7.32 24.22
C ILE E 22 35.70 8.79 24.26
N ARG E 23 34.56 9.05 24.91
CA ARG E 23 34.01 10.41 25.01
C ARG E 23 33.89 10.92 26.44
N MET E 24 33.95 10.02 27.44
CA MET E 24 33.89 10.36 28.85
C MET E 24 34.92 9.51 29.58
N TYR E 25 35.72 10.08 30.47
CA TYR E 25 36.79 9.33 31.15
C TYR E 25 36.86 9.82 32.59
N HIS E 26 36.18 9.18 33.54
CA HIS E 26 36.03 9.57 34.96
C HIS E 26 35.30 10.91 35.12
N GLY E 27 34.32 11.18 34.26
CA GLY E 27 33.60 12.45 34.28
C GLY E 27 34.29 13.57 33.52
N TYR E 28 35.42 13.27 32.86
CA TYR E 28 36.18 14.23 32.06
C TYR E 28 35.75 14.01 30.60
N THR E 29 35.14 15.02 29.96
CA THR E 29 34.70 14.90 28.59
C THR E 29 35.86 15.11 27.64
N LEU E 30 35.89 14.36 26.55
CA LEU E 30 36.99 14.46 25.59
C LEU E 30 36.57 13.86 24.25
N ASN E 31 37.33 14.14 23.19
CA ASN E 31 37.09 13.58 21.86
C ASN E 31 38.17 12.53 21.62
N GLY E 32 38.18 11.52 22.46
CA GLY E 32 39.23 10.52 22.45
C GLY E 32 40.46 10.95 23.21
N THR E 33 41.34 10.01 23.51
CA THR E 33 42.64 10.32 24.10
C THR E 33 43.64 9.29 23.63
N THR E 34 44.87 9.37 24.15
CA THR E 34 45.88 8.36 23.87
C THR E 34 46.45 7.87 25.20
N TYR E 35 46.98 6.65 25.20
CA TYR E 35 47.74 6.11 26.31
C TYR E 35 49.14 5.93 25.78
N ASN E 36 50.01 6.89 26.08
CA ASN E 36 51.35 6.89 25.48
C ASN E 36 52.28 5.98 26.25
N ALA E 37 52.89 5.05 25.52
CA ALA E 37 53.91 4.14 26.05
C ALA E 37 55.12 4.29 25.15
N TYR E 38 56.32 4.09 25.69
CA TYR E 38 57.55 4.35 24.94
C TYR E 38 58.52 3.20 25.03
N LEU E 39 59.25 2.95 23.95
CA LEU E 39 60.16 1.81 23.88
C LEU E 39 61.57 2.35 23.59
N VAL E 40 62.52 2.13 24.52
CA VAL E 40 63.88 2.66 24.45
C VAL E 40 64.83 1.51 24.15
N PHE E 41 65.53 1.57 23.02
CA PHE E 41 66.45 0.53 22.60
C PHE E 41 67.88 0.86 23.01
N GLY E 42 68.29 0.33 24.15
CA GLY E 42 69.69 0.37 24.54
C GLY E 42 70.44 -0.69 23.76
N ASP E 43 71.78 -0.63 23.74
CA ASP E 43 72.57 -1.64 23.03
C ASP E 43 72.39 -3.02 23.64
N ASP E 44 72.19 -3.07 24.97
CA ASP E 44 72.06 -4.33 25.71
C ASP E 44 70.60 -4.65 26.05
N LYS E 45 69.82 -3.64 26.50
CA LYS E 45 68.47 -3.86 27.00
C LYS E 45 67.44 -2.95 26.32
N VAL E 46 66.24 -3.49 26.04
CA VAL E 46 65.11 -2.73 25.50
C VAL E 46 64.12 -2.48 26.64
N ALA E 47 63.80 -1.20 26.92
CA ALA E 47 62.91 -0.89 28.03
C ALA E 47 61.58 -0.38 27.52
N LEU E 48 60.48 -0.84 28.12
CA LEU E 48 59.14 -0.32 27.85
C LEU E 48 58.77 0.60 29.00
N ILE E 49 58.43 1.85 28.68
CA ILE E 49 58.03 2.83 29.68
C ILE E 49 56.52 2.98 29.61
N ASP E 50 55.80 2.57 30.68
CA ASP E 50 54.34 2.57 30.77
C ASP E 50 53.69 1.70 29.67
N ASN E 51 52.36 1.55 29.73
CA ASN E 51 51.67 0.73 28.77
C ASN E 51 50.27 1.28 28.50
N THR E 52 49.17 0.55 28.81
CA THR E 52 47.87 1.04 28.37
C THR E 52 46.73 0.46 29.22
N TYR E 53 45.52 0.98 28.95
CA TYR E 53 44.28 0.59 29.64
C TYR E 53 43.94 -0.90 29.40
N PRO E 54 43.39 -1.64 30.38
CA PRO E 54 43.08 -3.06 30.11
C PRO E 54 42.17 -3.26 28.90
N GLY E 55 42.49 -4.23 28.05
CA GLY E 55 41.72 -4.53 26.85
C GLY E 55 42.09 -3.70 25.64
N THR E 56 43.04 -2.76 25.76
CA THR E 56 43.39 -1.87 24.63
C THR E 56 44.81 -2.11 24.10
N SER E 57 45.43 -3.25 24.43
CA SER E 57 46.84 -3.48 24.11
C SER E 57 47.11 -3.90 22.66
N ALA E 58 46.08 -4.21 21.84
CA ALA E 58 46.32 -4.66 20.46
C ALA E 58 47.23 -3.70 19.69
N GLN E 59 46.92 -2.39 19.71
CA GLN E 59 47.76 -1.40 19.03
C GLN E 59 49.17 -1.41 19.63
N MET E 60 49.28 -1.41 20.97
CA MET E 60 50.57 -1.32 21.63
C MET E 60 51.50 -2.48 21.19
N TRP E 61 50.98 -3.71 21.21
CA TRP E 61 51.79 -4.87 20.83
C TRP E 61 52.22 -4.79 19.36
N GLY E 62 51.31 -4.34 18.49
CA GLY E 62 51.62 -4.11 17.09
C GLY E 62 52.75 -3.12 16.90
N ARG E 63 52.71 -2.00 17.64
CA ARG E 63 53.76 -0.97 17.54
C ARG E 63 55.08 -1.46 18.14
N ILE E 64 55.04 -2.23 19.23
CA ILE E 64 56.27 -2.78 19.80
C ILE E 64 56.95 -3.71 18.79
N LYS E 65 56.17 -4.61 18.16
CA LYS E 65 56.70 -5.53 17.15
C LYS E 65 57.28 -4.75 15.98
N ASP E 66 56.58 -3.68 15.54
CA ASP E 66 57.06 -2.83 14.44
C ASP E 66 58.39 -2.18 14.79
N ALA E 67 58.51 -1.63 16.01
CA ALA E 67 59.75 -0.98 16.46
C ALA E 67 60.92 -1.96 16.52
N CYS E 68 60.70 -3.16 17.08
CA CYS E 68 61.74 -4.20 17.16
C CYS E 68 62.22 -4.56 15.74
N GLU E 69 61.28 -4.71 14.79
CA GLU E 69 61.60 -5.00 13.40
C GLU E 69 62.42 -3.88 12.77
N LYS E 70 62.04 -2.61 13.01
CA LYS E 70 62.77 -1.45 12.48
C LYS E 70 64.19 -1.37 13.05
N GLU E 71 64.38 -1.83 14.28
CA GLU E 71 65.69 -1.81 14.94
C GLU E 71 66.55 -3.05 14.63
N GLY E 72 65.99 -4.02 13.92
CA GLY E 72 66.70 -5.27 13.64
C GLY E 72 66.90 -6.09 14.90
N ARG E 73 65.96 -6.01 15.85
CA ARG E 73 66.07 -6.70 17.13
C ARG E 73 64.96 -7.74 17.22
N GLU E 74 65.12 -8.73 18.10
CA GLU E 74 64.05 -9.70 18.33
C GLU E 74 62.89 -9.04 19.09
N PHE E 75 61.70 -9.63 18.98
CA PHE E 75 60.52 -9.13 19.70
C PHE E 75 60.72 -9.49 21.17
N LYS E 76 61.36 -8.59 21.92
CA LYS E 76 61.70 -8.83 23.31
C LYS E 76 61.78 -7.52 24.10
N ILE E 77 61.30 -7.56 25.33
CA ILE E 77 61.42 -6.45 26.26
C ILE E 77 62.23 -6.98 27.44
N ASP E 78 63.32 -6.30 27.77
CA ASP E 78 64.23 -6.69 28.86
C ASP E 78 63.90 -5.98 30.16
N VAL E 79 63.35 -4.75 30.07
CA VAL E 79 63.15 -3.90 31.24
C VAL E 79 61.76 -3.28 31.14
N ILE E 80 61.00 -3.27 32.24
CA ILE E 80 59.67 -2.65 32.28
C ILE E 80 59.71 -1.51 33.29
N VAL E 81 59.27 -0.31 32.88
CA VAL E 81 59.17 0.83 33.79
C VAL E 81 57.69 1.18 33.96
N GLN E 82 57.25 1.32 35.21
CA GLN E 82 55.85 1.66 35.50
C GLN E 82 55.86 2.96 36.32
N ASN E 83 55.68 4.09 35.64
CA ASN E 83 55.75 5.42 36.27
C ASN E 83 54.62 5.66 37.26
N HIS E 84 53.48 4.99 37.05
CA HIS E 84 52.24 5.34 37.74
C HIS E 84 51.36 4.09 37.76
N VAL E 85 50.64 3.83 38.85
CA VAL E 85 49.86 2.59 38.97
C VAL E 85 48.48 2.67 38.32
N GLU E 86 47.97 3.87 38.04
CA GLU E 86 46.61 4.00 37.53
C GLU E 86 46.45 3.18 36.23
N LYS E 87 45.35 2.44 36.11
CA LYS E 87 45.20 1.39 35.11
C LYS E 87 45.15 1.84 33.66
N ASP E 88 45.00 3.14 33.38
CA ASP E 88 45.17 3.65 32.01
C ASP E 88 46.64 3.57 31.55
N HIS E 89 47.60 3.42 32.48
CA HIS E 89 49.02 3.25 32.12
C HIS E 89 49.61 1.91 32.55
N SER E 90 48.92 1.16 33.41
CA SER E 90 49.45 -0.09 33.96
C SER E 90 48.61 -1.31 33.58
N GLY E 91 47.49 -1.08 32.91
CA GLY E 91 46.51 -2.13 32.60
C GLY E 91 47.02 -3.31 31.78
N ALA E 92 48.09 -3.13 30.99
CA ALA E 92 48.64 -4.25 30.23
C ALA E 92 49.85 -4.86 30.96
N LEU E 93 50.19 -4.36 32.17
CA LEU E 93 51.34 -4.91 32.90
C LEU E 93 51.20 -6.42 33.16
N PRO E 94 50.01 -6.95 33.50
CA PRO E 94 49.88 -8.42 33.65
C PRO E 94 50.24 -9.20 32.39
N GLU E 95 49.80 -8.75 31.23
CA GLU E 95 50.17 -9.44 29.99
C GLU E 95 51.64 -9.23 29.58
N ILE E 96 52.21 -8.06 29.87
CA ILE E 96 53.63 -7.83 29.56
C ILE E 96 54.48 -8.74 30.45
N HIS E 97 54.15 -8.81 31.76
CA HIS E 97 54.86 -9.67 32.70
C HIS E 97 54.72 -11.15 32.32
N LYS E 98 53.53 -11.58 31.90
CA LYS E 98 53.32 -12.97 31.48
C LYS E 98 54.17 -13.31 30.25
N LYS E 99 54.27 -12.38 29.30
CA LYS E 99 55.05 -12.60 28.08
C LYS E 99 56.56 -12.54 28.36
N PHE E 100 57.01 -11.62 29.23
CA PHE E 100 58.44 -11.44 29.54
C PHE E 100 58.63 -11.54 31.05
N PRO E 101 58.54 -12.76 31.61
CA PRO E 101 58.52 -12.89 33.09
C PRO E 101 59.84 -12.57 33.79
N GLU E 102 60.96 -12.53 33.07
CA GLU E 102 62.26 -12.24 33.67
C GLU E 102 62.59 -10.74 33.58
N ALA E 103 61.79 -9.93 32.86
CA ALA E 103 62.05 -8.50 32.77
C ALA E 103 61.73 -7.83 34.12
N PRO E 104 62.69 -7.19 34.80
CA PRO E 104 62.34 -6.51 36.05
C PRO E 104 61.38 -5.34 35.83
N ILE E 105 60.54 -5.07 36.83
CA ILE E 105 59.56 -3.97 36.79
C ILE E 105 60.04 -2.88 37.72
N TYR E 106 60.50 -1.75 37.16
CA TYR E 106 60.97 -0.63 37.97
C TYR E 106 59.81 0.29 38.30
N CYS E 107 59.62 0.60 39.59
CA CYS E 107 58.55 1.47 40.06
C CYS E 107 58.88 1.97 41.47
N THR E 108 58.07 2.89 42.01
CA THR E 108 58.31 3.39 43.37
C THR E 108 57.92 2.31 44.40
N GLU E 109 58.32 2.52 45.65
CA GLU E 109 58.02 1.57 46.72
C GLU E 109 56.53 1.37 46.90
N VAL E 110 55.76 2.47 47.01
CA VAL E 110 54.31 2.37 47.19
C VAL E 110 53.62 1.78 45.94
N ALA E 111 54.20 1.97 44.74
CA ALA E 111 53.63 1.39 43.52
C ALA E 111 53.52 -0.13 43.59
N VAL E 112 54.51 -0.82 44.20
CA VAL E 112 54.49 -2.29 44.23
C VAL E 112 53.17 -2.81 44.83
N GLU E 113 52.81 -2.35 46.03
CA GLU E 113 51.58 -2.82 46.68
C GLU E 113 50.33 -2.40 45.88
N GLY E 114 50.37 -1.20 45.32
CA GLY E 114 49.26 -0.72 44.49
C GLY E 114 49.04 -1.54 43.24
N LEU E 115 50.14 -1.93 42.57
CA LEU E 115 50.06 -2.74 41.34
C LEU E 115 49.58 -4.16 41.65
N VAL E 116 50.08 -4.77 42.74
CA VAL E 116 49.63 -6.10 43.12
C VAL E 116 48.15 -6.06 43.55
N LYS E 117 47.71 -4.98 44.21
CA LYS E 117 46.30 -4.85 44.60
C LYS E 117 45.41 -4.71 43.35
N HIS E 118 45.89 -4.00 42.31
CA HIS E 118 45.15 -3.90 41.04
C HIS E 118 45.17 -5.23 40.28
N PHE E 119 46.34 -5.88 40.24
CA PHE E 119 46.58 -7.05 39.39
C PHE E 119 47.18 -8.20 40.23
N PRO E 120 46.31 -9.08 40.80
CA PRO E 120 46.83 -10.16 41.65
C PRO E 120 47.83 -11.11 40.99
N SER E 121 47.81 -11.26 39.64
CA SER E 121 48.78 -12.12 38.94
C SER E 121 50.21 -11.59 39.01
N LEU E 122 50.42 -10.32 39.45
CA LEU E 122 51.76 -9.77 39.60
C LEU E 122 52.39 -10.14 40.95
N LYS E 123 51.67 -10.85 41.84
CA LYS E 123 52.28 -11.31 43.09
C LYS E 123 53.44 -12.25 42.73
N GLY E 124 54.63 -11.91 43.20
CA GLY E 124 55.84 -12.67 42.86
C GLY E 124 56.54 -12.22 41.58
N ALA E 125 56.09 -11.12 40.97
CA ALA E 125 56.76 -10.58 39.78
C ALA E 125 58.07 -9.91 40.19
N PRO E 126 59.05 -9.77 39.28
CA PRO E 126 60.35 -9.21 39.68
C PRO E 126 60.34 -7.68 39.80
N PHE E 127 59.67 -7.16 40.82
CA PHE E 127 59.66 -5.72 41.07
C PHE E 127 61.02 -5.25 41.56
N LYS E 128 61.43 -4.04 41.14
CA LYS E 128 62.66 -3.40 41.58
C LYS E 128 62.32 -1.99 42.02
N VAL E 129 62.33 -1.74 43.32
CA VAL E 129 61.95 -0.44 43.85
C VAL E 129 63.04 0.59 43.52
N VAL E 130 62.63 1.76 43.01
CA VAL E 130 63.58 2.83 42.66
C VAL E 130 63.34 4.06 43.53
N LYS E 131 64.35 4.91 43.61
CA LYS E 131 64.32 6.14 44.39
C LYS E 131 64.86 7.26 43.53
N SER E 132 64.56 8.51 43.89
CA SER E 132 64.98 9.66 43.10
C SER E 132 66.49 9.62 42.84
N LEU E 133 66.88 9.96 41.61
CA LEU E 133 68.27 10.03 41.14
C LEU E 133 68.96 8.68 40.97
N GLU E 134 68.29 7.55 41.25
CA GLU E 134 68.85 6.24 40.93
C GLU E 134 68.70 6.02 39.42
N SER E 135 69.67 5.33 38.80
CA SER E 135 69.66 5.12 37.34
C SER E 135 69.88 3.66 36.99
N ILE E 136 69.53 3.30 35.74
CA ILE E 136 69.84 2.00 35.17
C ILE E 136 70.43 2.19 33.78
N ASP E 137 71.40 1.35 33.43
CA ASP E 137 72.11 1.42 32.15
C ASP E 137 71.49 0.41 31.19
N LEU E 138 71.07 0.85 30.00
CA LEU E 138 70.52 -0.05 28.99
C LEU E 138 71.59 -0.39 27.94
N GLY E 139 72.76 0.24 28.04
CA GLY E 139 73.84 0.09 27.07
C GLY E 139 73.86 1.28 26.12
N GLY E 140 74.58 2.32 26.51
CA GLY E 140 74.64 3.56 25.75
C GLY E 140 73.49 4.52 26.01
N LYS E 141 72.48 4.07 26.78
CA LYS E 141 71.34 4.89 27.17
C LYS E 141 71.08 4.68 28.65
N THR E 142 70.84 5.76 29.38
CA THR E 142 70.63 5.71 30.83
C THR E 142 69.23 6.20 31.14
N LEU E 143 68.50 5.48 32.00
CA LEU E 143 67.22 5.95 32.52
C LEU E 143 67.41 6.34 33.98
N THR E 144 67.07 7.59 34.33
CA THR E 144 67.17 8.09 35.69
C THR E 144 65.76 8.35 36.22
N PHE E 145 65.48 7.86 37.42
CA PHE E 145 64.15 7.98 38.01
C PHE E 145 64.09 9.18 38.93
N LEU E 146 62.91 9.72 39.06
CA LEU E 146 62.68 10.94 39.81
CA LEU E 146 62.69 10.95 39.81
C LEU E 146 61.31 10.86 40.48
N GLU E 147 61.30 10.61 41.80
CA GLU E 147 60.04 10.42 42.52
C GLU E 147 59.22 11.70 42.44
N ALA E 148 57.92 11.57 42.19
CA ALA E 148 57.05 12.74 42.11
C ALA E 148 55.75 12.41 42.84
N PRO E 149 55.84 12.10 44.15
CA PRO E 149 54.63 11.71 44.90
C PRO E 149 53.57 12.80 44.91
N LEU E 150 52.31 12.39 44.73
CA LEU E 150 51.16 13.27 44.58
C LEU E 150 51.27 14.19 43.36
N LEU E 151 51.95 13.73 42.29
CA LEU E 151 51.95 14.38 40.98
C LEU E 151 51.68 13.29 39.92
N HIS E 152 50.47 12.68 39.94
CA HIS E 152 49.32 13.09 40.74
C HIS E 152 48.90 12.09 41.85
N TRP E 153 49.52 10.89 41.90
CA TRP E 153 49.22 9.88 42.93
C TRP E 153 50.48 9.63 43.80
N PRO E 154 50.34 9.01 45.00
CA PRO E 154 51.55 8.77 45.84
C PRO E 154 52.64 7.92 45.17
N ASP E 155 52.25 7.07 44.21
CA ASP E 155 53.17 6.17 43.48
C ASP E 155 53.89 6.83 42.30
N SER E 156 53.46 8.03 41.90
CA SER E 156 53.94 8.63 40.67
C SER E 156 55.45 8.90 40.66
N MET E 157 56.08 8.70 39.49
CA MET E 157 57.45 9.10 39.26
C MET E 157 57.62 9.51 37.81
N PHE E 158 58.74 10.20 37.52
CA PHE E 158 59.14 10.48 36.14
C PHE E 158 60.37 9.63 35.81
N THR E 159 60.55 9.32 34.53
CA THR E 159 61.75 8.63 34.05
C THR E 159 62.42 9.55 33.05
N LEU E 160 63.71 9.78 33.21
CA LEU E 160 64.48 10.65 32.32
C LEU E 160 65.45 9.80 31.52
N TYR E 161 65.39 9.91 30.18
CA TYR E 161 66.42 9.34 29.32
C TYR E 161 67.51 10.42 29.23
N ALA E 162 68.53 10.29 30.11
CA ALA E 162 69.53 11.32 30.39
C ALA E 162 70.28 11.85 29.18
N GLU E 163 70.77 10.97 28.30
CA GLU E 163 71.66 11.41 27.21
C GLU E 163 70.99 12.40 26.26
N GLU E 164 69.68 12.23 26.01
CA GLU E 164 68.94 13.11 25.10
C GLU E 164 67.99 14.06 25.82
N GLY E 165 67.94 14.00 27.14
CA GLY E 165 67.09 14.89 27.92
C GLY E 165 65.60 14.71 27.64
N ILE E 166 65.15 13.46 27.44
CA ILE E 166 63.72 13.17 27.21
C ILE E 166 63.09 12.80 28.55
N LEU E 167 62.15 13.61 29.02
CA LEU E 167 61.47 13.35 30.28
C LEU E 167 60.15 12.63 30.02
N PHE E 168 60.04 11.38 30.49
CA PHE E 168 58.79 10.64 30.45
C PHE E 168 58.05 10.98 31.73
N SER E 169 57.15 11.97 31.63
CA SER E 169 56.52 12.62 32.77
C SER E 169 55.23 11.95 33.25
N ASN E 170 54.82 10.86 32.60
CA ASN E 170 53.52 10.23 32.82
C ASN E 170 52.39 11.29 32.73
N ASP E 171 51.43 11.38 33.69
CA ASP E 171 50.30 12.30 33.52
C ASP E 171 50.71 13.75 33.45
N ALA E 172 51.73 14.17 34.23
CA ALA E 172 52.16 15.57 34.23
C ALA E 172 52.44 16.04 32.80
N PHE E 173 51.89 17.20 32.42
CA PHE E 173 52.04 17.79 31.10
C PHE E 173 51.27 17.05 29.99
N GLY E 174 50.43 16.08 30.35
CA GLY E 174 49.60 15.38 29.37
C GLY E 174 48.39 16.21 28.99
N GLN E 175 47.73 15.84 27.88
CA GLN E 175 46.47 16.45 27.48
C GLN E 175 45.64 15.37 26.82
N HIS E 176 44.33 15.40 27.03
CA HIS E 176 43.46 14.38 26.45
C HIS E 176 43.08 14.74 25.02
N LEU E 177 43.96 14.38 24.09
CA LEU E 177 43.80 14.64 22.64
C LEU E 177 44.14 13.38 21.88
N CYS E 178 43.36 13.07 20.84
CA CYS E 178 43.62 11.89 20.01
C CYS E 178 43.72 12.30 18.55
N PHE E 179 44.95 12.51 18.08
CA PHE E 179 45.25 12.89 16.70
C PHE E 179 46.23 11.90 16.11
N THR E 180 46.32 11.84 14.78
CA THR E 180 47.36 11.04 14.12
C THR E 180 48.72 11.72 14.34
N GLN E 181 48.71 13.05 14.50
CA GLN E 181 49.94 13.82 14.77
C GLN E 181 50.38 13.56 16.21
N ARG E 182 51.67 13.31 16.46
CA ARG E 182 52.17 12.95 17.79
C ARG E 182 52.81 14.10 18.56
N PHE E 183 53.23 15.17 17.86
CA PHE E 183 54.01 16.23 18.49
C PHE E 183 53.21 17.52 18.67
N ASP E 184 53.63 18.33 19.65
CA ASP E 184 53.00 19.61 19.98
C ASP E 184 52.92 20.55 18.77
N HIS E 185 54.01 20.66 17.99
CA HIS E 185 54.07 21.60 16.87
C HIS E 185 53.21 21.21 15.65
N GLU E 186 52.68 20.00 15.61
CA GLU E 186 51.92 19.52 14.45
C GLU E 186 50.42 19.82 14.52
N ILE E 187 49.91 20.35 15.65
CA ILE E 187 48.48 20.66 15.75
C ILE E 187 48.33 22.15 16.07
N PRO E 188 47.14 22.74 15.86
CA PRO E 188 46.96 24.16 16.19
C PRO E 188 47.24 24.44 17.66
N GLU E 189 48.00 25.51 17.94
CA GLU E 189 48.38 25.89 19.30
C GLU E 189 47.17 26.06 20.23
N ASN E 190 46.09 26.68 19.76
CA ASN E 190 44.89 26.88 20.59
CA ASN E 190 44.91 26.88 20.61
C ASN E 190 44.33 25.54 21.08
N ILE E 191 44.29 24.52 20.22
CA ILE E 191 43.77 23.20 20.60
C ILE E 191 44.68 22.61 21.68
N LEU E 192 45.98 22.64 21.44
CA LEU E 192 46.97 22.09 22.36
C LEU E 192 46.89 22.77 23.74
N MET E 193 46.94 24.10 23.78
CA MET E 193 46.98 24.83 25.04
C MET E 193 45.63 24.82 25.75
N ASP E 194 44.51 24.74 25.01
CA ASP E 194 43.20 24.59 25.64
C ASP E 194 43.10 23.22 26.32
N ALA E 195 43.58 22.15 25.66
CA ALA E 195 43.56 20.80 26.23
C ALA E 195 44.52 20.70 27.43
N ASN E 196 45.68 21.36 27.34
CA ASN E 196 46.62 21.42 28.44
C ASN E 196 45.98 22.14 29.66
N GLN E 197 45.25 23.24 29.41
CA GLN E 197 44.58 24.00 30.47
C GLN E 197 43.51 23.14 31.13
N LYS E 198 42.73 22.41 30.33
CA LYS E 198 41.67 21.54 30.86
C LYS E 198 42.30 20.45 31.73
N PHE E 199 43.43 19.90 31.30
CA PHE E 199 44.10 18.83 32.03
C PHE E 199 44.64 19.36 33.37
N TYR E 200 45.32 20.52 33.37
CA TYR E 200 45.77 21.15 34.61
C TYR E 200 44.58 21.40 35.54
N ALA E 201 43.51 22.04 35.04
CA ALA E 201 42.36 22.42 35.86
C ALA E 201 41.74 21.24 36.59
N ASN E 202 41.58 20.12 35.89
CA ASN E 202 40.90 18.95 36.44
C ASN E 202 41.81 18.05 37.27
N LEU E 203 43.09 17.97 36.93
CA LEU E 203 44.00 17.01 37.56
C LEU E 203 45.10 17.61 38.43
N ILE E 204 45.53 18.85 38.16
CA ILE E 204 46.70 19.43 38.84
C ILE E 204 46.36 20.54 39.84
N THR E 205 45.23 21.24 39.67
CA THR E 205 44.91 22.39 40.56
C THR E 205 45.23 22.18 42.05
N PRO E 206 44.72 21.14 42.74
CA PRO E 206 45.01 21.00 44.17
C PRO E 206 46.48 20.70 44.50
N LEU E 207 47.28 20.36 43.47
CA LEU E 207 48.70 20.06 43.59
C LEU E 207 49.57 21.27 43.22
N SER E 208 48.97 22.46 43.03
CA SER E 208 49.69 23.64 42.56
C SER E 208 50.93 23.99 43.41
N LYS E 209 50.85 23.86 44.74
CA LYS E 209 52.02 24.12 45.59
C LYS E 209 53.11 23.07 45.36
N LEU E 210 52.73 21.79 45.17
CA LEU E 210 53.68 20.71 44.90
C LEU E 210 54.33 20.88 43.52
N VAL E 211 53.60 21.44 42.53
CA VAL E 211 54.14 21.73 41.21
C VAL E 211 55.32 22.69 41.36
N LEU E 212 55.09 23.81 42.07
CA LEU E 212 56.12 24.82 42.30
C LEU E 212 57.30 24.27 43.11
N LYS E 213 57.02 23.39 44.08
CA LYS E 213 58.06 22.71 44.84
C LYS E 213 58.91 21.81 43.94
N LYS E 214 58.26 21.00 43.07
CA LYS E 214 58.98 20.12 42.15
C LYS E 214 59.82 20.95 41.18
N PHE E 215 59.31 22.12 40.75
CA PHE E 215 60.04 23.00 39.84
C PHE E 215 61.29 23.59 40.50
N LYS E 216 61.21 23.95 41.79
CA LYS E 216 62.33 24.48 42.56
C LYS E 216 63.43 23.42 42.70
N GLU E 217 63.02 22.15 42.96
CA GLU E 217 63.95 21.02 43.04
C GLU E 217 64.62 20.75 41.69
N VAL E 218 63.85 20.76 40.59
CA VAL E 218 64.38 20.50 39.24
C VAL E 218 65.37 21.59 38.80
N ILE E 219 65.13 22.86 39.18
CA ILE E 219 66.05 23.96 38.89
C ILE E 219 67.31 23.89 39.79
N GLU E 220 67.15 23.52 41.07
CA GLU E 220 68.30 23.41 42.01
C GLU E 220 69.23 22.25 41.65
N LEU E 221 68.70 21.19 41.04
CA LEU E 221 69.50 20.09 40.51
C LEU E 221 70.16 20.49 39.17
N GLY E 222 69.81 21.66 38.65
CA GLY E 222 70.36 22.20 37.41
C GLY E 222 69.91 21.45 36.18
N LEU E 223 68.77 20.76 36.25
CA LEU E 223 68.32 19.88 35.19
C LEU E 223 67.18 20.47 34.34
N LEU E 224 66.65 21.66 34.67
CA LEU E 224 65.57 22.22 33.84
C LEU E 224 66.02 22.47 32.40
N GLU E 225 67.18 23.12 32.23
CA GLU E 225 67.70 23.46 30.91
C GLU E 225 68.14 22.22 30.10
N LYS E 226 68.38 21.09 30.79
CA LYS E 226 68.72 19.84 30.13
C LYS E 226 67.51 19.15 29.48
N ILE E 227 66.26 19.49 29.89
CA ILE E 227 65.08 18.81 29.34
C ILE E 227 64.84 19.29 27.92
N LYS E 228 65.02 18.42 26.94
CA LYS E 228 64.84 18.78 25.54
C LYS E 228 63.47 18.38 25.02
N MET E 229 62.83 17.39 25.66
CA MET E 229 61.51 16.93 25.20
C MET E 229 60.75 16.37 26.40
N ILE E 230 59.44 16.65 26.47
CA ILE E 230 58.58 16.07 27.50
C ILE E 230 57.60 15.15 26.79
N ALA E 231 57.65 13.86 27.12
CA ALA E 231 56.84 12.83 26.49
C ALA E 231 55.84 12.30 27.53
N PRO E 232 54.64 12.91 27.65
CA PRO E 232 53.73 12.55 28.74
C PRO E 232 52.92 11.31 28.39
N SER E 233 52.05 10.88 29.30
CA SER E 233 51.28 9.65 29.11
C SER E 233 49.97 9.83 28.32
N HIS E 234 49.56 11.08 28.02
CA HIS E 234 48.36 11.34 27.20
C HIS E 234 48.67 12.49 26.25
N GLY E 235 48.21 12.36 25.02
CA GLY E 235 48.25 13.46 24.06
C GLY E 235 49.60 13.70 23.43
N GLN E 236 49.88 14.98 23.13
CA GLN E 236 51.05 15.37 22.34
C GLN E 236 52.36 15.32 23.13
N ILE E 237 53.46 15.08 22.41
CA ILE E 237 54.81 15.14 22.95
C ILE E 237 55.34 16.56 22.76
N TRP E 238 55.87 17.15 23.82
CA TRP E 238 56.36 18.53 23.77
C TRP E 238 57.81 18.57 23.25
N THR E 239 57.98 19.05 22.01
CA THR E 239 59.32 19.36 21.49
C THR E 239 59.75 20.74 22.01
N ASP E 240 58.80 21.52 22.56
CA ASP E 240 59.07 22.81 23.20
C ASP E 240 58.67 22.70 24.68
N PRO E 241 59.52 22.03 25.49
CA PRO E 241 59.13 21.79 26.89
C PRO E 241 58.89 23.06 27.71
N MET E 242 59.63 24.14 27.44
CA MET E 242 59.43 25.39 28.20
C MET E 242 58.05 26.01 27.97
N LYS E 243 57.38 25.67 26.86
CA LYS E 243 56.02 26.16 26.62
C LYS E 243 55.05 25.59 27.66
N VAL E 244 55.13 24.27 27.91
CA VAL E 244 54.22 23.67 28.87
C VAL E 244 54.65 23.94 30.33
N ILE E 245 55.96 23.97 30.61
CA ILE E 245 56.45 24.33 31.95
C ILE E 245 55.99 25.75 32.31
N GLY E 246 56.11 26.67 31.34
CA GLY E 246 55.64 28.04 31.51
C GLY E 246 54.15 28.14 31.77
N ALA E 247 53.35 27.33 31.05
CA ALA E 247 51.89 27.29 31.28
C ALA E 247 51.59 26.78 32.69
N TYR E 248 52.31 25.72 33.14
CA TYR E 248 52.11 25.17 34.48
C TYR E 248 52.49 26.21 35.56
N GLN E 249 53.59 26.95 35.34
CA GLN E 249 54.01 28.00 36.26
C GLN E 249 52.91 29.06 36.41
N ASP E 250 52.30 29.47 35.28
CA ASP E 250 51.22 30.46 35.28
C ASP E 250 49.98 29.94 36.02
N PHE E 251 49.57 28.69 35.75
CA PHE E 251 48.40 28.11 36.42
C PHE E 251 48.67 27.89 37.92
N ALA E 252 49.89 27.51 38.28
CA ALA E 252 50.20 27.24 39.68
C ALA E 252 50.33 28.52 40.52
N THR E 253 50.48 29.70 39.87
CA THR E 253 50.66 30.97 40.58
C THR E 253 49.50 31.95 40.39
N GLY E 254 48.38 31.50 39.83
CA GLY E 254 47.19 32.31 39.74
C GLY E 254 47.20 33.40 38.69
N LYS E 255 47.93 33.20 37.57
CA LYS E 255 47.91 34.16 36.46
C LYS E 255 46.62 33.93 35.66
N CYS E 256 45.68 34.89 35.73
CA CYS E 256 44.37 34.76 35.11
C CYS E 256 44.15 35.87 34.08
N LYS E 257 43.14 35.68 33.22
CA LYS E 257 42.71 36.69 32.24
C LYS E 257 41.67 37.58 32.87
N ASP E 258 41.31 38.68 32.18
CA ASP E 258 40.19 39.52 32.58
C ASP E 258 38.94 38.86 32.06
N LYS E 259 38.43 37.93 32.85
CA LYS E 259 37.46 36.95 32.41
C LYS E 259 36.65 36.47 33.60
N VAL E 260 35.36 36.23 33.37
CA VAL E 260 34.45 35.75 34.40
C VAL E 260 33.80 34.47 33.89
N THR E 261 33.74 33.42 34.73
CA THR E 261 32.99 32.22 34.38
C THR E 261 31.68 32.28 35.14
N ILE E 262 30.56 32.11 34.43
CA ILE E 262 29.23 32.15 35.04
C ILE E 262 28.61 30.77 34.91
N VAL E 263 28.11 30.23 36.02
CA VAL E 263 27.48 28.91 36.03
C VAL E 263 26.13 29.05 36.68
N TYR E 264 25.10 28.45 36.11
CA TYR E 264 23.80 28.48 36.76
CA TYR E 264 23.79 28.48 36.75
C TYR E 264 22.97 27.25 36.40
N ASP E 265 21.89 27.04 37.15
CA ASP E 265 20.82 26.13 36.77
C ASP E 265 19.49 26.85 37.01
N THR E 266 18.44 26.35 36.38
CA THR E 266 17.13 26.99 36.43
C THR E 266 16.08 25.92 36.19
N MET E 267 14.89 26.12 36.74
CA MET E 267 13.72 25.30 36.45
C MET E 267 12.79 26.08 35.52
N HIS E 268 12.52 27.34 35.88
CA HIS E 268 11.53 28.19 35.16
C HIS E 268 12.14 29.35 34.39
N GLY E 269 13.46 29.43 34.33
CA GLY E 269 14.15 30.44 33.52
C GLY E 269 14.53 31.74 34.20
N SER E 270 14.12 31.98 35.45
CA SER E 270 14.41 33.26 36.10
C SER E 270 15.88 33.42 36.46
N THR E 271 16.51 32.36 36.99
CA THR E 271 17.94 32.41 37.31
C THR E 271 18.75 32.56 36.01
N GLN E 272 18.26 31.97 34.91
CA GLN E 272 18.91 32.11 33.60
C GLN E 272 18.89 33.59 33.15
N LYS E 273 17.74 34.25 33.26
CA LYS E 273 17.63 35.68 32.91
C LYS E 273 18.61 36.51 33.75
N MET E 274 18.74 36.19 35.05
CA MET E 274 19.70 36.89 35.90
C MET E 274 21.12 36.66 35.37
N ALA E 275 21.48 35.40 35.11
CA ALA E 275 22.84 35.05 34.64
C ALA E 275 23.19 35.85 33.37
N HIS E 276 22.27 35.90 32.41
CA HIS E 276 22.49 36.63 31.16
C HIS E 276 22.60 38.15 31.40
N ALA E 277 21.87 38.68 32.38
CA ALA E 277 21.97 40.11 32.71
C ALA E 277 23.30 40.46 33.40
N PHE E 278 23.80 39.60 34.30
CA PHE E 278 25.15 39.79 34.88
C PHE E 278 26.19 39.83 33.75
N ALA E 279 26.07 38.91 32.77
CA ALA E 279 27.01 38.85 31.64
C ALA E 279 27.02 40.18 30.86
N GLU E 280 25.84 40.76 30.62
CA GLU E 280 25.76 42.03 29.88
C GLU E 280 26.53 43.15 30.60
N GLY E 281 26.41 43.22 31.92
CA GLY E 281 27.15 44.18 32.71
C GLY E 281 28.65 43.97 32.65
N ILE E 282 29.09 42.71 32.73
CA ILE E 282 30.51 42.37 32.65
C ILE E 282 31.06 42.75 31.26
N MET E 283 30.33 42.39 30.20
CA MET E 283 30.76 42.66 28.83
C MET E 283 30.82 44.16 28.53
N SER E 284 29.96 44.98 29.19
CA SER E 284 30.00 46.44 29.02
C SER E 284 31.38 47.04 29.42
N GLU E 285 32.16 46.31 30.23
CA GLU E 285 33.50 46.74 30.67
C GLU E 285 34.64 46.06 29.86
N GLY E 286 34.28 45.38 28.77
CA GLY E 286 35.27 44.69 27.93
C GLY E 286 35.87 43.46 28.59
N VAL E 287 35.20 42.91 29.63
CA VAL E 287 35.68 41.71 30.33
C VAL E 287 35.00 40.48 29.70
N ASP E 288 35.78 39.41 29.47
CA ASP E 288 35.24 38.24 28.79
C ASP E 288 34.34 37.42 29.72
N VAL E 289 33.43 36.65 29.11
CA VAL E 289 32.47 35.85 29.87
C VAL E 289 32.43 34.46 29.24
N LYS E 290 32.43 33.42 30.10
CA LYS E 290 32.08 32.07 29.69
C LYS E 290 30.83 31.68 30.48
N MET E 291 29.79 31.21 29.77
CA MET E 291 28.47 30.94 30.35
C MET E 291 28.20 29.45 30.32
N TYR E 292 27.84 28.87 31.48
CA TYR E 292 27.55 27.44 31.56
C TYR E 292 26.19 27.22 32.21
N PHE E 293 25.41 26.33 31.62
CA PHE E 293 24.09 25.96 32.12
C PHE E 293 24.19 24.51 32.58
N LEU E 294 24.07 24.27 33.90
CA LEU E 294 24.32 22.94 34.47
C LEU E 294 23.40 21.84 33.94
N HIS E 295 22.23 22.20 33.40
CA HIS E 295 21.36 21.21 32.76
C HIS E 295 22.09 20.49 31.61
N ASN E 296 22.90 21.21 30.85
CA ASN E 296 23.55 20.67 29.64
C ASN E 296 25.03 20.44 29.83
N ASP E 297 25.67 21.35 30.57
CA ASP E 297 27.12 21.40 30.65
C ASP E 297 27.65 20.59 31.82
N GLU E 298 28.94 20.28 31.79
CA GLU E 298 29.49 19.42 32.82
C GLU E 298 30.80 19.95 33.39
N ARG E 299 31.13 19.40 34.56
CA ARG E 299 32.13 19.97 35.45
C ARG E 299 33.50 20.17 34.82
N SER E 300 33.95 19.29 33.90
CA SER E 300 35.34 19.37 33.43
C SER E 300 35.62 20.60 32.55
N GLU E 301 34.64 21.04 31.77
CA GLU E 301 34.81 22.27 30.97
C GLU E 301 34.68 23.49 31.88
N ILE E 302 33.75 23.43 32.85
CA ILE E 302 33.55 24.54 33.77
C ILE E 302 34.87 24.86 34.49
N VAL E 303 35.53 23.84 35.08
CA VAL E 303 36.72 24.10 35.88
C VAL E 303 37.90 24.53 35.00
N LYS E 304 37.92 24.10 33.72
CA LYS E 304 38.93 24.59 32.75
C LYS E 304 38.86 26.11 32.66
N ASP E 305 37.65 26.65 32.53
CA ASP E 305 37.49 28.09 32.40
C ASP E 305 37.66 28.85 33.72
N ILE E 306 37.29 28.24 34.86
CA ILE E 306 37.56 28.88 36.17
C ILE E 306 39.06 29.10 36.36
N LEU E 307 39.88 28.13 35.90
CA LEU E 307 41.32 28.18 36.12
C LEU E 307 41.97 29.49 35.67
N ASP E 308 41.55 30.08 34.53
CA ASP E 308 42.11 31.37 34.14
C ASP E 308 41.08 32.50 34.18
N SER E 309 40.05 32.36 35.02
CA SER E 309 39.09 33.42 35.28
C SER E 309 39.47 34.10 36.59
N LYS E 310 39.32 35.43 36.65
CA LYS E 310 39.56 36.18 37.87
C LYS E 310 38.33 36.12 38.78
N ALA E 311 37.16 35.77 38.22
CA ALA E 311 35.93 35.70 38.99
C ALA E 311 35.01 34.60 38.52
N PHE E 312 34.15 34.16 39.43
CA PHE E 312 33.25 33.02 39.22
C PHE E 312 31.88 33.36 39.80
N LEU E 313 30.82 33.30 38.98
CA LEU E 313 29.45 33.54 39.43
C LEU E 313 28.70 32.21 39.47
N LEU E 314 27.94 31.95 40.54
CA LEU E 314 27.17 30.71 40.66
C LEU E 314 25.75 31.03 41.04
N GLY E 315 24.79 30.56 40.25
CA GLY E 315 23.38 30.87 40.45
C GLY E 315 22.49 29.65 40.41
N ALA E 316 21.47 29.62 41.26
CA ALA E 316 20.50 28.53 41.21
C ALA E 316 19.25 28.95 41.96
N PRO E 317 18.09 28.41 41.57
CA PRO E 317 16.88 28.68 42.35
C PRO E 317 16.86 27.91 43.67
N THR E 318 15.95 28.29 44.58
CA THR E 318 15.79 27.58 45.84
C THR E 318 14.74 26.49 45.68
N ILE E 319 15.06 25.27 46.17
CA ILE E 319 14.12 24.15 46.21
C ILE E 319 14.15 23.54 47.61
N TYR E 320 13.02 23.61 48.36
CA TYR E 320 12.97 23.13 49.75
C TYR E 320 14.11 23.68 50.62
N ASP E 321 14.29 25.01 50.60
CA ASP E 321 15.31 25.73 51.38
C ASP E 321 16.75 25.52 50.91
N GLU E 322 16.98 24.74 49.84
CA GLU E 322 18.33 24.42 49.39
C GLU E 322 18.54 24.99 48.00
N PRO E 323 19.79 25.15 47.53
CA PRO E 323 19.99 25.48 46.12
C PRO E 323 19.65 24.27 45.25
N PHE E 324 19.18 24.51 44.01
CA PHE E 324 18.87 23.43 43.06
C PHE E 324 20.01 22.39 43.08
N PRO E 325 19.70 21.07 43.18
CA PRO E 325 20.74 20.11 43.56
C PRO E 325 21.91 19.91 42.60
N SER E 326 21.76 20.27 41.32
CA SER E 326 22.86 20.09 40.37
C SER E 326 24.13 20.86 40.77
N VAL E 327 23.98 21.96 41.55
CA VAL E 327 25.16 22.70 42.02
C VAL E 327 26.01 21.86 42.97
N GLY E 328 25.38 20.91 43.67
CA GLY E 328 26.08 20.04 44.63
C GLY E 328 27.22 19.28 44.00
N ASP E 329 27.04 18.82 42.76
CA ASP E 329 28.09 18.11 42.03
C ASP E 329 29.30 19.03 41.81
N LEU E 330 29.06 20.23 41.24
CA LEU E 330 30.15 21.17 41.00
C LEU E 330 30.82 21.60 42.32
N ILE E 331 30.04 21.88 43.36
CA ILE E 331 30.60 22.32 44.65
C ILE E 331 31.49 21.22 45.24
N TYR E 332 31.04 19.94 45.22
CA TYR E 332 31.88 18.83 45.71
C TYR E 332 33.18 18.75 44.94
N TYR E 333 33.11 18.97 43.63
CA TYR E 333 34.31 18.95 42.80
C TYR E 333 35.25 20.12 43.15
N LEU E 334 34.71 21.34 43.28
CA LEU E 334 35.53 22.51 43.64
C LEU E 334 36.13 22.35 45.04
N LYS E 335 35.42 21.70 45.94
CA LYS E 335 35.93 21.43 47.29
C LYS E 335 37.20 20.57 47.23
N GLY E 336 37.24 19.62 46.30
CA GLY E 336 38.42 18.81 46.06
C GLY E 336 39.52 19.53 45.31
N LEU E 337 39.17 20.32 44.28
CA LEU E 337 40.18 20.98 43.45
C LEU E 337 40.92 22.11 44.18
N LYS E 338 40.26 22.80 45.11
CA LYS E 338 40.91 23.79 45.98
C LYS E 338 41.67 24.86 45.18
N PHE E 339 40.94 25.64 44.38
CA PHE E 339 41.51 26.68 43.50
C PHE E 339 42.34 27.71 44.25
N ASN E 340 42.07 27.90 45.54
CA ASN E 340 42.88 28.80 46.39
C ASN E 340 44.36 28.39 46.46
N ARG E 341 44.66 27.11 46.20
CA ARG E 341 46.06 26.64 46.19
C ARG E 341 46.88 27.19 45.03
N THR E 342 46.23 27.83 44.05
CA THR E 342 46.94 28.52 42.97
C THR E 342 47.53 29.86 43.47
N GLY E 343 47.24 30.25 44.71
CA GLY E 343 47.72 31.51 45.28
C GLY E 343 46.79 32.68 45.01
N LEU E 344 45.60 32.42 44.44
CA LEU E 344 44.63 33.46 44.13
C LEU E 344 43.28 33.04 44.70
N LYS E 345 42.60 33.94 45.39
CA LYS E 345 41.22 33.74 45.79
C LYS E 345 40.36 34.47 44.76
N ARG E 346 39.84 33.73 43.77
CA ARG E 346 39.04 34.33 42.72
C ARG E 346 37.79 34.97 43.30
N LEU E 347 37.36 36.10 42.71
CA LEU E 347 36.17 36.80 43.20
C LEU E 347 34.93 35.99 42.86
N ALA E 348 33.87 36.14 43.65
CA ALA E 348 32.65 35.39 43.36
C ALA E 348 31.40 36.12 43.79
N LEU E 349 30.30 35.76 43.15
CA LEU E 349 28.97 36.28 43.46
CA LEU E 349 28.99 36.29 43.43
C LEU E 349 28.02 35.10 43.43
N ALA E 350 27.07 35.05 44.37
CA ALA E 350 26.05 34.01 44.39
C ALA E 350 24.73 34.67 44.03
N PHE E 351 23.87 33.99 43.25
CA PHE E 351 22.60 34.60 42.88
C PHE E 351 21.54 33.54 42.66
N GLY E 352 20.30 33.98 42.54
CA GLY E 352 19.21 33.04 42.30
C GLY E 352 17.83 33.63 42.46
N SER E 353 16.84 32.89 41.98
CA SER E 353 15.45 33.27 42.14
C SER E 353 14.80 32.34 43.17
N MET E 354 13.75 32.81 43.83
CA MET E 354 13.05 32.00 44.82
C MET E 354 11.58 32.41 44.87
N GLY E 355 10.76 31.65 45.57
CA GLY E 355 9.32 31.89 45.62
C GLY E 355 8.68 31.87 47.00
N GLY E 356 9.50 31.91 48.05
CA GLY E 356 9.00 31.91 49.41
C GLY E 356 10.01 32.44 50.41
N ASN E 357 10.53 31.57 51.27
CA ASN E 357 11.52 31.99 52.27
C ASN E 357 12.93 32.15 51.67
N GLY E 358 13.17 31.58 50.49
CA GLY E 358 14.48 31.64 49.85
C GLY E 358 15.53 30.90 50.64
N GLY E 359 16.77 31.35 50.55
CA GLY E 359 17.87 30.74 51.30
C GLY E 359 18.92 30.05 50.46
N GLY E 360 18.57 29.67 49.24
CA GLY E 360 19.50 28.98 48.34
C GLY E 360 20.76 29.79 48.08
N THR E 361 20.62 31.11 47.88
CA THR E 361 21.76 31.97 47.57
C THR E 361 22.72 32.07 48.79
N LYS E 362 22.17 32.06 50.01
CA LYS E 362 22.99 32.10 51.22
C LYS E 362 23.82 30.82 51.34
N VAL E 363 23.23 29.67 50.98
CA VAL E 363 23.96 28.40 50.98
C VAL E 363 25.07 28.47 49.93
N LEU E 364 24.77 28.96 48.71
CA LEU E 364 25.78 29.09 47.65
C LEU E 364 26.96 29.94 48.13
N ALA E 365 26.67 31.10 48.72
CA ALA E 365 27.72 32.00 49.21
C ALA E 365 28.61 31.30 50.24
N GLU E 366 28.00 30.53 51.15
CA GLU E 366 28.76 29.82 52.18
C GLU E 366 29.63 28.69 51.54
N LYS E 367 29.10 27.99 50.54
CA LYS E 367 29.86 26.95 49.84
C LYS E 367 30.99 27.53 49.00
N LEU E 368 30.75 28.67 48.34
CA LEU E 368 31.80 29.34 47.55
C LEU E 368 32.98 29.74 48.48
N LYS E 369 32.69 30.22 49.69
CA LYS E 369 33.74 30.55 50.65
C LYS E 369 34.52 29.32 51.07
N GLU E 370 33.84 28.20 51.30
CA GLU E 370 34.51 26.94 51.64
C GLU E 370 35.42 26.46 50.50
N CYS E 371 35.05 26.75 49.23
CA CYS E 371 35.83 26.39 48.06
C CYS E 371 36.98 27.36 47.75
N GLY E 372 37.20 28.35 48.61
CA GLY E 372 38.32 29.26 48.49
C GLY E 372 38.07 30.51 47.67
N PHE E 373 36.82 30.82 47.33
CA PHE E 373 36.52 32.04 46.58
C PHE E 373 36.34 33.24 47.53
N GLU E 374 36.56 34.44 47.00
CA GLU E 374 36.31 35.69 47.73
C GLU E 374 34.92 36.18 47.34
N VAL E 375 33.90 35.85 48.14
CA VAL E 375 32.50 36.17 47.82
C VAL E 375 32.22 37.63 48.13
N LEU E 376 31.95 38.45 47.10
CA LEU E 376 31.75 39.89 47.25
C LEU E 376 30.29 40.26 47.52
N ASP E 377 29.33 39.49 46.99
CA ASP E 377 27.93 39.84 47.16
C ASP E 377 27.05 38.65 46.84
N GLU E 378 25.78 38.79 47.16
CA GLU E 378 24.80 37.77 46.86
C GLU E 378 23.50 38.46 46.52
N TYR E 379 22.77 37.95 45.52
CA TYR E 379 21.54 38.58 45.11
C TYR E 379 20.46 37.55 44.83
N GLU E 380 19.42 37.54 45.65
CA GLU E 380 18.29 36.64 45.50
C GLU E 380 17.04 37.50 45.25
N LEU E 381 16.19 37.10 44.28
CA LEU E 381 14.96 37.83 44.00
C LEU E 381 13.76 36.89 43.91
N TYR E 382 12.56 37.49 43.85
CA TYR E 382 11.29 36.77 43.89
C TYR E 382 10.82 36.45 42.48
N TYR E 383 10.69 35.15 42.13
CA TYR E 383 10.18 34.72 40.83
C TYR E 383 10.84 35.43 39.63
N VAL E 384 10.04 35.99 38.69
CA VAL E 384 10.57 36.51 37.43
C VAL E 384 11.17 37.91 37.63
N PRO E 385 12.44 38.14 37.22
CA PRO E 385 13.03 39.48 37.42
C PRO E 385 12.27 40.57 36.69
N THR E 386 12.11 41.73 37.34
CA THR E 386 11.57 42.92 36.66
C THR E 386 12.72 43.57 35.87
N GLU E 387 12.40 44.60 35.09
CA GLU E 387 13.39 45.36 34.35
C GLU E 387 14.42 45.98 35.31
N ASP E 388 13.95 46.56 36.44
CA ASP E 388 14.87 47.15 37.43
C ASP E 388 15.80 46.10 38.05
N GLU E 389 15.28 44.88 38.29
CA GLU E 389 16.09 43.81 38.85
C GLU E 389 17.14 43.30 37.86
N LEU E 390 16.82 43.26 36.56
CA LEU E 390 17.82 42.90 35.54
C LEU E 390 18.86 44.03 35.37
N GLU E 391 18.45 45.29 35.59
CA GLU E 391 19.40 46.38 35.57
C GLU E 391 20.34 46.30 36.79
N LYS E 392 19.83 45.84 37.94
CA LYS E 392 20.67 45.61 39.11
C LYS E 392 21.70 44.51 38.81
N CYS E 393 21.30 43.41 38.16
CA CYS E 393 22.23 42.35 37.76
C CYS E 393 23.31 42.94 36.85
N TYR E 394 22.89 43.74 35.86
CA TYR E 394 23.81 44.40 34.94
C TYR E 394 24.81 45.27 35.71
N ASN E 395 24.32 46.10 36.64
CA ASN E 395 25.19 46.98 37.42
C ASN E 395 26.15 46.21 38.31
N MET E 396 25.69 45.11 38.93
CA MET E 396 26.56 44.28 39.75
C MET E 396 27.68 43.65 38.89
N GLY E 397 27.33 43.18 37.71
CA GLY E 397 28.31 42.63 36.78
C GLY E 397 29.31 43.67 36.31
N LYS E 398 28.82 44.89 36.02
CA LYS E 398 29.67 46.01 35.63
C LYS E 398 30.67 46.37 36.74
N ARG E 399 30.20 46.51 37.97
CA ARG E 399 31.08 46.82 39.10
C ARG E 399 32.07 45.66 39.37
N LEU E 400 31.64 44.40 39.23
CA LEU E 400 32.55 43.25 39.36
C LEU E 400 33.66 43.33 38.30
N ALA E 401 33.29 43.65 37.05
CA ALA E 401 34.25 43.69 35.94
C ALA E 401 35.31 44.78 36.14
N VAL E 402 34.91 45.88 36.78
CA VAL E 402 35.87 46.92 37.14
C VAL E 402 36.87 46.35 38.17
N LYS E 403 36.38 45.64 39.21
CA LYS E 403 37.25 45.01 40.20
C LYS E 403 38.16 43.96 39.56
N VAL E 404 37.62 43.18 38.60
CA VAL E 404 38.41 42.18 37.88
C VAL E 404 39.62 42.84 37.19
N LYS E 405 39.38 43.89 36.40
CA LYS E 405 40.46 44.58 35.67
C LYS E 405 41.46 45.26 36.61
N GLU E 406 41.05 45.63 37.82
CA GLU E 406 41.98 46.23 38.81
C GLU E 406 42.89 45.18 39.47
N MET E 407 42.45 43.92 39.49
CA MET E 407 43.15 42.84 40.18
C MET E 407 44.49 42.52 39.51
N LYS E 408 45.57 42.45 40.31
CA LYS E 408 46.92 42.11 39.85
C LYS E 408 46.96 40.74 39.16
N MET F 1 -28.08 20.27 -21.75
N MET F 1 -26.23 18.83 -21.34
CA MET F 1 -26.69 19.85 -21.61
CA MET F 1 -26.83 20.07 -21.82
C MET F 1 -25.73 20.95 -22.08
C MET F 1 -25.75 21.10 -22.12
N LYS F 2 -24.71 21.25 -21.26
CA LYS F 2 -23.62 22.15 -21.61
C LYS F 2 -22.55 21.33 -22.35
N ALA F 3 -22.21 21.74 -23.57
CA ALA F 3 -21.24 21.02 -24.40
C ALA F 3 -20.62 22.03 -25.38
N ASP F 4 -19.30 22.03 -25.52
CA ASP F 4 -18.62 23.04 -26.33
C ASP F 4 -18.61 22.70 -27.82
N ALA F 5 -18.80 23.72 -28.66
CA ALA F 5 -18.61 23.58 -30.10
C ALA F 5 -17.11 23.56 -30.40
N VAL F 6 -16.71 23.07 -31.57
CA VAL F 6 -15.31 23.06 -31.98
C VAL F 6 -15.17 23.85 -33.28
N LYS F 7 -14.37 24.93 -33.28
CA LYS F 7 -14.19 25.73 -34.48
C LYS F 7 -13.35 24.95 -35.50
N ILE F 8 -13.81 24.89 -36.77
CA ILE F 8 -13.07 24.21 -37.84
C ILE F 8 -12.59 25.20 -38.91
N ALA F 9 -13.13 26.42 -38.91
CA ALA F 9 -12.71 27.52 -39.79
C ALA F 9 -13.35 28.80 -39.26
N ASP F 10 -12.99 29.96 -39.81
CA ASP F 10 -13.60 31.22 -39.34
C ASP F 10 -15.11 31.16 -39.52
N GLY F 11 -15.85 31.32 -38.42
CA GLY F 11 -17.30 31.26 -38.44
C GLY F 11 -17.90 29.91 -38.78
N VAL F 12 -17.13 28.80 -38.65
CA VAL F 12 -17.63 27.45 -38.95
C VAL F 12 -17.29 26.55 -37.76
N TYR F 13 -18.30 25.84 -37.23
CA TYR F 13 -18.12 25.00 -36.06
C TYR F 13 -18.64 23.61 -36.30
N TRP F 14 -17.99 22.63 -35.68
CA TRP F 14 -18.55 21.30 -35.51
C TRP F 14 -19.47 21.39 -34.30
N VAL F 15 -20.72 20.95 -34.45
CA VAL F 15 -21.70 20.96 -33.37
C VAL F 15 -22.36 19.57 -33.27
N GLY F 16 -21.55 18.55 -33.51
CA GLY F 16 -22.01 17.17 -33.59
C GLY F 16 -22.20 16.48 -32.26
N VAL F 17 -22.39 15.15 -32.34
CA VAL F 17 -22.73 14.33 -31.19
C VAL F 17 -21.71 13.19 -31.11
N LEU F 18 -21.16 12.97 -29.92
CA LEU F 18 -20.30 11.83 -29.65
C LEU F 18 -21.17 10.69 -29.12
N ASP F 19 -21.38 9.65 -29.94
CA ASP F 19 -22.11 8.47 -29.48
C ASP F 19 -21.09 7.50 -28.88
N TRP F 20 -20.67 7.80 -27.65
CA TRP F 20 -19.59 7.06 -27.00
C TRP F 20 -19.85 5.59 -26.91
N ASP F 21 -21.08 5.23 -26.56
CA ASP F 21 -21.40 3.91 -26.05
C ASP F 21 -21.97 2.91 -27.07
N ILE F 22 -22.36 3.35 -28.27
CA ILE F 22 -22.90 2.41 -29.26
C ILE F 22 -21.81 1.40 -29.69
N ARG F 23 -22.16 0.10 -29.79
CA ARG F 23 -21.19 -0.93 -30.17
C ARG F 23 -21.61 -1.70 -31.43
N MET F 24 -22.90 -1.62 -31.81
CA MET F 24 -23.42 -2.28 -33.00
C MET F 24 -24.34 -1.27 -33.69
N TYR F 25 -24.24 -1.14 -34.99
CA TYR F 25 -24.96 -0.10 -35.74
C TYR F 25 -25.44 -0.72 -37.05
N HIS F 26 -26.65 -1.23 -37.08
CA HIS F 26 -27.23 -1.98 -38.23
C HIS F 26 -26.26 -3.05 -38.74
N GLY F 27 -25.71 -3.91 -37.86
CA GLY F 27 -24.80 -4.98 -38.22
C GLY F 27 -23.32 -4.62 -38.38
N TYR F 28 -22.99 -3.35 -38.16
CA TYR F 28 -21.61 -2.82 -38.27
C TYR F 28 -21.05 -2.69 -36.85
N THR F 29 -20.00 -3.40 -36.48
CA THR F 29 -19.41 -3.29 -35.14
C THR F 29 -18.53 -2.07 -35.06
N LEU F 30 -18.52 -1.40 -33.92
CA LEU F 30 -17.73 -0.20 -33.75
C LEU F 30 -17.55 0.10 -32.28
N ASN F 31 -16.57 0.96 -31.94
CA ASN F 31 -16.36 1.38 -30.56
CA ASN F 31 -16.35 1.40 -30.56
C ASN F 31 -16.84 2.82 -30.44
N GLY F 32 -18.14 2.98 -30.67
CA GLY F 32 -18.76 4.29 -30.71
C GLY F 32 -18.62 4.94 -32.08
N THR F 33 -19.37 6.00 -32.30
CA THR F 33 -19.23 6.80 -33.51
C THR F 33 -19.62 8.22 -33.19
N THR F 34 -19.65 9.08 -34.21
CA THR F 34 -20.14 10.44 -34.06
C THR F 34 -21.17 10.72 -35.14
N TYR F 35 -22.07 11.66 -34.89
CA TYR F 35 -23.00 12.20 -35.87
C TYR F 35 -22.61 13.65 -36.05
N ASN F 36 -21.83 13.92 -37.09
CA ASN F 36 -21.25 15.25 -37.26
C ASN F 36 -22.26 16.19 -37.89
N ALA F 37 -22.46 17.32 -37.24
CA ALA F 37 -23.32 18.40 -37.75
C ALA F 37 -22.47 19.66 -37.69
N TYR F 38 -22.75 20.63 -38.56
CA TYR F 38 -21.90 21.81 -38.68
C TYR F 38 -22.72 23.08 -38.70
N LEU F 39 -22.21 24.16 -38.08
CA LEU F 39 -22.90 25.45 -38.00
C LEU F 39 -22.04 26.50 -38.69
N VAL F 40 -22.59 27.12 -39.76
CA VAL F 40 -21.89 28.09 -40.59
C VAL F 40 -22.50 29.47 -40.33
N PHE F 41 -21.69 30.41 -39.82
CA PHE F 41 -22.14 31.75 -39.48
C PHE F 41 -21.85 32.72 -40.62
N GLY F 42 -22.83 32.94 -41.48
CA GLY F 42 -22.77 34.02 -42.44
C GLY F 42 -23.06 35.33 -41.74
N ASP F 43 -22.77 36.46 -42.39
CA ASP F 43 -23.05 37.77 -41.79
C ASP F 43 -24.55 37.97 -41.61
N ASP F 44 -25.36 37.43 -42.51
CA ASP F 44 -26.81 37.58 -42.48
C ASP F 44 -27.51 36.34 -41.92
N LYS F 45 -27.08 35.13 -42.33
CA LYS F 45 -27.78 33.90 -41.98
C LYS F 45 -26.86 32.87 -41.36
N VAL F 46 -27.37 32.12 -40.37
CA VAL F 46 -26.64 31.02 -39.75
C VAL F 46 -27.23 29.71 -40.25
N ALA F 47 -26.39 28.84 -40.82
CA ALA F 47 -26.86 27.60 -41.42
C ALA F 47 -26.42 26.40 -40.61
N LEU F 48 -27.34 25.45 -40.35
CA LEU F 48 -27.03 24.18 -39.70
C LEU F 48 -27.02 23.10 -40.76
N ILE F 49 -25.89 22.39 -40.90
CA ILE F 49 -25.73 21.34 -41.90
C ILE F 49 -25.82 19.98 -41.20
N ASP F 50 -26.90 19.24 -41.49
CA ASP F 50 -27.20 17.94 -40.89
C ASP F 50 -27.40 18.05 -39.37
N ASN F 51 -27.80 16.96 -38.73
CA ASN F 51 -28.05 16.99 -37.30
C ASN F 51 -27.69 15.64 -36.68
N THR F 52 -28.64 14.90 -36.09
CA THR F 52 -28.24 13.70 -35.34
C THR F 52 -29.36 12.69 -35.20
N TYR F 53 -29.01 11.54 -34.64
CA TYR F 53 -29.90 10.40 -34.44
C TYR F 53 -31.02 10.73 -33.45
N PRO F 54 -32.28 10.24 -33.62
CA PRO F 54 -33.35 10.62 -32.67
C PRO F 54 -33.01 10.31 -31.21
N GLY F 55 -33.27 11.26 -30.31
CA GLY F 55 -33.01 11.11 -28.89
C GLY F 55 -31.59 11.46 -28.47
N THR F 56 -30.71 11.87 -29.41
CA THR F 56 -29.30 12.16 -29.09
C THR F 56 -28.95 13.64 -29.26
N SER F 57 -29.95 14.53 -29.32
CA SER F 57 -29.70 15.94 -29.65
C SER F 57 -29.18 16.79 -28.48
N ALA F 58 -29.14 16.27 -27.23
CA ALA F 58 -28.71 17.09 -26.09
C ALA F 58 -27.33 17.74 -26.35
N GLN F 59 -26.34 16.93 -26.74
CA GLN F 59 -25.02 17.49 -27.06
C GLN F 59 -25.11 18.52 -28.20
N MET F 60 -25.83 18.19 -29.29
CA MET F 60 -25.91 19.08 -30.45
C MET F 60 -26.45 20.47 -30.07
N TRP F 61 -27.55 20.51 -29.30
CA TRP F 61 -28.14 21.79 -28.89
C TRP F 61 -27.17 22.58 -28.01
N GLY F 62 -26.49 21.90 -27.11
CA GLY F 62 -25.46 22.51 -26.28
C GLY F 62 -24.36 23.15 -27.10
N ARG F 63 -23.86 22.44 -28.12
CA ARG F 63 -22.79 22.95 -28.96
C ARG F 63 -23.29 24.11 -29.86
N ILE F 64 -24.54 24.05 -30.33
CA ILE F 64 -25.11 25.15 -31.12
C ILE F 64 -25.18 26.43 -30.28
N LYS F 65 -25.67 26.30 -29.04
CA LYS F 65 -25.74 27.44 -28.11
C LYS F 65 -24.34 27.99 -27.81
N ASP F 66 -23.36 27.10 -27.59
CA ASP F 66 -21.99 27.50 -27.32
C ASP F 66 -21.40 28.30 -28.50
N ALA F 67 -21.62 27.81 -29.73
CA ALA F 67 -21.10 28.48 -30.93
C ALA F 67 -21.72 29.86 -31.11
N CYS F 68 -23.04 29.98 -30.92
CA CYS F 68 -23.74 31.27 -31.04
C CYS F 68 -23.18 32.27 -30.01
N GLU F 69 -22.94 31.81 -28.78
CA GLU F 69 -22.34 32.63 -27.71
C GLU F 69 -20.94 33.09 -28.13
N LYS F 70 -20.11 32.18 -28.67
CA LYS F 70 -18.75 32.52 -29.10
C LYS F 70 -18.75 33.53 -30.25
N GLU F 71 -19.79 33.50 -31.09
CA GLU F 71 -19.90 34.41 -32.23
C GLU F 71 -20.57 35.74 -31.87
N GLY F 72 -21.08 35.88 -30.64
CA GLY F 72 -21.83 37.05 -30.24
C GLY F 72 -23.16 37.17 -30.97
N ARG F 73 -23.78 36.03 -31.29
CA ARG F 73 -25.04 35.99 -32.04
C ARG F 73 -26.12 35.41 -31.17
N GLU F 74 -27.39 35.68 -31.51
CA GLU F 74 -28.48 35.08 -30.76
C GLU F 74 -28.58 33.58 -31.08
N PHE F 75 -29.19 32.82 -30.17
CA PHE F 75 -29.39 31.39 -30.40
C PHE F 75 -30.48 31.23 -31.47
N LYS F 76 -30.05 31.24 -32.75
CA LYS F 76 -30.97 31.21 -33.88
C LYS F 76 -30.35 30.51 -35.09
N ILE F 77 -31.14 29.66 -35.75
CA ILE F 77 -30.76 29.03 -37.00
C ILE F 77 -31.68 29.61 -38.08
N ASP F 78 -31.09 30.17 -39.13
CA ASP F 78 -31.85 30.80 -40.22
C ASP F 78 -32.04 29.85 -41.39
N VAL F 79 -31.15 28.86 -41.54
CA VAL F 79 -31.13 27.97 -42.69
C VAL F 79 -30.84 26.56 -42.18
N ILE F 80 -31.61 25.57 -42.64
CA ILE F 80 -31.37 24.17 -42.31
C ILE F 80 -30.99 23.44 -43.59
N VAL F 81 -29.86 22.72 -43.60
CA VAL F 81 -29.45 21.90 -44.73
C VAL F 81 -29.54 20.43 -44.31
N GLN F 82 -30.20 19.60 -45.13
CA GLN F 82 -30.33 18.18 -44.85
C GLN F 82 -29.74 17.41 -46.04
N ASN F 83 -28.46 17.01 -45.92
CA ASN F 83 -27.73 16.36 -47.01
C ASN F 83 -28.28 14.98 -47.33
N HIS F 84 -28.91 14.32 -46.36
CA HIS F 84 -29.21 12.90 -46.45
C HIS F 84 -30.39 12.62 -45.52
N VAL F 85 -31.33 11.75 -45.90
CA VAL F 85 -32.55 11.54 -45.10
C VAL F 85 -32.36 10.50 -43.99
N GLU F 86 -31.33 9.64 -44.05
CA GLU F 86 -31.15 8.60 -43.04
C GLU F 86 -31.14 9.20 -41.63
N LYS F 87 -31.86 8.57 -40.69
CA LYS F 87 -32.17 9.18 -39.40
C LYS F 87 -30.99 9.42 -38.47
N ASP F 88 -29.82 8.84 -38.73
CA ASP F 88 -28.60 9.21 -37.98
C ASP F 88 -28.16 10.65 -38.29
N HIS F 89 -28.63 11.25 -39.39
CA HIS F 89 -28.31 12.65 -39.72
C HIS F 89 -29.52 13.56 -39.79
N SER F 90 -30.74 13.01 -39.79
CA SER F 90 -31.98 13.79 -39.90
C SER F 90 -32.90 13.65 -38.69
N GLY F 91 -32.52 12.80 -37.73
CA GLY F 91 -33.37 12.47 -36.59
C GLY F 91 -33.79 13.61 -35.68
N ALA F 92 -33.03 14.72 -35.65
CA ALA F 92 -33.41 15.89 -34.86
C ALA F 92 -34.11 16.94 -35.73
N LEU F 93 -34.32 16.66 -37.03
CA LEU F 93 -34.99 17.64 -37.91
C LEU F 93 -36.39 18.04 -37.38
N PRO F 94 -37.19 17.12 -36.83
CA PRO F 94 -38.49 17.53 -36.26
C PRO F 94 -38.34 18.54 -35.12
N GLU F 95 -37.30 18.37 -34.24
CA GLU F 95 -37.08 19.33 -33.13
C GLU F 95 -36.60 20.66 -33.69
N ILE F 96 -35.68 20.61 -34.64
CA ILE F 96 -35.09 21.83 -35.18
C ILE F 96 -36.18 22.65 -35.87
N HIS F 97 -37.03 21.98 -36.66
CA HIS F 97 -38.14 22.66 -37.36
C HIS F 97 -39.14 23.25 -36.36
N LYS F 98 -39.46 22.51 -35.29
CA LYS F 98 -40.38 23.00 -34.27
C LYS F 98 -39.80 24.25 -33.58
N LYS F 99 -38.49 24.27 -33.31
CA LYS F 99 -37.86 25.41 -32.65
C LYS F 99 -37.74 26.61 -33.59
N PHE F 100 -37.42 26.37 -34.86
CA PHE F 100 -37.19 27.44 -35.84
C PHE F 100 -38.08 27.18 -37.06
N PRO F 101 -39.40 27.39 -36.91
CA PRO F 101 -40.33 26.98 -37.99
C PRO F 101 -40.27 27.78 -39.29
N GLU F 102 -39.63 28.96 -39.28
CA GLU F 102 -39.49 29.77 -40.48
C GLU F 102 -38.18 29.50 -41.22
N ALA F 103 -37.27 28.69 -40.64
CA ALA F 103 -36.00 28.40 -41.30
C ALA F 103 -36.25 27.44 -42.47
N PRO F 104 -35.93 27.81 -43.72
CA PRO F 104 -36.14 26.85 -44.82
C PRO F 104 -35.24 25.62 -44.69
N ILE F 105 -35.73 24.47 -45.18
CA ILE F 105 -34.99 23.21 -45.16
C ILE F 105 -34.53 22.90 -46.57
N TYR F 106 -33.22 23.02 -46.84
CA TYR F 106 -32.65 22.75 -48.15
C TYR F 106 -32.28 21.27 -48.26
N CYS F 107 -32.79 20.61 -49.31
CA CYS F 107 -32.57 19.18 -49.52
C CYS F 107 -32.90 18.86 -50.97
N THR F 108 -32.61 17.62 -51.41
CA THR F 108 -32.92 17.22 -52.78
C THR F 108 -34.43 17.01 -52.94
N GLU F 109 -34.90 16.89 -54.19
CA GLU F 109 -36.31 16.71 -54.47
C GLU F 109 -36.85 15.42 -53.84
N VAL F 110 -36.15 14.29 -54.03
CA VAL F 110 -36.58 13.01 -53.45
C VAL F 110 -36.48 13.02 -51.91
N ALA F 111 -35.56 13.82 -51.32
CA ALA F 111 -35.45 13.92 -49.87
C ALA F 111 -36.73 14.41 -49.21
N VAL F 112 -37.48 15.32 -49.86
CA VAL F 112 -38.69 15.88 -49.24
C VAL F 112 -39.68 14.76 -48.86
N GLU F 113 -40.03 13.89 -49.81
CA GLU F 113 -40.98 12.81 -49.51
C GLU F 113 -40.42 11.81 -48.51
N GLY F 114 -39.11 11.55 -48.60
CA GLY F 114 -38.44 10.64 -47.67
C GLY F 114 -38.45 11.17 -46.25
N LEU F 115 -38.19 12.48 -46.08
CA LEU F 115 -38.18 13.09 -44.75
C LEU F 115 -39.57 13.14 -44.14
N VAL F 116 -40.60 13.47 -44.94
CA VAL F 116 -41.97 13.49 -44.44
C VAL F 116 -42.43 12.05 -44.09
N LYS F 117 -42.00 11.04 -44.86
CA LYS F 117 -42.34 9.65 -44.54
C LYS F 117 -41.68 9.22 -43.23
N HIS F 118 -40.43 9.66 -42.96
CA HIS F 118 -39.76 9.37 -41.68
C HIS F 118 -40.40 10.15 -40.54
N PHE F 119 -40.70 11.44 -40.77
CA PHE F 119 -41.14 12.37 -39.74
C PHE F 119 -42.44 13.07 -40.15
N PRO F 120 -43.61 12.50 -39.78
CA PRO F 120 -44.89 13.10 -40.20
C PRO F 120 -45.11 14.55 -39.77
N SER F 121 -44.48 15.00 -38.66
CA SER F 121 -44.63 16.39 -38.20
C SER F 121 -44.02 17.41 -39.17
N LEU F 122 -43.17 16.97 -40.13
CA LEU F 122 -42.60 17.86 -41.15
C LEU F 122 -43.56 18.14 -42.32
N LYS F 123 -44.74 17.51 -42.34
CA LYS F 123 -45.72 17.84 -43.39
C LYS F 123 -46.07 19.33 -43.26
N GLY F 124 -45.86 20.08 -44.34
CA GLY F 124 -46.08 21.52 -44.33
C GLY F 124 -44.89 22.35 -43.90
N ALA F 125 -43.72 21.73 -43.66
CA ALA F 125 -42.50 22.46 -43.30
C ALA F 125 -41.97 23.21 -44.52
N PRO F 126 -41.19 24.30 -44.33
CA PRO F 126 -40.73 25.08 -45.49
C PRO F 126 -39.55 24.44 -46.23
N PHE F 127 -39.81 23.34 -46.93
CA PHE F 127 -38.78 22.69 -47.74
C PHE F 127 -38.43 23.56 -48.96
N LYS F 128 -37.12 23.68 -49.26
CA LYS F 128 -36.62 24.37 -50.45
C LYS F 128 -35.80 23.34 -51.24
N VAL F 129 -36.35 22.81 -52.34
CA VAL F 129 -35.65 21.80 -53.14
C VAL F 129 -34.46 22.45 -53.85
N VAL F 130 -33.28 21.83 -53.75
CA VAL F 130 -32.08 22.29 -54.43
C VAL F 130 -31.75 21.33 -55.56
N LYS F 131 -30.95 21.78 -56.53
CA LYS F 131 -30.45 20.94 -57.61
C LYS F 131 -28.95 21.18 -57.68
N SER F 132 -28.26 20.36 -58.46
CA SER F 132 -26.79 20.39 -58.59
C SER F 132 -26.32 21.76 -59.08
N LEU F 133 -25.31 22.37 -58.42
CA LEU F 133 -24.60 23.64 -58.68
C LEU F 133 -25.39 24.86 -58.18
N GLU F 134 -26.52 24.68 -57.50
CA GLU F 134 -27.25 25.80 -56.94
C GLU F 134 -26.51 26.29 -55.72
N SER F 135 -26.62 27.59 -55.44
CA SER F 135 -25.98 28.17 -54.26
C SER F 135 -26.97 29.00 -53.48
N ILE F 136 -26.65 29.22 -52.22
CA ILE F 136 -27.35 30.18 -51.37
C ILE F 136 -26.30 31.05 -50.69
N ASP F 137 -26.61 32.34 -50.53
CA ASP F 137 -25.72 33.30 -49.91
C ASP F 137 -26.12 33.48 -48.45
N LEU F 138 -25.17 33.31 -47.52
CA LEU F 138 -25.43 33.52 -46.10
C LEU F 138 -24.94 34.91 -45.65
N GLY F 139 -24.26 35.63 -46.54
CA GLY F 139 -23.66 36.91 -46.24
C GLY F 139 -22.16 36.76 -46.02
N GLY F 140 -21.40 36.84 -47.11
CA GLY F 140 -19.96 36.63 -47.07
C GLY F 140 -19.54 35.16 -47.12
N LYS F 141 -20.52 34.24 -47.07
CA LYS F 141 -20.28 32.79 -47.17
C LYS F 141 -21.32 32.21 -48.11
N THR F 142 -20.89 31.33 -49.00
CA THR F 142 -21.77 30.71 -50.00
C THR F 142 -21.80 29.20 -49.78
N LEU F 143 -22.99 28.60 -49.79
CA LEU F 143 -23.13 27.15 -49.78
C LEU F 143 -23.59 26.71 -51.17
N THR F 144 -22.83 25.80 -51.80
CA THR F 144 -23.17 25.26 -53.11
C THR F 144 -23.51 23.79 -52.96
N PHE F 145 -24.63 23.37 -53.52
CA PHE F 145 -25.09 22.00 -53.41
C PHE F 145 -24.62 21.22 -54.62
N LEU F 146 -24.29 19.97 -54.40
CA LEU F 146 -23.80 19.07 -55.45
CA LEU F 146 -23.81 19.08 -55.45
C LEU F 146 -24.45 17.72 -55.26
N GLU F 147 -25.34 17.43 -56.17
CA GLU F 147 -26.08 16.19 -56.33
C GLU F 147 -25.15 14.97 -56.17
N ALA F 148 -25.55 14.00 -55.34
CA ALA F 148 -24.78 12.76 -55.18
C ALA F 148 -25.72 11.59 -54.97
N PRO F 149 -26.62 11.32 -55.93
CA PRO F 149 -27.56 10.20 -55.78
C PRO F 149 -26.87 8.84 -55.73
N LEU F 150 -27.35 7.97 -54.83
CA LEU F 150 -26.76 6.66 -54.55
C LEU F 150 -25.31 6.75 -54.03
N LEU F 151 -24.98 7.85 -53.33
CA LEU F 151 -23.69 8.04 -52.67
C LEU F 151 -23.97 8.51 -51.22
N HIS F 152 -24.72 7.73 -50.41
CA HIS F 152 -25.08 6.33 -50.66
C HIS F 152 -26.60 6.06 -50.92
N TRP F 153 -27.49 7.05 -50.72
CA TRP F 153 -28.95 6.88 -50.95
C TRP F 153 -29.42 7.79 -52.11
N PRO F 154 -30.64 7.58 -52.67
CA PRO F 154 -31.08 8.45 -53.79
C PRO F 154 -31.20 9.94 -53.46
N ASP F 155 -31.43 10.25 -52.18
CA ASP F 155 -31.61 11.62 -51.66
C ASP F 155 -30.28 12.33 -51.37
N SER F 156 -29.15 11.60 -51.36
CA SER F 156 -27.89 12.17 -50.91
C SER F 156 -27.40 13.36 -51.73
N MET F 157 -26.81 14.34 -51.06
CA MET F 157 -26.10 15.43 -51.70
C MET F 157 -24.93 15.86 -50.83
N PHE F 158 -24.02 16.62 -51.41
CA PHE F 158 -22.93 17.26 -50.67
C PHE F 158 -23.22 18.77 -50.63
N THR F 159 -22.72 19.44 -49.59
CA THR F 159 -22.80 20.90 -49.49
C THR F 159 -21.38 21.42 -49.42
N LEU F 160 -21.04 22.40 -50.26
CA LEU F 160 -19.70 22.97 -50.31
C LEU F 160 -19.75 24.40 -49.81
N TYR F 161 -18.93 24.72 -48.80
CA TYR F 161 -18.74 26.10 -48.38
C TYR F 161 -17.63 26.64 -49.29
N ALA F 162 -18.04 27.28 -50.39
CA ALA F 162 -17.19 27.65 -51.52
C ALA F 162 -15.94 28.46 -51.17
N GLU F 163 -16.07 29.51 -50.34
CA GLU F 163 -14.94 30.42 -50.08
C GLU F 163 -13.75 29.74 -49.41
N GLU F 164 -14.00 28.73 -48.55
CA GLU F 164 -12.91 28.03 -47.86
C GLU F 164 -12.67 26.62 -48.41
N GLY F 165 -13.47 26.19 -49.37
CA GLY F 165 -13.35 24.87 -49.98
C GLY F 165 -13.60 23.75 -48.99
N ILE F 166 -14.58 23.93 -48.08
CA ILE F 166 -14.93 22.89 -47.11
C ILE F 166 -16.08 22.09 -47.69
N LEU F 167 -15.87 20.79 -47.95
CA LEU F 167 -16.91 19.91 -48.48
C LEU F 167 -17.58 19.15 -47.36
N PHE F 168 -18.87 19.41 -47.13
CA PHE F 168 -19.67 18.65 -46.17
C PHE F 168 -20.25 17.47 -46.97
N SER F 169 -19.56 16.33 -46.92
CA SER F 169 -19.80 15.19 -47.80
C SER F 169 -20.80 14.17 -47.23
N ASN F 170 -21.39 14.46 -46.06
CA ASN F 170 -22.27 13.52 -45.35
C ASN F 170 -21.55 12.14 -45.19
N ASP F 171 -22.19 10.99 -45.51
CA ASP F 171 -21.56 9.69 -45.26
C ASP F 171 -20.27 9.48 -46.04
N ALA F 172 -20.18 10.00 -47.27
CA ALA F 172 -18.96 9.81 -48.08
C ALA F 172 -17.73 10.31 -47.31
N PHE F 173 -16.67 9.47 -47.25
CA PHE F 173 -15.42 9.77 -46.55
C PHE F 173 -15.54 9.74 -45.01
N GLY F 174 -16.68 9.28 -44.49
CA GLY F 174 -16.86 9.15 -43.06
C GLY F 174 -16.18 7.89 -42.52
N GLN F 175 -15.96 7.85 -41.20
CA GLN F 175 -15.45 6.64 -40.53
C GLN F 175 -16.15 6.54 -39.18
N HIS F 176 -16.45 5.33 -38.74
CA HIS F 176 -17.12 5.16 -37.43
C HIS F 176 -16.07 5.13 -36.32
N LEU F 177 -15.71 6.32 -35.85
CA LEU F 177 -14.72 6.52 -34.78
C LEU F 177 -15.27 7.56 -33.83
N CYS F 178 -15.07 7.35 -32.53
CA CYS F 178 -15.52 8.30 -31.52
C CYS F 178 -14.36 8.68 -30.61
N PHE F 179 -13.71 9.79 -30.92
CA PHE F 179 -12.59 10.34 -30.15
C PHE F 179 -12.90 11.77 -29.75
N THR F 180 -12.19 12.29 -28.75
CA THR F 180 -12.28 13.72 -28.40
C THR F 180 -11.62 14.54 -29.53
N GLN F 181 -10.63 13.95 -30.21
CA GLN F 181 -9.93 14.62 -31.31
C GLN F 181 -10.86 14.65 -32.52
N ARG F 182 -10.96 15.80 -33.21
CA ARG F 182 -11.92 15.96 -34.32
C ARG F 182 -11.28 15.82 -35.71
N PHE F 183 -9.95 15.96 -35.82
CA PHE F 183 -9.30 16.00 -37.12
C PHE F 183 -8.51 14.73 -37.44
N ASP F 184 -8.32 14.46 -38.74
CA ASP F 184 -7.58 13.31 -39.23
C ASP F 184 -6.15 13.23 -38.67
N HIS F 185 -5.42 14.36 -38.62
CA HIS F 185 -4.03 14.39 -38.19
C HIS F 185 -3.83 14.17 -36.67
N GLU F 186 -4.90 14.23 -35.87
CA GLU F 186 -4.78 14.13 -34.42
C GLU F 186 -4.85 12.69 -33.88
N ILE F 187 -5.14 11.69 -34.72
CA ILE F 187 -5.18 10.30 -34.26
C ILE F 187 -4.18 9.47 -35.05
N PRO F 188 -3.80 8.27 -34.57
CA PRO F 188 -2.86 7.44 -35.33
C PRO F 188 -3.40 7.11 -36.73
N GLU F 189 -2.54 7.25 -37.75
CA GLU F 189 -2.92 7.02 -39.16
C GLU F 189 -3.52 5.62 -39.37
N ASN F 190 -2.95 4.58 -38.75
CA ASN F 190 -3.47 3.22 -38.92
CA ASN F 190 -3.47 3.24 -38.96
C ASN F 190 -4.92 3.11 -38.46
N ILE F 191 -5.28 3.77 -37.33
CA ILE F 191 -6.66 3.73 -36.83
C ILE F 191 -7.59 4.41 -37.84
N LEU F 192 -7.18 5.60 -38.30
CA LEU F 192 -7.97 6.38 -39.25
C LEU F 192 -8.19 5.63 -40.56
N MET F 193 -7.11 5.12 -41.17
CA MET F 193 -7.21 4.47 -42.47
C MET F 193 -7.85 3.08 -42.38
N ASP F 194 -7.73 2.41 -41.22
CA ASP F 194 -8.41 1.12 -41.03
C ASP F 194 -9.92 1.37 -40.92
N ALA F 195 -10.33 2.42 -40.19
CA ALA F 195 -11.75 2.75 -40.05
C ALA F 195 -12.32 3.23 -41.38
N ASN F 196 -11.52 3.98 -42.15
CA ASN F 196 -11.93 4.43 -43.47
C ASN F 196 -12.14 3.23 -44.41
N GLN F 197 -11.23 2.24 -44.34
CA GLN F 197 -11.32 1.03 -45.15
C GLN F 197 -12.56 0.24 -44.80
N LYS F 198 -12.86 0.11 -43.49
CA LYS F 198 -14.04 -0.61 -43.04
C LYS F 198 -15.31 0.09 -43.53
N PHE F 199 -15.32 1.42 -43.50
CA PHE F 199 -16.47 2.20 -43.94
C PHE F 199 -16.70 2.02 -45.45
N TYR F 200 -15.63 2.14 -46.25
CA TYR F 200 -15.72 1.89 -47.68
C TYR F 200 -16.25 0.47 -47.95
N ALA F 201 -15.62 -0.55 -47.33
CA ALA F 201 -15.97 -1.95 -47.58
C ALA F 201 -17.45 -2.24 -47.34
N ASN F 202 -18.00 -1.70 -46.24
CA ASN F 202 -19.38 -2.00 -45.86
C ASN F 202 -20.43 -1.11 -46.53
N LEU F 203 -20.08 0.15 -46.84
CA LEU F 203 -21.05 1.15 -47.32
CA LEU F 203 -21.07 1.09 -47.35
C LEU F 203 -20.85 1.55 -48.79
N ILE F 204 -19.61 1.50 -49.31
CA ILE F 204 -19.33 2.06 -50.63
C ILE F 204 -19.04 1.02 -51.72
N THR F 205 -18.57 -0.20 -51.36
CA THR F 205 -18.17 -1.20 -52.36
C THR F 205 -19.13 -1.30 -53.58
N PRO F 206 -20.46 -1.51 -53.40
CA PRO F 206 -21.32 -1.66 -54.59
C PRO F 206 -21.48 -0.38 -55.42
N LEU F 207 -21.05 0.77 -54.85
CA LEU F 207 -21.13 2.08 -55.50
C LEU F 207 -19.79 2.46 -56.14
N SER F 208 -18.82 1.52 -56.21
CA SER F 208 -17.47 1.81 -56.70
C SER F 208 -17.44 2.50 -58.06
N LYS F 209 -18.31 2.11 -58.99
CA LYS F 209 -18.36 2.77 -60.29
C LYS F 209 -18.93 4.20 -60.20
N LEU F 210 -19.90 4.43 -59.30
CA LEU F 210 -20.45 5.78 -59.11
C LEU F 210 -19.44 6.68 -58.41
N VAL F 211 -18.57 6.11 -57.55
CA VAL F 211 -17.50 6.88 -56.92
C VAL F 211 -16.57 7.46 -58.00
N LEU F 212 -16.13 6.60 -58.93
CA LEU F 212 -15.23 7.01 -60.02
C LEU F 212 -15.90 8.02 -60.94
N LYS F 213 -17.21 7.85 -61.18
CA LYS F 213 -18.02 8.76 -61.98
C LYS F 213 -18.13 10.14 -61.29
N LYS F 214 -18.33 10.16 -59.96
CA LYS F 214 -18.41 11.42 -59.20
C LYS F 214 -17.04 12.13 -59.20
N PHE F 215 -15.93 11.37 -59.07
CA PHE F 215 -14.59 11.94 -59.10
C PHE F 215 -14.30 12.60 -60.47
N LYS F 216 -14.77 11.99 -61.56
CA LYS F 216 -14.62 12.57 -62.91
C LYS F 216 -15.41 13.89 -63.02
N GLU F 217 -16.61 13.97 -62.41
CA GLU F 217 -17.40 15.19 -62.40
C GLU F 217 -16.69 16.32 -61.64
N VAL F 218 -16.24 16.06 -60.39
CA VAL F 218 -15.54 17.10 -59.61
C VAL F 218 -14.24 17.57 -60.30
N ILE F 219 -13.55 16.67 -61.05
CA ILE F 219 -12.34 17.05 -61.79
C ILE F 219 -12.70 17.92 -63.00
N GLU F 220 -13.71 17.52 -63.79
CA GLU F 220 -14.15 18.27 -64.96
C GLU F 220 -14.65 19.68 -64.59
N LEU F 221 -15.20 19.83 -63.36
CA LEU F 221 -15.66 21.13 -62.84
C LEU F 221 -14.49 21.97 -62.25
N GLY F 222 -13.27 21.44 -62.29
CA GLY F 222 -12.09 22.12 -61.73
C GLY F 222 -12.21 22.30 -60.23
N LEU F 223 -12.86 21.35 -59.57
CA LEU F 223 -13.25 21.45 -58.17
C LEU F 223 -12.41 20.58 -57.24
N LEU F 224 -11.71 19.55 -57.77
CA LEU F 224 -10.93 18.65 -56.92
C LEU F 224 -9.82 19.39 -56.18
N GLU F 225 -9.05 20.22 -56.91
CA GLU F 225 -7.98 21.03 -56.32
C GLU F 225 -8.54 22.06 -55.33
N LYS F 226 -9.77 22.52 -55.54
CA LYS F 226 -10.41 23.52 -54.67
C LYS F 226 -10.81 22.96 -53.30
N ILE F 227 -10.96 21.63 -53.15
CA ILE F 227 -11.36 21.05 -51.85
C ILE F 227 -10.18 21.13 -50.88
N LYS F 228 -10.30 21.94 -49.82
CA LYS F 228 -9.26 22.10 -48.80
C LYS F 228 -9.54 21.26 -47.54
N MET F 229 -10.80 20.88 -47.32
CA MET F 229 -11.16 20.09 -46.15
C MET F 229 -12.40 19.28 -46.46
N ILE F 230 -12.45 18.02 -46.02
CA ILE F 230 -13.66 17.20 -46.15
C ILE F 230 -14.19 16.95 -44.74
N ALA F 231 -15.40 17.42 -44.48
CA ALA F 231 -16.03 17.32 -43.16
C ALA F 231 -17.22 16.36 -43.27
N PRO F 232 -16.98 15.05 -43.06
CA PRO F 232 -18.04 14.06 -43.32
C PRO F 232 -19.02 13.98 -42.15
N SER F 233 -20.03 13.11 -42.24
CA SER F 233 -21.06 12.99 -41.21
C SER F 233 -20.70 12.01 -40.05
N HIS F 234 -19.59 11.25 -40.17
CA HIS F 234 -19.12 10.38 -39.08
C HIS F 234 -17.61 10.49 -38.98
N GLY F 235 -17.11 10.51 -37.75
CA GLY F 235 -15.67 10.42 -37.51
C GLY F 235 -14.88 11.68 -37.78
N GLN F 236 -13.64 11.50 -38.22
CA GLN F 236 -12.68 12.60 -38.33
C GLN F 236 -12.92 13.50 -39.53
N ILE F 237 -12.53 14.77 -39.39
CA ILE F 237 -12.55 15.76 -40.47
C ILE F 237 -11.19 15.70 -41.18
N TRP F 238 -11.20 15.60 -42.50
CA TRP F 238 -9.97 15.47 -43.28
C TRP F 238 -9.38 16.85 -43.58
N THR F 239 -8.27 17.19 -42.93
CA THR F 239 -7.51 18.38 -43.28
C THR F 239 -6.60 18.05 -44.48
N ASP F 240 -6.44 16.74 -44.80
CA ASP F 240 -5.72 16.25 -45.97
C ASP F 240 -6.72 15.50 -46.87
N PRO F 241 -7.58 16.23 -47.59
CA PRO F 241 -8.60 15.56 -48.43
C PRO F 241 -8.05 14.57 -49.46
N MET F 242 -6.90 14.88 -50.06
CA MET F 242 -6.35 13.98 -51.08
C MET F 242 -5.96 12.62 -50.50
N LYS F 243 -5.73 12.52 -49.19
CA LYS F 243 -5.43 11.24 -48.56
C LYS F 243 -6.64 10.30 -48.66
N VAL F 244 -7.86 10.79 -48.32
CA VAL F 244 -9.04 9.94 -48.38
C VAL F 244 -9.55 9.77 -49.82
N ILE F 245 -9.44 10.81 -50.66
CA ILE F 245 -9.82 10.67 -52.07
C ILE F 245 -8.93 9.60 -52.73
N GLY F 246 -7.64 9.63 -52.45
CA GLY F 246 -6.69 8.62 -52.93
C GLY F 246 -7.03 7.22 -52.45
N ALA F 247 -7.42 7.08 -51.18
CA ALA F 247 -7.83 5.77 -50.64
C ALA F 247 -9.07 5.28 -51.37
N TYR F 248 -10.07 6.17 -51.60
CA TYR F 248 -11.30 5.81 -52.31
C TYR F 248 -10.99 5.39 -53.76
N GLN F 249 -10.07 6.12 -54.44
CA GLN F 249 -9.65 5.77 -55.80
C GLN F 249 -9.07 4.36 -55.83
N ASP F 250 -8.21 4.02 -54.86
CA ASP F 250 -7.60 2.69 -54.77
C ASP F 250 -8.65 1.61 -54.54
N PHE F 251 -9.59 1.83 -53.58
CA PHE F 251 -10.62 0.84 -53.30
C PHE F 251 -11.59 0.68 -54.47
N ALA F 252 -11.90 1.78 -55.17
CA ALA F 252 -12.85 1.72 -56.28
C ALA F 252 -12.25 1.06 -57.54
N THR F 253 -10.91 0.93 -57.63
CA THR F 253 -10.24 0.35 -58.80
C THR F 253 -9.53 -0.99 -58.52
N GLY F 254 -9.78 -1.59 -57.36
CA GLY F 254 -9.27 -2.92 -57.06
C GLY F 254 -7.79 -3.01 -56.72
N LYS F 255 -7.22 -1.96 -56.12
CA LYS F 255 -5.82 -2.00 -55.68
C LYS F 255 -5.75 -2.77 -54.34
N CYS F 256 -5.18 -3.98 -54.37
CA CYS F 256 -5.16 -4.89 -53.22
C CYS F 256 -3.74 -5.21 -52.80
N LYS F 257 -3.59 -5.78 -51.61
CA LYS F 257 -2.32 -6.26 -51.09
C LYS F 257 -2.12 -7.73 -51.44
N ASP F 258 -0.88 -8.23 -51.26
CA ASP F 258 -0.60 -9.66 -51.37
C ASP F 258 -1.09 -10.29 -50.09
N LYS F 259 -2.38 -10.58 -50.04
CA LYS F 259 -3.09 -10.87 -48.81
C LYS F 259 -4.28 -11.75 -49.11
N VAL F 260 -4.56 -12.71 -48.23
CA VAL F 260 -5.68 -13.62 -48.36
C VAL F 260 -6.53 -13.49 -47.10
N THR F 261 -7.86 -13.38 -47.26
CA THR F 261 -8.77 -13.45 -46.11
C THR F 261 -9.36 -14.84 -46.08
N ILE F 262 -9.29 -15.51 -44.93
CA ILE F 262 -9.82 -16.87 -44.77
C ILE F 262 -10.98 -16.80 -43.79
N VAL F 263 -12.13 -17.37 -44.18
CA VAL F 263 -13.30 -17.38 -43.31
C VAL F 263 -13.77 -18.81 -43.22
N TYR F 264 -14.14 -19.27 -42.02
CA TYR F 264 -14.69 -20.61 -41.90
CA TYR F 264 -14.68 -20.62 -41.90
C TYR F 264 -15.62 -20.73 -40.71
N ASP F 265 -16.40 -21.81 -40.68
CA ASP F 265 -17.11 -22.23 -39.47
C ASP F 265 -16.88 -23.73 -39.32
N THR F 266 -17.11 -24.24 -38.11
CA THR F 266 -16.84 -25.62 -37.78
C THR F 266 -17.75 -26.03 -36.64
N MET F 267 -18.08 -27.32 -36.56
CA MET F 267 -18.79 -27.91 -35.44
C MET F 267 -17.81 -28.71 -34.59
N HIS F 268 -17.04 -29.60 -35.23
CA HIS F 268 -16.13 -30.52 -34.55
C HIS F 268 -14.63 -30.19 -34.76
N GLY F 269 -14.31 -29.06 -35.39
CA GLY F 269 -12.94 -28.59 -35.53
C GLY F 269 -12.19 -29.01 -36.79
N SER F 270 -12.76 -29.88 -37.63
CA SER F 270 -12.01 -30.34 -38.80
C SER F 270 -11.83 -29.26 -39.87
N THR F 271 -12.87 -28.47 -40.14
CA THR F 271 -12.76 -27.38 -41.12
C THR F 271 -11.78 -26.32 -40.59
N GLN F 272 -11.74 -26.14 -39.25
CA GLN F 272 -10.79 -25.22 -38.62
C GLN F 272 -9.35 -25.67 -38.89
N LYS F 273 -9.07 -26.96 -38.69
CA LYS F 273 -7.73 -27.51 -38.96
C LYS F 273 -7.34 -27.29 -40.42
N MET F 274 -8.29 -27.48 -41.37
CA MET F 274 -8.02 -27.21 -42.78
C MET F 274 -7.69 -25.73 -42.99
N ALA F 275 -8.52 -24.82 -42.45
CA ALA F 275 -8.31 -23.38 -42.58
C ALA F 275 -6.91 -22.99 -42.13
N HIS F 276 -6.48 -23.49 -40.98
CA HIS F 276 -5.15 -23.17 -40.43
C HIS F 276 -4.04 -23.75 -41.31
N ALA F 277 -4.28 -24.90 -41.95
CA ALA F 277 -3.29 -25.51 -42.85
C ALA F 277 -3.16 -24.74 -44.16
N PHE F 278 -4.29 -24.26 -44.74
CA PHE F 278 -4.23 -23.38 -45.91
C PHE F 278 -3.40 -22.13 -45.57
N ALA F 279 -3.62 -21.55 -44.39
CA ALA F 279 -2.88 -20.35 -43.96
C ALA F 279 -1.36 -20.62 -43.94
N GLU F 280 -0.94 -21.79 -43.44
CA GLU F 280 0.49 -22.13 -43.38
C GLU F 280 1.12 -22.15 -44.78
N GLY F 281 0.40 -22.72 -45.75
CA GLY F 281 0.86 -22.74 -47.14
C GLY F 281 0.96 -21.36 -47.74
N ILE F 282 -0.03 -20.50 -47.46
CA ILE F 282 -0.03 -19.12 -47.97
C ILE F 282 1.15 -18.35 -47.36
N MET F 283 1.34 -18.47 -46.04
CA MET F 283 2.39 -17.76 -45.34
C MET F 283 3.78 -18.21 -45.80
N SER F 284 3.93 -19.49 -46.22
CA SER F 284 5.21 -19.99 -46.74
C SER F 284 5.70 -19.21 -47.97
N GLU F 285 4.78 -18.51 -48.67
CA GLU F 285 5.11 -17.68 -49.83
C GLU F 285 5.22 -16.18 -49.48
N GLY F 286 5.22 -15.84 -48.20
CA GLY F 286 5.29 -14.45 -47.77
C GLY F 286 4.03 -13.65 -48.02
N VAL F 287 2.89 -14.33 -48.25
CA VAL F 287 1.61 -13.67 -48.48
C VAL F 287 0.86 -13.56 -47.12
N ASP F 288 0.27 -12.39 -46.84
CA ASP F 288 -0.38 -12.15 -45.55
C ASP F 288 -1.71 -12.91 -45.46
N VAL F 289 -2.15 -13.17 -44.23
CA VAL F 289 -3.39 -13.91 -43.98
C VAL F 289 -4.17 -13.18 -42.90
N LYS F 290 -5.49 -13.05 -43.10
CA LYS F 290 -6.42 -12.67 -42.03
C LYS F 290 -7.39 -13.83 -41.86
N MET F 291 -7.57 -14.28 -40.62
CA MET F 291 -8.32 -15.50 -40.31
C MET F 291 -9.56 -15.12 -39.53
N TYR F 292 -10.73 -15.60 -39.98
CA TYR F 292 -12.00 -15.31 -39.30
C TYR F 292 -12.77 -16.59 -39.07
N PHE F 293 -13.31 -16.73 -37.86
CA PHE F 293 -14.09 -17.87 -37.43
C PHE F 293 -15.51 -17.36 -37.21
N LEU F 294 -16.47 -17.77 -38.07
CA LEU F 294 -17.83 -17.21 -38.06
C LEU F 294 -18.57 -17.40 -36.74
N HIS F 295 -18.16 -18.36 -35.90
CA HIS F 295 -18.77 -18.51 -34.58
C HIS F 295 -18.60 -17.22 -33.75
N ASN F 296 -17.44 -16.57 -33.86
CA ASN F 296 -17.09 -15.42 -33.02
C ASN F 296 -17.11 -14.13 -33.79
N ASP F 297 -16.71 -14.17 -35.06
CA ASP F 297 -16.47 -12.98 -35.85
C ASP F 297 -17.69 -12.59 -36.65
N GLU F 298 -17.73 -11.35 -37.11
CA GLU F 298 -18.92 -10.89 -37.82
C GLU F 298 -18.59 -10.15 -39.12
N ARG F 299 -19.60 -10.03 -39.95
CA ARG F 299 -19.47 -9.67 -41.35
C ARG F 299 -18.74 -8.36 -41.61
N SER F 300 -18.89 -7.35 -40.75
CA SER F 300 -18.33 -6.02 -41.07
C SER F 300 -16.79 -5.98 -41.04
N GLU F 301 -16.15 -6.74 -40.15
CA GLU F 301 -14.69 -6.84 -40.15
C GLU F 301 -14.22 -7.72 -41.31
N ILE F 302 -14.95 -8.82 -41.57
CA ILE F 302 -14.58 -9.71 -42.67
C ILE F 302 -14.51 -8.94 -43.99
N VAL F 303 -15.55 -8.16 -44.32
CA VAL F 303 -15.58 -7.49 -45.62
C VAL F 303 -14.54 -6.36 -45.69
N LYS F 304 -14.18 -5.75 -44.53
CA LYS F 304 -13.08 -4.79 -44.48
C LYS F 304 -11.80 -5.43 -45.02
N ASP F 305 -11.49 -6.64 -44.57
CA ASP F 305 -10.27 -7.31 -45.01
C ASP F 305 -10.36 -7.88 -46.44
N ILE F 306 -11.54 -8.32 -46.87
CA ILE F 306 -11.70 -8.77 -48.26
C ILE F 306 -11.38 -7.61 -49.22
N LEU F 307 -11.78 -6.38 -48.86
CA LEU F 307 -11.61 -5.22 -49.73
C LEU F 307 -10.19 -5.04 -50.26
N ASP F 308 -9.15 -5.28 -49.44
CA ASP F 308 -7.78 -5.18 -49.96
C ASP F 308 -7.05 -6.54 -49.96
N SER F 309 -7.82 -7.64 -50.06
CA SER F 309 -7.26 -8.98 -50.25
C SER F 309 -7.38 -9.33 -51.73
N LYS F 310 -6.38 -10.03 -52.27
CA LYS F 310 -6.45 -10.50 -53.65
C LYS F 310 -7.18 -11.84 -53.72
N ALA F 311 -7.33 -12.53 -52.57
CA ALA F 311 -8.02 -13.81 -52.55
C ALA F 311 -8.83 -13.99 -51.28
N PHE F 312 -9.83 -14.86 -51.36
CA PHE F 312 -10.77 -15.11 -50.29
C PHE F 312 -11.06 -16.61 -50.21
N LEU F 313 -10.83 -17.23 -49.04
CA LEU F 313 -11.11 -18.65 -48.82
C LEU F 313 -12.34 -18.77 -47.93
N LEU F 314 -13.27 -19.67 -48.26
CA LEU F 314 -14.47 -19.87 -47.45
C LEU F 314 -14.67 -21.35 -47.20
N GLY F 315 -14.75 -21.73 -45.94
CA GLY F 315 -14.86 -23.13 -45.55
C GLY F 315 -15.97 -23.41 -44.57
N ALA F 316 -16.62 -24.55 -44.71
CA ALA F 316 -17.65 -24.92 -43.76
C ALA F 316 -17.94 -26.41 -43.88
N PRO F 317 -18.36 -27.06 -42.79
CA PRO F 317 -18.76 -28.47 -42.91
C PRO F 317 -20.11 -28.61 -43.60
N THR F 318 -20.46 -29.84 -44.01
CA THR F 318 -21.76 -30.12 -44.60
C THR F 318 -22.74 -30.54 -43.52
N ILE F 319 -23.95 -29.98 -43.55
CA ILE F 319 -25.02 -30.35 -42.65
C ILE F 319 -26.30 -30.48 -43.50
N TYR F 320 -26.89 -31.69 -43.56
CA TYR F 320 -28.07 -31.97 -44.39
C TYR F 320 -27.86 -31.53 -45.84
N ASP F 321 -26.73 -31.92 -46.45
CA ASP F 321 -26.40 -31.61 -47.85
C ASP F 321 -26.09 -30.13 -48.12
N GLU F 322 -26.10 -29.27 -47.10
CA GLU F 322 -25.87 -27.84 -47.27
C GLU F 322 -24.61 -27.42 -46.53
N PRO F 323 -24.02 -26.26 -46.85
CA PRO F 323 -22.93 -25.76 -45.98
C PRO F 323 -23.49 -25.27 -44.65
N PHE F 324 -22.70 -25.36 -43.57
CA PHE F 324 -23.09 -24.88 -42.24
C PHE F 324 -23.75 -23.50 -42.37
N PRO F 325 -24.93 -23.28 -41.74
CA PRO F 325 -25.76 -22.13 -42.14
C PRO F 325 -25.21 -20.74 -41.90
N SER F 326 -24.25 -20.58 -40.98
CA SER F 326 -23.67 -19.26 -40.71
C SER F 326 -23.06 -18.62 -41.97
N VAL F 327 -22.61 -19.42 -42.95
CA VAL F 327 -22.06 -18.86 -44.19
C VAL F 327 -23.14 -18.10 -44.98
N GLY F 328 -24.40 -18.48 -44.81
CA GLY F 328 -25.51 -17.84 -45.51
C GLY F 328 -25.60 -16.33 -45.26
N ASP F 329 -25.31 -15.92 -44.03
CA ASP F 329 -25.29 -14.51 -43.68
C ASP F 329 -24.21 -13.77 -44.48
N LEU F 330 -22.98 -14.27 -44.43
CA LEU F 330 -21.90 -13.62 -45.17
C LEU F 330 -22.16 -13.63 -46.68
N ILE F 331 -22.66 -14.76 -47.24
CA ILE F 331 -22.93 -14.87 -48.68
CA ILE F 331 -22.92 -14.85 -48.68
C ILE F 331 -23.98 -13.84 -49.10
N TYR F 332 -25.08 -13.71 -48.33
CA TYR F 332 -26.12 -12.72 -48.64
C TYR F 332 -25.54 -11.30 -48.63
N TYR F 333 -24.66 -11.03 -47.68
CA TYR F 333 -24.02 -9.73 -47.60
C TYR F 333 -23.10 -9.49 -48.81
N LEU F 334 -22.27 -10.48 -49.18
CA LEU F 334 -21.38 -10.35 -50.33
C LEU F 334 -22.17 -10.20 -51.64
N LYS F 335 -23.35 -10.84 -51.74
CA LYS F 335 -24.22 -10.68 -52.91
C LYS F 335 -24.68 -9.22 -53.07
N GLY F 336 -24.93 -8.55 -51.96
CA GLY F 336 -25.26 -7.12 -51.96
C GLY F 336 -24.07 -6.22 -52.22
N LEU F 337 -22.91 -6.51 -51.61
CA LEU F 337 -21.74 -5.64 -51.75
C LEU F 337 -21.11 -5.67 -53.16
N LYS F 338 -21.19 -6.81 -53.87
CA LYS F 338 -20.70 -6.92 -55.26
C LYS F 338 -19.26 -6.42 -55.40
N PHE F 339 -18.32 -7.13 -54.78
CA PHE F 339 -16.89 -6.78 -54.83
C PHE F 339 -16.33 -6.74 -56.26
N ASN F 340 -16.94 -7.46 -57.21
CA ASN F 340 -16.55 -7.38 -58.62
C ASN F 340 -16.67 -5.95 -59.19
N ARG F 341 -17.53 -5.09 -58.60
CA ARG F 341 -17.66 -3.70 -59.04
C ARG F 341 -16.43 -2.82 -58.77
N THR F 342 -15.48 -3.34 -57.98
CA THR F 342 -14.20 -2.66 -57.80
C THR F 342 -13.28 -2.85 -59.01
N GLY F 343 -13.70 -3.65 -60.00
CA GLY F 343 -12.90 -3.92 -61.19
C GLY F 343 -11.95 -5.09 -61.04
N LEU F 344 -12.06 -5.84 -59.93
CA LEU F 344 -11.23 -7.01 -59.69
C LEU F 344 -12.09 -8.20 -59.30
N LYS F 345 -11.85 -9.37 -59.91
CA LYS F 345 -12.46 -10.62 -59.48
C LYS F 345 -11.46 -11.33 -58.58
N ARG F 346 -11.60 -11.16 -57.27
CA ARG F 346 -10.66 -11.76 -56.33
C ARG F 346 -10.68 -13.28 -56.45
N LEU F 347 -9.52 -13.92 -56.26
CA LEU F 347 -9.42 -15.38 -56.35
C LEU F 347 -10.10 -16.02 -55.14
N ALA F 348 -10.59 -17.25 -55.30
CA ALA F 348 -11.24 -17.91 -54.17
C ALA F 348 -11.10 -19.42 -54.21
N LEU F 349 -11.18 -20.04 -53.03
CA LEU F 349 -11.20 -21.50 -52.86
C LEU F 349 -12.32 -21.80 -51.89
N ALA F 350 -13.01 -22.92 -52.10
CA ALA F 350 -14.03 -23.39 -51.17
C ALA F 350 -13.51 -24.67 -50.53
N PHE F 351 -13.78 -24.88 -49.25
CA PHE F 351 -13.30 -26.09 -48.58
C PHE F 351 -14.22 -26.53 -47.46
N GLY F 352 -13.98 -27.71 -46.94
CA GLY F 352 -14.79 -28.19 -45.83
C GLY F 352 -14.64 -29.67 -45.53
N SER F 353 -15.12 -30.06 -44.37
CA SER F 353 -15.14 -31.46 -43.96
C SER F 353 -16.58 -31.98 -44.05
N MET F 354 -16.74 -33.29 -44.25
CA MET F 354 -18.06 -33.90 -44.33
C MET F 354 -18.00 -35.34 -43.80
N GLY F 355 -19.15 -35.97 -43.64
CA GLY F 355 -19.22 -37.31 -43.07
C GLY F 355 -20.09 -38.31 -43.82
N GLY F 356 -20.50 -37.98 -45.05
CA GLY F 356 -21.33 -38.86 -45.84
C GLY F 356 -21.26 -38.54 -47.32
N ASN F 357 -22.37 -38.02 -47.88
CA ASN F 357 -22.41 -37.65 -49.30
C ASN F 357 -21.71 -36.31 -49.58
N GLY F 358 -21.51 -35.48 -48.55
CA GLY F 358 -20.88 -34.18 -48.73
C GLY F 358 -21.75 -33.24 -49.54
N GLY F 359 -21.13 -32.33 -50.28
CA GLY F 359 -21.85 -31.39 -51.14
C GLY F 359 -21.80 -29.94 -50.70
N GLY F 360 -21.50 -29.69 -49.44
CA GLY F 360 -21.39 -28.32 -48.93
C GLY F 360 -20.38 -27.47 -49.68
N THR F 361 -19.21 -28.04 -50.00
CA THR F 361 -18.15 -27.31 -50.70
C THR F 361 -18.58 -26.92 -52.13
N LYS F 362 -19.34 -27.80 -52.81
CA LYS F 362 -19.84 -27.50 -54.15
C LYS F 362 -20.81 -26.32 -54.10
N VAL F 363 -21.66 -26.24 -53.05
CA VAL F 363 -22.56 -25.10 -52.88
C VAL F 363 -21.74 -23.84 -52.63
N LEU F 364 -20.72 -23.90 -51.75
CA LEU F 364 -19.87 -22.73 -51.48
C LEU F 364 -19.24 -22.21 -52.77
N ALA F 365 -18.69 -23.11 -53.59
CA ALA F 365 -18.05 -22.72 -54.86
C ALA F 365 -19.04 -22.00 -55.78
N GLU F 366 -20.27 -22.52 -55.89
CA GLU F 366 -21.33 -21.90 -56.69
C GLU F 366 -21.68 -20.52 -56.16
N LYS F 367 -21.80 -20.37 -54.83
CA LYS F 367 -22.16 -19.08 -54.24
C LYS F 367 -21.03 -18.06 -54.37
N LEU F 368 -19.77 -18.50 -54.22
CA LEU F 368 -18.63 -17.59 -54.41
C LEU F 368 -18.60 -17.04 -55.84
N LYS F 369 -18.91 -17.89 -56.82
CA LYS F 369 -18.98 -17.44 -58.21
C LYS F 369 -20.09 -16.40 -58.39
N GLU F 370 -21.27 -16.62 -57.77
CA GLU F 370 -22.37 -15.65 -57.83
C GLU F 370 -21.99 -14.31 -57.19
N CYS F 371 -21.09 -14.32 -56.18
CA CYS F 371 -20.62 -13.11 -55.51
C CYS F 371 -19.47 -12.39 -56.24
N GLY F 372 -19.10 -12.87 -57.43
CA GLY F 372 -18.10 -12.21 -58.25
C GLY F 372 -16.67 -12.67 -58.04
N PHE F 373 -16.45 -13.78 -57.32
CA PHE F 373 -15.10 -14.28 -57.11
C PHE F 373 -14.68 -15.22 -58.23
N GLU F 374 -13.37 -15.35 -58.45
CA GLU F 374 -12.82 -16.29 -59.41
C GLU F 374 -12.43 -17.58 -58.63
N VAL F 375 -13.31 -18.58 -58.63
CA VAL F 375 -13.11 -19.80 -57.83
C VAL F 375 -12.12 -20.72 -58.56
N LEU F 376 -10.94 -20.96 -57.97
CA LEU F 376 -9.90 -21.76 -58.59
C LEU F 376 -9.99 -23.24 -58.27
N ASP F 377 -10.47 -23.61 -57.08
CA ASP F 377 -10.51 -25.01 -56.68
C ASP F 377 -11.45 -25.20 -55.50
N GLU F 378 -11.70 -26.44 -55.18
CA GLU F 378 -12.55 -26.79 -54.04
C GLU F 378 -12.00 -28.06 -53.43
N TYR F 379 -12.01 -28.16 -52.10
CA TYR F 379 -11.46 -29.34 -51.45
C TYR F 379 -12.32 -29.76 -50.27
N GLU F 380 -12.93 -30.94 -50.37
CA GLU F 380 -13.77 -31.49 -49.32
C GLU F 380 -13.17 -32.82 -48.88
N LEU F 381 -13.09 -33.07 -47.56
CA LEU F 381 -12.54 -34.33 -47.03
C LEU F 381 -13.46 -34.97 -46.00
N TYR F 382 -13.15 -36.20 -45.62
CA TYR F 382 -13.96 -37.01 -44.71
C TYR F 382 -13.52 -36.81 -43.26
N TYR F 383 -14.41 -36.28 -42.40
CA TYR F 383 -14.14 -36.12 -40.97
C TYR F 383 -12.78 -35.45 -40.66
N VAL F 384 -11.94 -36.04 -39.78
CA VAL F 384 -10.73 -35.38 -39.29
C VAL F 384 -9.61 -35.48 -40.32
N PRO F 385 -8.98 -34.34 -40.72
CA PRO F 385 -7.90 -34.44 -41.72
C PRO F 385 -6.71 -35.27 -41.24
N THR F 386 -6.14 -36.09 -42.11
CA THR F 386 -4.90 -36.79 -41.82
C THR F 386 -3.75 -35.82 -42.06
N GLU F 387 -2.52 -36.23 -41.73
CA GLU F 387 -1.32 -35.43 -41.98
C GLU F 387 -1.18 -35.13 -43.49
N ASP F 388 -1.42 -36.13 -44.36
CA ASP F 388 -1.34 -35.95 -45.81
C ASP F 388 -2.39 -34.95 -46.31
N GLU F 389 -3.60 -34.98 -45.73
CA GLU F 389 -4.66 -34.04 -46.13
C GLU F 389 -4.35 -32.61 -45.69
N LEU F 390 -3.71 -32.42 -44.52
CA LEU F 390 -3.28 -31.09 -44.10
C LEU F 390 -2.09 -30.61 -44.96
N GLU F 391 -1.25 -31.54 -45.44
CA GLU F 391 -0.19 -31.16 -46.37
C GLU F 391 -0.80 -30.74 -47.72
N LYS F 392 -1.89 -31.38 -48.16
CA LYS F 392 -2.60 -30.96 -49.37
C LYS F 392 -3.15 -29.54 -49.20
N CYS F 393 -3.75 -29.23 -48.03
CA CYS F 393 -4.23 -27.87 -47.75
C CYS F 393 -3.07 -26.88 -47.85
N TYR F 394 -1.93 -27.24 -47.24
CA TYR F 394 -0.74 -26.40 -47.27
C TYR F 394 -0.29 -26.17 -48.72
N ASN F 395 -0.21 -27.24 -49.53
CA ASN F 395 0.21 -27.12 -50.92
C ASN F 395 -0.77 -26.28 -51.75
N MET F 396 -2.07 -26.44 -51.52
CA MET F 396 -3.07 -25.62 -52.22
C MET F 396 -2.93 -24.13 -51.87
N GLY F 397 -2.72 -23.84 -50.59
CA GLY F 397 -2.49 -22.47 -50.13
C GLY F 397 -1.22 -21.88 -50.72
N LYS F 398 -0.16 -22.70 -50.78
CA LYS F 398 1.11 -22.28 -51.39
C LYS F 398 0.91 -21.94 -52.87
N ARG F 399 0.18 -22.77 -53.65
CA ARG F 399 -0.08 -22.49 -55.07
C ARG F 399 -0.95 -21.26 -55.23
N LEU F 400 -1.93 -21.09 -54.35
CA LEU F 400 -2.75 -19.89 -54.41
C LEU F 400 -1.90 -18.64 -54.18
N ALA F 401 -0.99 -18.69 -53.18
CA ALA F 401 -0.16 -17.53 -52.84
C ALA F 401 0.75 -17.14 -54.01
N VAL F 402 1.23 -18.14 -54.79
CA VAL F 402 2.03 -17.88 -55.99
C VAL F 402 1.15 -17.13 -57.04
N LYS F 403 -0.10 -17.58 -57.25
CA LYS F 403 -1.02 -16.92 -58.18
C LYS F 403 -1.36 -15.52 -57.68
N VAL F 404 -1.56 -15.35 -56.36
CA VAL F 404 -1.83 -14.03 -55.79
C VAL F 404 -0.68 -13.06 -56.11
N LYS F 405 0.56 -13.47 -55.86
CA LYS F 405 1.72 -12.62 -56.15
C LYS F 405 1.86 -12.31 -57.66
N GLU F 406 1.39 -13.21 -58.53
CA GLU F 406 1.46 -13.00 -59.98
C GLU F 406 0.42 -11.98 -60.47
N MET F 407 -0.71 -11.80 -59.75
CA MET F 407 -1.75 -10.83 -60.15
C MET F 407 -1.17 -9.42 -60.17
N LYS F 408 -1.48 -8.65 -61.23
CA LYS F 408 -0.99 -7.27 -61.38
C LYS F 408 -2.12 -6.28 -61.15
N MET G 1 0.86 -31.65 -38.61
N MET G 1 -0.35 -29.80 -39.69
CA MET G 1 0.63 -30.75 -39.74
CA MET G 1 0.84 -30.61 -39.44
C MET G 1 1.94 -30.12 -40.22
C MET G 1 2.06 -30.05 -40.18
N LYS G 2 1.91 -29.58 -41.44
CA LYS G 2 3.04 -28.92 -42.09
C LYS G 2 2.96 -27.42 -41.80
N ALA G 3 4.01 -26.87 -41.18
CA ALA G 3 4.04 -25.47 -40.77
C ALA G 3 5.48 -25.02 -40.71
N ASP G 4 5.82 -23.87 -41.28
CA ASP G 4 7.22 -23.44 -41.39
C ASP G 4 7.70 -22.76 -40.12
N ALA G 5 8.96 -23.02 -39.74
CA ALA G 5 9.62 -22.28 -38.66
C ALA G 5 10.04 -20.92 -39.22
N VAL G 6 10.33 -19.96 -38.34
CA VAL G 6 10.80 -18.63 -38.76
C VAL G 6 12.14 -18.38 -38.11
N LYS G 7 13.19 -18.18 -38.90
CA LYS G 7 14.52 -17.92 -38.35
C LYS G 7 14.57 -16.53 -37.72
N ILE G 8 15.08 -16.42 -36.49
CA ILE G 8 15.22 -15.12 -35.81
C ILE G 8 16.69 -14.74 -35.58
N ALA G 9 17.61 -15.71 -35.75
CA ALA G 9 19.06 -15.49 -35.69
C ALA G 9 19.74 -16.75 -36.23
N ASP G 10 21.06 -16.75 -36.40
CA ASP G 10 21.73 -17.95 -36.90
C ASP G 10 21.49 -19.11 -35.94
N GLY G 11 20.91 -20.19 -36.46
CA GLY G 11 20.59 -21.37 -35.66
C GLY G 11 19.54 -21.17 -34.59
N VAL G 12 18.70 -20.11 -34.70
CA VAL G 12 17.62 -19.85 -33.73
C VAL G 12 16.33 -19.64 -34.50
N TYR G 13 15.28 -20.38 -34.12
CA TYR G 13 14.00 -20.31 -34.82
C TYR G 13 12.86 -20.07 -33.86
N TRP G 14 11.84 -19.35 -34.34
CA TRP G 14 10.54 -19.31 -33.70
C TRP G 14 9.80 -20.55 -34.19
N VAL G 15 9.27 -21.35 -33.26
CA VAL G 15 8.53 -22.58 -33.58
C VAL G 15 7.20 -22.56 -32.82
N GLY G 16 6.64 -21.37 -32.68
CA GLY G 16 5.44 -21.15 -31.89
C GLY G 16 4.14 -21.53 -32.55
N VAL G 17 3.04 -21.11 -31.92
CA VAL G 17 1.70 -21.46 -32.33
C VAL G 17 0.89 -20.18 -32.51
N LEU G 18 0.19 -20.05 -33.63
CA LEU G 18 -0.72 -18.94 -33.89
C LEU G 18 -2.11 -19.38 -33.42
N ASP G 19 -2.58 -18.82 -32.31
CA ASP G 19 -3.95 -19.07 -31.85
C ASP G 19 -4.87 -18.04 -32.51
N TRP G 20 -5.20 -18.27 -33.79
CA TRP G 20 -5.93 -17.31 -34.59
C TRP G 20 -7.27 -16.93 -33.98
N ASP G 21 -7.98 -17.93 -33.45
CA ASP G 21 -9.40 -17.83 -33.19
C ASP G 21 -9.82 -17.52 -31.76
N ILE G 22 -8.90 -17.58 -30.80
CA ILE G 22 -9.25 -17.25 -29.40
C ILE G 22 -9.67 -15.76 -29.28
N ARG G 23 -10.77 -15.49 -28.55
CA ARG G 23 -11.26 -14.12 -28.39
C ARG G 23 -11.30 -13.65 -26.93
N MET G 24 -11.13 -14.57 -25.96
CA MET G 24 -11.20 -14.26 -24.53
C MET G 24 -10.26 -15.23 -23.84
N TYR G 25 -9.43 -14.76 -22.96
CA TYR G 25 -8.36 -15.58 -22.38
C TYR G 25 -8.19 -15.17 -20.94
N HIS G 26 -8.83 -15.83 -19.99
CA HIS G 26 -8.89 -15.50 -18.55
C HIS G 26 -9.57 -14.14 -18.30
N GLY G 27 -10.56 -13.80 -19.10
CA GLY G 27 -11.23 -12.50 -19.01
C GLY G 27 -10.54 -11.37 -19.76
N TYR G 28 -9.43 -11.67 -20.44
CA TYR G 28 -8.65 -10.71 -21.24
C TYR G 28 -9.15 -10.82 -22.69
N THR G 29 -9.76 -9.79 -23.26
CA THR G 29 -10.27 -9.84 -24.63
C THR G 29 -9.13 -9.65 -25.61
N LEU G 30 -9.18 -10.36 -26.73
CA LEU G 30 -8.11 -10.24 -27.73
C LEU G 30 -8.60 -10.74 -29.07
N ASN G 31 -7.86 -10.44 -30.14
CA ASN G 31 -8.17 -10.92 -31.48
C ASN G 31 -7.13 -11.99 -31.83
N GLY G 32 -7.13 -13.05 -31.04
CA GLY G 32 -6.14 -14.10 -31.14
C GLY G 32 -4.86 -13.76 -30.41
N THR G 33 -4.01 -14.76 -30.22
CA THR G 33 -2.69 -14.53 -29.66
C THR G 33 -1.74 -15.57 -30.21
N THR G 34 -0.50 -15.58 -29.73
CA THR G 34 0.46 -16.61 -30.08
C THR G 34 1.05 -17.19 -28.80
N TYR G 35 1.53 -18.44 -28.88
CA TYR G 35 2.30 -19.08 -27.82
C TYR G 35 3.69 -19.29 -28.42
N ASN G 36 4.61 -18.38 -28.12
CA ASN G 36 5.92 -18.39 -28.75
C ASN G 36 6.85 -19.39 -28.08
N ALA G 37 7.39 -20.29 -28.89
CA ALA G 37 8.39 -21.26 -28.45
C ALA G 37 9.57 -21.13 -29.39
N TYR G 38 10.78 -21.40 -28.89
CA TYR G 38 11.99 -21.14 -29.66
C TYR G 38 12.91 -22.36 -29.67
N LEU G 39 13.57 -22.63 -30.79
CA LEU G 39 14.45 -23.79 -30.95
C LEU G 39 15.86 -23.26 -31.24
N VAL G 40 16.83 -23.55 -30.34
CA VAL G 40 18.21 -23.04 -30.44
C VAL G 40 19.11 -24.22 -30.82
N PHE G 41 19.77 -24.13 -31.99
CA PHE G 41 20.63 -25.20 -32.50
C PHE G 41 22.08 -24.95 -32.13
N GLY G 42 22.51 -25.54 -31.03
CA GLY G 42 23.92 -25.60 -30.70
C GLY G 42 24.58 -26.66 -31.55
N ASP G 43 25.91 -26.62 -31.66
CA ASP G 43 26.62 -27.62 -32.46
C ASP G 43 26.50 -29.03 -31.86
N ASP G 44 26.35 -29.12 -30.53
CA ASP G 44 26.20 -30.39 -29.83
C ASP G 44 24.74 -30.64 -29.46
N LYS G 45 24.02 -29.61 -28.95
CA LYS G 45 22.67 -29.80 -28.44
C LYS G 45 21.66 -28.79 -28.97
N VAL G 46 20.43 -29.28 -29.25
CA VAL G 46 19.31 -28.48 -29.71
C VAL G 46 18.36 -28.29 -28.53
N ALA G 47 18.08 -27.03 -28.16
CA ALA G 47 17.26 -26.71 -27.01
C ALA G 47 15.90 -26.14 -27.43
N LEU G 48 14.80 -26.61 -26.82
CA LEU G 48 13.47 -26.03 -27.03
C LEU G 48 13.17 -25.15 -25.83
N ILE G 49 12.91 -23.86 -26.07
CA ILE G 49 12.57 -22.92 -25.01
C ILE G 49 11.06 -22.70 -25.03
N ASP G 50 10.37 -23.17 -23.96
CA ASP G 50 8.92 -23.10 -23.81
C ASP G 50 8.19 -23.87 -24.91
N ASN G 51 6.88 -24.00 -24.79
CA ASN G 51 6.12 -24.74 -25.78
C ASN G 51 4.73 -24.11 -25.96
N THR G 52 3.62 -24.80 -25.67
CA THR G 52 2.32 -24.24 -26.03
C THR G 52 1.18 -24.80 -25.17
N TYR G 53 -0.02 -24.24 -25.36
CA TYR G 53 -1.25 -24.60 -24.64
C TYR G 53 -1.65 -26.06 -24.94
N PRO G 54 -2.20 -26.82 -23.98
CA PRO G 54 -2.57 -28.23 -24.30
C PRO G 54 -3.53 -28.33 -25.47
N GLY G 55 -3.28 -29.28 -26.37
CA GLY G 55 -4.11 -29.51 -27.55
C GLY G 55 -3.77 -28.62 -28.74
N THR G 56 -2.77 -27.72 -28.63
CA THR G 56 -2.42 -26.80 -29.71
C THR G 56 -1.02 -27.07 -30.30
N SER G 57 -0.44 -28.23 -30.04
CA SER G 57 0.95 -28.49 -30.44
C SER G 57 1.16 -28.85 -31.92
N ALA G 58 0.07 -29.06 -32.72
CA ALA G 58 0.26 -29.47 -34.12
C ALA G 58 1.17 -28.50 -34.89
N GLN G 59 0.90 -27.20 -34.81
CA GLN G 59 1.77 -26.21 -35.45
C GLN G 59 3.20 -26.29 -34.92
N MET G 60 3.36 -26.36 -33.58
CA MET G 60 4.68 -26.36 -32.95
C MET G 60 5.54 -27.51 -33.49
N TRP G 61 4.99 -28.74 -33.51
CA TRP G 61 5.73 -29.90 -33.99
C TRP G 61 6.10 -29.77 -35.47
N GLY G 62 5.20 -29.23 -36.27
CA GLY G 62 5.46 -28.95 -37.68
C GLY G 62 6.62 -27.99 -37.87
N ARG G 63 6.66 -26.92 -37.05
CA ARG G 63 7.73 -25.93 -37.14
C ARG G 63 9.06 -26.49 -36.63
N ILE G 64 9.04 -27.29 -35.55
CA ILE G 64 10.25 -27.95 -35.06
C ILE G 64 10.85 -28.85 -36.15
N LYS G 65 10.02 -29.68 -36.79
CA LYS G 65 10.46 -30.56 -37.88
C LYS G 65 11.03 -29.75 -39.05
N ASP G 66 10.36 -28.64 -39.42
CA ASP G 66 10.83 -27.77 -40.48
C ASP G 66 12.20 -27.17 -40.16
N ALA G 67 12.39 -26.69 -38.91
CA ALA G 67 13.66 -26.11 -38.48
C ALA G 67 14.79 -27.14 -38.52
N CYS G 68 14.55 -28.36 -38.02
CA CYS G 68 15.55 -29.43 -38.03
C CYS G 68 15.98 -29.74 -39.48
N GLU G 69 15.00 -29.82 -40.39
CA GLU G 69 15.24 -30.05 -41.81
C GLU G 69 16.11 -28.94 -42.40
N LYS G 70 15.78 -27.67 -42.09
CA LYS G 70 16.54 -26.53 -42.59
C LYS G 70 17.98 -26.52 -42.06
N GLU G 71 18.20 -27.06 -40.86
CA GLU G 71 19.52 -27.12 -40.24
C GLU G 71 20.33 -28.37 -40.63
N GLY G 72 19.71 -29.30 -41.37
CA GLY G 72 20.34 -30.56 -41.72
C GLY G 72 20.57 -31.44 -40.49
N ARG G 73 19.66 -31.37 -39.51
CA ARG G 73 19.77 -32.12 -38.26
C ARG G 73 18.63 -33.11 -38.17
N GLU G 74 18.79 -34.14 -37.35
CA GLU G 74 17.68 -35.08 -37.14
C GLU G 74 16.59 -34.41 -36.30
N PHE G 75 15.36 -34.92 -36.43
CA PHE G 75 14.23 -34.42 -35.64
C PHE G 75 14.44 -34.85 -34.20
N LYS G 76 15.15 -34.02 -33.43
CA LYS G 76 15.53 -34.38 -32.06
C LYS G 76 15.73 -33.13 -31.21
N ILE G 77 15.25 -33.18 -29.97
CA ILE G 77 15.49 -32.14 -28.97
C ILE G 77 16.36 -32.77 -27.91
N ASP G 78 17.47 -32.11 -27.57
CA ASP G 78 18.40 -32.60 -26.55
C ASP G 78 18.17 -31.92 -25.19
N VAL G 79 17.65 -30.68 -25.18
CA VAL G 79 17.49 -29.88 -23.97
C VAL G 79 16.09 -29.24 -23.99
N ILE G 80 15.39 -29.26 -22.86
CA ILE G 80 14.09 -28.60 -22.74
C ILE G 80 14.23 -27.51 -21.68
N VAL G 81 13.85 -26.27 -22.02
CA VAL G 81 13.80 -25.17 -21.06
C VAL G 81 12.34 -24.79 -20.82
N GLN G 82 11.94 -24.67 -19.54
CA GLN G 82 10.59 -24.29 -19.18
C GLN G 82 10.67 -23.04 -18.30
N ASN G 83 10.51 -21.87 -18.92
CA ASN G 83 10.66 -20.58 -18.23
C ASN G 83 9.58 -20.34 -17.20
N HIS G 84 8.40 -20.94 -17.39
CA HIS G 84 7.20 -20.58 -16.64
C HIS G 84 6.26 -21.79 -16.66
N VAL G 85 5.56 -22.06 -15.55
CA VAL G 85 4.75 -23.29 -15.45
C VAL G 85 3.35 -23.13 -16.04
N GLU G 86 2.84 -21.90 -16.22
CA GLU G 86 1.48 -21.69 -16.71
C GLU G 86 1.26 -22.47 -18.03
N LYS G 87 0.10 -23.15 -18.16
CA LYS G 87 -0.10 -24.15 -19.20
C LYS G 87 -0.16 -23.61 -20.63
N ASP G 88 -0.30 -22.28 -20.83
CA ASP G 88 -0.16 -21.72 -22.18
C ASP G 88 1.28 -21.83 -22.69
N HIS G 89 2.28 -22.06 -21.80
CA HIS G 89 3.68 -22.25 -22.23
C HIS G 89 4.25 -23.63 -21.88
N SER G 90 3.56 -24.41 -21.03
CA SER G 90 4.06 -25.71 -20.57
C SER G 90 3.15 -26.86 -20.97
N GLY G 91 2.01 -26.57 -21.60
CA GLY G 91 0.99 -27.55 -21.92
C GLY G 91 1.42 -28.71 -22.80
N ALA G 92 2.45 -28.54 -23.61
CA ALA G 92 2.95 -29.63 -24.44
C ALA G 92 4.15 -30.34 -23.79
N LEU G 93 4.57 -29.91 -22.58
CA LEU G 93 5.71 -30.54 -21.91
C LEU G 93 5.52 -32.07 -21.72
N PRO G 94 4.32 -32.57 -21.36
CA PRO G 94 4.14 -34.03 -21.26
C PRO G 94 4.44 -34.77 -22.56
N GLU G 95 3.97 -34.28 -23.71
CA GLU G 95 4.26 -34.96 -24.98
C GLU G 95 5.70 -34.74 -25.44
N ILE G 96 6.34 -33.59 -25.13
CA ILE G 96 7.75 -33.40 -25.47
C ILE G 96 8.60 -34.38 -24.65
N HIS G 97 8.33 -34.50 -23.35
CA HIS G 97 9.04 -35.43 -22.47
C HIS G 97 8.83 -36.88 -22.91
N LYS G 98 7.60 -37.25 -23.29
CA LYS G 98 7.32 -38.61 -23.77
C LYS G 98 8.11 -38.91 -25.05
N LYS G 99 8.21 -37.94 -25.97
CA LYS G 99 8.93 -38.12 -27.23
C LYS G 99 10.45 -38.15 -27.01
N PHE G 100 10.97 -37.30 -26.11
CA PHE G 100 12.41 -37.19 -25.85
C PHE G 100 12.66 -37.35 -24.36
N PRO G 101 12.53 -38.60 -23.84
CA PRO G 101 12.58 -38.81 -22.38
C PRO G 101 13.93 -38.59 -21.71
N GLU G 102 15.03 -38.55 -22.47
CA GLU G 102 16.35 -38.33 -21.90
C GLU G 102 16.74 -36.85 -21.92
N ALA G 103 15.94 -35.98 -22.58
CA ALA G 103 16.26 -34.55 -22.60
C ALA G 103 16.01 -33.94 -21.23
N PRO G 104 17.03 -33.35 -20.56
CA PRO G 104 16.76 -32.71 -19.26
C PRO G 104 15.83 -31.51 -19.39
N ILE G 105 15.03 -31.26 -18.34
CA ILE G 105 14.09 -30.14 -18.30
C ILE G 105 14.65 -29.09 -17.33
N TYR G 106 15.13 -27.97 -17.87
CA TYR G 106 15.67 -26.89 -17.04
C TYR G 106 14.56 -25.94 -16.61
N CYS G 107 14.45 -25.69 -15.30
CA CYS G 107 13.42 -24.83 -14.74
C CYS G 107 13.82 -24.42 -13.32
N THR G 108 13.08 -23.50 -12.70
CA THR G 108 13.38 -23.09 -11.33
C THR G 108 13.00 -24.19 -10.35
N GLU G 109 13.44 -24.08 -9.09
CA GLU G 109 13.15 -25.06 -8.05
C GLU G 109 11.64 -25.19 -7.83
N VAL G 110 10.93 -24.04 -7.67
CA VAL G 110 9.47 -24.02 -7.45
C VAL G 110 8.73 -24.59 -8.67
N ALA G 111 9.27 -24.38 -9.89
CA ALA G 111 8.64 -24.87 -11.11
C ALA G 111 8.47 -26.40 -11.12
N VAL G 112 9.43 -27.16 -10.55
CA VAL G 112 9.35 -28.62 -10.59
C VAL G 112 8.05 -29.11 -9.97
N GLU G 113 7.74 -28.68 -8.73
CA GLU G 113 6.52 -29.13 -8.06
C GLU G 113 5.27 -28.64 -8.80
N GLY G 114 5.32 -27.42 -9.31
CA GLY G 114 4.21 -26.84 -10.07
C GLY G 114 3.93 -27.59 -11.36
N LEU G 115 4.99 -27.99 -12.08
CA LEU G 115 4.82 -28.74 -13.33
C LEU G 115 4.30 -30.15 -13.08
N VAL G 116 4.81 -30.82 -12.04
CA VAL G 116 4.31 -32.16 -11.70
C VAL G 116 2.86 -32.09 -11.19
N LYS G 117 2.49 -31.02 -10.48
CA LYS G 117 1.09 -30.86 -10.05
C LYS G 117 0.17 -30.63 -11.26
N HIS G 118 0.63 -29.88 -12.28
CA HIS G 118 -0.15 -29.69 -13.51
C HIS G 118 -0.21 -30.97 -14.33
N PHE G 119 0.93 -31.67 -14.45
CA PHE G 119 1.10 -32.80 -15.35
C PHE G 119 1.68 -34.02 -14.59
N PRO G 120 0.80 -34.89 -14.04
CA PRO G 120 1.30 -36.03 -13.26
C PRO G 120 2.25 -36.97 -13.99
N SER G 121 2.18 -37.05 -15.34
CA SER G 121 3.07 -37.91 -16.12
C SER G 121 4.54 -37.47 -16.07
N LEU G 122 4.82 -36.24 -15.58
CA LEU G 122 6.20 -35.75 -15.45
C LEU G 122 6.86 -36.20 -14.14
N LYS G 123 6.13 -36.92 -13.27
CA LYS G 123 6.76 -37.47 -12.07
C LYS G 123 7.87 -38.43 -12.51
N GLY G 124 9.10 -38.15 -12.08
CA GLY G 124 10.26 -38.93 -12.48
C GLY G 124 10.95 -38.44 -13.75
N ALA G 125 10.51 -37.31 -14.31
CA ALA G 125 11.15 -36.73 -15.50
C ALA G 125 12.51 -36.14 -15.11
N PRO G 126 13.46 -36.03 -16.05
CA PRO G 126 14.80 -35.53 -15.68
C PRO G 126 14.86 -34.01 -15.49
N PHE G 127 14.24 -33.50 -14.42
CA PHE G 127 14.30 -32.07 -14.11
C PHE G 127 15.70 -31.68 -13.66
N LYS G 128 16.15 -30.49 -14.10
CA LYS G 128 17.44 -29.92 -13.69
C LYS G 128 17.18 -28.53 -13.16
N VAL G 129 17.19 -28.36 -11.83
CA VAL G 129 16.89 -27.08 -11.20
C VAL G 129 18.00 -26.07 -11.51
N VAL G 130 17.63 -24.85 -11.93
CA VAL G 130 18.60 -23.80 -12.25
C VAL G 130 18.45 -22.62 -11.29
N LYS G 131 19.54 -21.86 -11.13
CA LYS G 131 19.58 -20.65 -10.30
C LYS G 131 20.12 -19.51 -11.16
N SER G 132 19.89 -18.24 -10.74
CA SER G 132 20.33 -17.08 -11.51
C SER G 132 21.82 -17.14 -11.84
N LEU G 133 22.16 -16.76 -13.08
CA LEU G 133 23.53 -16.71 -13.62
C LEU G 133 24.16 -18.08 -13.87
N GLU G 134 23.44 -19.19 -13.62
CA GLU G 134 23.93 -20.50 -14.03
C GLU G 134 23.71 -20.64 -15.54
N SER G 135 24.64 -21.31 -16.24
CA SER G 135 24.57 -21.44 -17.69
C SER G 135 24.72 -22.89 -18.14
N ILE G 136 24.30 -23.17 -19.37
CA ILE G 136 24.55 -24.46 -20.02
C ILE G 136 25.08 -24.19 -21.42
N ASP G 137 26.02 -25.04 -21.85
CA ASP G 137 26.66 -24.93 -23.16
C ASP G 137 25.97 -25.87 -24.13
N LEU G 138 25.53 -25.36 -25.28
CA LEU G 138 24.91 -26.17 -26.31
C LEU G 138 25.90 -26.53 -27.41
N GLY G 139 27.10 -25.94 -27.34
CA GLY G 139 28.13 -26.09 -28.37
C GLY G 139 28.18 -24.87 -29.27
N GLY G 140 28.95 -23.87 -28.85
CA GLY G 140 29.04 -22.61 -29.57
C GLY G 140 27.93 -21.63 -29.21
N LYS G 141 26.94 -22.06 -28.40
CA LYS G 141 25.85 -21.23 -27.93
C LYS G 141 25.63 -21.50 -26.45
N THR G 142 25.47 -20.45 -25.65
CA THR G 142 25.32 -20.55 -24.21
C THR G 142 23.95 -20.01 -23.81
N LEU G 143 23.22 -20.75 -22.96
CA LEU G 143 21.98 -20.28 -22.36
C LEU G 143 22.23 -19.96 -20.90
N THR G 144 21.97 -18.72 -20.49
CA THR G 144 22.14 -18.29 -19.10
C THR G 144 20.76 -18.01 -18.50
N PHE G 145 20.51 -18.56 -17.32
CA PHE G 145 19.21 -18.42 -16.67
C PHE G 145 19.23 -17.27 -15.68
N LEU G 146 18.07 -16.66 -15.50
CA LEU G 146 17.90 -15.49 -14.65
CA LEU G 146 17.91 -15.48 -14.66
C LEU G 146 16.54 -15.58 -13.98
N GLU G 147 16.53 -15.92 -12.67
CA GLU G 147 15.28 -16.16 -11.91
C GLU G 147 14.61 -14.80 -11.88
N ALA G 148 13.34 -14.76 -12.19
CA ALA G 148 12.60 -13.51 -12.22
C ALA G 148 11.33 -13.84 -11.51
N PRO G 149 11.28 -14.27 -10.05
CA PRO G 149 10.08 -14.64 -9.27
C PRO G 149 9.06 -13.51 -9.19
N LEU G 150 7.78 -13.87 -9.34
CA LEU G 150 6.66 -12.93 -9.40
C LEU G 150 6.76 -11.96 -10.58
N LEU G 151 7.38 -12.40 -11.69
CA LEU G 151 7.37 -11.68 -12.96
C LEU G 151 7.02 -12.70 -14.07
N HIS G 152 5.80 -13.27 -14.04
CA HIS G 152 4.68 -12.86 -13.17
C HIS G 152 4.28 -13.90 -12.10
N TRP G 153 4.84 -15.14 -12.13
CA TRP G 153 4.53 -16.18 -11.14
C TRP G 153 5.80 -16.52 -10.32
N PRO G 154 5.69 -17.24 -9.17
CA PRO G 154 6.91 -17.55 -8.38
C PRO G 154 7.96 -18.38 -9.12
N ASP G 155 7.52 -19.17 -10.10
CA ASP G 155 8.36 -20.08 -10.90
C ASP G 155 9.07 -19.39 -12.07
N SER G 156 8.70 -18.15 -12.40
CA SER G 156 9.17 -17.52 -13.64
C SER G 156 10.66 -17.30 -13.68
N MET G 157 11.23 -17.46 -14.87
CA MET G 157 12.62 -17.11 -15.12
C MET G 157 12.76 -16.64 -16.56
N PHE G 158 13.87 -15.98 -16.87
CA PHE G 158 14.22 -15.64 -18.24
C PHE G 158 15.40 -16.51 -18.66
N THR G 159 15.52 -16.77 -19.96
CA THR G 159 16.67 -17.47 -20.52
C THR G 159 17.35 -16.53 -21.50
N LEU G 160 18.67 -16.35 -21.37
CA LEU G 160 19.42 -15.48 -22.25
C LEU G 160 20.34 -16.31 -23.13
N TYR G 161 20.24 -16.14 -24.45
CA TYR G 161 21.21 -16.70 -25.38
C TYR G 161 22.34 -15.66 -25.46
N ALA G 162 23.37 -15.88 -24.62
CA ALA G 162 24.43 -14.91 -24.34
C ALA G 162 25.16 -14.33 -25.56
N GLU G 163 25.57 -15.19 -26.51
CA GLU G 163 26.42 -14.75 -27.62
C GLU G 163 25.72 -13.71 -28.51
N GLU G 164 24.40 -13.81 -28.70
CA GLU G 164 23.65 -12.88 -29.54
C GLU G 164 22.81 -11.88 -28.74
N GLY G 165 22.81 -12.01 -27.41
CA GLY G 165 22.04 -11.12 -26.54
C GLY G 165 20.54 -11.24 -26.75
N ILE G 166 20.03 -12.46 -27.02
CA ILE G 166 18.60 -12.68 -27.21
C ILE G 166 18.01 -13.10 -25.87
N LEU G 167 17.10 -12.28 -25.32
CA LEU G 167 16.46 -12.57 -24.04
C LEU G 167 15.11 -13.22 -24.29
N PHE G 168 14.96 -14.48 -23.89
CA PHE G 168 13.68 -15.18 -23.91
C PHE G 168 13.00 -14.87 -22.57
N SER G 169 12.13 -13.85 -22.58
CA SER G 169 11.59 -13.24 -21.37
C SER G 169 10.28 -13.87 -20.90
N ASN G 170 9.79 -14.91 -21.60
CA ASN G 170 8.48 -15.51 -21.35
C ASN G 170 7.40 -14.39 -21.36
N ASP G 171 6.48 -14.32 -20.37
CA ASP G 171 5.38 -13.34 -20.44
C ASP G 171 5.86 -11.91 -20.45
N ALA G 172 6.94 -11.58 -19.71
CA ALA G 172 7.42 -10.19 -19.66
C ALA G 172 7.67 -9.64 -21.07
N PHE G 173 7.15 -8.45 -21.36
CA PHE G 173 7.27 -7.79 -22.67
C PHE G 173 6.42 -8.45 -23.77
N GLY G 174 5.57 -9.41 -23.42
CA GLY G 174 4.67 -10.03 -24.39
C GLY G 174 3.48 -9.15 -24.71
N GLN G 175 2.76 -9.45 -25.79
CA GLN G 175 1.51 -8.78 -26.12
C GLN G 175 0.60 -9.80 -26.78
N HIS G 176 -0.69 -9.68 -26.56
CA HIS G 176 -1.61 -10.64 -27.14
C HIS G 176 -2.03 -10.20 -28.54
N LEU G 177 -1.20 -10.55 -29.53
CA LEU G 177 -1.39 -10.21 -30.94
C LEU G 177 -1.13 -11.44 -31.77
N CYS G 178 -1.94 -11.66 -32.81
CA CYS G 178 -1.77 -12.81 -33.69
C CYS G 178 -1.72 -12.33 -35.14
N PHE G 179 -0.50 -12.16 -35.65
CA PHE G 179 -0.23 -11.72 -37.01
C PHE G 179 0.69 -12.73 -37.68
N THR G 180 0.73 -12.72 -39.02
CA THR G 180 1.72 -13.53 -39.75
C THR G 180 3.11 -12.90 -39.54
N GLN G 181 3.16 -11.59 -39.32
CA GLN G 181 4.42 -10.89 -39.06
C GLN G 181 4.90 -11.23 -37.65
N ARG G 182 6.20 -11.54 -37.47
CA ARG G 182 6.73 -12.00 -36.18
C ARG G 182 7.44 -10.90 -35.38
N PHE G 183 7.88 -9.82 -36.04
CA PHE G 183 8.72 -8.82 -35.39
C PHE G 183 7.99 -7.52 -35.12
N ASP G 184 8.47 -6.77 -34.12
CA ASP G 184 7.91 -5.48 -33.71
C ASP G 184 7.82 -4.48 -34.88
N HIS G 185 8.88 -4.38 -35.69
CA HIS G 185 8.95 -3.38 -36.77
C HIS G 185 8.03 -3.67 -37.96
N GLU G 186 7.46 -4.87 -38.04
CA GLU G 186 6.63 -5.27 -39.18
C GLU G 186 5.15 -4.93 -39.06
N ILE G 187 4.71 -4.43 -37.90
CA ILE G 187 3.30 -4.06 -37.72
C ILE G 187 3.20 -2.57 -37.34
N PRO G 188 2.03 -1.94 -37.46
CA PRO G 188 1.92 -0.53 -37.07
C PRO G 188 2.26 -0.31 -35.60
N GLU G 189 3.07 0.71 -35.30
CA GLU G 189 3.54 1.01 -33.94
C GLU G 189 2.38 1.16 -32.95
N ASN G 190 1.30 1.84 -33.34
CA ASN G 190 0.16 2.05 -32.46
CA ASN G 190 0.18 2.06 -32.42
C ASN G 190 -0.46 0.72 -32.01
N ILE G 191 -0.56 -0.26 -32.93
CA ILE G 191 -1.12 -1.57 -32.59
C ILE G 191 -0.21 -2.25 -31.56
N LEU G 192 1.09 -2.25 -31.86
CA LEU G 192 2.09 -2.88 -30.99
C LEU G 192 2.10 -2.26 -29.58
N MET G 193 2.20 -0.92 -29.50
CA MET G 193 2.31 -0.27 -28.20
C MET G 193 0.99 -0.26 -27.44
N ASP G 194 -0.15 -0.28 -28.15
CA ASP G 194 -1.46 -0.38 -27.49
C ASP G 194 -1.59 -1.78 -26.86
N ALA G 195 -1.17 -2.83 -27.59
CA ALA G 195 -1.24 -4.21 -27.06
C ALA G 195 -0.24 -4.39 -25.92
N ASN G 196 0.92 -3.76 -26.02
CA ASN G 196 1.92 -3.80 -24.95
C ASN G 196 1.36 -3.13 -23.68
N GLN G 197 0.68 -1.99 -23.86
CA GLN G 197 0.07 -1.25 -22.75
C GLN G 197 -1.01 -2.09 -22.08
N LYS G 198 -1.85 -2.75 -22.88
CA LYS G 198 -2.92 -3.60 -22.36
C LYS G 198 -2.30 -4.76 -21.56
N PHE G 199 -1.22 -5.35 -22.07
CA PHE G 199 -0.57 -6.47 -21.40
C PHE G 199 0.03 -6.02 -20.05
N TYR G 200 0.75 -4.89 -20.04
CA TYR G 200 1.27 -4.32 -18.79
C TYR G 200 0.13 -4.08 -17.80
N ALA G 201 -0.92 -3.35 -18.23
CA ALA G 201 -2.04 -2.96 -17.36
C ALA G 201 -2.67 -4.16 -16.66
N ASN G 202 -2.92 -5.23 -17.40
CA ASN G 202 -3.63 -6.39 -16.88
C ASN G 202 -2.74 -7.39 -16.14
N LEU G 203 -1.46 -7.50 -16.53
CA LEU G 203 -0.59 -8.53 -15.98
C LEU G 203 0.57 -8.03 -15.12
N ILE G 204 1.03 -6.79 -15.35
CA ILE G 204 2.25 -6.31 -14.69
C ILE G 204 2.01 -5.23 -13.62
N THR G 205 0.90 -4.47 -13.71
CA THR G 205 0.67 -3.34 -12.77
C THR G 205 1.03 -3.63 -11.31
N PRO G 206 0.51 -4.70 -10.66
CA PRO G 206 0.83 -4.91 -9.23
C PRO G 206 2.30 -5.28 -8.99
N LEU G 207 3.04 -5.62 -10.05
CA LEU G 207 4.46 -5.99 -10.00
C LEU G 207 5.36 -4.79 -10.34
N SER G 208 4.80 -3.58 -10.45
CA SER G 208 5.56 -2.39 -10.89
C SER G 208 6.84 -2.15 -10.09
N LYS G 209 6.81 -2.35 -8.76
CA LYS G 209 8.03 -2.18 -7.94
C LYS G 209 9.06 -3.27 -8.25
N LEU G 210 8.60 -4.51 -8.50
CA LEU G 210 9.50 -5.62 -8.85
C LEU G 210 10.10 -5.42 -10.24
N VAL G 211 9.37 -4.77 -11.16
CA VAL G 211 9.89 -4.45 -12.50
C VAL G 211 11.10 -3.52 -12.35
N LEU G 212 10.94 -2.45 -11.58
CA LEU G 212 12.03 -1.49 -11.34
C LEU G 212 13.21 -2.13 -10.62
N LYS G 213 12.95 -3.07 -9.69
CA LYS G 213 14.04 -3.77 -8.99
C LYS G 213 14.77 -4.72 -9.95
N LYS G 214 14.03 -5.40 -10.84
CA LYS G 214 14.67 -6.26 -11.83
C LYS G 214 15.52 -5.42 -12.82
N PHE G 215 15.05 -4.20 -13.15
CA PHE G 215 15.79 -3.32 -14.06
C PHE G 215 17.10 -2.81 -13.41
N LYS G 216 17.11 -2.59 -12.08
CA LYS G 216 18.36 -2.19 -11.40
C LYS G 216 19.34 -3.35 -11.37
N GLU G 217 18.87 -4.55 -11.01
CA GLU G 217 19.71 -5.74 -11.00
C GLU G 217 20.35 -5.96 -12.38
N VAL G 218 19.57 -5.85 -13.47
CA VAL G 218 20.08 -6.03 -14.82
C VAL G 218 21.08 -4.92 -15.19
N ILE G 219 20.82 -3.67 -14.77
CA ILE G 219 21.74 -2.55 -15.04
C ILE G 219 23.04 -2.70 -14.21
N GLU G 220 22.94 -3.19 -12.97
CA GLU G 220 24.12 -3.40 -12.11
C GLU G 220 25.05 -4.48 -12.66
N LEU G 221 24.48 -5.48 -13.36
CA LEU G 221 25.24 -6.54 -14.00
C LEU G 221 25.78 -6.11 -15.38
N GLY G 222 25.46 -4.88 -15.81
CA GLY G 222 25.91 -4.33 -17.09
C GLY G 222 25.30 -5.00 -18.29
N LEU G 223 24.20 -5.73 -18.10
CA LEU G 223 23.59 -6.56 -19.12
C LEU G 223 22.47 -5.85 -19.91
N LEU G 224 22.04 -4.64 -19.48
CA LEU G 224 20.92 -3.96 -20.16
C LEU G 224 21.28 -3.50 -21.58
N GLU G 225 22.44 -2.85 -21.77
CA GLU G 225 22.86 -2.43 -23.11
C GLU G 225 23.25 -3.61 -24.00
N LYS G 226 23.51 -4.78 -23.39
CA LYS G 226 23.86 -5.99 -24.13
C LYS G 226 22.64 -6.72 -24.73
N ILE G 227 21.41 -6.45 -24.27
CA ILE G 227 20.22 -7.11 -24.83
C ILE G 227 19.98 -6.57 -26.24
N LYS G 228 20.08 -7.44 -27.26
CA LYS G 228 19.89 -7.04 -28.65
C LYS G 228 18.49 -7.37 -29.14
N MET G 229 17.82 -8.34 -28.51
CA MET G 229 16.48 -8.75 -28.93
C MET G 229 15.73 -9.33 -27.74
N ILE G 230 14.43 -9.01 -27.61
CA ILE G 230 13.60 -9.62 -26.58
C ILE G 230 12.57 -10.46 -27.29
N ALA G 231 12.58 -11.77 -27.05
CA ALA G 231 11.69 -12.73 -27.68
C ALA G 231 10.71 -13.27 -26.61
N PRO G 232 9.55 -12.60 -26.43
CA PRO G 232 8.65 -12.99 -25.34
C PRO G 232 7.78 -14.18 -25.72
N SER G 233 6.93 -14.64 -24.78
CA SER G 233 6.11 -15.82 -25.00
C SER G 233 4.77 -15.54 -25.73
N HIS G 234 4.40 -14.26 -25.94
CA HIS G 234 3.21 -13.90 -26.72
C HIS G 234 3.54 -12.73 -27.62
N GLY G 235 3.02 -12.77 -28.84
CA GLY G 235 3.06 -11.63 -29.74
C GLY G 235 4.39 -11.41 -30.44
N GLN G 236 4.73 -10.14 -30.66
CA GLN G 236 5.88 -9.76 -31.46
C GLN G 236 7.22 -9.90 -30.74
N ILE G 237 8.27 -10.15 -31.51
CA ILE G 237 9.64 -10.19 -31.02
C ILE G 237 10.22 -8.77 -31.17
N TRP G 238 10.83 -8.25 -30.10
CA TRP G 238 11.36 -6.89 -30.10
C TRP G 238 12.77 -6.87 -30.68
N THR G 239 12.92 -6.34 -31.90
CA THR G 239 14.25 -6.06 -32.46
C THR G 239 14.76 -4.73 -31.89
N ASP G 240 13.86 -3.94 -31.27
CA ASP G 240 14.21 -2.69 -30.57
C ASP G 240 13.87 -2.87 -29.08
N PRO G 241 14.69 -3.65 -28.34
CA PRO G 241 14.38 -3.90 -26.93
C PRO G 241 14.20 -2.66 -26.05
N MET G 242 14.99 -1.60 -26.30
CA MET G 242 14.87 -0.39 -25.48
C MET G 242 13.51 0.29 -25.63
N LYS G 243 12.78 0.04 -26.73
CA LYS G 243 11.45 0.59 -26.90
C LYS G 243 10.47 0.01 -25.86
N VAL G 244 10.49 -1.32 -25.65
CA VAL G 244 9.59 -1.92 -24.67
C VAL G 244 10.10 -1.73 -23.24
N ILE G 245 11.43 -1.76 -23.03
CA ILE G 245 11.97 -1.49 -21.69
C ILE G 245 11.59 -0.08 -21.26
N GLY G 246 11.72 0.88 -22.18
CA GLY G 246 11.31 2.26 -21.94
C GLY G 246 9.83 2.39 -21.63
N ALA G 247 8.97 1.66 -22.34
CA ALA G 247 7.53 1.67 -22.07
C ALA G 247 7.26 1.11 -20.67
N TYR G 248 7.93 0.01 -20.29
CA TYR G 248 7.78 -0.59 -18.96
C TYR G 248 8.24 0.37 -17.87
N GLN G 249 9.36 1.07 -18.09
CA GLN G 249 9.87 2.06 -17.14
C GLN G 249 8.82 3.16 -16.91
N ASP G 250 8.20 3.64 -18.00
CA ASP G 250 7.16 4.68 -17.91
C ASP G 250 5.94 4.19 -17.14
N PHE G 251 5.45 2.97 -17.46
CA PHE G 251 4.28 2.41 -16.77
C PHE G 251 4.59 2.13 -15.30
N ALA G 252 5.80 1.66 -15.00
CA ALA G 252 6.15 1.31 -13.62
C ALA G 252 6.36 2.55 -12.74
N THR G 253 6.54 3.74 -13.33
CA THR G 253 6.82 4.98 -12.56
C THR G 253 5.69 6.02 -12.68
N GLY G 254 4.54 5.65 -13.21
CA GLY G 254 3.38 6.53 -13.24
C GLY G 254 3.41 7.66 -14.25
N LYS G 255 4.09 7.46 -15.40
CA LYS G 255 4.08 8.47 -16.46
C LYS G 255 2.76 8.35 -17.24
N CYS G 256 1.87 9.34 -17.08
CA CYS G 256 0.52 9.32 -17.66
C CYS G 256 0.33 10.48 -18.61
N LYS G 257 -0.75 10.41 -19.40
CA LYS G 257 -1.17 11.48 -20.30
C LYS G 257 -2.18 12.38 -19.61
N ASP G 258 -2.47 13.55 -20.21
CA ASP G 258 -3.54 14.42 -19.72
C ASP G 258 -4.83 13.82 -20.22
N LYS G 259 -5.32 12.84 -19.48
CA LYS G 259 -6.36 11.92 -19.96
C LYS G 259 -7.13 11.41 -18.77
N VAL G 260 -8.45 11.26 -18.95
CA VAL G 260 -9.35 10.76 -17.92
C VAL G 260 -10.07 9.54 -18.50
N THR G 261 -10.15 8.45 -17.72
CA THR G 261 -10.98 7.30 -18.09
C THR G 261 -12.28 7.39 -17.29
N ILE G 262 -13.42 7.31 -17.96
CA ILE G 262 -14.72 7.38 -17.31
C ILE G 262 -15.40 6.04 -17.48
N VAL G 263 -15.89 5.46 -16.38
CA VAL G 263 -16.58 4.18 -16.43
C VAL G 263 -17.91 4.35 -15.73
N TYR G 264 -18.99 3.80 -16.29
CA TYR G 264 -20.26 3.86 -15.61
C TYR G 264 -21.15 2.69 -15.98
N ASP G 265 -22.22 2.49 -15.21
CA ASP G 265 -23.34 1.65 -15.61
C ASP G 265 -24.61 2.41 -15.32
N THR G 266 -25.71 1.98 -15.93
CA THR G 266 -26.99 2.67 -15.82
C THR G 266 -28.09 1.66 -16.08
N MET G 267 -29.26 1.89 -15.50
CA MET G 267 -30.45 1.11 -15.81
C MET G 267 -31.37 1.97 -16.67
N HIS G 268 -31.64 3.22 -16.25
CA HIS G 268 -32.58 4.12 -16.93
C HIS G 268 -31.93 5.33 -17.63
N GLY G 269 -30.60 5.35 -17.75
CA GLY G 269 -29.88 6.37 -18.51
C GLY G 269 -29.45 7.62 -17.78
N SER G 270 -29.82 7.81 -16.52
CA SER G 270 -29.47 9.05 -15.82
C SER G 270 -27.98 9.14 -15.46
N THR G 271 -27.39 8.03 -15.01
CA THR G 271 -25.94 8.01 -14.71
C THR G 271 -25.16 8.17 -16.02
N GLN G 272 -25.70 7.67 -17.15
CA GLN G 272 -25.07 7.85 -18.46
C GLN G 272 -25.04 9.34 -18.84
N LYS G 273 -26.16 10.05 -18.67
CA LYS G 273 -26.20 11.50 -18.95
C LYS G 273 -25.18 12.25 -18.09
N MET G 274 -25.05 11.86 -16.81
CA MET G 274 -24.04 12.48 -15.94
C MET G 274 -22.64 12.22 -16.50
N ALA G 275 -22.33 10.95 -16.85
CA ALA G 275 -21.01 10.57 -17.38
C ALA G 275 -20.64 11.42 -18.59
N HIS G 276 -21.60 11.57 -19.53
CA HIS G 276 -21.37 12.36 -20.74
C HIS G 276 -21.17 13.85 -20.43
N ALA G 277 -21.85 14.36 -19.39
CA ALA G 277 -21.69 15.77 -18.98
C ALA G 277 -20.33 16.02 -18.30
N PHE G 278 -19.85 15.08 -17.46
CA PHE G 278 -18.49 15.17 -16.93
C PHE G 278 -17.46 15.23 -18.07
N ALA G 279 -17.65 14.37 -19.10
CA ALA G 279 -16.73 14.33 -20.25
C ALA G 279 -16.68 15.70 -20.94
N GLU G 280 -17.82 16.36 -21.11
CA GLU G 280 -17.86 17.68 -21.77
C GLU G 280 -17.02 18.71 -21.01
N GLY G 281 -17.12 18.71 -19.68
CA GLY G 281 -16.33 19.59 -18.84
C GLY G 281 -14.84 19.31 -18.95
N ILE G 282 -14.46 18.03 -18.96
CA ILE G 282 -13.06 17.63 -19.10
C ILE G 282 -12.51 18.07 -20.47
N MET G 283 -13.27 17.81 -21.54
CA MET G 283 -12.87 18.16 -22.90
C MET G 283 -12.75 19.68 -23.09
N SER G 284 -13.54 20.48 -22.37
CA SER G 284 -13.44 21.94 -22.44
C SER G 284 -12.04 22.44 -22.02
N GLU G 285 -11.26 21.62 -21.30
CA GLU G 285 -9.91 21.98 -20.87
C GLU G 285 -8.82 21.34 -21.75
N GLY G 286 -9.22 20.73 -22.87
CA GLY G 286 -8.29 20.05 -23.76
C GLY G 286 -7.74 18.76 -23.22
N VAL G 287 -8.40 18.17 -22.21
CA VAL G 287 -7.96 16.91 -21.60
C VAL G 287 -8.73 15.75 -22.29
N ASP G 288 -8.02 14.66 -22.62
CA ASP G 288 -8.62 13.56 -23.38
C ASP G 288 -9.53 12.73 -22.49
N VAL G 289 -10.48 12.02 -23.11
CA VAL G 289 -11.45 11.21 -22.38
C VAL G 289 -11.62 9.86 -23.06
N LYS G 290 -11.63 8.79 -22.27
CA LYS G 290 -12.04 7.46 -22.74
CA LYS G 290 -12.04 7.46 -22.75
C LYS G 290 -13.28 7.08 -21.94
N MET G 291 -14.34 6.68 -22.63
CA MET G 291 -15.65 6.42 -22.01
C MET G 291 -15.98 4.95 -22.11
N TYR G 292 -16.35 4.33 -20.97
CA TYR G 292 -16.71 2.92 -20.94
C TYR G 292 -18.04 2.73 -20.26
N PHE G 293 -18.89 1.90 -20.86
CA PHE G 293 -20.20 1.56 -20.36
C PHE G 293 -20.16 0.10 -19.97
N LEU G 294 -20.25 -0.20 -18.66
CA LEU G 294 -20.05 -1.58 -18.15
C LEU G 294 -21.04 -2.60 -18.71
N HIS G 295 -22.20 -2.15 -19.19
CA HIS G 295 -23.13 -3.08 -19.85
C HIS G 295 -22.47 -3.79 -21.03
N ASN G 296 -21.64 -3.07 -21.80
CA ASN G 296 -21.06 -3.59 -23.04
C ASN G 296 -19.59 -3.89 -22.90
N ASP G 297 -18.88 -3.06 -22.14
CA ASP G 297 -17.43 -3.07 -22.09
C ASP G 297 -16.92 -3.95 -20.99
N GLU G 298 -15.64 -4.32 -21.07
CA GLU G 298 -15.10 -5.26 -20.09
C GLU G 298 -13.76 -4.81 -19.53
N ARG G 299 -13.44 -5.39 -18.39
CA ARG G 299 -12.38 -4.92 -17.53
C ARG G 299 -11.02 -4.77 -18.19
N SER G 300 -10.65 -5.64 -19.16
CA SER G 300 -9.27 -5.60 -19.67
C SER G 300 -8.95 -4.35 -20.51
N GLU G 301 -9.92 -3.82 -21.24
CA GLU G 301 -9.73 -2.57 -21.99
C GLU G 301 -9.78 -1.38 -21.02
N ILE G 302 -10.69 -1.43 -20.04
CA ILE G 302 -10.78 -0.35 -19.07
C ILE G 302 -9.44 -0.13 -18.37
N VAL G 303 -8.82 -1.20 -17.84
CA VAL G 303 -7.59 -1.03 -17.07
C VAL G 303 -6.42 -0.62 -17.97
N LYS G 304 -6.44 -1.00 -19.27
CA LYS G 304 -5.47 -0.51 -20.24
C LYS G 304 -5.46 1.02 -20.26
N ASP G 305 -6.65 1.64 -20.34
CA ASP G 305 -6.74 3.09 -20.40
C ASP G 305 -6.49 3.77 -19.06
N ILE G 306 -6.86 3.13 -17.92
CA ILE G 306 -6.53 3.71 -16.61
C ILE G 306 -5.00 3.84 -16.47
N LEU G 307 -4.25 2.84 -16.98
CA LEU G 307 -2.79 2.83 -16.83
C LEU G 307 -2.10 4.12 -17.25
N ASP G 308 -2.54 4.78 -18.33
CA ASP G 308 -1.92 6.07 -18.69
C ASP G 308 -2.90 7.25 -18.57
N SER G 309 -3.91 7.11 -17.69
CA SER G 309 -4.81 8.20 -17.34
C SER G 309 -4.36 8.79 -16.01
N LYS G 310 -4.42 10.10 -15.88
CA LYS G 310 -4.12 10.75 -14.61
C LYS G 310 -5.34 10.72 -13.68
N ALA G 311 -6.53 10.47 -14.23
CA ALA G 311 -7.75 10.44 -13.42
C ALA G 311 -8.73 9.39 -13.90
N PHE G 312 -9.59 8.95 -12.98
CA PHE G 312 -10.54 7.88 -13.22
C PHE G 312 -11.89 8.26 -12.58
N LEU G 313 -12.98 8.28 -13.37
CA LEU G 313 -14.33 8.55 -12.87
C LEU G 313 -15.13 7.24 -12.87
N LEU G 314 -15.90 6.99 -11.80
CA LEU G 314 -16.71 5.78 -11.72
C LEU G 314 -18.11 6.15 -11.27
N GLY G 315 -19.11 5.76 -12.07
CA GLY G 315 -20.48 6.12 -11.79
C GLY G 315 -21.44 4.95 -11.87
N ALA G 316 -22.45 4.93 -11.00
CA ALA G 316 -23.46 3.87 -11.05
C ALA G 316 -24.68 4.30 -10.26
N PRO G 317 -25.87 3.82 -10.63
CA PRO G 317 -27.05 4.11 -9.83
C PRO G 317 -27.07 3.29 -8.54
N THR G 318 -27.97 3.66 -7.61
CA THR G 318 -28.12 2.90 -6.35
C THR G 318 -29.21 1.85 -6.52
N ILE G 319 -28.94 0.64 -6.07
CA ILE G 319 -29.93 -0.44 -6.06
C ILE G 319 -29.84 -1.14 -4.69
N TYR G 320 -30.91 -1.09 -3.89
CA TYR G 320 -30.93 -1.65 -2.53
C TYR G 320 -29.75 -1.15 -1.69
N ASP G 321 -29.54 0.18 -1.66
CA ASP G 321 -28.50 0.86 -0.88
C ASP G 321 -27.06 0.62 -1.37
N GLU G 322 -26.89 -0.13 -2.48
CA GLU G 322 -25.56 -0.48 -2.98
C GLU G 322 -25.39 0.12 -4.37
N PRO G 323 -24.14 0.29 -4.86
CA PRO G 323 -23.98 0.65 -6.27
C PRO G 323 -24.38 -0.51 -7.17
N PHE G 324 -24.87 -0.21 -8.40
CA PHE G 324 -25.23 -1.24 -9.37
C PHE G 324 -24.13 -2.32 -9.42
N PRO G 325 -24.49 -3.62 -9.36
CA PRO G 325 -23.47 -4.65 -9.05
C PRO G 325 -22.35 -4.85 -10.05
N SER G 326 -22.53 -4.48 -11.32
CA SER G 326 -21.45 -4.63 -12.31
C SER G 326 -20.15 -3.93 -11.91
N VAL G 327 -20.23 -2.85 -11.09
CA VAL G 327 -19.01 -2.17 -10.64
C VAL G 327 -18.16 -3.10 -9.74
N GLY G 328 -18.81 -4.04 -9.06
CA GLY G 328 -18.12 -4.97 -8.16
C GLY G 328 -17.03 -5.78 -8.85
N ASP G 329 -17.27 -6.18 -10.10
CA ASP G 329 -16.28 -6.90 -10.89
C ASP G 329 -15.04 -6.01 -11.12
N LEU G 330 -15.24 -4.79 -11.64
CA LEU G 330 -14.12 -3.90 -11.88
C LEU G 330 -13.38 -3.56 -10.57
N ILE G 331 -14.13 -3.28 -9.48
CA ILE G 331 -13.51 -2.93 -8.19
C ILE G 331 -12.65 -4.08 -7.67
N TYR G 332 -13.15 -5.34 -7.74
CA TYR G 332 -12.35 -6.50 -7.31
C TYR G 332 -11.07 -6.61 -8.13
N TYR G 333 -11.17 -6.32 -9.44
CA TYR G 333 -10.02 -6.37 -10.31
C TYR G 333 -9.01 -5.26 -9.94
N LEU G 334 -9.49 -4.03 -9.73
CA LEU G 334 -8.61 -2.91 -9.36
C LEU G 334 -7.96 -3.15 -8.00
N LYS G 335 -8.67 -3.82 -7.07
CA LYS G 335 -8.09 -4.17 -5.77
C LYS G 335 -6.88 -5.10 -5.92
N GLY G 336 -6.94 -6.00 -6.90
CA GLY G 336 -5.83 -6.87 -7.23
C GLY G 336 -4.70 -6.17 -7.98
N LEU G 337 -5.04 -5.30 -8.94
CA LEU G 337 -4.02 -4.64 -9.77
C LEU G 337 -3.21 -3.60 -9.02
N LYS G 338 -3.81 -2.93 -8.02
CA LYS G 338 -3.08 -1.97 -7.17
C LYS G 338 -2.31 -0.93 -8.00
N PHE G 339 -3.05 -0.06 -8.69
CA PHE G 339 -2.44 0.98 -9.54
C PHE G 339 -1.55 1.93 -8.76
N ASN G 340 -1.76 2.09 -7.45
CA ASN G 340 -0.89 2.91 -6.59
C ASN G 340 0.57 2.38 -6.60
N ARG G 341 0.80 1.07 -6.96
CA ARG G 341 2.15 0.50 -7.05
C ARG G 341 2.98 1.15 -8.15
N THR G 342 2.33 1.86 -9.11
CA THR G 342 3.03 2.59 -10.16
C THR G 342 3.69 3.88 -9.65
N GLY G 343 3.46 4.23 -8.38
CA GLY G 343 4.02 5.44 -7.78
C GLY G 343 3.15 6.67 -7.98
N LEU G 344 1.93 6.48 -8.50
CA LEU G 344 0.99 7.58 -8.72
C LEU G 344 -0.36 7.22 -8.13
N LYS G 345 -0.96 8.15 -7.37
CA LYS G 345 -2.34 8.04 -6.90
C LYS G 345 -3.18 8.82 -7.90
N ARG G 346 -3.78 8.14 -8.87
CA ARG G 346 -4.60 8.81 -9.87
C ARG G 346 -5.80 9.48 -9.21
N LEU G 347 -6.22 10.64 -9.73
CA LEU G 347 -7.36 11.37 -9.18
C LEU G 347 -8.64 10.64 -9.53
N ALA G 348 -9.69 10.82 -8.71
CA ALA G 348 -10.95 10.14 -8.99
C ALA G 348 -12.16 10.91 -8.49
N LEU G 349 -13.30 10.60 -9.10
CA LEU G 349 -14.60 11.16 -8.72
CA LEU G 349 -14.59 11.16 -8.75
C LEU G 349 -15.60 10.02 -8.78
N ALA G 350 -16.54 9.99 -7.82
CA ALA G 350 -17.61 8.99 -7.82
C ALA G 350 -18.92 9.71 -8.11
N PHE G 351 -19.82 9.10 -8.87
CA PHE G 351 -21.09 9.76 -9.18
C PHE G 351 -22.19 8.75 -9.43
N GLY G 352 -23.42 9.25 -9.49
CA GLY G 352 -24.54 8.37 -9.76
C GLY G 352 -25.90 9.00 -9.54
N SER G 353 -26.94 8.33 -10.02
CA SER G 353 -28.30 8.74 -9.81
C SER G 353 -28.96 7.80 -8.81
N MET G 354 -29.99 8.27 -8.12
CA MET G 354 -30.71 7.46 -7.13
C MET G 354 -32.16 7.93 -7.04
N GLY G 355 -32.99 7.18 -6.34
CA GLY G 355 -34.41 7.48 -6.25
C GLY G 355 -35.02 7.44 -4.86
N GLY G 356 -34.18 7.41 -3.83
CA GLY G 356 -34.68 7.36 -2.45
C GLY G 356 -33.62 7.81 -1.46
N ASN G 357 -33.10 6.87 -0.65
CA ASN G 357 -32.08 7.20 0.33
C ASN G 357 -30.68 7.34 -0.30
N GLY G 358 -30.49 6.79 -1.50
CA GLY G 358 -29.19 6.84 -2.16
C GLY G 358 -28.13 6.03 -1.41
N GLY G 359 -26.88 6.44 -1.53
CA GLY G 359 -25.78 5.78 -0.83
C GLY G 359 -24.77 5.07 -1.72
N GLY G 360 -25.16 4.74 -2.95
CA GLY G 360 -24.28 4.08 -3.89
C GLY G 360 -23.00 4.84 -4.18
N THR G 361 -23.09 6.17 -4.32
CA THR G 361 -21.92 6.99 -4.62
C THR G 361 -20.93 7.01 -3.43
N LYS G 362 -21.45 7.00 -2.19
CA LYS G 362 -20.59 6.96 -1.00
C LYS G 362 -19.82 5.65 -0.96
N VAL G 363 -20.45 4.53 -1.35
CA VAL G 363 -19.76 3.24 -1.43
C VAL G 363 -18.68 3.32 -2.51
N LEU G 364 -19.01 3.85 -3.69
CA LEU G 364 -18.02 3.97 -4.78
C LEU G 364 -16.79 4.77 -4.33
N ALA G 365 -17.01 5.91 -3.67
CA ALA G 365 -15.92 6.74 -3.17
C ALA G 365 -15.03 5.96 -2.20
N GLU G 366 -15.63 5.18 -1.30
CA GLU G 366 -14.89 4.35 -0.34
C GLU G 366 -14.07 3.27 -1.06
N LYS G 367 -14.66 2.63 -2.07
CA LYS G 367 -13.96 1.57 -2.81
C LYS G 367 -12.83 2.14 -3.67
N LEU G 368 -13.04 3.32 -4.28
CA LEU G 368 -11.99 3.96 -5.07
C LEU G 368 -10.77 4.28 -4.19
N LYS G 369 -11.03 4.79 -2.97
CA LYS G 369 -9.97 5.04 -1.99
C LYS G 369 -9.20 3.74 -1.69
N GLU G 370 -9.90 2.62 -1.46
CA GLU G 370 -9.27 1.31 -1.19
C GLU G 370 -8.43 0.82 -2.37
N CYS G 371 -8.81 1.19 -3.60
CA CYS G 371 -8.07 0.81 -4.82
C CYS G 371 -6.87 1.74 -5.12
N GLY G 372 -6.58 2.69 -4.23
CA GLY G 372 -5.41 3.54 -4.35
C GLY G 372 -5.63 4.84 -5.09
N PHE G 373 -6.90 5.23 -5.36
CA PHE G 373 -7.15 6.50 -6.04
C PHE G 373 -7.28 7.64 -5.05
N GLU G 374 -7.01 8.86 -5.52
CA GLU G 374 -7.20 10.07 -4.72
C GLU G 374 -8.58 10.64 -5.05
N VAL G 375 -9.59 10.32 -4.24
CA VAL G 375 -10.98 10.73 -4.52
C VAL G 375 -11.19 12.20 -4.14
N LEU G 376 -11.44 13.05 -5.12
CA LEU G 376 -11.58 14.50 -4.90
C LEU G 376 -13.00 14.93 -4.57
N ASP G 377 -14.02 14.21 -5.08
CA ASP G 377 -15.41 14.60 -4.83
C ASP G 377 -16.36 13.47 -5.18
N GLU G 378 -17.61 13.65 -4.82
CA GLU G 378 -18.64 12.68 -5.13
C GLU G 378 -19.93 13.44 -5.42
N TYR G 379 -20.72 12.95 -6.38
CA TYR G 379 -21.95 13.66 -6.73
C TYR G 379 -23.07 12.70 -7.04
N GLU G 380 -24.12 12.72 -6.21
CA GLU G 380 -25.28 11.87 -6.37
C GLU G 380 -26.51 12.76 -6.55
N LEU G 381 -27.39 12.44 -7.51
CA LEU G 381 -28.60 13.22 -7.74
C LEU G 381 -29.83 12.34 -7.85
N TYR G 382 -31.00 12.98 -7.84
CA TYR G 382 -32.30 12.32 -7.82
C TYR G 382 -32.80 12.08 -9.25
N TYR G 383 -32.98 10.80 -9.64
CA TYR G 383 -33.55 10.45 -10.95
C TYR G 383 -32.89 11.20 -12.13
N VAL G 384 -33.67 11.84 -13.03
CA VAL G 384 -33.14 12.39 -14.27
C VAL G 384 -32.47 13.75 -14.03
N PRO G 385 -31.21 13.96 -14.46
CA PRO G 385 -30.56 15.26 -14.19
C PRO G 385 -31.28 16.42 -14.86
N THR G 386 -31.38 17.56 -14.15
CA THR G 386 -31.88 18.81 -14.75
C THR G 386 -30.72 19.46 -15.50
N GLU G 387 -31.01 20.55 -16.22
CA GLU G 387 -29.97 21.32 -16.92
C GLU G 387 -28.92 21.83 -15.94
N ASP G 388 -29.34 22.35 -14.77
CA ASP G 388 -28.40 22.84 -13.75
C ASP G 388 -27.52 21.72 -13.22
N GLU G 389 -28.08 20.52 -13.04
CA GLU G 389 -27.31 19.39 -12.56
C GLU G 389 -26.29 18.89 -13.60
N LEU G 390 -26.62 18.93 -14.90
CA LEU G 390 -25.66 18.59 -15.94
C LEU G 390 -24.58 19.67 -16.06
N GLU G 391 -24.93 20.93 -15.78
CA GLU G 391 -23.92 21.99 -15.75
C GLU G 391 -22.98 21.79 -14.54
N LYS G 392 -23.49 21.29 -13.41
CA LYS G 392 -22.64 20.95 -12.27
C LYS G 392 -21.66 19.84 -12.65
N CYS G 393 -22.14 18.79 -13.37
CA CYS G 393 -21.24 17.72 -13.84
C CYS G 393 -20.15 18.31 -14.72
N TYR G 394 -20.55 19.18 -15.65
CA TYR G 394 -19.60 19.83 -16.56
C TYR G 394 -18.56 20.63 -15.74
N ASN G 395 -19.01 21.43 -14.77
CA ASN G 395 -18.10 22.23 -13.95
C ASN G 395 -17.16 21.38 -13.11
N MET G 396 -17.66 20.27 -12.56
CA MET G 396 -16.81 19.36 -11.80
C MET G 396 -15.73 18.72 -12.69
N GLY G 397 -16.10 18.31 -13.90
CA GLY G 397 -15.16 17.74 -14.85
C GLY G 397 -14.12 18.76 -15.29
N LYS G 398 -14.57 20.01 -15.50
CA LYS G 398 -13.68 21.11 -15.86
C LYS G 398 -12.65 21.34 -14.75
N ARG G 399 -13.10 21.41 -13.48
CA ARG G 399 -12.21 21.59 -12.34
C ARG G 399 -11.22 20.43 -12.23
N LEU G 400 -11.71 19.20 -12.42
CA LEU G 400 -10.85 18.03 -12.42
C LEU G 400 -9.78 18.12 -13.50
N ALA G 401 -10.17 18.50 -14.73
CA ALA G 401 -9.23 18.60 -15.85
C ALA G 401 -8.13 19.64 -15.58
N VAL G 402 -8.46 20.74 -14.87
CA VAL G 402 -7.45 21.75 -14.49
C VAL G 402 -6.42 21.11 -13.55
N LYS G 403 -6.88 20.35 -12.55
CA LYS G 403 -6.00 19.64 -11.62
C LYS G 403 -5.16 18.60 -12.34
N VAL G 404 -5.75 17.87 -13.31
CA VAL G 404 -5.03 16.90 -14.13
C VAL G 404 -3.85 17.58 -14.86
N LYS G 405 -4.08 18.72 -15.51
CA LYS G 405 -3.03 19.46 -16.18
C LYS G 405 -1.98 20.02 -15.20
N GLU G 406 -2.37 20.28 -13.94
CA GLU G 406 -1.43 20.74 -12.91
C GLU G 406 -0.54 19.60 -12.37
N MET G 407 -0.94 18.32 -12.54
CA MET G 407 -0.12 17.19 -12.08
C MET G 407 1.11 17.05 -12.97
N LYS G 408 2.29 16.85 -12.37
CA LYS G 408 3.54 16.65 -13.12
C LYS G 408 4.03 15.21 -12.94
N MET H 1 -51.08 2.38 -34.41
N MET H 1 -50.16 -0.56 -34.37
CA MET H 1 -51.23 0.99 -34.84
CA MET H 1 -51.03 0.59 -34.20
C MET H 1 -52.53 0.37 -34.33
C MET H 1 -52.49 0.17 -34.11
N LYS H 2 -53.01 -0.64 -35.05
CA LYS H 2 -54.25 -1.34 -34.74
C LYS H 2 -53.84 -2.56 -33.89
N ALA H 3 -54.40 -2.65 -32.69
CA ALA H 3 -54.05 -3.71 -31.72
C ALA H 3 -55.25 -3.90 -30.81
N ASP H 4 -55.67 -5.15 -30.57
CA ASP H 4 -56.90 -5.40 -29.81
C ASP H 4 -56.69 -5.35 -28.29
N ALA H 5 -57.64 -4.78 -27.57
CA ALA H 5 -57.67 -4.86 -26.10
C ALA H 5 -58.14 -6.26 -25.72
N VAL H 6 -57.89 -6.68 -24.48
CA VAL H 6 -58.34 -7.97 -23.97
C VAL H 6 -59.22 -7.71 -22.75
N LYS H 7 -60.50 -8.14 -22.80
CA LYS H 7 -61.40 -7.95 -21.68
C LYS H 7 -61.01 -8.87 -20.51
N ILE H 8 -60.92 -8.34 -19.30
CA ILE H 8 -60.58 -9.14 -18.11
C ILE H 8 -61.75 -9.17 -17.10
N ALA H 9 -62.74 -8.28 -17.27
CA ALA H 9 -63.97 -8.26 -16.49
C ALA H 9 -64.95 -7.31 -17.19
N ASP H 10 -66.20 -7.25 -16.74
CA ASP H 10 -67.16 -6.34 -17.37
C ASP H 10 -66.65 -4.90 -17.29
N GLY H 11 -66.48 -4.26 -18.45
CA GLY H 11 -65.96 -2.90 -18.54
C GLY H 11 -64.51 -2.72 -18.09
N VAL H 12 -63.72 -3.81 -18.06
CA VAL H 12 -62.29 -3.71 -17.66
C VAL H 12 -61.46 -4.42 -18.72
N TYR H 13 -60.44 -3.73 -19.24
CA TYR H 13 -59.61 -4.28 -20.31
C TYR H 13 -58.15 -4.20 -19.97
N TRP H 14 -57.38 -5.19 -20.44
CA TRP H 14 -55.93 -5.08 -20.51
C TRP H 14 -55.63 -4.31 -21.80
N VAL H 15 -54.85 -3.24 -21.71
CA VAL H 15 -54.48 -2.41 -22.87
C VAL H 15 -52.94 -2.22 -22.87
N GLY H 16 -52.24 -3.26 -22.45
CA GLY H 16 -50.80 -3.24 -22.27
C GLY H 16 -49.99 -3.41 -23.54
N VAL H 17 -48.68 -3.61 -23.34
CA VAL H 17 -47.72 -3.65 -24.43
C VAL H 17 -46.95 -4.96 -24.32
N LEU H 18 -46.83 -5.68 -25.44
CA LEU H 18 -46.00 -6.88 -25.53
C LEU H 18 -44.62 -6.44 -26.01
N ASP H 19 -43.63 -6.48 -25.10
CA ASP H 19 -42.25 -6.19 -25.49
C ASP H 19 -41.61 -7.50 -25.91
N TRP H 20 -41.94 -7.93 -27.14
CA TRP H 20 -41.52 -9.24 -27.65
C TRP H 20 -40.03 -9.44 -27.60
N ASP H 21 -39.28 -8.41 -27.98
CA ASP H 21 -37.89 -8.54 -28.40
C ASP H 21 -36.84 -8.21 -27.34
N ILE H 22 -37.22 -7.60 -26.21
CA ILE H 22 -36.24 -7.28 -25.16
C ILE H 22 -35.64 -8.58 -24.57
N ARG H 23 -34.32 -8.62 -24.39
CA ARG H 23 -33.66 -9.81 -23.84
C ARG H 23 -32.91 -9.53 -22.52
N MET H 24 -32.67 -8.25 -22.20
CA MET H 24 -31.99 -7.82 -20.97
C MET H 24 -32.70 -6.57 -20.44
N TYR H 25 -33.09 -6.53 -19.17
CA TYR H 25 -33.78 -5.35 -18.58
C TYR H 25 -33.12 -5.03 -17.24
N HIS H 26 -32.17 -4.11 -17.13
CA HIS H 26 -31.42 -3.74 -15.92
C HIS H 26 -30.56 -4.90 -15.40
N GLY H 27 -29.99 -5.69 -16.30
CA GLY H 27 -29.21 -6.87 -15.94
C GLY H 27 -30.04 -8.12 -15.67
N TYR H 28 -31.36 -8.04 -15.84
CA TYR H 28 -32.31 -9.16 -15.64
C TYR H 28 -32.54 -9.79 -17.01
N THR H 29 -32.13 -11.04 -17.24
CA THR H 29 -32.32 -11.70 -18.53
C THR H 29 -33.73 -12.21 -18.66
N LEU H 30 -34.28 -12.13 -19.87
CA LEU H 30 -35.67 -12.53 -20.10
C LEU H 30 -35.91 -12.75 -21.59
N ASN H 31 -37.00 -13.44 -21.93
CA ASN H 31 -37.39 -13.68 -23.31
C ASN H 31 -38.58 -12.78 -23.61
N GLY H 32 -38.36 -11.48 -23.49
CA GLY H 32 -39.42 -10.50 -23.63
C GLY H 32 -40.18 -10.29 -22.32
N THR H 33 -40.95 -9.23 -22.25
CA THR H 33 -41.83 -9.00 -21.12
C THR H 33 -43.05 -8.22 -21.60
N THR H 34 -43.93 -7.86 -20.68
CA THR H 34 -45.06 -7.00 -21.00
C THR H 34 -45.07 -5.83 -20.03
N TYR H 35 -45.67 -4.73 -20.49
CA TYR H 35 -45.96 -3.57 -19.63
C TYR H 35 -47.48 -3.52 -19.56
N ASN H 36 -48.04 -4.01 -18.46
CA ASN H 36 -49.48 -4.15 -18.37
C ASN H 36 -50.11 -2.86 -17.92
N ALA H 37 -51.09 -2.42 -18.69
CA ALA H 37 -51.88 -1.24 -18.34
C ALA H 37 -53.33 -1.62 -18.51
N TYR H 38 -54.21 -0.98 -17.74
CA TYR H 38 -55.61 -1.42 -17.67
C TYR H 38 -56.56 -0.22 -17.82
N LEU H 39 -57.70 -0.44 -18.47
CA LEU H 39 -58.67 0.60 -18.77
C LEU H 39 -60.02 0.19 -18.15
N VAL H 40 -60.50 0.99 -17.18
CA VAL H 40 -61.69 0.68 -16.39
C VAL H 40 -62.80 1.65 -16.83
N PHE H 41 -63.89 1.12 -17.39
CA PHE H 41 -65.00 1.93 -17.89
C PHE H 41 -66.09 2.07 -16.86
N GLY H 42 -66.05 3.14 -16.10
CA GLY H 42 -67.16 3.51 -15.24
C GLY H 42 -68.26 4.13 -16.09
N ASP H 43 -69.47 4.26 -15.54
CA ASP H 43 -70.57 4.87 -16.29
C ASP H 43 -70.27 6.33 -16.59
N ASP H 44 -69.58 7.03 -15.69
CA ASP H 44 -69.26 8.44 -15.83
C ASP H 44 -67.83 8.68 -16.31
N LYS H 45 -66.85 7.93 -15.78
CA LYS H 45 -65.43 8.18 -16.05
C LYS H 45 -64.69 6.93 -16.51
N VAL H 46 -63.78 7.10 -17.48
CA VAL H 46 -62.93 6.04 -18.00
C VAL H 46 -61.54 6.26 -17.44
N ALA H 47 -61.02 5.27 -16.67
CA ALA H 47 -59.73 5.40 -16.00
C ALA H 47 -58.67 4.47 -16.60
N LEU H 48 -57.47 5.03 -16.83
CA LEU H 48 -56.34 4.26 -17.31
C LEU H 48 -55.41 4.02 -16.10
N ILE H 49 -55.09 2.75 -15.83
CA ILE H 49 -54.21 2.39 -14.72
C ILE H 49 -52.85 1.99 -15.29
N ASP H 50 -51.81 2.80 -14.99
CA ASP H 50 -50.43 2.63 -15.48
C ASP H 50 -50.37 2.72 -16.99
N ASN H 51 -49.16 2.69 -17.55
CA ASN H 51 -49.01 2.80 -19.00
C ASN H 51 -47.79 1.99 -19.45
N THR H 52 -46.75 2.60 -20.04
CA THR H 52 -45.70 1.78 -20.63
C THR H 52 -44.36 2.53 -20.75
N TYR H 53 -43.33 1.79 -21.17
CA TYR H 53 -41.96 2.29 -21.34
C TYR H 53 -41.89 3.37 -22.43
N PRO H 54 -41.05 4.42 -22.31
CA PRO H 54 -41.02 5.45 -23.38
C PRO H 54 -40.72 4.87 -24.77
N GLY H 55 -41.47 5.33 -25.77
CA GLY H 55 -41.29 4.86 -27.13
C GLY H 55 -42.01 3.56 -27.48
N THR H 56 -42.76 2.97 -26.53
CA THR H 56 -43.45 1.69 -26.77
C THR H 56 -44.97 1.83 -26.72
N SER H 57 -45.51 3.05 -26.81
CA SER H 57 -46.95 3.27 -26.62
C SER H 57 -47.83 2.93 -27.82
N ALA H 58 -47.26 2.61 -28.99
CA ALA H 58 -48.10 2.36 -30.19
C ALA H 58 -49.16 1.27 -29.91
N GLN H 59 -48.75 0.14 -29.34
CA GLN H 59 -49.71 -0.92 -28.99
C GLN H 59 -50.72 -0.45 -27.97
N MET H 60 -50.26 0.25 -26.91
CA MET H 60 -51.15 0.72 -25.85
C MET H 60 -52.27 1.60 -26.42
N TRP H 61 -51.91 2.59 -27.25
CA TRP H 61 -52.90 3.49 -27.84
C TRP H 61 -53.88 2.73 -28.73
N GLY H 62 -53.37 1.78 -29.51
CA GLY H 62 -54.21 0.90 -30.31
C GLY H 62 -55.24 0.15 -29.49
N ARG H 63 -54.80 -0.43 -28.35
CA ARG H 63 -55.70 -1.20 -27.47
C ARG H 63 -56.70 -0.30 -26.75
N ILE H 64 -56.28 0.91 -26.31
CA ILE H 64 -57.22 1.87 -25.70
C ILE H 64 -58.34 2.23 -26.72
N LYS H 65 -57.96 2.55 -27.97
CA LYS H 65 -58.93 2.86 -29.03
C LYS H 65 -59.87 1.69 -29.28
N ASP H 66 -59.32 0.46 -29.31
CA ASP H 66 -60.13 -0.74 -29.51
C ASP H 66 -61.14 -0.92 -28.38
N ALA H 67 -60.71 -0.74 -27.13
CA ALA H 67 -61.58 -0.90 -25.96
C ALA H 67 -62.71 0.14 -25.98
N CYS H 68 -62.38 1.41 -26.27
CA CYS H 68 -63.39 2.47 -26.36
C CYS H 68 -64.44 2.13 -27.44
N GLU H 69 -63.98 1.65 -28.59
CA GLU H 69 -64.86 1.22 -29.69
C GLU H 69 -65.79 0.09 -29.23
N LYS H 70 -65.23 -0.93 -28.54
CA LYS H 70 -66.02 -2.06 -28.03
C LYS H 70 -67.05 -1.63 -26.99
N GLU H 71 -66.75 -0.57 -26.23
CA GLU H 71 -67.65 -0.07 -25.21
C GLU H 71 -68.67 0.97 -25.74
N GLY H 72 -68.56 1.35 -27.02
CA GLY H 72 -69.40 2.39 -27.59
C GLY H 72 -69.14 3.75 -26.98
N ARG H 73 -67.88 4.01 -26.59
CA ARG H 73 -67.50 5.27 -25.95
C ARG H 73 -66.54 6.01 -26.88
N GLU H 74 -66.45 7.33 -26.70
CA GLU H 74 -65.47 8.13 -27.42
C GLU H 74 -64.05 7.68 -27.03
N PHE H 75 -63.07 7.96 -27.89
CA PHE H 75 -61.66 7.74 -27.55
C PHE H 75 -61.26 8.82 -26.56
N LYS H 76 -61.41 8.52 -25.27
CA LYS H 76 -61.24 9.52 -24.23
C LYS H 76 -60.88 8.85 -22.90
N ILE H 77 -59.87 9.41 -22.21
CA ILE H 77 -59.53 8.99 -20.85
C ILE H 77 -59.91 10.15 -19.94
N ASP H 78 -60.67 9.88 -18.88
CA ASP H 78 -61.11 10.88 -17.91
C ASP H 78 -60.22 10.91 -16.66
N VAL H 79 -59.64 9.77 -16.27
CA VAL H 79 -58.88 9.61 -15.03
C VAL H 79 -57.60 8.84 -15.36
N ILE H 80 -56.45 9.28 -14.81
CA ILE H 80 -55.16 8.58 -14.99
C ILE H 80 -54.68 8.14 -13.60
N VAL H 81 -54.35 6.85 -13.45
CA VAL H 81 -53.78 6.33 -12.21
C VAL H 81 -52.33 5.93 -12.49
N GLN H 82 -51.39 6.36 -11.63
CA GLN H 82 -49.97 6.02 -11.78
C GLN H 82 -49.53 5.35 -10.49
N ASN H 83 -49.53 4.01 -10.47
CA ASN H 83 -49.21 3.22 -9.27
C ASN H 83 -47.75 3.36 -8.85
N HIS H 84 -46.87 3.67 -9.79
CA HIS H 84 -45.43 3.54 -9.58
C HIS H 84 -44.75 4.48 -10.57
N VAL H 85 -43.67 5.16 -10.17
CA VAL H 85 -43.03 6.16 -11.04
C VAL H 85 -42.03 5.57 -12.04
N GLU H 86 -41.52 4.36 -11.82
CA GLU H 86 -40.50 3.77 -12.70
C GLU H 86 -40.97 3.80 -14.17
N LYS H 87 -40.08 4.21 -15.08
CA LYS H 87 -40.47 4.57 -16.45
C LYS H 87 -41.01 3.42 -17.30
N ASP H 88 -40.85 2.15 -16.90
CA ASP H 88 -41.52 1.04 -17.61
C ASP H 88 -43.04 1.08 -17.41
N HIS H 89 -43.54 1.82 -16.39
CA HIS H 89 -44.99 1.97 -16.20
C HIS H 89 -45.49 3.41 -16.32
N SER H 90 -44.58 4.40 -16.35
CA SER H 90 -44.94 5.81 -16.38
C SER H 90 -44.44 6.52 -17.65
N GLY H 91 -43.68 5.82 -18.48
CA GLY H 91 -43.01 6.40 -19.64
C GLY H 91 -43.92 7.06 -20.67
N ALA H 92 -45.19 6.66 -20.76
CA ALA H 92 -46.12 7.30 -21.69
C ALA H 92 -46.96 8.38 -20.99
N LEU H 93 -46.73 8.63 -19.69
CA LEU H 93 -47.51 9.63 -18.96
C LEU H 93 -47.43 11.02 -19.62
N PRO H 94 -46.25 11.48 -20.10
CA PRO H 94 -46.21 12.77 -20.82
C PRO H 94 -47.14 12.83 -22.02
N GLU H 95 -47.16 11.77 -22.83
CA GLU H 95 -48.08 11.66 -23.97
C GLU H 95 -49.52 11.72 -23.50
N ILE H 96 -49.86 10.87 -22.54
CA ILE H 96 -51.24 10.73 -22.10
C ILE H 96 -51.75 12.08 -21.57
N HIS H 97 -50.93 12.76 -20.75
CA HIS H 97 -51.27 14.07 -20.22
C HIS H 97 -51.42 15.12 -21.35
N LYS H 98 -50.54 15.09 -22.35
CA LYS H 98 -50.65 16.01 -23.48
C LYS H 98 -51.96 15.81 -24.25
N LYS H 99 -52.36 14.54 -24.44
CA LYS H 99 -53.58 14.22 -25.18
C LYS H 99 -54.83 14.55 -24.35
N PHE H 100 -54.79 14.28 -23.04
CA PHE H 100 -55.95 14.48 -22.16
C PHE H 100 -55.53 15.36 -20.99
N PRO H 101 -55.32 16.66 -21.23
CA PRO H 101 -54.73 17.53 -20.19
C PRO H 101 -55.61 17.81 -18.98
N GLU H 102 -56.93 17.55 -19.07
CA GLU H 102 -57.84 17.77 -17.95
C GLU H 102 -58.02 16.52 -17.10
N ALA H 103 -57.50 15.37 -17.53
CA ALA H 103 -57.67 14.14 -16.74
C ALA H 103 -56.76 14.21 -15.51
N PRO H 104 -57.30 14.15 -14.28
CA PRO H 104 -56.40 14.15 -13.11
C PRO H 104 -55.51 12.92 -13.06
N ILE H 105 -54.31 13.07 -12.48
CA ILE H 105 -53.33 11.98 -12.32
C ILE H 105 -53.30 11.59 -10.85
N TYR H 106 -53.86 10.43 -10.51
CA TYR H 106 -53.84 9.95 -9.12
C TYR H 106 -52.55 9.17 -8.85
N CYS H 107 -51.83 9.55 -7.78
CA CYS H 107 -50.59 8.91 -7.40
C CYS H 107 -50.27 9.25 -5.95
N THR H 108 -49.22 8.65 -5.36
CA THR H 108 -48.83 8.97 -3.99
C THR H 108 -48.17 10.33 -3.92
N GLU H 109 -48.00 10.87 -2.71
CA GLU H 109 -47.39 12.18 -2.53
C GLU H 109 -45.97 12.22 -3.08
N VAL H 110 -45.13 11.23 -2.72
CA VAL H 110 -43.75 11.19 -3.20
C VAL H 110 -43.68 10.94 -4.72
N ALA H 111 -44.68 10.26 -5.30
CA ALA H 111 -44.71 10.04 -6.74
C ALA H 111 -44.73 11.34 -7.55
N VAL H 112 -45.42 12.39 -7.05
CA VAL H 112 -45.53 13.64 -7.79
C VAL H 112 -44.13 14.18 -8.12
N GLU H 113 -43.27 14.34 -7.12
CA GLU H 113 -41.94 14.90 -7.35
C GLU H 113 -41.11 13.97 -8.24
N GLY H 114 -41.24 12.67 -8.04
CA GLY H 114 -40.53 11.69 -8.83
C GLY H 114 -40.93 11.71 -10.29
N LEU H 115 -42.23 11.85 -10.57
CA LEU H 115 -42.72 11.91 -11.95
C LEU H 115 -42.29 13.20 -12.64
N VAL H 116 -42.35 14.33 -11.92
CA VAL H 116 -41.93 15.61 -12.48
C VAL H 116 -40.41 15.59 -12.73
N LYS H 117 -39.63 14.94 -11.85
CA LYS H 117 -38.17 14.84 -12.06
C LYS H 117 -37.87 13.96 -13.29
N HIS H 118 -38.66 12.89 -13.51
CA HIS H 118 -38.49 12.06 -14.71
C HIS H 118 -38.96 12.79 -15.98
N PHE H 119 -40.10 13.49 -15.88
CA PHE H 119 -40.79 14.08 -17.04
C PHE H 119 -41.12 15.57 -16.78
N PRO H 120 -40.23 16.49 -17.17
CA PRO H 120 -40.48 17.92 -16.87
C PRO H 120 -41.70 18.53 -17.55
N SER H 121 -42.22 17.91 -18.62
CA SER H 121 -43.45 18.41 -19.24
C SER H 121 -44.67 18.21 -18.32
N LEU H 122 -44.55 17.42 -17.24
CA LEU H 122 -45.67 17.26 -16.29
C LEU H 122 -45.71 18.38 -15.23
N LYS H 123 -44.76 19.34 -15.26
CA LYS H 123 -44.88 20.50 -14.36
C LYS H 123 -46.24 21.15 -14.61
N GLY H 124 -47.03 21.33 -13.57
CA GLY H 124 -48.34 21.95 -13.69
C GLY H 124 -49.44 21.01 -14.15
N ALA H 125 -49.16 19.68 -14.22
CA ALA H 125 -50.20 18.71 -14.59
C ALA H 125 -51.16 18.54 -13.42
N PRO H 126 -52.42 18.11 -13.67
CA PRO H 126 -53.38 18.02 -12.56
C PRO H 126 -53.20 16.79 -11.67
N PHE H 127 -52.12 16.77 -10.89
CA PHE H 127 -51.89 15.67 -9.95
C PHE H 127 -52.88 15.72 -8.81
N LYS H 128 -53.36 14.55 -8.37
CA LYS H 128 -54.23 14.43 -7.20
C LYS H 128 -53.63 13.38 -6.28
N VAL H 129 -53.02 13.84 -5.18
CA VAL H 129 -52.33 12.95 -4.24
C VAL H 129 -53.35 12.07 -3.51
N VAL H 130 -53.06 10.76 -3.38
CA VAL H 130 -53.95 9.81 -2.68
C VAL H 130 -53.24 9.18 -1.46
N LYS H 131 -54.00 8.65 -0.51
CA LYS H 131 -53.47 7.94 0.68
C LYS H 131 -54.23 6.62 0.77
N SER H 132 -53.75 5.72 1.61
CA SER H 132 -54.37 4.41 1.79
C SER H 132 -55.85 4.52 2.16
N LEU H 133 -56.68 3.68 1.53
CA LEU H 133 -58.12 3.55 1.76
C LEU H 133 -58.95 4.72 1.21
N GLU H 134 -58.33 5.72 0.57
CA GLU H 134 -59.10 6.75 -0.14
C GLU H 134 -59.61 6.14 -1.45
N SER H 135 -60.82 6.53 -1.89
CA SER H 135 -61.43 5.96 -3.09
C SER H 135 -61.91 7.06 -4.03
N ILE H 136 -62.14 6.68 -5.30
CA ILE H 136 -62.79 7.54 -6.28
C ILE H 136 -63.88 6.75 -6.99
N ASP H 137 -64.98 7.42 -7.31
CA ASP H 137 -66.12 6.80 -7.98
C ASP H 137 -66.05 7.09 -9.46
N LEU H 138 -66.11 6.05 -10.30
CA LEU H 138 -66.12 6.23 -11.74
C LEU H 138 -67.55 6.14 -12.30
N GLY H 139 -68.52 5.81 -11.44
CA GLY H 139 -69.90 5.60 -11.83
C GLY H 139 -70.21 4.12 -11.92
N GLY H 140 -70.61 3.53 -10.80
CA GLY H 140 -70.85 2.10 -10.71
C GLY H 140 -69.61 1.26 -10.48
N LYS H 141 -68.42 1.89 -10.51
CA LYS H 141 -67.14 1.23 -10.24
C LYS H 141 -66.32 2.12 -9.33
N THR H 142 -65.69 1.53 -8.32
CA THR H 142 -64.92 2.28 -7.33
C THR H 142 -63.47 1.84 -7.40
N LEU H 143 -62.53 2.78 -7.40
CA LEU H 143 -61.11 2.47 -7.28
C LEU H 143 -60.64 2.90 -5.89
N THR H 144 -60.07 1.97 -5.11
CA THR H 144 -59.55 2.26 -3.78
C THR H 144 -58.04 2.12 -3.81
N PHE H 145 -57.33 3.10 -3.27
CA PHE H 145 -55.87 3.11 -3.29
C PHE H 145 -55.31 2.54 -2.00
N LEU H 146 -54.17 1.82 -2.10
N LEU H 146 -54.14 1.86 -2.09
CA LEU H 146 -53.50 1.23 -0.93
CA LEU H 146 -53.46 1.27 -0.94
C LEU H 146 -51.98 1.46 -1.04
C LEU H 146 -51.97 1.50 -1.07
N GLU H 147 -51.44 2.41 -0.25
CA GLU H 147 -50.02 2.76 -0.28
C GLU H 147 -49.18 1.53 0.04
N ALA H 148 -48.12 1.32 -0.73
CA ALA H 148 -47.23 0.17 -0.55
C ALA H 148 -45.79 0.64 -0.67
N PRO H 149 -45.36 1.58 0.19
CA PRO H 149 -44.00 2.12 0.09
C PRO H 149 -42.93 1.05 0.23
N LEU H 150 -41.89 1.14 -0.62
CA LEU H 150 -40.81 0.16 -0.73
C LEU H 150 -41.31 -1.23 -1.13
N LEU H 151 -42.42 -1.29 -1.90
CA LEU H 151 -42.90 -2.51 -2.54
C LEU H 151 -43.20 -2.18 -4.01
N HIS H 152 -42.17 -1.83 -4.82
CA HIS H 152 -40.75 -1.91 -4.44
C HIS H 152 -40.03 -0.55 -4.30
N TRP H 153 -40.60 0.53 -4.81
CA TRP H 153 -39.98 1.87 -4.72
C TRP H 153 -40.76 2.65 -3.69
N PRO H 154 -40.36 3.91 -2.99
CA PRO H 154 -41.12 4.70 -2.00
C PRO H 154 -42.47 5.22 -2.49
N ASP H 155 -42.62 5.39 -3.79
CA ASP H 155 -43.83 5.90 -4.45
C ASP H 155 -44.90 4.85 -4.70
N SER H 156 -44.54 3.56 -4.57
CA SER H 156 -45.44 2.49 -4.98
C SER H 156 -46.78 2.48 -4.26
N MET H 157 -47.85 2.12 -4.98
CA MET H 157 -49.17 1.87 -4.40
C MET H 157 -49.88 0.81 -5.23
N PHE H 158 -50.94 0.23 -4.66
CA PHE H 158 -51.84 -0.67 -5.39
C PHE H 158 -53.17 0.05 -5.60
N THR H 159 -53.89 -0.30 -6.68
CA THR H 159 -55.24 0.20 -6.90
C THR H 159 -56.18 -0.99 -6.92
N LEU H 160 -57.28 -0.91 -6.16
CA LEU H 160 -58.25 -1.99 -6.07
C LEU H 160 -59.55 -1.57 -6.73
N TYR H 161 -60.03 -2.34 -7.70
CA TYR H 161 -61.37 -2.16 -8.25
C TYR H 161 -62.28 -2.96 -7.32
N ALA H 162 -62.86 -2.26 -6.33
CA ALA H 162 -63.56 -2.84 -5.18
C ALA H 162 -64.68 -3.83 -5.51
N GLU H 163 -65.56 -3.51 -6.48
CA GLU H 163 -66.74 -4.34 -6.72
C GLU H 163 -66.40 -5.75 -7.20
N GLU H 164 -65.36 -5.89 -8.03
CA GLU H 164 -64.98 -7.20 -8.55
C GLU H 164 -63.70 -7.75 -7.91
N GLY H 165 -63.16 -7.04 -6.92
CA GLY H 165 -61.99 -7.49 -6.18
C GLY H 165 -60.75 -7.67 -7.03
N ILE H 166 -60.57 -6.79 -8.03
CA ILE H 166 -59.40 -6.86 -8.90
C ILE H 166 -58.32 -5.96 -8.34
N LEU H 167 -57.19 -6.54 -7.94
CA LEU H 167 -56.08 -5.77 -7.38
C LEU H 167 -55.07 -5.46 -8.48
N PHE H 168 -54.90 -4.19 -8.83
CA PHE H 168 -53.85 -3.76 -9.74
C PHE H 168 -52.62 -3.48 -8.88
N SER H 169 -51.73 -4.48 -8.79
CA SER H 169 -50.65 -4.50 -7.80
C SER H 169 -49.33 -3.92 -8.32
N ASN H 170 -49.32 -3.41 -9.57
CA ASN H 170 -48.10 -2.95 -10.23
C ASN H 170 -47.01 -4.05 -10.19
N ASP H 171 -45.75 -3.77 -9.81
CA ASP H 171 -44.69 -4.79 -9.90
C ASP H 171 -44.95 -6.00 -9.02
N ALA H 172 -45.53 -5.81 -7.82
CA ALA H 172 -45.77 -6.94 -6.91
C ALA H 172 -46.57 -8.02 -7.63
N PHE H 173 -46.08 -9.28 -7.55
CA PHE H 173 -46.72 -10.45 -8.18
C PHE H 173 -46.54 -10.49 -9.72
N GLY H 174 -45.74 -9.59 -10.27
CA GLY H 174 -45.45 -9.60 -11.70
C GLY H 174 -44.44 -10.65 -12.07
N GLN H 175 -44.34 -10.98 -13.34
CA GLN H 175 -43.31 -11.90 -13.83
C GLN H 175 -42.93 -11.43 -15.22
N HIS H 176 -41.66 -11.56 -15.59
CA HIS H 176 -41.20 -11.11 -16.90
C HIS H 176 -41.41 -12.20 -17.95
N LEU H 177 -42.63 -12.25 -18.50
CA LEU H 177 -43.05 -13.22 -19.52
C LEU H 177 -43.80 -12.50 -20.60
N CYS H 178 -43.59 -12.89 -21.87
CA CYS H 178 -44.27 -12.27 -22.99
C CYS H 178 -44.91 -13.35 -23.85
N PHE H 179 -46.20 -13.61 -23.60
CA PHE H 179 -47.00 -14.58 -24.34
C PHE H 179 -48.23 -13.90 -24.89
N THR H 180 -48.88 -14.51 -25.91
CA THR H 180 -50.18 -14.02 -26.38
C THR H 180 -51.24 -14.29 -25.32
N GLN H 181 -51.03 -15.34 -24.51
CA GLN H 181 -51.95 -15.70 -23.41
C GLN H 181 -51.79 -14.67 -22.28
N ARG H 182 -52.90 -14.16 -21.72
CA ARG H 182 -52.83 -13.10 -20.69
C ARG H 182 -52.99 -13.60 -19.26
N PHE H 183 -53.54 -14.80 -19.06
CA PHE H 183 -53.87 -15.28 -17.71
C PHE H 183 -52.94 -16.38 -17.23
N ASP H 184 -52.84 -16.51 -15.90
CA ASP H 184 -52.01 -17.51 -15.24
C ASP H 184 -52.33 -18.94 -15.69
N HIS H 185 -53.63 -19.28 -15.80
CA HIS H 185 -54.05 -20.65 -16.13
C HIS H 185 -53.80 -21.07 -17.59
N GLU H 186 -53.46 -20.11 -18.47
CA GLU H 186 -53.30 -20.40 -19.89
C GLU H 186 -51.88 -20.82 -20.30
N ILE H 187 -50.90 -20.77 -19.37
CA ILE H 187 -49.54 -21.19 -19.70
C ILE H 187 -49.11 -22.32 -18.76
N PRO H 188 -48.05 -23.08 -19.10
CA PRO H 188 -47.60 -24.14 -18.19
C PRO H 188 -47.23 -23.60 -16.81
N GLU H 189 -47.70 -24.26 -15.75
CA GLU H 189 -47.45 -23.84 -14.37
C GLU H 189 -45.95 -23.66 -14.06
N ASN H 190 -45.12 -24.59 -14.55
CA ASN H 190 -43.67 -24.51 -14.31
C ASN H 190 -43.07 -23.19 -14.85
N ILE H 191 -43.51 -22.75 -16.04
CA ILE H 191 -43.02 -21.49 -16.62
C ILE H 191 -43.46 -20.32 -15.75
N LEU H 192 -44.74 -20.31 -15.38
CA LEU H 192 -45.31 -19.24 -14.56
C LEU H 192 -44.61 -19.12 -13.21
N MET H 193 -44.50 -20.23 -12.48
CA MET H 193 -43.94 -20.20 -11.12
C MET H 193 -42.41 -20.03 -11.14
N ASP H 194 -41.72 -20.49 -12.19
CA ASP H 194 -40.28 -20.22 -12.32
C ASP H 194 -40.05 -18.72 -12.55
N ALA H 195 -40.86 -18.09 -13.42
CA ALA H 195 -40.73 -16.64 -13.68
C ALA H 195 -41.12 -15.84 -12.43
N ASN H 196 -42.12 -16.31 -11.70
CA ASN H 196 -42.52 -15.65 -10.45
C ASN H 196 -41.39 -15.72 -9.41
N GLN H 197 -40.71 -16.88 -9.34
CA GLN H 197 -39.58 -17.08 -8.42
C GLN H 197 -38.44 -16.16 -8.79
N LYS H 198 -38.13 -16.06 -10.09
CA LYS H 198 -37.05 -15.18 -10.55
C LYS H 198 -37.37 -13.73 -10.21
N PHE H 199 -38.62 -13.32 -10.40
CA PHE H 199 -39.02 -11.94 -10.11
C PHE H 199 -38.90 -11.64 -8.60
N TYR H 200 -39.40 -12.54 -7.75
CA TYR H 200 -39.23 -12.39 -6.29
C TYR H 200 -37.74 -12.29 -5.93
N ALA H 201 -36.92 -13.25 -6.40
CA ALA H 201 -35.50 -13.31 -6.06
C ALA H 201 -34.75 -12.02 -6.37
N ASN H 202 -35.00 -11.45 -7.53
CA ASN H 202 -34.26 -10.26 -7.99
C ASN H 202 -34.84 -8.93 -7.48
N LEU H 203 -36.16 -8.86 -7.26
CA LEU H 203 -36.85 -7.61 -6.94
CA LEU H 203 -36.80 -7.59 -6.92
C LEU H 203 -37.39 -7.53 -5.52
N ILE H 204 -37.77 -8.66 -4.91
CA ILE H 204 -38.48 -8.63 -3.64
C ILE H 204 -37.65 -9.12 -2.43
N THR H 205 -36.62 -9.95 -2.63
CA THR H 205 -35.87 -10.54 -1.51
C THR H 205 -35.57 -9.55 -0.37
N PRO H 206 -34.92 -8.38 -0.60
CA PRO H 206 -34.61 -7.50 0.53
C PRO H 206 -35.84 -6.87 1.21
N LEU H 207 -37.02 -6.97 0.57
CA LEU H 207 -38.29 -6.46 1.08
C LEU H 207 -39.11 -7.56 1.78
N SER H 208 -38.52 -8.75 2.00
CA SER H 208 -39.26 -9.90 2.55
C SER H 208 -40.00 -9.59 3.86
N LYS H 209 -39.41 -8.80 4.76
CA LYS H 209 -40.09 -8.42 6.02
C LYS H 209 -41.26 -7.47 5.74
N LEU H 210 -41.12 -6.55 4.78
CA LEU H 210 -42.21 -5.64 4.40
C LEU H 210 -43.35 -6.40 3.69
N VAL H 211 -43.03 -7.49 2.96
CA VAL H 211 -44.05 -8.32 2.32
C VAL H 211 -44.95 -8.91 3.39
N LEU H 212 -44.34 -9.52 4.43
CA LEU H 212 -45.09 -10.13 5.53
C LEU H 212 -45.88 -9.08 6.32
N LYS H 213 -45.36 -7.86 6.45
CA LYS H 213 -46.11 -6.80 7.12
C LYS H 213 -47.30 -6.33 6.28
N LYS H 214 -47.13 -6.22 4.96
CA LYS H 214 -48.22 -5.81 4.08
C LYS H 214 -49.34 -6.86 4.08
N PHE H 215 -48.97 -8.15 4.14
CA PHE H 215 -49.93 -9.26 4.19
C PHE H 215 -50.76 -9.21 5.47
N LYS H 216 -50.10 -9.04 6.63
CA LYS H 216 -50.79 -8.96 7.92
C LYS H 216 -51.74 -7.75 7.96
N GLU H 217 -51.31 -6.62 7.39
CA GLU H 217 -52.13 -5.41 7.28
C GLU H 217 -53.35 -5.66 6.37
N VAL H 218 -53.14 -6.38 5.25
CA VAL H 218 -54.21 -6.73 4.31
C VAL H 218 -55.18 -7.74 4.94
N ILE H 219 -54.66 -8.67 5.75
CA ILE H 219 -55.51 -9.64 6.45
C ILE H 219 -56.32 -8.91 7.53
N GLU H 220 -55.66 -8.03 8.32
CA GLU H 220 -56.33 -7.27 9.39
C GLU H 220 -57.58 -6.52 8.92
N LEU H 221 -57.58 -6.04 7.67
CA LEU H 221 -58.73 -5.31 7.11
C LEU H 221 -59.69 -6.23 6.32
N GLY H 222 -59.53 -7.54 6.49
CA GLY H 222 -60.37 -8.55 5.83
C GLY H 222 -60.35 -8.51 4.31
N LEU H 223 -59.34 -7.85 3.71
CA LEU H 223 -59.28 -7.69 2.26
C LEU H 223 -58.76 -8.93 1.55
N LEU H 224 -57.90 -9.75 2.20
CA LEU H 224 -57.30 -10.89 1.51
C LEU H 224 -58.33 -11.77 0.81
N GLU H 225 -59.33 -12.28 1.53
CA GLU H 225 -60.35 -13.15 0.92
C GLU H 225 -61.23 -12.42 -0.09
N LYS H 226 -61.24 -11.07 -0.08
CA LYS H 226 -61.95 -10.28 -1.10
C LYS H 226 -61.16 -10.12 -2.43
N ILE H 227 -59.87 -10.50 -2.49
CA ILE H 227 -59.09 -10.38 -3.74
C ILE H 227 -59.48 -11.54 -4.65
N LYS H 228 -60.14 -11.26 -5.78
CA LYS H 228 -60.53 -12.31 -6.73
C LYS H 228 -59.54 -12.42 -7.89
N MET H 229 -58.78 -11.36 -8.19
CA MET H 229 -57.84 -11.38 -9.30
C MET H 229 -56.70 -10.42 -9.00
N ILE H 230 -55.46 -10.80 -9.32
CA ILE H 230 -54.32 -9.89 -9.19
C ILE H 230 -53.82 -9.61 -10.60
N ALA H 231 -53.86 -8.34 -11.00
CA ALA H 231 -53.47 -7.90 -12.34
C ALA H 231 -52.19 -7.06 -12.22
N PRO H 232 -51.00 -7.70 -12.28
CA PRO H 232 -49.76 -6.96 -12.03
C PRO H 232 -49.29 -6.20 -13.26
N SER H 233 -48.16 -5.49 -13.14
CA SER H 233 -47.67 -4.65 -14.23
C SER H 233 -46.78 -5.39 -15.25
N HIS H 234 -46.42 -6.66 -14.98
CA HIS H 234 -45.66 -7.48 -15.94
C HIS H 234 -46.21 -8.88 -15.94
N GLY H 235 -46.33 -9.47 -17.13
CA GLY H 235 -46.65 -10.88 -17.26
C GLY H 235 -48.11 -11.23 -17.07
N GLN H 236 -48.36 -12.42 -16.52
CA GLN H 236 -49.70 -12.99 -16.44
C GLN H 236 -50.56 -12.36 -15.35
N ILE H 237 -51.88 -12.35 -15.59
CA ILE H 237 -52.88 -11.93 -14.61
C ILE H 237 -53.29 -13.18 -13.80
N TRP H 238 -53.28 -13.05 -12.47
CA TRP H 238 -53.59 -14.18 -11.60
C TRP H 238 -55.11 -14.30 -11.39
N THR H 239 -55.72 -15.31 -11.99
CA THR H 239 -57.12 -15.65 -11.70
C THR H 239 -57.16 -16.48 -10.40
N ASP H 240 -56.01 -17.00 -9.94
CA ASP H 240 -55.85 -17.71 -8.67
C ASP H 240 -54.87 -16.91 -7.78
N PRO H 241 -55.35 -15.80 -7.16
CA PRO H 241 -54.45 -14.95 -6.36
C PRO H 241 -53.77 -15.66 -5.20
N MET H 242 -54.44 -16.62 -4.55
CA MET H 242 -53.82 -17.32 -3.43
C MET H 242 -52.60 -18.16 -3.85
N LYS H 243 -52.49 -18.54 -5.12
CA LYS H 243 -51.32 -19.27 -5.59
C LYS H 243 -50.06 -18.38 -5.50
N VAL H 244 -50.14 -17.12 -5.96
CA VAL H 244 -48.97 -16.23 -5.92
C VAL H 244 -48.75 -15.65 -4.51
N ILE H 245 -49.83 -15.37 -3.76
CA ILE H 245 -49.68 -14.92 -2.37
C ILE H 245 -48.98 -16.02 -1.55
N GLY H 246 -49.39 -17.27 -1.74
CA GLY H 246 -48.77 -18.42 -1.10
C GLY H 246 -47.31 -18.58 -1.46
N ALA H 247 -46.96 -18.37 -2.75
CA ALA H 247 -45.56 -18.42 -3.18
C ALA H 247 -44.76 -17.31 -2.49
N TYR H 248 -45.31 -16.09 -2.42
CA TYR H 248 -44.64 -14.97 -1.76
C TYR H 248 -44.43 -15.25 -0.26
N GLN H 249 -45.44 -15.84 0.39
CA GLN H 249 -45.35 -16.21 1.82
C GLN H 249 -44.18 -17.19 2.03
N ASP H 250 -44.06 -18.19 1.15
CA ASP H 250 -42.98 -19.18 1.23
C ASP H 250 -41.61 -18.53 1.04
N PHE H 251 -41.47 -17.67 0.00
CA PHE H 251 -40.19 -17.00 -0.25
C PHE H 251 -39.83 -16.02 0.85
N ALA H 252 -40.84 -15.32 1.42
CA ALA H 252 -40.56 -14.33 2.46
C ALA H 252 -40.21 -14.99 3.81
N THR H 253 -40.51 -16.29 4.00
CA THR H 253 -40.24 -16.99 5.27
C THR H 253 -39.16 -18.09 5.16
N GLY H 254 -38.44 -18.15 4.04
CA GLY H 254 -37.30 -19.05 3.91
C GLY H 254 -37.65 -20.51 3.70
N LYS H 255 -38.76 -20.80 3.04
CA LYS H 255 -39.12 -22.18 2.70
C LYS H 255 -38.33 -22.61 1.47
N CYS H 256 -37.35 -23.52 1.65
CA CYS H 256 -36.41 -23.92 0.61
C CYS H 256 -36.52 -25.41 0.31
N LYS H 257 -35.91 -25.83 -0.81
CA LYS H 257 -35.82 -27.23 -1.19
C LYS H 257 -34.51 -27.83 -0.71
N ASP H 258 -34.39 -29.17 -0.76
CA ASP H 258 -33.13 -29.86 -0.47
C ASP H 258 -32.28 -29.72 -1.72
N LYS H 259 -31.63 -28.56 -1.82
CA LYS H 259 -31.06 -28.09 -3.07
C LYS H 259 -29.88 -27.19 -2.76
N VAL H 260 -28.82 -27.29 -3.58
CA VAL H 260 -27.61 -26.50 -3.43
C VAL H 260 -27.38 -25.76 -4.74
N THR H 261 -27.09 -24.47 -4.68
CA THR H 261 -26.67 -23.74 -5.87
C THR H 261 -25.15 -23.60 -5.81
N ILE H 262 -24.46 -23.98 -6.89
CA ILE H 262 -23.00 -23.89 -6.96
C ILE H 262 -22.65 -22.87 -8.02
N VAL H 263 -21.78 -21.91 -7.67
CA VAL H 263 -21.35 -20.89 -8.60
C VAL H 263 -19.84 -20.88 -8.60
N TYR H 264 -19.20 -20.79 -9.77
CA TYR H 264 -17.75 -20.68 -9.80
CA TYR H 264 -17.75 -20.68 -9.80
C TYR H 264 -17.28 -19.95 -11.02
N ASP H 265 -16.01 -19.55 -11.02
CA ASP H 265 -15.31 -19.10 -12.21
C ASP H 265 -13.95 -19.79 -12.21
N THR H 266 -13.31 -19.83 -13.37
CA THR H 266 -12.04 -20.54 -13.54
C THR H 266 -11.29 -19.90 -14.71
N MET H 267 -9.97 -19.98 -14.69
CA MET H 267 -9.12 -19.59 -15.80
C MET H 267 -8.60 -20.85 -16.49
N HIS H 268 -8.02 -21.77 -15.72
CA HIS H 268 -7.39 -22.99 -16.24
C HIS H 268 -8.14 -24.29 -15.93
N GLY H 269 -9.37 -24.18 -15.41
CA GLY H 269 -10.24 -25.35 -15.21
C GLY H 269 -10.16 -26.07 -13.87
N SER H 270 -9.24 -25.70 -12.98
CA SER H 270 -9.09 -26.43 -11.72
C SER H 270 -10.24 -26.17 -10.74
N THR H 271 -10.70 -24.92 -10.64
CA THR H 271 -11.83 -24.60 -9.77
C THR H 271 -13.10 -25.27 -10.33
N GLN H 272 -13.19 -25.39 -11.67
CA GLN H 272 -14.32 -26.07 -12.31
C GLN H 272 -14.35 -27.55 -11.91
N LYS H 273 -13.19 -28.23 -11.95
CA LYS H 273 -13.10 -29.63 -11.52
C LYS H 273 -13.53 -29.79 -10.06
N MET H 274 -13.13 -28.85 -9.19
CA MET H 274 -13.55 -28.87 -7.79
C MET H 274 -15.07 -28.74 -7.70
N ALA H 275 -15.65 -27.74 -8.41
CA ALA H 275 -17.10 -27.49 -8.39
C ALA H 275 -17.88 -28.75 -8.78
N HIS H 276 -17.45 -29.40 -9.87
CA HIS H 276 -18.11 -30.62 -10.33
C HIS H 276 -17.97 -31.76 -9.32
N ALA H 277 -16.84 -31.83 -8.60
CA ALA H 277 -16.63 -32.87 -7.57
C ALA H 277 -17.50 -32.62 -6.33
N PHE H 278 -17.64 -31.35 -5.90
CA PHE H 278 -18.60 -31.03 -4.81
C PHE H 278 -20.01 -31.49 -5.20
N ALA H 279 -20.41 -31.21 -6.46
CA ALA H 279 -21.75 -31.60 -6.94
C ALA H 279 -21.95 -33.12 -6.83
N GLU H 280 -20.93 -33.91 -7.19
CA GLU H 280 -21.05 -35.37 -7.13
C GLU H 280 -21.32 -35.85 -5.69
N GLY H 281 -20.63 -35.26 -4.73
CA GLY H 281 -20.85 -35.56 -3.32
C GLY H 281 -22.26 -35.19 -2.84
N ILE H 282 -22.75 -34.01 -3.26
CA ILE H 282 -24.09 -33.56 -2.91
C ILE H 282 -25.14 -34.51 -3.52
N MET H 283 -24.98 -34.85 -4.80
CA MET H 283 -25.93 -35.71 -5.50
C MET H 283 -25.96 -37.11 -4.91
N SER H 284 -24.83 -37.61 -4.36
CA SER H 284 -24.78 -38.93 -3.70
C SER H 284 -25.77 -39.02 -2.52
N GLU H 285 -26.21 -37.88 -1.97
CA GLU H 285 -27.17 -37.83 -0.86
C GLU H 285 -28.61 -37.51 -1.33
N GLY H 286 -28.83 -37.54 -2.63
CA GLY H 286 -30.14 -37.25 -3.21
C GLY H 286 -30.54 -35.78 -3.13
N VAL H 287 -29.56 -34.89 -2.93
CA VAL H 287 -29.81 -33.44 -2.84
C VAL H 287 -29.59 -32.84 -4.24
N ASP H 288 -30.51 -31.94 -4.66
CA ASP H 288 -30.44 -31.36 -6.01
C ASP H 288 -29.31 -30.31 -6.10
N VAL H 289 -28.82 -30.10 -7.32
CA VAL H 289 -27.72 -29.17 -7.59
C VAL H 289 -28.09 -28.33 -8.80
N LYS H 290 -27.80 -27.03 -8.73
CA LYS H 290 -27.83 -26.12 -9.86
C LYS H 290 -26.43 -25.54 -10.00
N MET H 291 -25.83 -25.68 -11.18
CA MET H 291 -24.42 -25.34 -11.41
C MET H 291 -24.35 -24.14 -12.32
N TYR H 292 -23.59 -23.11 -11.91
CA TYR H 292 -23.43 -21.88 -12.70
C TYR H 292 -21.96 -21.56 -12.87
N PHE H 293 -21.58 -21.22 -14.10
CA PHE H 293 -20.23 -20.85 -14.46
C PHE H 293 -20.28 -19.36 -14.82
N LEU H 294 -19.64 -18.51 -14.01
CA LEU H 294 -19.75 -17.04 -14.16
C LEU H 294 -19.25 -16.51 -15.50
N HIS H 295 -18.40 -17.26 -16.20
CA HIS H 295 -17.98 -16.87 -17.54
C HIS H 295 -19.19 -16.71 -18.48
N ASN H 296 -20.18 -17.59 -18.36
CA ASN H 296 -21.32 -17.65 -19.28
C ASN H 296 -22.60 -17.17 -18.64
N ASP H 297 -22.77 -17.47 -17.35
CA ASP H 297 -24.03 -17.26 -16.67
C ASP H 297 -24.09 -15.91 -15.99
N GLU H 298 -25.29 -15.47 -15.64
CA GLU H 298 -25.42 -14.14 -15.09
C GLU H 298 -26.30 -14.12 -13.84
N ARG H 299 -26.16 -13.02 -13.11
CA ARG H 299 -26.65 -12.90 -11.75
C ARG H 299 -28.14 -13.19 -11.57
N SER H 300 -29.01 -12.83 -12.55
CA SER H 300 -30.45 -12.93 -12.29
C SER H 300 -30.97 -14.39 -12.22
N GLU H 301 -30.36 -15.32 -12.97
CA GLU H 301 -30.73 -16.73 -12.86
C GLU H 301 -30.11 -17.34 -11.60
N ILE H 302 -28.88 -16.93 -11.27
CA ILE H 302 -28.22 -17.44 -10.07
C ILE H 302 -29.06 -17.16 -8.84
N VAL H 303 -29.51 -15.90 -8.66
CA VAL H 303 -30.23 -15.54 -7.43
C VAL H 303 -31.61 -16.17 -7.40
N LYS H 304 -32.22 -16.45 -8.57
CA LYS H 304 -33.48 -17.22 -8.65
C LYS H 304 -33.30 -18.58 -7.95
N ASP H 305 -32.20 -19.28 -8.26
CA ASP H 305 -31.97 -20.60 -7.68
C ASP H 305 -31.51 -20.53 -6.22
N ILE H 306 -30.75 -19.49 -5.83
CA ILE H 306 -30.38 -19.34 -4.40
C ILE H 306 -31.65 -19.21 -3.54
N LEU H 307 -32.67 -18.50 -4.04
CA LEU H 307 -33.88 -18.22 -3.28
C LEU H 307 -34.53 -19.47 -2.68
N ASP H 308 -34.56 -20.61 -3.40
CA ASP H 308 -35.10 -21.83 -2.80
C ASP H 308 -34.05 -22.92 -2.60
N SER H 309 -32.77 -22.52 -2.45
CA SER H 309 -31.69 -23.42 -2.09
C SER H 309 -31.41 -23.28 -0.60
N LYS H 310 -31.09 -24.40 0.07
CA LYS H 310 -30.71 -24.35 1.48
C LYS H 310 -29.23 -24.05 1.63
N ALA H 311 -28.45 -24.22 0.55
CA ALA H 311 -27.01 -23.95 0.59
C ALA H 311 -26.50 -23.36 -0.72
N PHE H 312 -25.37 -22.65 -0.61
CA PHE H 312 -24.78 -21.93 -1.71
C PHE H 312 -23.25 -22.12 -1.67
N LEU H 313 -22.65 -22.63 -2.75
CA LEU H 313 -21.20 -22.81 -2.87
C LEU H 313 -20.65 -21.77 -3.82
N LEU H 314 -19.53 -21.13 -3.46
CA LEU H 314 -18.93 -20.12 -4.34
C LEU H 314 -17.45 -20.41 -4.46
N GLY H 315 -16.96 -20.56 -5.69
CA GLY H 315 -15.58 -20.92 -5.94
C GLY H 315 -14.91 -20.04 -6.97
N ALA H 316 -13.63 -19.74 -6.77
CA ALA H 316 -12.89 -18.95 -7.76
C ALA H 316 -11.41 -19.10 -7.51
N PRO H 317 -10.57 -19.02 -8.56
CA PRO H 317 -9.13 -19.03 -8.33
C PRO H 317 -8.63 -17.72 -7.74
N THR H 318 -7.38 -17.71 -7.25
CA THR H 318 -6.76 -16.50 -6.72
C THR H 318 -6.00 -15.80 -7.84
N ILE H 319 -6.15 -14.49 -7.94
CA ILE H 319 -5.40 -13.66 -8.89
C ILE H 319 -4.95 -12.41 -8.14
N TYR H 320 -3.64 -12.20 -7.98
CA TYR H 320 -3.06 -11.08 -7.21
C TYR H 320 -3.65 -10.97 -5.81
N ASP H 321 -3.68 -12.11 -5.07
CA ASP H 321 -4.19 -12.21 -3.70
C ASP H 321 -5.71 -12.05 -3.56
N GLU H 322 -6.44 -11.87 -4.66
CA GLU H 322 -7.90 -11.64 -4.61
C GLU H 322 -8.61 -12.79 -5.30
N PRO H 323 -9.90 -13.00 -5.03
CA PRO H 323 -10.64 -13.97 -5.86
C PRO H 323 -10.84 -13.42 -7.26
N PHE H 324 -10.92 -14.31 -8.27
CA PHE H 324 -11.15 -13.91 -9.66
C PHE H 324 -12.27 -12.85 -9.71
N PRO H 325 -12.09 -11.72 -10.43
CA PRO H 325 -12.96 -10.56 -10.21
C PRO H 325 -14.44 -10.70 -10.56
N SER H 326 -14.81 -11.66 -11.42
CA SER H 326 -16.22 -11.86 -11.77
C SER H 326 -17.11 -12.12 -10.55
N VAL H 327 -16.54 -12.71 -9.47
CA VAL H 327 -17.34 -12.93 -8.24
C VAL H 327 -17.80 -11.60 -7.62
N GLY H 328 -17.03 -10.53 -7.82
CA GLY H 328 -17.34 -9.22 -7.27
C GLY H 328 -18.72 -8.71 -7.67
N ASP H 329 -19.12 -8.98 -8.92
CA ASP H 329 -20.44 -8.59 -9.39
C ASP H 329 -21.53 -9.31 -8.58
N LEU H 330 -21.44 -10.65 -8.50
CA LEU H 330 -22.43 -11.41 -7.75
C LEU H 330 -22.44 -11.02 -6.26
N ILE H 331 -21.26 -10.83 -5.64
CA ILE H 331 -21.17 -10.46 -4.22
CA ILE H 331 -21.20 -10.47 -4.22
C ILE H 331 -21.85 -9.10 -3.97
N TYR H 332 -21.57 -8.10 -4.83
CA TYR H 332 -22.22 -6.78 -4.70
C TYR H 332 -23.74 -6.92 -4.79
N TYR H 333 -24.21 -7.79 -5.69
CA TYR H 333 -25.65 -8.02 -5.85
C TYR H 333 -26.24 -8.70 -4.61
N LEU H 334 -25.56 -9.73 -4.09
CA LEU H 334 -26.04 -10.44 -2.88
C LEU H 334 -26.04 -9.52 -1.66
N LYS H 335 -25.07 -8.61 -1.58
CA LYS H 335 -25.02 -7.64 -0.48
C LYS H 335 -26.28 -6.74 -0.48
N GLY H 336 -26.77 -6.40 -1.68
CA GLY H 336 -28.01 -5.65 -1.83
C GLY H 336 -29.26 -6.47 -1.57
N LEU H 337 -29.30 -7.71 -2.07
CA LEU H 337 -30.50 -8.55 -1.94
C LEU H 337 -30.77 -9.02 -0.50
N LYS H 338 -29.72 -9.25 0.30
CA LYS H 338 -29.87 -9.59 1.72
C LYS H 338 -30.78 -10.79 1.94
N PHE H 339 -30.34 -11.95 1.46
CA PHE H 339 -31.13 -13.19 1.56
C PHE H 339 -31.45 -13.58 3.01
N ASN H 340 -30.65 -13.14 3.99
CA ASN H 340 -30.95 -13.36 5.41
C ASN H 340 -32.31 -12.75 5.85
N ARG H 341 -32.83 -11.76 5.11
CA ARG H 341 -34.14 -11.19 5.40
C ARG H 341 -35.30 -12.14 5.09
N THR H 342 -35.04 -13.26 4.42
CA THR H 342 -36.07 -14.30 4.24
C THR H 342 -36.28 -15.09 5.54
N GLY H 343 -35.45 -14.86 6.56
CA GLY H 343 -35.54 -15.57 7.84
C GLY H 343 -34.68 -16.82 7.92
N LEU H 344 -33.86 -17.05 6.89
CA LEU H 344 -32.99 -18.21 6.82
C LEU H 344 -31.57 -17.76 6.49
N LYS H 345 -30.57 -18.27 7.21
CA LYS H 345 -29.16 -18.09 6.86
C LYS H 345 -28.74 -19.35 6.11
N ARG H 346 -28.77 -19.31 4.77
CA ARG H 346 -28.43 -20.47 3.96
C ARG H 346 -26.98 -20.88 4.23
N LEU H 347 -26.71 -22.20 4.18
CA LEU H 347 -25.36 -22.71 4.42
C LEU H 347 -24.46 -22.36 3.24
N ALA H 348 -23.16 -22.27 3.47
CA ALA H 348 -22.25 -21.95 2.37
C ALA H 348 -20.87 -22.54 2.57
N LEU H 349 -20.16 -22.68 1.45
CA LEU H 349 -18.82 -23.23 1.38
C LEU H 349 -18.07 -22.36 0.37
N ALA H 350 -16.81 -21.98 0.67
CA ALA H 350 -15.99 -21.23 -0.28
C ALA H 350 -14.88 -22.16 -0.75
N PHE H 351 -14.50 -22.10 -2.03
CA PHE H 351 -13.44 -22.98 -2.53
C PHE H 351 -12.69 -22.35 -3.68
N GLY H 352 -11.58 -22.96 -4.07
CA GLY H 352 -10.81 -22.46 -5.18
C GLY H 352 -9.44 -23.07 -5.32
N SER H 353 -8.83 -22.83 -6.47
CA SER H 353 -7.46 -23.26 -6.75
C SER H 353 -6.54 -22.04 -6.71
N MET H 354 -5.26 -22.26 -6.41
CA MET H 354 -4.29 -21.17 -6.36
C MET H 354 -2.91 -21.71 -6.73
N GLY H 355 -1.95 -20.82 -6.92
CA GLY H 355 -0.61 -21.22 -7.36
C GLY H 355 0.54 -20.61 -6.59
N GLY H 356 0.27 -19.99 -5.45
CA GLY H 356 1.31 -19.38 -4.63
C GLY H 356 0.88 -19.20 -3.19
N ASN H 357 0.68 -17.94 -2.76
CA ASN H 357 0.23 -17.65 -1.40
C ASN H 357 -1.27 -17.88 -1.20
N GLY H 358 -2.04 -17.93 -2.28
CA GLY H 358 -3.48 -18.13 -2.19
C GLY H 358 -4.17 -16.94 -1.54
N GLY H 359 -5.28 -17.20 -0.86
CA GLY H 359 -6.00 -16.15 -0.14
C GLY H 359 -7.38 -15.82 -0.70
N GLY H 360 -7.63 -16.16 -1.97
CA GLY H 360 -8.91 -15.91 -2.60
C GLY H 360 -10.08 -16.54 -1.88
N THR H 361 -9.91 -17.79 -1.39
CA THR H 361 -10.98 -18.52 -0.70
C THR H 361 -11.32 -17.85 0.65
N LYS H 362 -10.30 -17.32 1.35
CA LYS H 362 -10.52 -16.62 2.62
C LYS H 362 -11.35 -15.35 2.40
N VAL H 363 -11.09 -14.63 1.29
CA VAL H 363 -11.88 -13.45 0.94
C VAL H 363 -13.32 -13.88 0.65
N LEU H 364 -13.50 -14.96 -0.14
CA LEU H 364 -14.85 -15.44 -0.47
C LEU H 364 -15.64 -15.76 0.80
N ALA H 365 -15.01 -16.49 1.74
CA ALA H 365 -15.66 -16.85 3.01
C ALA H 365 -16.10 -15.59 3.79
N GLU H 366 -15.24 -14.58 3.82
CA GLU H 366 -15.52 -13.31 4.50
C GLU H 366 -16.71 -12.61 3.84
N LYS H 367 -16.75 -12.59 2.50
CA LYS H 367 -17.82 -11.92 1.77
C LYS H 367 -19.14 -12.68 1.89
N LEU H 368 -19.11 -14.02 1.88
CA LEU H 368 -20.32 -14.82 2.06
C LEU H 368 -20.96 -14.53 3.43
N LYS H 369 -20.14 -14.37 4.48
CA LYS H 369 -20.65 -14.02 5.81
C LYS H 369 -21.29 -12.63 5.80
N GLU H 370 -20.68 -11.67 5.11
CA GLU H 370 -21.26 -10.33 4.99
C GLU H 370 -22.61 -10.36 4.25
N CYS H 371 -22.79 -11.32 3.33
CA CYS H 371 -24.04 -11.47 2.57
C CYS H 371 -25.13 -12.28 3.30
N GLY H 372 -24.87 -12.66 4.55
CA GLY H 372 -25.86 -13.34 5.38
C GLY H 372 -25.84 -14.85 5.31
N PHE H 373 -24.79 -15.46 4.71
CA PHE H 373 -24.72 -16.92 4.65
C PHE H 373 -24.03 -17.49 5.89
N GLU H 374 -24.35 -18.73 6.22
CA GLU H 374 -23.67 -19.46 7.29
C GLU H 374 -22.52 -20.28 6.67
N VAL H 375 -21.29 -19.74 6.70
CA VAL H 375 -20.15 -20.39 6.05
C VAL H 375 -19.62 -21.54 6.92
N LEU H 376 -19.71 -22.78 6.44
CA LEU H 376 -19.32 -23.96 7.22
C LEU H 376 -17.86 -24.37 7.02
N ASP H 377 -17.29 -24.13 5.83
CA ASP H 377 -15.92 -24.53 5.55
C ASP H 377 -15.35 -23.80 4.34
N GLU H 378 -14.03 -23.90 4.18
CA GLU H 378 -13.26 -23.33 3.08
C GLU H 378 -12.34 -24.42 2.55
N TYR H 379 -12.12 -24.48 1.23
CA TYR H 379 -11.13 -25.40 0.73
C TYR H 379 -10.38 -24.82 -0.44
N GLU H 380 -9.08 -24.58 -0.26
CA GLU H 380 -8.22 -24.05 -1.30
C GLU H 380 -7.10 -25.06 -1.58
N LEU H 381 -6.80 -25.34 -2.86
CA LEU H 381 -5.74 -26.28 -3.22
C LEU H 381 -4.80 -25.69 -4.26
N TYR H 382 -3.69 -26.40 -4.50
CA TYR H 382 -2.60 -25.95 -5.36
C TYR H 382 -2.81 -26.47 -6.79
N TYR H 383 -2.99 -25.55 -7.76
CA TYR H 383 -3.13 -25.90 -9.18
C TYR H 383 -4.16 -27.03 -9.44
N VAL H 384 -3.78 -28.09 -10.18
CA VAL H 384 -4.74 -29.10 -10.65
C VAL H 384 -5.05 -30.10 -9.53
N PRO H 385 -6.34 -30.33 -9.20
CA PRO H 385 -6.66 -31.28 -8.11
C PRO H 385 -6.18 -32.71 -8.41
N THR H 386 -5.65 -33.40 -7.40
CA THR H 386 -5.32 -34.81 -7.51
C THR H 386 -6.62 -35.61 -7.30
N GLU H 387 -6.55 -36.92 -7.47
CA GLU H 387 -7.70 -37.80 -7.21
C GLU H 387 -8.14 -37.69 -5.74
N ASP H 388 -7.19 -37.67 -4.80
CA ASP H 388 -7.52 -37.54 -3.37
C ASP H 388 -8.19 -36.19 -3.08
N GLU H 389 -7.74 -35.13 -3.73
CA GLU H 389 -8.33 -33.81 -3.53
C GLU H 389 -9.76 -33.72 -4.09
N LEU H 390 -10.03 -34.38 -5.23
CA LEU H 390 -11.40 -34.45 -5.75
C LEU H 390 -12.29 -35.33 -4.86
N GLU H 391 -11.71 -36.36 -4.23
CA GLU H 391 -12.46 -37.16 -3.28
C GLU H 391 -12.78 -36.34 -2.02
N LYS H 392 -11.87 -35.44 -1.60
CA LYS H 392 -12.14 -34.53 -0.49
C LYS H 392 -13.31 -33.59 -0.84
N CYS H 393 -13.34 -33.05 -2.07
CA CYS H 393 -14.46 -32.20 -2.53
C CYS H 393 -15.75 -33.00 -2.46
N TYR H 394 -15.72 -34.24 -2.95
CA TYR H 394 -16.89 -35.12 -2.93
C TYR H 394 -17.36 -35.34 -1.48
N ASN H 395 -16.43 -35.66 -0.57
CA ASN H 395 -16.78 -35.89 0.84
C ASN H 395 -17.34 -34.64 1.50
N MET H 396 -16.78 -33.47 1.21
CA MET H 396 -17.29 -32.21 1.75
C MET H 396 -18.72 -31.93 1.26
N GLY H 397 -18.97 -32.17 -0.01
CA GLY H 397 -20.31 -32.01 -0.59
C GLY H 397 -21.30 -32.98 0.01
N LYS H 398 -20.86 -34.23 0.22
CA LYS H 398 -21.68 -35.26 0.86
C LYS H 398 -22.07 -34.84 2.30
N ARG H 399 -21.08 -34.37 3.09
CA ARG H 399 -21.33 -33.90 4.45
C ARG H 399 -22.25 -32.68 4.45
N LEU H 400 -22.07 -31.75 3.51
CA LEU H 400 -22.95 -30.59 3.40
C LEU H 400 -24.38 -31.02 3.11
N ALA H 401 -24.55 -31.97 2.16
CA ALA H 401 -25.86 -32.45 1.78
C ALA H 401 -26.59 -33.12 2.97
N VAL H 402 -25.85 -33.81 3.84
CA VAL H 402 -26.45 -34.38 5.05
C VAL H 402 -26.96 -33.23 5.95
N LYS H 403 -26.16 -32.17 6.14
CA LYS H 403 -26.61 -31.01 6.93
C LYS H 403 -27.82 -30.32 6.29
N VAL H 404 -27.86 -30.26 4.96
CA VAL H 404 -28.99 -29.66 4.24
C VAL H 404 -30.28 -30.43 4.53
N LYS H 405 -30.24 -31.78 4.41
CA LYS H 405 -31.44 -32.58 4.66
C LYS H 405 -31.89 -32.49 6.12
N GLU H 406 -30.96 -32.22 7.06
CA GLU H 406 -31.29 -32.06 8.48
C GLU H 406 -31.93 -30.70 8.82
N MET H 407 -31.73 -29.65 7.99
CA MET H 407 -32.32 -28.33 8.26
C MET H 407 -33.85 -28.41 8.25
N LYS H 408 -34.50 -27.77 9.23
CA LYS H 408 -35.97 -27.74 9.33
C LYS H 408 -36.55 -26.79 8.27
N THR H 409 -37.36 -27.31 7.34
CA THR H 409 -37.93 -26.50 6.27
C THR H 409 -39.00 -25.56 6.80
N GLU H 410 -38.58 -24.40 7.31
CA GLU H 410 -39.47 -23.36 7.82
C GLU H 410 -40.21 -22.67 6.69
#